data_7XRV
#
_entry.id   7XRV
#
_cell.length_a   146.854
_cell.length_b   153.548
_cell.length_c   165.548
_cell.angle_alpha   90.000
_cell.angle_beta   90.000
_cell.angle_gamma   90.000
#
_symmetry.space_group_name_H-M   'P 21 21 21'
#
loop_
_entity.id
_entity.type
_entity.pdbx_description
1 polymer 'Ferulic acid esterase'
2 non-polymer 'CALCIUM ION'
3 non-polymer Trans-methylferulate
4 water water
#
_entity_poly.entity_id   1
_entity_poly.type   'polypeptide(L)'
_entity_poly.pdbx_seq_one_letter_code
;MGSSHHHHHHSSGLVPRGSHMLEQQGKVYETRTVKSKILGMERSYSIYLPAGYDEGDGSYPVLYLLHGLGDNHTGWVQFG
QVQYIADKAIAEGKSAPMIIVMPDADTVHKGYFNLLDGTYNYEDFFFQELIPHIEKTYRVRAESRYRAISGLAMGGGGAL
FYALHYPEMFVAVAPLSAVGGAWTFDQMKNQSDLSKVSEEKKAEVLGQMDIQTILEKSPKEKLDRIKWIRWYISCGDDDF
LSVTNCLLHNTLLQHQVGHEFRMKDGSHSWTYWRMELPEVMRFVSRIFTQY
;
_entity_poly.pdbx_strand_id   A,B,C,D,E,F,G,H,I,J
#
loop_
_chem_comp.id
_chem_comp.type
_chem_comp.name
_chem_comp.formula
CA non-polymer 'CALCIUM ION' 'Ca 2'
SZQ non-polymer Trans-methylferulate 'C11 H12 O4'
#
# COMPACT_ATOMS: atom_id res chain seq x y z
N GLN A 24 -4.63 -13.45 -18.92
CA GLN A 24 -5.69 -12.91 -18.08
C GLN A 24 -7.07 -13.61 -18.26
N GLN A 25 -7.64 -13.61 -19.47
CA GLN A 25 -9.05 -14.01 -19.65
C GLN A 25 -9.19 -15.28 -20.49
N GLY A 26 -9.93 -16.25 -19.95
CA GLY A 26 -10.40 -17.40 -20.70
C GLY A 26 -11.73 -17.14 -21.36
N LYS A 27 -12.39 -18.22 -21.79
CA LYS A 27 -13.63 -18.05 -22.54
C LYS A 27 -14.59 -19.19 -22.24
N VAL A 28 -15.88 -18.95 -22.52
CA VAL A 28 -16.93 -19.90 -22.20
C VAL A 28 -17.77 -20.17 -23.46
N TYR A 29 -18.05 -21.44 -23.73
CA TYR A 29 -18.98 -21.80 -24.78
C TYR A 29 -20.23 -22.40 -24.14
N GLU A 30 -21.40 -21.84 -24.50
CA GLU A 30 -22.70 -22.25 -24.01
C GLU A 30 -23.54 -23.05 -25.00
N THR A 31 -23.28 -22.97 -26.29
CA THR A 31 -24.24 -23.50 -27.25
C THR A 31 -23.86 -24.84 -27.87
N ARG A 32 -22.76 -25.47 -27.43
CA ARG A 32 -22.33 -26.73 -28.02
C ARG A 32 -23.10 -27.90 -27.41
N THR A 33 -23.08 -29.01 -28.12
CA THR A 33 -23.87 -30.16 -27.74
C THR A 33 -23.05 -31.42 -27.94
N VAL A 34 -23.52 -32.48 -27.30
CA VAL A 34 -23.03 -33.83 -27.53
C VAL A 34 -24.16 -34.67 -28.11
N LYS A 35 -23.87 -35.41 -29.18
CA LYS A 35 -24.84 -36.27 -29.84
C LYS A 35 -25.02 -37.51 -28.98
N SER A 36 -26.20 -37.65 -28.36
CA SER A 36 -26.41 -38.72 -27.41
C SER A 36 -27.35 -39.78 -27.99
N LYS A 37 -26.87 -41.01 -28.13
CA LYS A 37 -27.79 -42.10 -28.49
C LYS A 37 -28.51 -42.68 -27.28
N ILE A 38 -27.93 -42.60 -26.08
CA ILE A 38 -28.56 -43.16 -24.90
C ILE A 38 -29.80 -42.36 -24.53
N LEU A 39 -29.73 -41.03 -24.63
CA LEU A 39 -30.86 -40.15 -24.35
C LEU A 39 -31.63 -39.73 -25.60
N GLY A 40 -31.16 -40.10 -26.79
CA GLY A 40 -31.87 -39.80 -28.02
C GLY A 40 -31.99 -38.33 -28.35
N MET A 41 -30.93 -37.56 -28.16
CA MET A 41 -31.04 -36.12 -28.33
C MET A 41 -29.66 -35.49 -28.35
N GLU A 42 -29.64 -34.22 -28.74
CA GLU A 42 -28.48 -33.36 -28.54
C GLU A 42 -28.54 -32.85 -27.11
N ARG A 43 -27.50 -33.05 -26.33
CA ARG A 43 -27.47 -32.56 -24.95
C ARG A 43 -26.56 -31.36 -24.88
N SER A 44 -27.06 -30.31 -24.24
CA SER A 44 -26.29 -29.10 -24.04
C SER A 44 -25.27 -29.29 -22.92
N TYR A 45 -24.15 -28.59 -23.03
CA TYR A 45 -23.23 -28.43 -21.92
C TYR A 45 -22.59 -27.07 -22.12
N SER A 46 -22.04 -26.52 -21.03
CA SER A 46 -21.16 -25.36 -21.10
C SER A 46 -19.75 -25.78 -20.69
N ILE A 47 -18.77 -25.08 -21.23
CA ILE A 47 -17.38 -25.40 -20.97
C ILE A 47 -16.60 -24.09 -20.82
N TYR A 48 -15.77 -24.02 -19.79
CA TYR A 48 -14.84 -22.92 -19.56
C TYR A 48 -13.44 -23.36 -19.99
N LEU A 49 -12.84 -22.60 -20.90
CA LEU A 49 -11.45 -22.87 -21.26
C LEU A 49 -10.54 -21.81 -20.64
N PRO A 50 -9.42 -22.21 -20.02
CA PRO A 50 -8.58 -21.23 -19.33
C PRO A 50 -7.83 -20.35 -20.30
N ALA A 51 -7.33 -19.22 -19.78
CA ALA A 51 -6.49 -18.36 -20.59
C ALA A 51 -5.26 -19.12 -21.06
N GLY A 52 -4.91 -18.95 -22.33
CA GLY A 52 -3.81 -19.69 -22.93
C GLY A 52 -4.12 -21.10 -23.40
N TYR A 53 -5.38 -21.53 -23.32
CA TYR A 53 -5.79 -22.79 -23.93
C TYR A 53 -5.47 -22.83 -25.42
N ASP A 54 -5.47 -21.67 -26.07
CA ASP A 54 -5.25 -21.59 -27.51
C ASP A 54 -3.78 -21.47 -27.88
N GLU A 55 -2.90 -21.28 -26.91
CA GLU A 55 -1.47 -21.27 -27.13
C GLU A 55 -0.86 -22.58 -26.64
N GLY A 56 0.21 -23.03 -27.31
CA GLY A 56 0.85 -24.28 -26.97
C GLY A 56 -0.05 -25.47 -27.29
N ASP A 57 0.45 -26.67 -26.95
CA ASP A 57 -0.27 -27.90 -27.27
C ASP A 57 -0.59 -28.74 -26.03
N GLY A 58 -0.39 -28.22 -24.83
CA GLY A 58 -0.56 -29.02 -23.65
C GLY A 58 -2.03 -29.32 -23.35
N SER A 59 -2.23 -30.21 -22.36
CA SER A 59 -3.53 -30.66 -21.91
C SER A 59 -3.75 -30.21 -20.47
N TYR A 60 -5.00 -30.26 -20.02
CA TYR A 60 -5.48 -29.72 -18.77
C TYR A 60 -6.33 -30.73 -18.00
N PRO A 61 -6.37 -30.63 -16.68
CA PRO A 61 -7.34 -31.42 -15.92
C PRO A 61 -8.73 -30.78 -16.03
N VAL A 62 -9.74 -31.54 -15.61
CA VAL A 62 -11.13 -31.13 -15.79
C VAL A 62 -11.88 -31.17 -14.47
N LEU A 63 -12.67 -30.14 -14.21
CA LEU A 63 -13.63 -30.10 -13.12
C LEU A 63 -15.04 -30.14 -13.70
N TYR A 64 -15.82 -31.15 -13.32
CA TYR A 64 -17.24 -31.19 -13.66
C TYR A 64 -18.07 -30.51 -12.58
N LEU A 65 -18.96 -29.61 -12.98
CA LEU A 65 -19.62 -28.68 -12.06
C LEU A 65 -21.13 -28.69 -12.32
N LEU A 66 -21.89 -29.24 -11.39
CA LEU A 66 -23.29 -29.58 -11.61
C LEU A 66 -24.21 -28.53 -10.96
N HIS A 67 -25.26 -28.13 -11.70
CA HIS A 67 -26.21 -27.11 -11.27
C HIS A 67 -27.27 -27.69 -10.34
N GLY A 68 -28.11 -26.81 -9.77
CA GLY A 68 -29.19 -27.22 -8.89
C GLY A 68 -30.54 -27.31 -9.60
N LEU A 69 -31.56 -27.69 -8.84
CA LEU A 69 -32.90 -27.87 -9.39
C LEU A 69 -33.41 -26.53 -9.90
N GLY A 70 -33.96 -26.52 -11.11
CA GLY A 70 -34.46 -25.33 -11.76
C GLY A 70 -33.52 -24.68 -12.76
N ASP A 71 -32.20 -24.77 -12.56
CA ASP A 71 -31.27 -24.13 -13.47
C ASP A 71 -30.83 -25.15 -14.52
N ASN A 72 -30.05 -24.69 -15.50
CA ASN A 72 -29.47 -25.62 -16.46
C ASN A 72 -27.98 -25.33 -16.65
N HIS A 73 -27.44 -25.63 -17.82
CA HIS A 73 -26.01 -25.47 -18.10
C HIS A 73 -25.57 -24.01 -18.13
N THR A 74 -26.50 -23.05 -18.14
CA THR A 74 -26.17 -21.63 -18.02
C THR A 74 -26.13 -21.15 -16.57
N GLY A 75 -26.50 -21.99 -15.60
CA GLY A 75 -26.58 -21.54 -14.21
C GLY A 75 -25.23 -21.14 -13.64
N TRP A 76 -24.25 -22.05 -13.73
CA TRP A 76 -22.92 -21.72 -13.24
C TRP A 76 -22.28 -20.62 -14.09
N VAL A 77 -22.82 -20.36 -15.28
CA VAL A 77 -22.31 -19.29 -16.13
C VAL A 77 -22.91 -17.95 -15.74
N GLN A 78 -24.24 -17.85 -15.75
CA GLN A 78 -24.88 -16.57 -15.49
C GLN A 78 -24.91 -16.24 -14.01
N PHE A 79 -25.29 -17.20 -13.17
CA PHE A 79 -25.40 -16.98 -11.73
C PHE A 79 -24.07 -17.20 -11.05
N GLY A 80 -23.40 -18.31 -11.38
CA GLY A 80 -22.13 -18.64 -10.76
C GLY A 80 -20.99 -17.74 -11.19
N GLN A 81 -21.14 -17.03 -12.30
CA GLN A 81 -20.10 -16.14 -12.80
C GLN A 81 -18.77 -16.88 -12.92
N VAL A 82 -18.84 -18.10 -13.48
CA VAL A 82 -17.66 -18.96 -13.56
C VAL A 82 -16.54 -18.28 -14.32
N GLN A 83 -16.85 -17.47 -15.34
CA GLN A 83 -15.77 -16.92 -16.13
C GLN A 83 -14.92 -15.97 -15.31
N TYR A 84 -15.56 -14.99 -14.66
CA TYR A 84 -14.83 -14.03 -13.84
C TYR A 84 -14.13 -14.71 -12.65
N ILE A 85 -14.83 -15.62 -11.95
CA ILE A 85 -14.26 -16.18 -10.73
C ILE A 85 -13.08 -17.11 -11.03
N ALA A 86 -13.18 -17.93 -12.07
CA ALA A 86 -12.05 -18.79 -12.45
C ALA A 86 -10.92 -18.01 -13.11
N ASP A 87 -11.24 -17.03 -13.96
CA ASP A 87 -10.18 -16.18 -14.50
C ASP A 87 -9.36 -15.55 -13.38
N LYS A 88 -10.03 -15.09 -12.32
CA LYS A 88 -9.37 -14.40 -11.22
C LYS A 88 -8.54 -15.38 -10.39
N ALA A 89 -9.10 -16.54 -10.06
CA ALA A 89 -8.39 -17.51 -9.23
C ALA A 89 -7.16 -18.07 -9.93
N ILE A 90 -7.24 -18.23 -11.26
CA ILE A 90 -6.10 -18.79 -11.99
C ILE A 90 -5.01 -17.76 -12.17
N ALA A 91 -5.38 -16.51 -12.43
CA ALA A 91 -4.38 -15.47 -12.62
C ALA A 91 -3.68 -15.13 -11.30
N GLU A 92 -4.41 -15.15 -10.18
CA GLU A 92 -3.80 -14.89 -8.87
C GLU A 92 -2.92 -16.03 -8.37
N GLY A 93 -2.87 -17.15 -9.08
CA GLY A 93 -2.14 -18.31 -8.62
C GLY A 93 -2.87 -19.11 -7.57
N LYS A 94 -4.04 -18.66 -7.15
CA LYS A 94 -4.84 -19.44 -6.22
C LYS A 94 -5.23 -20.80 -6.81
N SER A 95 -5.31 -20.90 -8.13
CA SER A 95 -5.63 -22.17 -8.81
C SER A 95 -4.76 -22.32 -10.06
N ALA A 96 -4.42 -23.54 -10.38
CA ALA A 96 -3.74 -23.81 -11.64
C ALA A 96 -4.77 -23.83 -12.76
N PRO A 97 -4.34 -23.66 -14.01
CA PRO A 97 -5.31 -23.67 -15.11
C PRO A 97 -6.04 -25.01 -15.19
N MET A 98 -7.36 -24.94 -15.39
CA MET A 98 -8.16 -26.15 -15.59
C MET A 98 -9.31 -25.85 -16.56
N ILE A 99 -9.90 -26.93 -17.07
CA ILE A 99 -11.13 -26.90 -17.84
C ILE A 99 -12.31 -27.14 -16.90
N ILE A 100 -13.42 -26.42 -17.09
CA ILE A 100 -14.61 -26.60 -16.25
C ILE A 100 -15.79 -26.94 -17.16
N VAL A 101 -16.44 -28.08 -16.90
CA VAL A 101 -17.52 -28.59 -17.73
C VAL A 101 -18.82 -28.59 -16.92
N MET A 102 -19.87 -28.02 -17.51
CA MET A 102 -21.16 -27.80 -16.84
C MET A 102 -22.32 -28.44 -17.60
N PRO A 103 -22.75 -29.63 -17.20
CA PRO A 103 -23.78 -30.34 -17.97
C PRO A 103 -25.18 -29.77 -17.76
N ASP A 104 -26.02 -29.99 -18.77
CA ASP A 104 -27.45 -29.67 -18.68
C ASP A 104 -28.18 -30.90 -18.14
N ALA A 105 -28.72 -30.80 -16.93
CA ALA A 105 -29.54 -31.85 -16.35
C ALA A 105 -30.96 -31.37 -16.05
N ASP A 106 -31.53 -30.56 -16.95
CA ASP A 106 -32.87 -29.98 -16.81
C ASP A 106 -33.80 -30.28 -17.99
N THR A 107 -33.29 -30.32 -19.21
CA THR A 107 -34.13 -30.57 -20.37
C THR A 107 -34.72 -31.99 -20.34
N VAL A 108 -36.00 -32.10 -20.70
CA VAL A 108 -36.75 -33.37 -20.74
C VAL A 108 -37.06 -33.91 -19.34
N HIS A 109 -36.03 -34.15 -18.53
CA HIS A 109 -36.19 -34.56 -17.13
C HIS A 109 -35.17 -33.86 -16.25
N LYS A 110 -35.57 -33.53 -15.02
CA LYS A 110 -34.70 -32.91 -14.03
C LYS A 110 -34.10 -33.98 -13.14
N GLY A 111 -32.77 -33.97 -13.01
CA GLY A 111 -32.07 -34.88 -12.14
C GLY A 111 -30.87 -35.50 -12.83
N TYR A 112 -30.06 -36.18 -12.02
CA TYR A 112 -28.79 -36.72 -12.47
C TYR A 112 -28.76 -38.23 -12.62
N PHE A 113 -29.83 -38.94 -12.27
CA PHE A 113 -29.69 -40.39 -12.19
C PHE A 113 -30.62 -41.10 -13.18
N ASN A 114 -30.35 -42.38 -13.39
CA ASN A 114 -31.18 -43.19 -14.25
C ASN A 114 -32.55 -43.35 -13.61
N LEU A 115 -33.59 -43.05 -14.38
CA LEU A 115 -34.95 -43.21 -13.92
C LEU A 115 -35.32 -44.70 -13.76
N LEU A 116 -36.29 -44.94 -12.89
CA LEU A 116 -36.71 -46.29 -12.53
C LEU A 116 -37.41 -47.04 -13.66
N ASP A 117 -37.98 -46.34 -14.63
CA ASP A 117 -38.71 -47.02 -15.70
C ASP A 117 -37.83 -47.38 -16.90
N GLY A 118 -36.55 -47.05 -16.86
CA GLY A 118 -35.65 -47.41 -17.93
C GLY A 118 -35.68 -46.53 -19.15
N THR A 119 -36.44 -45.43 -19.13
CA THR A 119 -36.66 -44.58 -20.28
C THR A 119 -35.70 -43.41 -20.40
N TYR A 120 -34.82 -43.18 -19.43
CA TYR A 120 -33.99 -41.96 -19.41
C TYR A 120 -32.80 -42.18 -18.46
N ASN A 121 -31.71 -42.74 -18.99
CA ASN A 121 -30.56 -43.13 -18.18
C ASN A 121 -29.49 -42.04 -18.19
N TYR A 122 -29.73 -40.96 -17.44
CA TYR A 122 -28.81 -39.82 -17.48
C TYR A 122 -27.44 -40.15 -16.90
N GLU A 123 -27.36 -41.00 -15.87
CA GLU A 123 -26.06 -41.33 -15.29
C GLU A 123 -25.20 -42.05 -16.31
N ASP A 124 -25.77 -43.01 -17.04
CA ASP A 124 -25.06 -43.66 -18.13
C ASP A 124 -24.65 -42.67 -19.21
N PHE A 125 -25.51 -41.71 -19.54
CA PHE A 125 -25.13 -40.67 -20.47
C PHE A 125 -23.87 -39.94 -20.00
N PHE A 126 -23.82 -39.56 -18.72
CA PHE A 126 -22.68 -38.82 -18.18
C PHE A 126 -21.35 -39.59 -18.30
N PHE A 127 -21.33 -40.85 -17.89
CA PHE A 127 -20.06 -41.57 -17.84
C PHE A 127 -19.69 -42.19 -19.18
N GLN A 128 -20.67 -42.61 -19.96
CA GLN A 128 -20.41 -43.32 -21.21
C GLN A 128 -20.46 -42.43 -22.44
N GLU A 129 -20.98 -41.21 -22.34
CA GLU A 129 -21.08 -40.32 -23.51
C GLU A 129 -20.50 -38.91 -23.31
N LEU A 130 -20.82 -38.23 -22.20
CA LEU A 130 -20.34 -36.85 -21.99
C LEU A 130 -18.83 -36.84 -21.72
N ILE A 131 -18.38 -37.62 -20.74
CA ILE A 131 -16.96 -37.66 -20.43
C ILE A 131 -16.10 -38.08 -21.62
N PRO A 132 -16.41 -39.15 -22.36
CA PRO A 132 -15.61 -39.44 -23.57
C PRO A 132 -15.67 -38.34 -24.61
N HIS A 133 -16.80 -37.64 -24.73
CA HIS A 133 -16.88 -36.58 -25.74
C HIS A 133 -15.94 -35.44 -25.39
N ILE A 134 -15.91 -35.03 -24.13
CA ILE A 134 -15.01 -33.99 -23.68
C ILE A 134 -13.58 -34.39 -23.99
N GLU A 135 -13.23 -35.65 -23.74
CA GLU A 135 -11.84 -36.07 -23.91
C GLU A 135 -11.43 -36.12 -25.37
N LYS A 136 -12.39 -36.35 -26.26
CA LYS A 136 -12.12 -36.40 -27.69
C LYS A 136 -12.06 -35.00 -28.31
N THR A 137 -12.82 -34.05 -27.76
CA THR A 137 -13.02 -32.76 -28.41
C THR A 137 -12.05 -31.69 -27.93
N TYR A 138 -11.59 -31.76 -26.68
CA TYR A 138 -10.74 -30.76 -26.07
C TYR A 138 -9.46 -31.39 -25.55
N ARG A 139 -8.44 -30.55 -25.32
CA ARG A 139 -7.14 -31.07 -24.94
C ARG A 139 -7.12 -31.39 -23.44
N VAL A 140 -7.53 -32.61 -23.11
CA VAL A 140 -7.82 -33.04 -21.74
C VAL A 140 -6.86 -34.15 -21.32
N ARG A 141 -6.34 -34.05 -20.09
CA ARG A 141 -5.64 -35.17 -19.43
C ARG A 141 -6.68 -36.18 -18.94
N ALA A 142 -6.76 -37.32 -19.61
CA ALA A 142 -7.90 -38.24 -19.45
C ALA A 142 -7.56 -39.37 -18.48
N GLU A 143 -7.45 -39.01 -17.20
CA GLU A 143 -7.19 -39.99 -16.16
C GLU A 143 -7.97 -39.59 -14.92
N SER A 144 -8.17 -40.56 -14.01
CA SER A 144 -8.86 -40.24 -12.76
C SER A 144 -8.12 -39.16 -11.99
N ARG A 145 -6.79 -39.22 -11.97
CA ARG A 145 -6.05 -38.28 -11.15
C ARG A 145 -6.22 -36.84 -11.65
N TYR A 146 -6.86 -36.66 -12.81
CA TYR A 146 -7.09 -35.35 -13.38
C TYR A 146 -8.56 -35.03 -13.55
N ARG A 147 -9.42 -35.69 -12.77
CA ARG A 147 -10.86 -35.54 -12.92
C ARG A 147 -11.48 -35.33 -11.56
N ALA A 148 -12.17 -34.21 -11.38
CA ALA A 148 -12.83 -33.90 -10.12
C ALA A 148 -14.28 -33.53 -10.44
N ILE A 149 -15.14 -33.59 -9.43
CA ILE A 149 -16.55 -33.27 -9.61
C ILE A 149 -17.09 -32.52 -8.40
N SER A 150 -17.97 -31.56 -8.67
CA SER A 150 -18.54 -30.69 -7.65
C SER A 150 -19.91 -30.24 -8.16
N GLY A 151 -20.71 -29.70 -7.24
CA GLY A 151 -22.03 -29.23 -7.61
C GLY A 151 -22.71 -28.66 -6.39
N LEU A 152 -23.86 -28.01 -6.63
CA LEU A 152 -24.62 -27.36 -5.58
C LEU A 152 -26.03 -27.94 -5.51
N ALA A 153 -26.56 -28.06 -4.29
CA ALA A 153 -27.95 -28.49 -4.05
C ALA A 153 -28.22 -29.85 -4.68
N MET A 154 -29.09 -29.87 -5.68
CA MET A 154 -29.35 -31.09 -6.44
C MET A 154 -28.06 -31.64 -7.03
N GLY A 155 -27.19 -30.76 -7.51
CA GLY A 155 -25.92 -31.16 -8.08
C GLY A 155 -24.89 -31.58 -7.05
N GLY A 156 -25.05 -31.16 -5.80
CA GLY A 156 -24.25 -31.73 -4.73
C GLY A 156 -24.57 -33.18 -4.49
N GLY A 157 -25.86 -33.52 -4.48
CA GLY A 157 -26.25 -34.91 -4.42
C GLY A 157 -25.80 -35.65 -5.66
N GLY A 158 -25.85 -34.98 -6.81
CA GLY A 158 -25.33 -35.61 -8.01
C GLY A 158 -23.85 -35.93 -7.87
N ALA A 159 -23.03 -34.93 -7.50
CA ALA A 159 -21.60 -35.16 -7.35
C ALA A 159 -21.30 -36.20 -6.28
N LEU A 160 -21.99 -36.12 -5.14
CA LEU A 160 -21.76 -37.06 -4.06
C LEU A 160 -22.04 -38.51 -4.49
N PHE A 161 -23.16 -38.77 -5.14
CA PHE A 161 -23.48 -40.16 -5.45
C PHE A 161 -22.83 -40.63 -6.75
N TYR A 162 -22.48 -39.74 -7.67
CA TYR A 162 -21.67 -40.15 -8.80
C TYR A 162 -20.37 -40.78 -8.31
N ALA A 163 -19.75 -40.18 -7.28
CA ALA A 163 -18.47 -40.67 -6.79
C ALA A 163 -18.63 -41.94 -5.95
N LEU A 164 -19.75 -42.10 -5.22
CA LEU A 164 -19.92 -43.35 -4.49
C LEU A 164 -20.23 -44.51 -5.42
N HIS A 165 -20.84 -44.23 -6.57
CA HIS A 165 -21.10 -45.30 -7.54
C HIS A 165 -19.87 -45.63 -8.34
N TYR A 166 -19.12 -44.62 -8.79
CA TYR A 166 -17.92 -44.81 -9.61
C TYR A 166 -16.72 -44.13 -8.99
N PRO A 167 -16.28 -44.56 -7.79
CA PRO A 167 -15.16 -43.87 -7.15
C PRO A 167 -13.89 -43.94 -7.96
N GLU A 168 -13.76 -44.93 -8.84
CA GLU A 168 -12.59 -45.06 -9.70
C GLU A 168 -12.52 -44.00 -10.79
N MET A 169 -13.55 -43.15 -10.94
CA MET A 169 -13.52 -42.12 -11.99
C MET A 169 -13.01 -40.77 -11.52
N PHE A 170 -12.90 -40.54 -10.21
CA PHE A 170 -12.62 -39.22 -9.70
C PHE A 170 -11.48 -39.25 -8.69
N VAL A 171 -10.79 -38.13 -8.62
CA VAL A 171 -9.74 -37.92 -7.63
C VAL A 171 -10.20 -36.97 -6.51
N ALA A 172 -11.18 -36.10 -6.77
CA ALA A 172 -11.66 -35.17 -5.76
C ALA A 172 -13.14 -34.92 -5.97
N VAL A 173 -13.89 -34.74 -4.88
CA VAL A 173 -15.33 -34.55 -4.91
C VAL A 173 -15.73 -33.45 -3.93
N ALA A 174 -16.57 -32.51 -4.37
CA ALA A 174 -16.90 -31.33 -3.57
C ALA A 174 -18.39 -31.03 -3.60
N PRO A 175 -19.19 -31.73 -2.77
CA PRO A 175 -20.62 -31.38 -2.70
C PRO A 175 -20.81 -30.09 -1.90
N LEU A 176 -21.46 -29.12 -2.53
CA LEU A 176 -21.82 -27.86 -1.90
C LEU A 176 -23.31 -27.89 -1.62
N SER A 177 -23.69 -27.58 -0.39
CA SER A 177 -25.10 -27.52 0.00
C SER A 177 -25.86 -28.72 -0.54
N ALA A 178 -25.28 -29.91 -0.34
CA ALA A 178 -25.74 -31.11 -1.03
C ALA A 178 -27.08 -31.61 -0.47
N VAL A 179 -27.95 -32.04 -1.38
CA VAL A 179 -29.13 -32.79 -0.94
C VAL A 179 -28.72 -34.20 -0.53
N GLY A 180 -29.60 -34.82 0.27
CA GLY A 180 -29.37 -36.17 0.73
C GLY A 180 -29.85 -37.22 -0.28
N GLY A 181 -29.58 -38.48 0.08
CA GLY A 181 -30.01 -39.56 -0.78
C GLY A 181 -31.52 -39.71 -0.84
N ALA A 182 -32.22 -39.48 0.28
CA ALA A 182 -33.67 -39.63 0.29
C ALA A 182 -34.34 -38.61 -0.65
N TRP A 183 -33.84 -37.37 -0.65
CA TRP A 183 -34.36 -36.33 -1.54
C TRP A 183 -34.24 -36.75 -3.01
N THR A 184 -33.06 -37.24 -3.41
CA THR A 184 -32.82 -37.59 -4.80
C THR A 184 -33.65 -38.79 -5.24
N PHE A 185 -33.71 -39.83 -4.40
CA PHE A 185 -34.54 -41.00 -4.71
C PHE A 185 -35.99 -40.59 -4.86
N ASP A 186 -36.45 -39.63 -4.06
CA ASP A 186 -37.79 -39.10 -4.24
C ASP A 186 -37.94 -38.43 -5.62
N GLN A 187 -36.91 -37.70 -6.06
CA GLN A 187 -36.94 -37.11 -7.40
C GLN A 187 -36.99 -38.19 -8.48
N MET A 188 -36.20 -39.25 -8.32
CA MET A 188 -36.18 -40.33 -9.31
C MET A 188 -37.54 -41.01 -9.42
N LYS A 189 -38.27 -41.16 -8.29
CA LYS A 189 -39.59 -41.76 -8.33
C LYS A 189 -40.62 -40.82 -8.98
N ASN A 190 -40.63 -39.55 -8.55
CA ASN A 190 -41.59 -38.59 -9.10
C ASN A 190 -41.41 -38.39 -10.60
N GLN A 191 -40.19 -38.55 -11.09
CA GLN A 191 -39.86 -38.37 -12.50
C GLN A 191 -40.13 -39.60 -13.37
N SER A 192 -40.36 -40.76 -12.78
CA SER A 192 -40.52 -42.03 -13.49
C SER A 192 -41.99 -42.40 -13.61
N ASP A 193 -42.28 -43.28 -14.58
CA ASP A 193 -43.59 -43.93 -14.67
C ASP A 193 -43.61 -45.15 -13.77
N LEU A 194 -44.25 -45.00 -12.60
CA LEU A 194 -44.18 -46.02 -11.56
C LEU A 194 -45.12 -47.20 -11.79
N SER A 195 -45.97 -47.14 -12.83
CA SER A 195 -46.79 -48.30 -13.15
C SER A 195 -45.94 -49.43 -13.72
N LYS A 196 -44.84 -49.09 -14.38
CA LYS A 196 -43.95 -50.07 -15.00
C LYS A 196 -42.81 -50.52 -14.09
N VAL A 197 -42.78 -50.08 -12.84
CA VAL A 197 -41.68 -50.39 -11.91
C VAL A 197 -42.18 -51.33 -10.82
N SER A 198 -41.52 -52.48 -10.69
CA SER A 198 -41.82 -53.47 -9.68
C SER A 198 -41.28 -53.05 -8.32
N GLU A 199 -41.83 -53.65 -7.25
CA GLU A 199 -41.38 -53.30 -5.91
C GLU A 199 -39.96 -53.78 -5.61
N GLU A 200 -39.53 -54.90 -6.18
CA GLU A 200 -38.15 -55.34 -5.95
C GLU A 200 -37.16 -54.33 -6.52
N LYS A 201 -37.47 -53.76 -7.70
CA LYS A 201 -36.57 -52.76 -8.30
C LYS A 201 -36.54 -51.47 -7.48
N LYS A 202 -37.67 -51.04 -6.93
CA LYS A 202 -37.66 -49.87 -6.04
C LYS A 202 -36.74 -50.10 -4.85
N ALA A 203 -36.77 -51.31 -4.28
CA ALA A 203 -35.94 -51.66 -3.14
C ALA A 203 -34.46 -51.71 -3.52
N GLU A 204 -34.13 -52.12 -4.75
CA GLU A 204 -32.73 -52.14 -5.15
C GLU A 204 -32.13 -50.73 -5.25
N VAL A 205 -32.80 -49.83 -5.97
CA VAL A 205 -32.26 -48.49 -6.17
C VAL A 205 -32.31 -47.68 -4.88
N LEU A 206 -33.33 -47.89 -4.04
CA LEU A 206 -33.39 -47.21 -2.74
C LEU A 206 -32.10 -47.43 -1.96
N GLY A 207 -31.58 -48.66 -1.98
CA GLY A 207 -30.35 -48.95 -1.29
C GLY A 207 -29.11 -48.33 -1.93
N GLN A 208 -29.11 -48.18 -3.26
CA GLN A 208 -28.01 -47.56 -3.99
C GLN A 208 -28.01 -46.04 -3.91
N MET A 209 -29.06 -45.46 -3.36
CA MET A 209 -29.15 -44.02 -3.11
C MET A 209 -29.16 -43.74 -1.61
N ASP A 210 -28.55 -44.60 -0.81
CA ASP A 210 -28.44 -44.40 0.63
C ASP A 210 -26.98 -44.47 1.02
N ILE A 211 -26.46 -43.40 1.64
CA ILE A 211 -25.03 -43.32 1.87
C ILE A 211 -24.60 -44.33 2.92
N GLN A 212 -25.44 -44.56 3.92
CA GLN A 212 -25.16 -45.61 4.91
C GLN A 212 -25.11 -46.99 4.26
N THR A 213 -26.11 -47.34 3.43
CA THR A 213 -26.15 -48.70 2.85
C THR A 213 -24.99 -48.92 1.90
N ILE A 214 -24.61 -47.91 1.11
CA ILE A 214 -23.48 -48.10 0.19
C ILE A 214 -22.21 -48.44 0.96
N LEU A 215 -21.94 -47.72 2.04
CA LEU A 215 -20.70 -47.95 2.79
C LEU A 215 -20.71 -49.28 3.53
N GLU A 216 -21.87 -49.76 3.99
CA GLU A 216 -21.91 -51.07 4.66
C GLU A 216 -21.68 -52.21 3.67
N LYS A 217 -22.18 -52.07 2.45
CA LYS A 217 -22.20 -53.16 1.48
C LYS A 217 -21.06 -53.10 0.48
N SER A 218 -20.17 -52.13 0.59
CA SER A 218 -19.07 -52.01 -0.36
C SER A 218 -18.01 -53.08 -0.08
N PRO A 219 -17.53 -53.78 -1.11
CA PRO A 219 -16.33 -54.63 -0.93
C PRO A 219 -15.09 -53.80 -0.60
N LYS A 220 -14.03 -54.49 -0.17
CA LYS A 220 -12.85 -53.80 0.34
C LYS A 220 -12.21 -52.90 -0.71
N GLU A 221 -12.19 -53.34 -1.96
CA GLU A 221 -11.56 -52.51 -3.00
C GLU A 221 -12.30 -51.18 -3.17
N LYS A 222 -13.64 -51.23 -3.18
CA LYS A 222 -14.45 -50.03 -3.37
C LYS A 222 -14.27 -49.04 -2.22
N LEU A 223 -14.38 -49.54 -0.99
CA LEU A 223 -14.25 -48.69 0.19
C LEU A 223 -12.88 -48.02 0.25
N ASP A 224 -11.82 -48.71 -0.19
CA ASP A 224 -10.49 -48.09 -0.24
C ASP A 224 -10.42 -46.98 -1.29
N ARG A 225 -11.03 -47.18 -2.46
CA ARG A 225 -11.05 -46.09 -3.43
C ARG A 225 -11.83 -44.89 -2.90
N ILE A 226 -12.93 -45.16 -2.18
CA ILE A 226 -13.71 -44.08 -1.57
C ILE A 226 -12.87 -43.35 -0.53
N LYS A 227 -12.08 -44.08 0.26
CA LYS A 227 -11.20 -43.42 1.22
C LYS A 227 -10.06 -42.69 0.53
N TRP A 228 -9.69 -43.11 -0.69
CA TRP A 228 -8.61 -42.47 -1.43
C TRP A 228 -9.04 -41.16 -2.08
N ILE A 229 -10.30 -41.07 -2.51
CA ILE A 229 -10.84 -39.81 -3.02
C ILE A 229 -10.66 -38.74 -1.95
N ARG A 230 -10.34 -37.50 -2.38
CA ARG A 230 -10.28 -36.36 -1.46
C ARG A 230 -11.64 -35.64 -1.47
N TRP A 231 -12.29 -35.59 -0.31
CA TRP A 231 -13.62 -34.99 -0.20
C TRP A 231 -13.56 -33.62 0.47
N TYR A 232 -14.35 -32.67 -0.06
CA TYR A 232 -14.54 -31.34 0.49
C TYR A 232 -16.05 -31.07 0.50
N ILE A 233 -16.65 -31.06 1.68
CA ILE A 233 -18.11 -30.96 1.83
C ILE A 233 -18.46 -29.69 2.61
N SER A 234 -19.24 -28.81 1.98
CA SER A 234 -19.50 -27.49 2.54
C SER A 234 -20.97 -27.13 2.44
N CYS A 235 -21.47 -26.45 3.46
CA CYS A 235 -22.88 -26.05 3.51
C CYS A 235 -23.01 -24.85 4.44
N GLY A 236 -23.97 -23.98 4.14
CA GLY A 236 -24.24 -22.86 5.03
C GLY A 236 -25.02 -23.28 6.26
N ASP A 237 -24.85 -22.53 7.37
CA ASP A 237 -25.51 -22.89 8.62
C ASP A 237 -26.96 -22.46 8.69
N ASP A 238 -27.36 -21.43 7.93
CA ASP A 238 -28.74 -20.98 7.83
C ASP A 238 -29.48 -21.68 6.68
N ASP A 239 -28.95 -22.78 6.18
CA ASP A 239 -29.55 -23.62 5.15
C ASP A 239 -30.37 -24.75 5.77
N PHE A 240 -31.55 -25.01 5.21
CA PHE A 240 -32.36 -26.14 5.69
C PHE A 240 -31.64 -27.46 5.45
N LEU A 241 -30.63 -27.49 4.59
CA LEU A 241 -29.84 -28.68 4.35
C LEU A 241 -28.66 -28.83 5.30
N SER A 242 -28.49 -27.92 6.29
CA SER A 242 -27.39 -28.06 7.23
C SER A 242 -27.52 -29.35 8.04
N VAL A 243 -28.75 -29.77 8.33
CA VAL A 243 -28.95 -30.99 9.09
C VAL A 243 -28.55 -32.19 8.26
N THR A 244 -29.00 -32.24 7.00
CA THR A 244 -28.58 -33.30 6.07
C THR A 244 -27.06 -33.42 6.03
N ASN A 245 -26.35 -32.29 5.96
CA ASN A 245 -24.90 -32.35 5.82
C ASN A 245 -24.19 -32.59 7.16
N CYS A 246 -24.79 -32.24 8.30
CA CYS A 246 -24.19 -32.65 9.57
C CYS A 246 -24.30 -34.16 9.77
N LEU A 247 -25.45 -34.75 9.41
CA LEU A 247 -25.59 -36.20 9.43
C LEU A 247 -24.62 -36.87 8.45
N LEU A 248 -24.37 -36.23 7.31
CA LEU A 248 -23.40 -36.75 6.33
C LEU A 248 -21.99 -36.80 6.93
N HIS A 249 -21.56 -35.71 7.56
CA HIS A 249 -20.28 -35.68 8.26
C HIS A 249 -20.17 -36.77 9.33
N ASN A 250 -21.23 -36.98 10.13
CA ASN A 250 -21.13 -38.02 11.15
C ASN A 250 -21.00 -39.41 10.53
N THR A 251 -21.73 -39.66 9.45
CA THR A 251 -21.66 -40.96 8.79
C THR A 251 -20.27 -41.23 8.25
N LEU A 252 -19.65 -40.23 7.61
CA LEU A 252 -18.32 -40.42 7.06
C LEU A 252 -17.27 -40.72 8.14
N LEU A 253 -17.34 -40.02 9.29
CA LEU A 253 -16.42 -40.33 10.39
C LEU A 253 -16.66 -41.74 10.93
N GLN A 254 -17.93 -42.14 11.03
CA GLN A 254 -18.30 -43.45 11.53
C GLN A 254 -17.80 -44.58 10.62
N HIS A 255 -17.64 -44.32 9.32
CA HIS A 255 -17.04 -45.28 8.41
C HIS A 255 -15.60 -44.95 8.07
N GLN A 256 -14.98 -44.02 8.79
CA GLN A 256 -13.54 -43.72 8.68
C GLN A 256 -13.16 -43.21 7.29
N VAL A 257 -14.02 -42.41 6.69
CA VAL A 257 -13.75 -41.75 5.42
C VAL A 257 -13.28 -40.34 5.75
N GLY A 258 -11.97 -40.14 5.73
CA GLY A 258 -11.46 -38.81 6.00
C GLY A 258 -11.91 -37.82 4.94
N HIS A 259 -12.21 -36.61 5.39
CA HIS A 259 -12.74 -35.58 4.51
C HIS A 259 -12.61 -34.25 5.21
N GLU A 260 -12.65 -33.18 4.42
CA GLU A 260 -12.71 -31.82 4.94
C GLU A 260 -14.18 -31.40 4.97
N PHE A 261 -14.62 -30.81 6.07
CA PHE A 261 -16.02 -30.41 6.27
C PHE A 261 -16.09 -28.96 6.74
N ARG A 262 -16.95 -28.16 6.10
CA ARG A 262 -17.09 -26.76 6.45
C ARG A 262 -18.55 -26.40 6.65
N MET A 263 -18.85 -25.73 7.76
CA MET A 263 -20.16 -25.11 7.93
C MET A 263 -19.91 -23.62 8.17
N LYS A 264 -20.12 -22.80 7.16
CA LYS A 264 -19.81 -21.37 7.20
C LYS A 264 -21.08 -20.54 7.30
N ASP A 265 -20.91 -19.24 7.60
CA ASP A 265 -22.05 -18.34 7.59
C ASP A 265 -22.57 -18.24 6.16
N GLY A 266 -23.84 -18.52 5.98
CA GLY A 266 -24.40 -18.51 4.64
C GLY A 266 -25.74 -19.21 4.62
N SER A 267 -26.41 -19.06 3.48
CA SER A 267 -27.73 -19.62 3.28
C SER A 267 -27.75 -20.39 1.97
N HIS A 268 -28.94 -20.79 1.51
CA HIS A 268 -29.11 -21.51 0.25
C HIS A 268 -29.24 -20.48 -0.88
N SER A 269 -28.09 -19.93 -1.30
CA SER A 269 -28.11 -18.79 -2.22
C SER A 269 -26.85 -18.76 -3.05
N TRP A 270 -26.90 -17.98 -4.12
CA TRP A 270 -25.74 -17.82 -4.98
C TRP A 270 -24.65 -16.97 -4.35
N THR A 271 -24.95 -16.22 -3.31
CA THR A 271 -23.86 -15.63 -2.54
C THR A 271 -22.95 -16.71 -1.97
N TYR A 272 -23.55 -17.75 -1.37
CA TYR A 272 -22.74 -18.84 -0.83
C TYR A 272 -21.93 -19.55 -1.92
N TRP A 273 -22.57 -19.86 -3.06
CA TRP A 273 -21.90 -20.71 -4.05
C TRP A 273 -20.82 -19.96 -4.85
N ARG A 274 -21.00 -18.66 -5.12
CA ARG A 274 -19.91 -17.90 -5.73
C ARG A 274 -18.75 -17.71 -4.75
N MET A 275 -19.02 -17.65 -3.45
CA MET A 275 -17.93 -17.62 -2.49
C MET A 275 -17.20 -18.98 -2.41
N GLU A 276 -17.94 -20.09 -2.51
CA GLU A 276 -17.28 -21.39 -2.40
C GLU A 276 -16.56 -21.80 -3.67
N LEU A 277 -16.96 -21.29 -4.83
CA LEU A 277 -16.34 -21.74 -6.07
C LEU A 277 -14.82 -21.59 -6.08
N PRO A 278 -14.23 -20.45 -5.69
CA PRO A 278 -12.76 -20.39 -5.67
C PRO A 278 -12.15 -21.28 -4.62
N GLU A 279 -12.86 -21.60 -3.54
CA GLU A 279 -12.35 -22.58 -2.59
C GLU A 279 -12.31 -23.97 -3.19
N VAL A 280 -13.34 -24.34 -3.95
CA VAL A 280 -13.37 -25.64 -4.61
C VAL A 280 -12.25 -25.74 -5.63
N MET A 281 -12.03 -24.66 -6.39
CA MET A 281 -10.96 -24.67 -7.37
C MET A 281 -9.59 -24.79 -6.69
N ARG A 282 -9.37 -24.06 -5.60
CA ARG A 282 -8.10 -24.19 -4.89
C ARG A 282 -7.95 -25.60 -4.32
N PHE A 283 -9.04 -26.16 -3.80
CA PHE A 283 -9.00 -27.51 -3.27
C PHE A 283 -8.64 -28.53 -4.36
N VAL A 284 -9.36 -28.52 -5.48
CA VAL A 284 -9.06 -29.55 -6.49
C VAL A 284 -7.76 -29.24 -7.21
N SER A 285 -7.43 -27.97 -7.39
CA SER A 285 -6.20 -27.64 -8.09
C SER A 285 -4.98 -28.22 -7.38
N ARG A 286 -4.92 -28.09 -6.04
CA ARG A 286 -3.78 -28.68 -5.33
C ARG A 286 -3.75 -30.21 -5.47
N ILE A 287 -4.90 -30.87 -5.60
CA ILE A 287 -4.86 -32.32 -5.81
C ILE A 287 -4.33 -32.63 -7.21
N PHE A 288 -4.74 -31.85 -8.22
CA PHE A 288 -4.23 -31.99 -9.59
C PHE A 288 -2.73 -31.78 -9.68
N THR A 289 -2.19 -30.79 -8.96
CA THR A 289 -0.77 -30.51 -9.10
C THR A 289 0.07 -31.24 -8.06
N GLN A 290 -0.57 -31.87 -7.05
CA GLN A 290 0.10 -32.49 -5.91
C GLN A 290 0.74 -31.47 -4.96
N TYR A 291 1.17 -31.91 -3.77
CA TYR A 291 1.87 -30.99 -2.86
C TYR A 291 2.68 -31.66 -1.75
N GLN B 24 -3.06 2.19 23.92
CA GLN B 24 -2.98 1.03 23.03
C GLN B 24 -3.09 -0.27 23.83
N GLN B 25 -2.47 -0.34 25.01
CA GLN B 25 -2.31 -1.59 25.73
C GLN B 25 -3.13 -1.61 27.02
N GLY B 26 -3.90 -2.68 27.21
CA GLY B 26 -4.56 -2.97 28.46
C GLY B 26 -3.61 -3.72 29.39
N LYS B 27 -4.18 -4.32 30.42
CA LYS B 27 -3.36 -5.03 31.40
C LYS B 27 -4.10 -6.25 31.92
N VAL B 28 -3.33 -7.17 32.50
CA VAL B 28 -3.86 -8.43 33.03
C VAL B 28 -3.37 -8.60 34.46
N TYR B 29 -4.27 -8.97 35.37
CA TYR B 29 -3.92 -9.39 36.72
C TYR B 29 -4.22 -10.87 36.88
N GLU B 30 -3.23 -11.64 37.33
CA GLU B 30 -3.40 -13.09 37.49
C GLU B 30 -3.55 -13.53 38.93
N THR B 31 -3.11 -12.75 39.92
CA THR B 31 -2.91 -13.28 41.27
C THR B 31 -3.99 -12.89 42.26
N ARG B 32 -5.07 -12.25 41.84
CA ARG B 32 -6.11 -11.85 42.78
C ARG B 32 -7.07 -13.00 43.06
N THR B 33 -7.70 -12.97 44.23
CA THR B 33 -8.62 -14.03 44.62
CA THR B 33 -8.62 -14.03 44.64
C THR B 33 -9.93 -13.43 45.12
N VAL B 34 -10.92 -14.31 45.26
CA VAL B 34 -12.21 -13.99 45.88
C VAL B 34 -12.44 -14.96 47.05
N LYS B 35 -12.79 -14.40 48.22
CA LYS B 35 -12.96 -15.19 49.44
C LYS B 35 -14.30 -15.90 49.39
N SER B 36 -14.28 -17.22 49.29
CA SER B 36 -15.48 -18.00 49.01
C SER B 36 -15.96 -18.69 50.28
N LYS B 37 -17.18 -18.38 50.72
CA LYS B 37 -17.74 -19.13 51.84
C LYS B 37 -18.24 -20.50 51.40
N ILE B 38 -18.71 -20.62 50.15
CA ILE B 38 -19.29 -21.88 49.67
C ILE B 38 -18.21 -22.96 49.52
N LEU B 39 -17.03 -22.58 49.03
CA LEU B 39 -15.91 -23.48 48.87
C LEU B 39 -14.88 -23.37 49.99
N GLY B 40 -15.03 -22.40 50.89
CA GLY B 40 -14.11 -22.27 52.02
C GLY B 40 -12.68 -21.96 51.69
N MET B 41 -12.44 -21.07 50.74
CA MET B 41 -11.08 -20.82 50.29
C MET B 41 -11.08 -19.57 49.42
N GLU B 42 -9.87 -19.07 49.18
CA GLU B 42 -9.67 -18.03 48.20
C GLU B 42 -9.59 -18.69 46.83
N ARG B 43 -10.42 -18.27 45.89
CA ARG B 43 -10.41 -18.82 44.55
C ARG B 43 -9.76 -17.82 43.61
N SER B 44 -8.86 -18.32 42.78
CA SER B 44 -8.12 -17.49 41.84
C SER B 44 -8.95 -17.12 40.62
N TYR B 45 -8.62 -15.99 40.03
CA TYR B 45 -9.05 -15.64 38.69
C TYR B 45 -8.00 -14.72 38.08
N SER B 46 -8.00 -14.66 36.75
CA SER B 46 -7.26 -13.65 36.01
C SER B 46 -8.28 -12.71 35.42
N ILE B 47 -7.90 -11.44 35.22
CA ILE B 47 -8.81 -10.44 34.65
C ILE B 47 -8.06 -9.54 33.67
N TYR B 48 -8.69 -9.27 32.51
CA TYR B 48 -8.19 -8.36 31.50
C TYR B 48 -8.90 -7.02 31.60
N LEU B 49 -8.16 -5.95 31.83
CA LEU B 49 -8.77 -4.64 31.79
C LEU B 49 -8.36 -3.92 30.51
N PRO B 50 -9.31 -3.32 29.81
CA PRO B 50 -8.99 -2.71 28.52
C PRO B 50 -8.19 -1.43 28.69
N ALA B 51 -7.56 -1.01 27.60
CA ALA B 51 -6.81 0.24 27.59
C ALA B 51 -7.76 1.38 27.93
N GLY B 52 -7.26 2.34 28.70
CA GLY B 52 -8.09 3.45 29.14
C GLY B 52 -8.99 3.14 30.32
N TYR B 53 -8.85 1.94 30.90
CA TYR B 53 -9.63 1.59 32.08
C TYR B 53 -9.36 2.55 33.23
N ASP B 54 -8.14 3.09 33.31
CA ASP B 54 -7.79 3.98 34.42
C ASP B 54 -8.04 5.45 34.10
N GLU B 55 -8.46 5.78 32.88
CA GLU B 55 -8.89 7.12 32.52
C GLU B 55 -10.41 7.19 32.46
N GLY B 56 -10.96 8.35 32.81
CA GLY B 56 -12.39 8.56 32.87
C GLY B 56 -13.03 7.71 33.95
N ASP B 57 -14.36 7.77 34.10
CA ASP B 57 -15.04 7.04 35.18
C ASP B 57 -16.07 6.04 34.67
N GLY B 58 -16.11 5.75 33.36
CA GLY B 58 -17.16 4.91 32.81
C GLY B 58 -17.01 3.45 33.20
N SER B 59 -18.05 2.67 32.88
CA SER B 59 -18.10 1.24 33.20
C SER B 59 -18.10 0.41 31.91
N TYR B 60 -17.86 -0.89 32.07
CA TYR B 60 -17.65 -1.79 30.94
C TYR B 60 -18.50 -3.06 31.04
N PRO B 61 -18.85 -3.66 29.90
CA PRO B 61 -19.43 -5.01 29.91
C PRO B 61 -18.37 -6.08 30.14
N VAL B 62 -18.82 -7.28 30.47
CA VAL B 62 -17.91 -8.35 30.89
C VAL B 62 -18.10 -9.60 30.04
N LEU B 63 -16.99 -10.19 29.61
CA LEU B 63 -16.94 -11.51 28.99
C LEU B 63 -16.27 -12.47 29.96
N TYR B 64 -16.98 -13.54 30.33
CA TYR B 64 -16.37 -14.62 31.10
C TYR B 64 -15.81 -15.66 30.15
N LEU B 65 -14.55 -16.03 30.37
CA LEU B 65 -13.82 -16.87 29.43
C LEU B 65 -13.26 -18.05 30.20
N LEU B 66 -13.81 -19.25 29.94
CA LEU B 66 -13.53 -20.42 30.76
C LEU B 66 -12.56 -21.38 30.07
N HIS B 67 -11.56 -21.86 30.82
CA HIS B 67 -10.51 -22.73 30.32
C HIS B 67 -11.01 -24.19 30.24
N GLY B 68 -10.17 -25.05 29.64
CA GLY B 68 -10.45 -26.47 29.52
C GLY B 68 -9.72 -27.33 30.56
N LEU B 69 -9.92 -28.65 30.43
CA LEU B 69 -9.36 -29.59 31.40
C LEU B 69 -7.85 -29.59 31.35
N GLY B 70 -7.23 -29.51 32.53
CA GLY B 70 -5.80 -29.49 32.74
C GLY B 70 -5.20 -28.10 32.97
N ASP B 71 -5.81 -27.07 32.40
CA ASP B 71 -5.35 -25.70 32.53
C ASP B 71 -6.08 -24.98 33.68
N ASN B 72 -5.61 -23.78 34.00
CA ASN B 72 -6.30 -22.99 35.03
C ASN B 72 -6.54 -21.56 34.56
N HIS B 73 -6.54 -20.62 35.51
CA HIS B 73 -6.83 -19.22 35.20
C HIS B 73 -5.71 -18.56 34.41
N THR B 74 -4.55 -19.19 34.32
CA THR B 74 -3.49 -18.67 33.47
C THR B 74 -3.59 -19.21 32.04
N GLY B 75 -4.55 -20.10 31.76
CA GLY B 75 -4.65 -20.73 30.46
C GLY B 75 -4.99 -19.78 29.33
N TRP B 76 -6.11 -19.06 29.45
CA TRP B 76 -6.41 -18.06 28.44
C TRP B 76 -5.38 -16.93 28.41
N VAL B 77 -4.59 -16.79 29.48
CA VAL B 77 -3.56 -15.78 29.52
C VAL B 77 -2.32 -16.23 28.74
N GLN B 78 -1.76 -17.39 29.11
CA GLN B 78 -0.52 -17.87 28.49
C GLN B 78 -0.76 -18.53 27.14
N PHE B 79 -1.73 -19.45 27.05
CA PHE B 79 -1.97 -20.12 25.76
C PHE B 79 -2.88 -19.28 24.87
N GLY B 80 -3.99 -18.78 25.43
CA GLY B 80 -4.91 -17.98 24.65
C GLY B 80 -4.38 -16.61 24.25
N GLN B 81 -3.33 -16.12 24.91
CA GLN B 81 -2.74 -14.81 24.62
C GLN B 81 -3.80 -13.71 24.63
N VAL B 82 -4.71 -13.75 25.61
CA VAL B 82 -5.86 -12.85 25.64
C VAL B 82 -5.42 -11.39 25.59
N GLN B 83 -4.33 -11.03 26.26
CA GLN B 83 -3.95 -9.62 26.31
C GLN B 83 -3.61 -9.09 24.93
N TYR B 84 -2.78 -9.81 24.18
CA TYR B 84 -2.45 -9.37 22.84
C TYR B 84 -3.67 -9.35 21.94
N ILE B 85 -4.49 -10.41 21.98
CA ILE B 85 -5.60 -10.51 21.02
C ILE B 85 -6.68 -9.47 21.29
N ALA B 86 -7.05 -9.26 22.56
CA ALA B 86 -8.06 -8.24 22.90
C ALA B 86 -7.52 -6.83 22.70
N ASP B 87 -6.25 -6.58 23.06
CA ASP B 87 -5.64 -5.29 22.77
C ASP B 87 -5.76 -4.95 21.29
N LYS B 88 -5.52 -5.94 20.42
CA LYS B 88 -5.57 -5.73 18.99
C LYS B 88 -7.02 -5.54 18.51
N ALA B 89 -7.93 -6.40 18.93
CA ALA B 89 -9.29 -6.27 18.41
C ALA B 89 -9.94 -4.96 18.86
N ILE B 90 -9.64 -4.51 20.08
CA ILE B 90 -10.23 -3.27 20.56
C ILE B 90 -9.55 -2.07 19.90
N ALA B 91 -8.25 -2.14 19.69
CA ALA B 91 -7.58 -1.00 19.09
C ALA B 91 -8.00 -0.81 17.63
N GLU B 92 -8.19 -1.92 16.90
CA GLU B 92 -8.65 -1.88 15.51
C GLU B 92 -10.14 -1.60 15.34
N GLY B 93 -10.92 -1.57 16.42
CA GLY B 93 -12.36 -1.42 16.34
C GLY B 93 -13.16 -2.69 16.05
N LYS B 94 -12.51 -3.84 15.84
CA LYS B 94 -13.30 -5.06 15.67
C LYS B 94 -14.16 -5.36 16.89
N SER B 95 -13.77 -4.85 18.06
CA SER B 95 -14.52 -5.06 19.29
C SER B 95 -14.53 -3.76 20.11
N ALA B 96 -15.63 -3.52 20.80
CA ALA B 96 -15.68 -2.41 21.74
C ALA B 96 -14.95 -2.80 23.02
N PRO B 97 -14.52 -1.81 23.80
CA PRO B 97 -13.83 -2.12 25.05
C PRO B 97 -14.72 -2.95 25.96
N MET B 98 -14.12 -3.98 26.57
CA MET B 98 -14.79 -4.84 27.53
C MET B 98 -13.78 -5.38 28.52
N ILE B 99 -14.31 -5.91 29.63
CA ILE B 99 -13.55 -6.64 30.64
C ILE B 99 -13.67 -8.12 30.33
N ILE B 100 -12.58 -8.87 30.55
CA ILE B 100 -12.57 -10.32 30.38
C ILE B 100 -12.16 -10.97 31.70
N VAL B 101 -13.01 -11.88 32.20
CA VAL B 101 -12.76 -12.59 33.46
C VAL B 101 -12.57 -14.07 33.19
N MET B 102 -11.49 -14.63 33.74
CA MET B 102 -11.08 -16.02 33.51
C MET B 102 -10.95 -16.76 34.83
N PRO B 103 -11.96 -17.51 35.25
CA PRO B 103 -11.91 -18.17 36.56
C PRO B 103 -11.06 -19.43 36.56
N ASP B 104 -10.56 -19.79 37.73
CA ASP B 104 -9.82 -21.04 37.94
C ASP B 104 -10.81 -22.16 38.29
N ALA B 105 -10.93 -23.17 37.40
CA ALA B 105 -11.75 -24.35 37.63
C ALA B 105 -10.91 -25.64 37.67
N ASP B 106 -9.71 -25.56 38.24
CA ASP B 106 -8.75 -26.66 38.26
C ASP B 106 -8.34 -27.08 39.67
N THR B 107 -8.17 -26.11 40.57
CA THR B 107 -7.70 -26.36 41.93
C THR B 107 -8.75 -27.11 42.74
N VAL B 108 -8.27 -28.05 43.57
CA VAL B 108 -9.07 -28.91 44.46
C VAL B 108 -9.85 -29.98 43.68
N HIS B 109 -10.75 -29.53 42.80
CA HIS B 109 -11.50 -30.40 41.91
C HIS B 109 -11.55 -29.72 40.54
N LYS B 110 -11.53 -30.53 39.49
CA LYS B 110 -11.59 -30.03 38.13
C LYS B 110 -13.03 -30.05 37.64
N GLY B 111 -13.52 -28.93 37.11
CA GLY B 111 -14.85 -28.87 36.54
C GLY B 111 -15.65 -27.67 37.02
N TYR B 112 -16.79 -27.46 36.36
CA TYR B 112 -17.59 -26.26 36.56
C TYR B 112 -18.87 -26.50 37.34
N PHE B 113 -19.19 -27.72 37.71
CA PHE B 113 -20.53 -27.97 38.24
C PHE B 113 -20.46 -28.51 39.67
N ASN B 114 -21.61 -28.45 40.35
CA ASN B 114 -21.71 -28.94 41.71
C ASN B 114 -21.55 -30.46 41.71
N LEU B 115 -20.63 -30.95 42.54
CA LEU B 115 -20.42 -32.38 42.66
C LEU B 115 -21.59 -33.05 43.34
N LEU B 116 -21.76 -34.33 43.06
CA LEU B 116 -22.94 -35.06 43.53
C LEU B 116 -22.97 -35.27 45.04
N ASP B 117 -21.83 -35.22 45.72
CA ASP B 117 -21.79 -35.48 47.15
C ASP B 117 -22.00 -34.25 48.04
N GLY B 118 -22.22 -33.07 47.46
CA GLY B 118 -22.50 -31.87 48.22
C GLY B 118 -21.29 -31.18 48.83
N THR B 119 -20.07 -31.63 48.54
CA THR B 119 -18.87 -31.10 49.17
C THR B 119 -18.18 -30.00 48.36
N TYR B 120 -18.67 -29.67 47.17
CA TYR B 120 -17.94 -28.73 46.31
C TYR B 120 -18.93 -28.18 45.28
N ASN B 121 -19.63 -27.10 45.66
CA ASN B 121 -20.68 -26.52 44.82
C ASN B 121 -20.09 -25.40 43.97
N TYR B 122 -19.30 -25.79 42.96
CA TYR B 122 -18.59 -24.77 42.18
C TYR B 122 -19.54 -23.90 41.38
N GLU B 123 -20.62 -24.48 40.85
CA GLU B 123 -21.56 -23.65 40.09
C GLU B 123 -22.23 -22.62 40.98
N ASP B 124 -22.62 -23.00 42.20
CA ASP B 124 -23.16 -22.02 43.15
C ASP B 124 -22.13 -20.93 43.45
N PHE B 125 -20.86 -21.30 43.57
CA PHE B 125 -19.81 -20.29 43.76
C PHE B 125 -19.79 -19.30 42.59
N PHE B 126 -19.80 -19.81 41.35
CA PHE B 126 -19.70 -18.93 40.20
C PHE B 126 -20.80 -17.87 40.20
N PHE B 127 -22.04 -18.28 40.44
CA PHE B 127 -23.15 -17.34 40.30
C PHE B 127 -23.40 -16.49 41.55
N GLN B 128 -23.14 -17.01 42.74
CA GLN B 128 -23.45 -16.27 43.94
C GLN B 128 -22.26 -15.53 44.52
N GLU B 129 -21.05 -15.85 44.11
CA GLU B 129 -19.89 -15.22 44.76
C GLU B 129 -18.97 -14.57 43.75
N LEU B 130 -18.63 -15.26 42.64
CA LEU B 130 -17.67 -14.69 41.69
C LEU B 130 -18.26 -13.51 40.94
N ILE B 131 -19.42 -13.69 40.31
CA ILE B 131 -20.01 -12.60 39.55
C ILE B 131 -20.30 -11.38 40.43
N PRO B 132 -20.90 -11.51 41.61
CA PRO B 132 -21.04 -10.32 42.48
C PRO B 132 -19.72 -9.70 42.92
N HIS B 133 -18.66 -10.49 43.12
CA HIS B 133 -17.36 -9.91 43.50
C HIS B 133 -16.75 -9.08 42.38
N ILE B 134 -16.78 -9.60 41.16
CA ILE B 134 -16.29 -8.85 40.01
C ILE B 134 -17.04 -7.52 39.89
N GLU B 135 -18.36 -7.55 40.05
CA GLU B 135 -19.17 -6.35 39.86
C GLU B 135 -18.97 -5.32 40.99
N LYS B 136 -18.56 -5.76 42.18
CA LYS B 136 -18.27 -4.86 43.27
C LYS B 136 -16.88 -4.27 43.16
N THR B 137 -15.95 -4.99 42.54
CA THR B 137 -14.54 -4.64 42.60
C THR B 137 -14.11 -3.81 41.43
N TYR B 138 -14.73 -3.98 40.27
CA TYR B 138 -14.32 -3.32 39.03
C TYR B 138 -15.49 -2.51 38.48
N ARG B 139 -15.20 -1.57 37.57
CA ARG B 139 -16.25 -0.69 37.05
C ARG B 139 -17.02 -1.42 35.95
N VAL B 140 -18.02 -2.19 36.38
CA VAL B 140 -18.73 -3.14 35.55
C VAL B 140 -20.18 -2.71 35.45
N ARG B 141 -20.74 -2.73 34.24
CA ARG B 141 -22.19 -2.61 34.03
C ARG B 141 -22.85 -3.93 34.41
N ALA B 142 -23.56 -3.96 35.53
CA ALA B 142 -23.98 -5.21 36.17
C ALA B 142 -25.40 -5.61 35.75
N GLU B 143 -25.53 -5.99 34.48
CA GLU B 143 -26.80 -6.41 33.92
C GLU B 143 -26.58 -7.57 32.95
N SER B 144 -27.64 -8.36 32.75
CA SER B 144 -27.56 -9.48 31.81
C SER B 144 -27.19 -9.02 30.41
N ARG B 145 -27.72 -7.88 29.99
CA ARG B 145 -27.48 -7.35 28.66
C ARG B 145 -26.03 -6.98 28.44
N TYR B 146 -25.23 -6.97 29.50
CA TYR B 146 -23.80 -6.67 29.43
C TYR B 146 -22.96 -7.82 29.97
N ARG B 147 -23.48 -9.04 29.96
CA ARG B 147 -22.81 -10.20 30.53
C ARG B 147 -22.86 -11.34 29.53
N ALA B 148 -21.69 -11.85 29.10
CA ALA B 148 -21.60 -12.94 28.15
C ALA B 148 -20.57 -13.97 28.62
N ILE B 149 -20.68 -15.20 28.11
CA ILE B 149 -19.84 -16.28 28.59
C ILE B 149 -19.39 -17.17 27.44
N SER B 150 -18.14 -17.62 27.53
CA SER B 150 -17.54 -18.43 26.50
C SER B 150 -16.46 -19.31 27.15
N GLY B 151 -16.05 -20.35 26.44
CA GLY B 151 -15.02 -21.27 26.90
C GLY B 151 -14.77 -22.32 25.84
N LEU B 152 -13.72 -23.11 26.06
CA LEU B 152 -13.30 -24.13 25.11
C LEU B 152 -13.32 -25.51 25.78
N ALA B 153 -13.71 -26.56 25.04
CA ALA B 153 -13.67 -27.95 25.51
C ALA B 153 -14.49 -28.11 26.77
N MET B 154 -13.89 -28.44 27.93
CA MET B 154 -14.60 -28.49 29.21
C MET B 154 -15.32 -27.18 29.49
N GLY B 155 -14.64 -26.06 29.19
CA GLY B 155 -15.25 -24.75 29.40
C GLY B 155 -16.31 -24.40 28.37
N GLY B 156 -16.27 -25.04 27.21
CA GLY B 156 -17.39 -24.91 26.30
C GLY B 156 -18.64 -25.56 26.86
N GLY B 157 -18.50 -26.75 27.45
CA GLY B 157 -19.62 -27.37 28.13
C GLY B 157 -20.06 -26.59 29.35
N GLY B 158 -19.10 -25.96 30.05
CA GLY B 158 -19.46 -25.08 31.14
C GLY B 158 -20.32 -23.91 30.70
N ALA B 159 -19.85 -23.17 29.69
CA ALA B 159 -20.62 -22.04 29.17
C ALA B 159 -21.99 -22.48 28.66
N LEU B 160 -22.04 -23.62 27.96
CA LEU B 160 -23.30 -24.13 27.44
C LEU B 160 -24.30 -24.43 28.57
N PHE B 161 -23.88 -25.21 29.57
CA PHE B 161 -24.84 -25.60 30.59
C PHE B 161 -25.03 -24.56 31.68
N TYR B 162 -24.07 -23.67 31.91
CA TYR B 162 -24.35 -22.52 32.78
C TYR B 162 -25.53 -21.74 32.25
N ALA B 163 -25.58 -21.54 30.93
CA ALA B 163 -26.63 -20.74 30.32
C ALA B 163 -27.96 -21.51 30.24
N LEU B 164 -27.94 -22.83 30.06
CA LEU B 164 -29.20 -23.57 30.04
C LEU B 164 -29.85 -23.64 31.43
N HIS B 165 -29.05 -23.54 32.50
CA HIS B 165 -29.54 -23.54 33.87
C HIS B 165 -30.05 -22.18 34.31
N TYR B 166 -29.30 -21.11 33.99
CA TYR B 166 -29.63 -19.74 34.38
C TYR B 166 -29.66 -18.89 33.12
N PRO B 167 -30.62 -19.14 32.21
CA PRO B 167 -30.63 -18.43 30.92
C PRO B 167 -30.83 -16.92 31.01
N GLU B 168 -31.45 -16.43 32.09
CA GLU B 168 -31.65 -15.00 32.35
C GLU B 168 -30.36 -14.27 32.74
N MET B 169 -29.24 -14.97 32.87
CA MET B 169 -27.99 -14.38 33.34
C MET B 169 -27.06 -13.90 32.25
N PHE B 170 -27.29 -14.28 30.98
CA PHE B 170 -26.37 -13.94 29.90
C PHE B 170 -27.15 -13.46 28.69
N VAL B 171 -26.47 -12.62 27.89
CA VAL B 171 -27.04 -12.11 26.66
C VAL B 171 -26.46 -12.89 25.49
N ALA B 172 -25.25 -13.43 25.67
CA ALA B 172 -24.60 -14.16 24.59
C ALA B 172 -23.79 -15.29 25.20
N VAL B 173 -23.72 -16.41 24.49
CA VAL B 173 -23.00 -17.61 24.93
C VAL B 173 -22.25 -18.17 23.73
N ALA B 174 -20.98 -18.54 23.93
CA ALA B 174 -20.12 -18.96 22.83
C ALA B 174 -19.31 -20.19 23.22
N PRO B 175 -19.89 -21.39 23.08
CA PRO B 175 -19.12 -22.63 23.30
C PRO B 175 -18.19 -22.90 22.13
N LEU B 176 -16.91 -23.06 22.42
CA LEU B 176 -15.88 -23.41 21.44
C LEU B 176 -15.44 -24.84 21.69
N SER B 177 -15.44 -25.66 20.63
CA SER B 177 -15.03 -27.07 20.69
C SER B 177 -15.64 -27.72 21.92
N ALA B 178 -16.92 -27.47 22.17
CA ALA B 178 -17.49 -27.78 23.47
C ALA B 178 -17.70 -29.28 23.65
N VAL B 179 -17.42 -29.77 24.87
CA VAL B 179 -17.76 -31.14 25.25
C VAL B 179 -19.28 -31.28 25.44
N GLY B 180 -19.74 -32.52 25.39
CA GLY B 180 -21.15 -32.83 25.54
C GLY B 180 -21.58 -32.91 27.00
N GLY B 181 -22.89 -33.09 27.18
CA GLY B 181 -23.41 -33.23 28.53
C GLY B 181 -23.01 -34.55 29.15
N ALA B 182 -22.99 -35.63 28.36
CA ALA B 182 -22.61 -36.93 28.89
C ALA B 182 -21.17 -36.93 29.37
N TRP B 183 -20.27 -36.27 28.64
CA TRP B 183 -18.89 -36.14 29.07
C TRP B 183 -18.80 -35.44 30.41
N THR B 184 -19.56 -34.34 30.58
CA THR B 184 -19.49 -33.56 31.81
C THR B 184 -20.07 -34.32 32.99
N PHE B 185 -21.22 -35.00 32.79
CA PHE B 185 -21.79 -35.78 33.88
C PHE B 185 -20.82 -36.86 34.32
N ASP B 186 -20.10 -37.46 33.39
CA ASP B 186 -19.08 -38.44 33.75
C ASP B 186 -18.00 -37.83 34.63
N GLN B 187 -17.62 -36.58 34.35
CA GLN B 187 -16.60 -35.90 35.14
C GLN B 187 -17.08 -35.64 36.57
N MET B 188 -18.33 -35.22 36.72
CA MET B 188 -18.92 -34.98 38.04
C MET B 188 -18.97 -36.25 38.88
N LYS B 189 -19.19 -37.40 38.23
CA LYS B 189 -19.20 -38.68 38.96
C LYS B 189 -17.80 -39.04 39.42
N ASN B 190 -16.82 -38.90 38.52
CA ASN B 190 -15.43 -39.27 38.81
C ASN B 190 -14.86 -38.48 39.96
N GLN B 191 -15.27 -37.22 40.09
CA GLN B 191 -14.77 -36.29 41.09
C GLN B 191 -15.50 -36.39 42.43
N SER B 192 -16.63 -37.09 42.48
CA SER B 192 -17.50 -37.19 43.65
C SER B 192 -17.24 -38.46 44.44
N ASP B 193 -17.59 -38.42 45.72
CA ASP B 193 -17.65 -39.63 46.56
C ASP B 193 -19.02 -40.26 46.37
N LEU B 194 -19.08 -41.29 45.52
CA LEU B 194 -20.36 -41.85 45.14
C LEU B 194 -20.90 -42.84 46.16
N SER B 195 -20.15 -43.10 47.23
CA SER B 195 -20.67 -43.97 48.28
C SER B 195 -21.86 -43.31 48.99
N LYS B 196 -21.86 -41.99 49.07
CA LYS B 196 -22.92 -41.24 49.74
C LYS B 196 -24.03 -40.76 48.82
N VAL B 197 -24.00 -41.08 47.53
CA VAL B 197 -24.96 -40.53 46.56
C VAL B 197 -25.98 -41.60 46.19
N SER B 198 -27.26 -41.28 46.39
CA SER B 198 -28.36 -42.18 46.08
C SER B 198 -28.67 -42.21 44.59
N GLU B 199 -29.34 -43.29 44.17
CA GLU B 199 -29.69 -43.46 42.76
C GLU B 199 -30.69 -42.42 42.28
N GLU B 200 -31.55 -41.91 43.18
CA GLU B 200 -32.49 -40.87 42.80
C GLU B 200 -31.75 -39.60 42.39
N LYS B 201 -30.71 -39.24 43.14
CA LYS B 201 -29.93 -38.06 42.79
C LYS B 201 -29.12 -38.27 41.52
N LYS B 202 -28.57 -39.47 41.33
CA LYS B 202 -27.83 -39.73 40.09
C LYS B 202 -28.72 -39.56 38.87
N ALA B 203 -29.95 -40.10 38.92
CA ALA B 203 -30.85 -40.00 37.78
C ALA B 203 -31.34 -38.58 37.56
N GLU B 204 -31.52 -37.82 38.62
CA GLU B 204 -31.98 -36.43 38.48
C GLU B 204 -30.90 -35.53 37.90
N VAL B 205 -29.65 -35.66 38.38
CA VAL B 205 -28.58 -34.77 37.89
C VAL B 205 -28.22 -35.08 36.44
N LEU B 206 -28.26 -36.37 36.04
CA LEU B 206 -28.05 -36.70 34.64
C LEU B 206 -29.03 -35.96 33.74
N GLY B 207 -30.29 -35.85 34.19
CA GLY B 207 -31.30 -35.14 33.41
C GLY B 207 -31.06 -33.65 33.31
N GLN B 208 -30.50 -33.04 34.36
CA GLN B 208 -30.12 -31.64 34.31
C GLN B 208 -28.84 -31.39 33.52
N MET B 209 -28.13 -32.45 33.12
CA MET B 209 -26.96 -32.32 32.26
C MET B 209 -27.22 -32.92 30.88
N ASP B 210 -28.48 -32.93 30.44
CA ASP B 210 -28.82 -33.41 29.10
C ASP B 210 -29.59 -32.31 28.39
N ILE B 211 -29.06 -31.84 27.26
CA ILE B 211 -29.66 -30.69 26.59
C ILE B 211 -31.05 -31.01 26.01
N GLN B 212 -31.24 -32.23 25.48
CA GLN B 212 -32.55 -32.67 25.01
C GLN B 212 -33.58 -32.57 26.13
N THR B 213 -33.22 -33.08 27.32
CA THR B 213 -34.13 -33.12 28.45
C THR B 213 -34.48 -31.73 28.95
N ILE B 214 -33.49 -30.85 29.08
CA ILE B 214 -33.72 -29.48 29.58
C ILE B 214 -34.71 -28.75 28.68
N LEU B 215 -34.55 -28.89 27.36
CA LEU B 215 -35.43 -28.19 26.45
C LEU B 215 -36.84 -28.76 26.49
N GLU B 216 -36.98 -30.07 26.72
CA GLU B 216 -38.33 -30.62 26.81
C GLU B 216 -39.02 -30.27 28.13
N LYS B 217 -38.28 -30.11 29.23
CA LYS B 217 -38.88 -29.94 30.54
C LYS B 217 -39.03 -28.48 30.95
N SER B 218 -38.62 -27.55 30.10
CA SER B 218 -38.65 -26.13 30.43
C SER B 218 -40.06 -25.56 30.27
N PRO B 219 -40.57 -24.81 31.24
CA PRO B 219 -41.77 -24.00 31.02
C PRO B 219 -41.50 -22.93 29.95
N LYS B 220 -42.58 -22.28 29.51
CA LYS B 220 -42.47 -21.38 28.35
C LYS B 220 -41.55 -20.20 28.65
N GLU B 221 -41.64 -19.67 29.86
CA GLU B 221 -40.83 -18.50 30.28
C GLU B 221 -39.35 -18.85 30.18
N LYS B 222 -38.98 -20.07 30.60
CA LYS B 222 -37.59 -20.49 30.53
C LYS B 222 -37.17 -20.73 29.08
N LEU B 223 -37.98 -21.48 28.32
CA LEU B 223 -37.63 -21.77 26.94
C LEU B 223 -37.55 -20.49 26.10
N ASP B 224 -38.38 -19.48 26.38
CA ASP B 224 -38.26 -18.23 25.64
C ASP B 224 -36.93 -17.55 25.92
N ARG B 225 -36.50 -17.54 27.18
CA ARG B 225 -35.23 -16.89 27.46
C ARG B 225 -34.07 -17.64 26.81
N ILE B 226 -34.17 -18.97 26.65
CA ILE B 226 -33.12 -19.72 25.96
C ILE B 226 -33.07 -19.35 24.47
N LYS B 227 -34.24 -19.19 23.82
CA LYS B 227 -34.23 -18.78 22.42
C LYS B 227 -33.76 -17.34 22.23
N TRP B 228 -33.95 -16.49 23.25
CA TRP B 228 -33.58 -15.09 23.16
C TRP B 228 -32.09 -14.86 23.34
N ILE B 229 -31.39 -15.76 24.05
CA ILE B 229 -29.93 -15.72 24.10
C ILE B 229 -29.35 -15.78 22.69
N ARG B 230 -28.31 -15.01 22.43
CA ARG B 230 -27.64 -15.09 21.15
C ARG B 230 -26.49 -16.11 21.29
N TRP B 231 -26.58 -17.20 20.55
CA TRP B 231 -25.63 -18.31 20.61
C TRP B 231 -24.63 -18.32 19.46
N TYR B 232 -23.38 -18.67 19.75
CA TYR B 232 -22.33 -18.85 18.75
C TYR B 232 -21.59 -20.15 19.07
N ILE B 233 -21.80 -21.16 18.24
CA ILE B 233 -21.25 -22.49 18.48
C ILE B 233 -20.27 -22.81 17.37
N SER B 234 -19.01 -23.02 17.72
CA SER B 234 -17.93 -23.19 16.76
C SER B 234 -17.06 -24.36 17.18
N CYS B 235 -16.66 -25.18 16.20
CA CYS B 235 -15.83 -26.35 16.43
C CYS B 235 -15.09 -26.70 15.13
N GLY B 236 -13.85 -27.17 15.27
CA GLY B 236 -13.06 -27.58 14.11
C GLY B 236 -13.47 -28.95 13.58
N ASP B 237 -13.28 -29.16 12.27
CA ASP B 237 -13.72 -30.40 11.64
C ASP B 237 -12.81 -31.57 11.93
N ASP B 238 -11.53 -31.33 12.26
CA ASP B 238 -10.62 -32.41 12.59
C ASP B 238 -10.55 -32.69 14.09
N ASP B 239 -11.52 -32.19 14.85
CA ASP B 239 -11.67 -32.44 16.28
C ASP B 239 -12.52 -33.67 16.54
N PHE B 240 -12.14 -34.47 17.54
CA PHE B 240 -12.96 -35.61 17.93
C PHE B 240 -14.33 -35.16 18.43
N LEU B 241 -14.47 -33.90 18.85
CA LEU B 241 -15.75 -33.39 19.32
C LEU B 241 -16.63 -32.86 18.20
N SER B 242 -16.17 -32.95 16.95
CA SER B 242 -16.95 -32.45 15.83
C SER B 242 -18.30 -33.15 15.75
N VAL B 243 -18.36 -34.43 16.14
CA VAL B 243 -19.62 -35.15 16.10
C VAL B 243 -20.56 -34.65 17.19
N THR B 244 -20.05 -34.49 18.42
CA THR B 244 -20.84 -33.90 19.50
C THR B 244 -21.44 -32.57 19.11
N ASN B 245 -20.66 -31.72 18.45
CA ASN B 245 -21.15 -30.39 18.11
C ASN B 245 -22.05 -30.37 16.88
N CYS B 246 -21.90 -31.34 15.96
CA CYS B 246 -22.90 -31.47 14.89
C CYS B 246 -24.23 -31.98 15.45
N LEU B 247 -24.19 -32.94 16.39
CA LEU B 247 -25.42 -33.36 17.04
C LEU B 247 -26.07 -32.22 17.81
N LEU B 248 -25.26 -31.33 18.41
CA LEU B 248 -25.80 -30.15 19.10
C LEU B 248 -26.52 -29.23 18.12
N HIS B 249 -25.90 -28.94 16.98
CA HIS B 249 -26.55 -28.13 15.96
C HIS B 249 -27.91 -28.72 15.56
N ASN B 250 -27.99 -30.05 15.38
CA ASN B 250 -29.26 -30.66 15.00
C ASN B 250 -30.30 -30.54 16.10
N THR B 251 -29.88 -30.80 17.35
CA THR B 251 -30.79 -30.73 18.48
C THR B 251 -31.36 -29.32 18.63
N LEU B 252 -30.51 -28.31 18.49
CA LEU B 252 -30.98 -26.93 18.61
C LEU B 252 -32.02 -26.60 17.57
N LEU B 253 -31.77 -27.00 16.31
CA LEU B 253 -32.73 -26.71 15.25
C LEU B 253 -34.04 -27.44 15.47
N GLN B 254 -33.96 -28.65 16.01
CA GLN B 254 -35.17 -29.43 16.24
C GLN B 254 -36.08 -28.78 17.27
N HIS B 255 -35.51 -27.99 18.18
CA HIS B 255 -36.23 -27.23 19.19
C HIS B 255 -36.35 -25.75 18.87
N GLN B 256 -36.06 -25.37 17.63
CA GLN B 256 -36.25 -24.01 17.15
C GLN B 256 -35.41 -23.00 17.94
N VAL B 257 -34.21 -23.39 18.35
CA VAL B 257 -33.28 -22.46 18.98
C VAL B 257 -32.37 -21.91 17.88
N GLY B 258 -32.68 -20.72 17.39
CA GLY B 258 -31.79 -20.10 16.43
C GLY B 258 -30.44 -19.82 17.07
N HIS B 259 -29.38 -20.01 16.27
CA HIS B 259 -28.02 -19.87 16.75
C HIS B 259 -27.11 -19.78 15.53
N GLU B 260 -25.89 -19.29 15.75
CA GLU B 260 -24.90 -19.35 14.68
C GLU B 260 -24.01 -20.57 14.92
N PHE B 261 -23.72 -21.31 13.85
CA PHE B 261 -22.94 -22.54 13.93
C PHE B 261 -21.81 -22.47 12.91
N ARG B 262 -20.59 -22.78 13.34
CA ARG B 262 -19.41 -22.77 12.48
C ARG B 262 -18.63 -24.06 12.66
N MET B 263 -18.29 -24.70 11.55
CA MET B 263 -17.34 -25.80 11.56
C MET B 263 -16.24 -25.36 10.61
N LYS B 264 -15.08 -24.97 11.14
CA LYS B 264 -13.97 -24.48 10.34
C LYS B 264 -12.84 -25.51 10.30
N ASP B 265 -11.89 -25.30 9.40
CA ASP B 265 -10.70 -26.12 9.38
C ASP B 265 -9.91 -25.91 10.66
N GLY B 266 -9.65 -27.00 11.36
CA GLY B 266 -8.98 -26.90 12.63
C GLY B 266 -9.14 -28.16 13.42
N SER B 267 -8.41 -28.21 14.52
CA SER B 267 -8.36 -29.37 15.38
C SER B 267 -8.62 -28.97 16.84
N HIS B 268 -8.36 -29.90 17.77
CA HIS B 268 -8.50 -29.63 19.20
C HIS B 268 -7.19 -29.00 19.69
N SER B 269 -7.01 -27.70 19.41
CA SER B 269 -5.72 -27.06 19.64
C SER B 269 -5.88 -25.57 19.86
N TRP B 270 -4.82 -24.97 20.42
CA TRP B 270 -4.80 -23.53 20.69
C TRP B 270 -4.66 -22.67 19.44
N THR B 271 -4.25 -23.24 18.30
CA THR B 271 -4.38 -22.51 17.05
C THR B 271 -5.84 -22.21 16.74
N TYR B 272 -6.73 -23.20 16.93
CA TYR B 272 -8.16 -22.97 16.71
C TYR B 272 -8.71 -21.92 17.66
N TRP B 273 -8.39 -22.00 18.96
CA TRP B 273 -9.04 -21.12 19.91
C TRP B 273 -8.47 -19.69 19.88
N ARG B 274 -7.19 -19.51 19.55
CA ARG B 274 -6.69 -18.15 19.32
C ARG B 274 -7.26 -17.55 18.04
N MET B 275 -7.58 -18.38 17.04
CA MET B 275 -8.27 -17.86 15.87
C MET B 275 -9.70 -17.45 16.23
N GLU B 276 -10.37 -18.21 17.11
CA GLU B 276 -11.76 -17.91 17.44
C GLU B 276 -11.92 -16.78 18.44
N LEU B 277 -10.91 -16.51 19.27
CA LEU B 277 -11.10 -15.52 20.32
C LEU B 277 -11.53 -14.16 19.78
N PRO B 278 -10.91 -13.58 18.76
CA PRO B 278 -11.42 -12.29 18.24
C PRO B 278 -12.79 -12.40 17.58
N GLU B 279 -13.18 -13.57 17.05
CA GLU B 279 -14.55 -13.72 16.54
C GLU B 279 -15.56 -13.65 17.67
N VAL B 280 -15.29 -14.32 18.78
CA VAL B 280 -16.18 -14.27 19.93
C VAL B 280 -16.29 -12.84 20.45
N MET B 281 -15.16 -12.11 20.50
CA MET B 281 -15.20 -10.73 20.97
C MET B 281 -16.00 -9.83 20.04
N ARG B 282 -15.86 -9.99 18.72
CA ARG B 282 -16.70 -9.20 17.83
C ARG B 282 -18.16 -9.62 17.97
N PHE B 283 -18.41 -10.91 18.18
CA PHE B 283 -19.76 -11.38 18.34
C PHE B 283 -20.43 -10.76 19.57
N VAL B 284 -19.78 -10.84 20.73
CA VAL B 284 -20.43 -10.30 21.93
C VAL B 284 -20.40 -8.77 21.92
N SER B 285 -19.36 -8.14 21.37
CA SER B 285 -19.28 -6.68 21.34
C SER B 285 -20.45 -6.05 20.58
N ARG B 286 -20.84 -6.63 19.45
CA ARG B 286 -21.97 -6.06 18.68
C ARG B 286 -23.24 -6.14 19.49
N ILE B 287 -23.41 -7.18 20.29
CA ILE B 287 -24.58 -7.31 21.15
C ILE B 287 -24.53 -6.31 22.32
N PHE B 288 -23.35 -6.07 22.88
CA PHE B 288 -23.21 -5.03 23.90
C PHE B 288 -23.58 -3.66 23.35
N THR B 289 -23.16 -3.35 22.11
CA THR B 289 -23.42 -2.04 21.54
C THR B 289 -24.69 -1.95 20.71
N GLN B 290 -25.32 -3.08 20.39
CA GLN B 290 -26.50 -3.16 19.51
C GLN B 290 -26.09 -2.83 18.08
N TYR B 291 -26.91 -3.18 17.10
CA TYR B 291 -26.51 -2.90 15.73
C TYR B 291 -27.64 -2.87 14.69
N GLN C 24 -3.33 10.36 22.06
CA GLN C 24 -4.37 10.53 21.03
C GLN C 24 -5.75 10.09 21.55
N GLN C 25 -5.84 9.76 22.83
CA GLN C 25 -7.08 9.22 23.40
C GLN C 25 -7.67 10.29 24.31
N GLY C 26 -8.93 10.63 24.08
CA GLY C 26 -9.69 11.45 25.00
C GLY C 26 -10.33 10.61 26.06
N LYS C 27 -11.27 11.22 26.79
CA LYS C 27 -11.88 10.53 27.92
C LYS C 27 -13.34 10.89 28.11
N VAL C 28 -14.06 10.04 28.85
CA VAL C 28 -15.49 10.19 29.09
C VAL C 28 -15.75 10.17 30.59
N TYR C 29 -16.56 11.11 31.05
CA TYR C 29 -17.09 11.09 32.41
C TYR C 29 -18.59 10.83 32.31
N GLU C 30 -19.06 9.79 33.01
CA GLU C 30 -20.46 9.38 33.02
C GLU C 30 -21.17 9.70 34.32
N THR C 31 -20.44 9.89 35.42
CA THR C 31 -21.03 9.91 36.74
C THR C 31 -21.19 11.32 37.32
N ARG C 32 -20.87 12.35 36.54
CA ARG C 32 -21.01 13.72 37.01
C ARG C 32 -22.43 14.22 36.82
N THR C 33 -22.83 15.14 37.70
CA THR C 33 -24.19 15.64 37.75
C THR C 33 -24.20 17.17 37.77
N VAL C 34 -25.41 17.72 37.61
CA VAL C 34 -25.67 19.15 37.72
C VAL C 34 -26.89 19.38 38.60
N LYS C 35 -26.77 20.31 39.56
CA LYS C 35 -27.81 20.61 40.55
C LYS C 35 -28.87 21.51 39.93
N SER C 36 -30.09 20.99 39.80
CA SER C 36 -31.20 21.65 39.12
C SER C 36 -32.27 22.14 40.10
N LYS C 37 -32.52 23.45 40.10
CA LYS C 37 -33.65 24.00 40.85
C LYS C 37 -34.97 23.78 40.11
N ILE C 38 -34.93 23.75 38.77
CA ILE C 38 -36.15 23.58 38.01
C ILE C 38 -36.72 22.17 38.21
N LEU C 39 -35.85 21.16 38.25
CA LEU C 39 -36.28 19.79 38.45
C LEU C 39 -36.12 19.28 39.88
N GLY C 40 -35.52 20.07 40.78
CA GLY C 40 -35.39 19.69 42.19
C GLY C 40 -34.53 18.48 42.48
N MET C 41 -33.42 18.32 41.76
CA MET C 41 -32.62 17.11 41.86
C MET C 41 -31.27 17.30 41.14
N GLU C 42 -30.38 16.35 41.36
CA GLU C 42 -29.16 16.21 40.56
C GLU C 42 -29.49 15.44 39.29
N ARG C 43 -29.14 16.00 38.13
CA ARG C 43 -29.38 15.39 36.83
C ARG C 43 -28.06 14.91 36.26
N SER C 44 -28.06 13.68 35.74
CA SER C 44 -26.88 13.08 35.13
C SER C 44 -26.60 13.63 33.73
N TYR C 45 -25.32 13.64 33.37
CA TYR C 45 -24.91 13.85 32.00
C TYR C 45 -23.61 13.08 31.78
N SER C 46 -23.30 12.80 30.52
CA SER C 46 -22.01 12.27 30.13
C SER C 46 -21.25 13.31 29.33
N ILE C 47 -19.92 13.26 29.40
CA ILE C 47 -19.13 14.24 28.64
C ILE C 47 -17.90 13.56 28.05
N TYR C 48 -17.64 13.87 26.78
CA TYR C 48 -16.42 13.48 26.07
C TYR C 48 -15.50 14.69 25.95
N LEU C 49 -14.30 14.59 26.48
CA LEU C 49 -13.27 15.60 26.37
C LEU C 49 -12.20 15.13 25.39
N PRO C 50 -11.81 15.97 24.43
CA PRO C 50 -10.86 15.53 23.39
C PRO C 50 -9.45 15.34 23.93
N ALA C 51 -8.64 14.68 23.11
CA ALA C 51 -7.24 14.52 23.45
C ALA C 51 -6.55 15.88 23.57
N GLY C 52 -5.67 15.99 24.54
CA GLY C 52 -4.99 17.25 24.78
C GLY C 52 -5.79 18.22 25.61
N TYR C 53 -6.96 17.81 26.11
CA TYR C 53 -7.76 18.69 26.97
C TYR C 53 -6.99 19.13 28.23
N ASP C 54 -6.13 18.26 28.77
CA ASP C 54 -5.42 18.56 30.00
C ASP C 54 -4.07 19.22 29.79
N GLU C 55 -3.67 19.45 28.56
CA GLU C 55 -2.47 20.22 28.25
C GLU C 55 -2.89 21.53 27.59
N GLY C 56 -2.15 22.59 27.86
CA GLY C 56 -2.55 23.91 27.40
C GLY C 56 -3.85 24.38 28.07
N ASP C 57 -4.25 25.60 27.72
CA ASP C 57 -5.37 26.28 28.37
C ASP C 57 -6.49 26.70 27.43
N GLY C 58 -6.50 26.20 26.19
CA GLY C 58 -7.48 26.66 25.21
C GLY C 58 -8.90 26.16 25.49
N SER C 59 -9.85 26.72 24.73
CA SER C 59 -11.27 26.35 24.83
C SER C 59 -11.77 25.69 23.55
N TYR C 60 -12.91 25.01 23.67
CA TYR C 60 -13.43 24.13 22.64
C TYR C 60 -14.89 24.40 22.36
N PRO C 61 -15.34 24.13 21.14
CA PRO C 61 -16.79 24.13 20.87
C PRO C 61 -17.44 22.89 21.46
N VAL C 62 -18.77 22.91 21.50
CA VAL C 62 -19.53 21.84 22.13
C VAL C 62 -20.55 21.31 21.15
N LEU C 63 -20.67 19.99 21.07
CA LEU C 63 -21.77 19.32 20.40
C LEU C 63 -22.64 18.67 21.48
N TYR C 64 -23.91 19.06 21.54
CA TYR C 64 -24.86 18.35 22.40
C TYR C 64 -25.46 17.20 21.60
N LEU C 65 -25.46 16.01 22.19
CA LEU C 65 -25.78 14.77 21.49
C LEU C 65 -26.85 14.03 22.31
N LEU C 66 -28.06 13.90 21.75
CA LEU C 66 -29.23 13.46 22.51
C LEU C 66 -29.62 12.02 22.18
N HIS C 67 -29.89 11.22 23.21
CA HIS C 67 -30.25 9.81 23.10
C HIS C 67 -31.72 9.63 22.76
N GLY C 68 -32.11 8.37 22.51
CA GLY C 68 -33.48 8.03 22.20
C GLY C 68 -34.26 7.52 23.41
N LEU C 69 -35.54 7.24 23.15
CA LEU C 69 -36.46 6.80 24.19
C LEU C 69 -36.04 5.46 24.80
N GLY C 70 -36.02 5.40 26.13
CA GLY C 70 -35.65 4.22 26.87
C GLY C 70 -34.21 4.20 27.32
N ASP C 71 -33.32 4.87 26.58
CA ASP C 71 -31.91 4.92 26.91
C ASP C 71 -31.63 6.19 27.72
N ASN C 72 -30.42 6.30 28.25
CA ASN C 72 -30.09 7.52 28.99
C ASN C 72 -28.73 8.10 28.62
N HIS C 73 -28.07 8.75 29.57
CA HIS C 73 -26.81 9.41 29.27
C HIS C 73 -25.68 8.45 28.96
N THR C 74 -25.85 7.15 29.20
CA THR C 74 -24.83 6.20 28.78
C THR C 74 -25.02 5.71 27.34
N GLY C 75 -26.15 6.08 26.70
CA GLY C 75 -26.49 5.51 25.40
C GLY C 75 -25.47 5.82 24.32
N TRP C 76 -25.14 7.09 24.14
CA TRP C 76 -24.11 7.42 23.16
C TRP C 76 -22.74 6.89 23.59
N VAL C 77 -22.56 6.52 24.85
CA VAL C 77 -21.27 6.00 25.30
C VAL C 77 -21.14 4.52 24.94
N GLN C 78 -22.06 3.71 25.45
CA GLN C 78 -21.98 2.27 25.25
C GLN C 78 -22.47 1.87 23.85
N PHE C 79 -23.62 2.38 23.42
CA PHE C 79 -24.15 2.00 22.11
C PHE C 79 -23.52 2.83 21.01
N GLY C 80 -23.44 4.15 21.21
CA GLY C 80 -22.87 5.04 20.22
C GLY C 80 -21.35 4.95 20.10
N GLN C 81 -20.67 4.36 21.09
CA GLN C 81 -19.21 4.24 21.08
C GLN C 81 -18.57 5.59 20.78
N VAL C 82 -19.09 6.64 21.41
CA VAL C 82 -18.66 7.99 21.12
C VAL C 82 -17.17 8.16 21.33
N GLN C 83 -16.60 7.48 22.32
CA GLN C 83 -15.20 7.70 22.61
C GLN C 83 -14.33 7.23 21.45
N TYR C 84 -14.54 6.00 20.96
CA TYR C 84 -13.75 5.51 19.84
C TYR C 84 -14.02 6.32 18.58
N ILE C 85 -15.30 6.61 18.29
CA ILE C 85 -15.60 7.29 17.02
C ILE C 85 -15.10 8.73 17.04
N ALA C 86 -15.24 9.44 18.16
CA ALA C 86 -14.75 10.81 18.23
C ALA C 86 -13.21 10.87 18.23
N ASP C 87 -12.56 9.96 18.94
CA ASP C 87 -11.10 9.88 18.92
C ASP C 87 -10.57 9.66 17.50
N LYS C 88 -11.22 8.78 16.73
CA LYS C 88 -10.75 8.47 15.39
C LYS C 88 -10.93 9.66 14.45
N ALA C 89 -12.11 10.28 14.45
CA ALA C 89 -12.37 11.38 13.52
C ALA C 89 -11.47 12.58 13.79
N ILE C 90 -11.15 12.87 15.04
CA ILE C 90 -10.30 14.01 15.38
C ILE C 90 -8.83 13.74 15.03
N ALA C 91 -8.36 12.52 15.29
CA ALA C 91 -6.97 12.20 14.98
C ALA C 91 -6.72 12.12 13.48
N GLU C 92 -7.71 11.65 12.70
CA GLU C 92 -7.56 11.65 11.24
C GLU C 92 -7.69 13.04 10.64
N GLY C 93 -8.11 14.04 11.42
CA GLY C 93 -8.39 15.35 10.91
C GLY C 93 -9.73 15.47 10.22
N LYS C 94 -10.50 14.38 10.17
CA LYS C 94 -11.85 14.44 9.63
C LYS C 94 -12.71 15.41 10.42
N SER C 95 -12.35 15.67 11.68
CA SER C 95 -13.03 16.66 12.51
C SER C 95 -12.01 17.39 13.38
N ALA C 96 -12.29 18.63 13.70
CA ALA C 96 -11.49 19.37 14.66
C ALA C 96 -11.88 18.96 16.08
N PRO C 97 -11.00 19.20 17.06
CA PRO C 97 -11.33 18.79 18.44
C PRO C 97 -12.56 19.52 18.98
N MET C 98 -13.43 18.77 19.65
CA MET C 98 -14.62 19.37 20.26
C MET C 98 -15.00 18.60 21.51
N ILE C 99 -15.83 19.24 22.32
CA ILE C 99 -16.44 18.61 23.50
C ILE C 99 -17.80 18.11 23.08
N ILE C 100 -18.19 16.95 23.59
CA ILE C 100 -19.49 16.35 23.32
C ILE C 100 -20.20 16.14 24.65
N VAL C 101 -21.39 16.72 24.78
CA VAL C 101 -22.20 16.63 26.00
C VAL C 101 -23.47 15.83 25.70
N MET C 102 -23.73 14.84 26.54
CA MET C 102 -24.81 13.86 26.37
C MET C 102 -25.72 13.91 27.61
N PRO C 103 -26.83 14.65 27.57
CA PRO C 103 -27.67 14.77 28.75
C PRO C 103 -28.54 13.55 28.96
N ASP C 104 -28.90 13.33 30.23
CA ASP C 104 -29.86 12.30 30.60
C ASP C 104 -31.27 12.91 30.58
N ALA C 105 -32.10 12.43 29.66
CA ALA C 105 -33.50 12.81 29.53
C ALA C 105 -34.39 11.59 29.72
N ASP C 106 -34.01 10.74 30.68
CA ASP C 106 -34.70 9.47 30.91
C ASP C 106 -35.24 9.31 32.33
N THR C 107 -34.47 9.75 33.33
CA THR C 107 -34.84 9.57 34.72
C THR C 107 -36.07 10.43 35.05
N VAL C 108 -36.96 9.87 35.89
CA VAL C 108 -38.19 10.54 36.33
C VAL C 108 -39.23 10.60 35.24
N HIS C 109 -38.91 11.25 34.12
CA HIS C 109 -39.77 11.27 32.94
C HIS C 109 -38.91 11.17 31.69
N LYS C 110 -39.44 10.49 30.68
CA LYS C 110 -38.74 10.34 29.42
C LYS C 110 -39.18 11.44 28.47
N GLY C 111 -38.21 12.17 27.93
CA GLY C 111 -38.50 13.21 26.98
C GLY C 111 -37.72 14.48 27.23
N TYR C 112 -37.76 15.37 26.24
CA TYR C 112 -36.95 16.56 26.20
C TYR C 112 -37.74 17.85 26.42
N PHE C 113 -39.05 17.80 26.61
CA PHE C 113 -39.83 19.02 26.60
C PHE C 113 -40.57 19.22 27.93
N ASN C 114 -41.08 20.45 28.12
CA ASN C 114 -41.85 20.78 29.32
C ASN C 114 -43.17 20.04 29.32
N LEU C 115 -43.47 19.32 30.39
CA LEU C 115 -44.75 18.63 30.47
C LEU C 115 -45.88 19.63 30.64
N LEU C 116 -47.06 19.24 30.16
CA LEU C 116 -48.21 20.13 30.12
C LEU C 116 -48.78 20.40 31.51
N ASP C 117 -48.51 19.56 32.51
CA ASP C 117 -49.06 19.78 33.85
C ASP C 117 -48.19 20.68 34.72
N GLY C 118 -47.05 21.14 34.19
CA GLY C 118 -46.15 22.09 34.83
C GLY C 118 -45.17 21.54 35.85
N THR C 119 -45.12 20.23 36.07
CA THR C 119 -44.30 19.68 37.14
C THR C 119 -42.89 19.29 36.71
N TYR C 120 -42.54 19.40 35.42
CA TYR C 120 -41.25 18.86 34.96
C TYR C 120 -40.87 19.61 33.68
N ASN C 121 -40.23 20.77 33.87
CA ASN C 121 -39.88 21.66 32.77
C ASN C 121 -38.47 21.32 32.27
N TYR C 122 -38.37 20.21 31.55
CA TYR C 122 -37.05 19.74 31.15
C TYR C 122 -36.39 20.70 30.16
N GLU C 123 -37.16 21.27 29.24
CA GLU C 123 -36.58 22.19 28.26
C GLU C 123 -36.03 23.43 28.94
N ASP C 124 -36.72 23.94 29.97
CA ASP C 124 -36.19 25.05 30.74
C ASP C 124 -34.86 24.68 31.39
N PHE C 125 -34.81 23.48 31.97
CA PHE C 125 -33.57 23.02 32.60
C PHE C 125 -32.44 22.97 31.57
N PHE C 126 -32.72 22.43 30.39
CA PHE C 126 -31.67 22.30 29.39
C PHE C 126 -31.03 23.66 29.08
N PHE C 127 -31.85 24.69 28.87
CA PHE C 127 -31.30 25.95 28.43
C PHE C 127 -30.86 26.85 29.58
N GLN C 128 -31.51 26.77 30.74
CA GLN C 128 -31.18 27.67 31.82
C GLN C 128 -30.23 27.07 32.85
N GLU C 129 -30.08 25.76 32.87
CA GLU C 129 -29.21 25.20 33.91
C GLU C 129 -28.12 24.29 33.36
N LEU C 130 -28.41 23.41 32.40
CA LEU C 130 -27.36 22.52 31.87
C LEU C 130 -26.37 23.28 31.00
N ILE C 131 -26.85 24.02 30.00
CA ILE C 131 -25.94 24.76 29.14
C ILE C 131 -25.08 25.75 29.93
N PRO C 132 -25.62 26.57 30.83
CA PRO C 132 -24.73 27.42 31.64
C PRO C 132 -23.76 26.63 32.51
N HIS C 133 -24.14 25.43 32.96
CA HIS C 133 -23.25 24.64 33.80
C HIS C 133 -22.04 24.14 33.02
N ILE C 134 -22.29 23.59 31.83
CA ILE C 134 -21.20 23.08 30.99
C ILE C 134 -20.20 24.18 30.70
N GLU C 135 -20.70 25.39 30.45
CA GLU C 135 -19.82 26.52 30.17
C GLU C 135 -19.07 26.99 31.41
N LYS C 136 -19.60 26.72 32.60
CA LYS C 136 -18.94 27.12 33.84
C LYS C 136 -17.86 26.14 34.25
N THR C 137 -18.08 24.85 34.00
CA THR C 137 -17.26 23.79 34.58
C THR C 137 -16.11 23.35 33.68
N TYR C 138 -16.26 23.47 32.36
CA TYR C 138 -15.30 23.03 31.35
C TYR C 138 -14.90 24.22 30.50
N ARG C 139 -13.78 24.08 29.78
CA ARG C 139 -13.22 25.19 29.00
C ARG C 139 -13.93 25.27 27.66
N VAL C 140 -15.01 26.04 27.64
CA VAL C 140 -15.96 26.02 26.53
C VAL C 140 -15.99 27.41 25.91
N ARG C 141 -15.96 27.44 24.57
CA ARG C 141 -16.26 28.68 23.86
C ARG C 141 -17.76 28.89 23.93
N ALA C 142 -18.18 29.85 24.75
CA ALA C 142 -19.59 30.02 25.10
C ALA C 142 -20.22 31.09 24.21
N GLU C 143 -20.42 30.73 22.94
CA GLU C 143 -21.13 31.57 21.97
C GLU C 143 -21.94 30.65 21.07
N SER C 144 -22.96 31.20 20.43
CA SER C 144 -23.82 30.40 19.55
C SER C 144 -23.02 29.79 18.42
N ARG C 145 -22.04 30.54 17.89
CA ARG C 145 -21.25 30.10 16.74
C ARG C 145 -20.39 28.89 17.04
N TYR C 146 -20.32 28.46 18.31
CA TYR C 146 -19.54 27.31 18.72
C TYR C 146 -20.39 26.24 19.40
N ARG C 147 -21.69 26.22 19.15
CA ARG C 147 -22.60 25.30 19.84
C ARG C 147 -23.51 24.63 18.82
N ALA C 148 -23.55 23.30 18.82
CA ALA C 148 -24.41 22.57 17.92
C ALA C 148 -25.17 21.49 18.69
N ILE C 149 -26.24 20.99 18.08
CA ILE C 149 -27.07 19.99 18.74
C ILE C 149 -27.45 18.93 17.71
N SER C 150 -27.50 17.69 18.14
CA SER C 150 -27.81 16.54 17.29
C SER C 150 -28.40 15.46 18.19
N GLY C 151 -29.04 14.47 17.57
CA GLY C 151 -29.63 13.38 18.32
C GLY C 151 -30.31 12.41 17.39
N LEU C 152 -30.72 11.27 17.95
CA LEU C 152 -31.35 10.19 17.18
C LEU C 152 -32.77 9.89 17.69
N ALA C 153 -33.68 9.59 16.76
CA ALA C 153 -35.05 9.16 17.05
C ALA C 153 -35.78 10.18 17.93
N MET C 154 -36.07 9.81 19.18
CA MET C 154 -36.63 10.79 20.12
C MET C 154 -35.70 11.99 20.26
N GLY C 155 -34.38 11.75 20.33
CA GLY C 155 -33.43 12.83 20.48
C GLY C 155 -33.22 13.63 19.23
N GLY C 156 -33.52 13.04 18.06
CA GLY C 156 -33.56 13.80 16.83
C GLY C 156 -34.70 14.81 16.82
N GLY C 157 -35.87 14.40 17.28
CA GLY C 157 -36.94 15.36 17.44
C GLY C 157 -36.63 16.39 18.49
N GLY C 158 -35.94 15.99 19.56
CA GLY C 158 -35.51 16.95 20.57
C GLY C 158 -34.65 18.03 19.96
N ALA C 159 -33.62 17.63 19.21
CA ALA C 159 -32.72 18.59 18.59
C ALA C 159 -33.45 19.50 17.61
N LEU C 160 -34.34 18.94 16.82
CA LEU C 160 -35.06 19.72 15.83
C LEU C 160 -35.86 20.85 16.49
N PHE C 161 -36.63 20.53 17.53
CA PHE C 161 -37.49 21.54 18.13
C PHE C 161 -36.78 22.42 19.15
N TYR C 162 -35.68 21.93 19.77
CA TYR C 162 -34.87 22.84 20.56
C TYR C 162 -34.36 23.99 19.71
N ALA C 163 -33.95 23.69 18.48
CA ALA C 163 -33.45 24.75 17.60
C ALA C 163 -34.60 25.60 17.04
N LEU C 164 -35.77 25.02 16.79
CA LEU C 164 -36.89 25.84 16.31
C LEU C 164 -37.45 26.75 17.39
N HIS C 165 -37.28 26.38 18.66
CA HIS C 165 -37.73 27.21 19.76
C HIS C 165 -36.68 28.26 20.15
N TYR C 166 -35.41 27.88 20.15
CA TYR C 166 -34.31 28.79 20.50
C TYR C 166 -33.28 28.81 19.37
N PRO C 167 -33.64 29.33 18.19
CA PRO C 167 -32.69 29.32 17.05
C PRO C 167 -31.46 30.17 17.28
N GLU C 168 -31.53 31.15 18.17
CA GLU C 168 -30.37 31.96 18.49
C GLU C 168 -29.30 31.21 19.28
N MET C 169 -29.57 29.99 19.72
CA MET C 169 -28.64 29.25 20.56
C MET C 169 -27.68 28.32 19.78
N PHE C 170 -27.91 28.07 18.50
CA PHE C 170 -27.11 27.08 17.76
C PHE C 170 -26.64 27.61 16.42
N VAL C 171 -25.51 27.07 15.95
CA VAL C 171 -25.04 27.37 14.59
C VAL C 171 -25.30 26.20 13.65
N ALA C 172 -25.46 24.99 14.18
CA ALA C 172 -25.72 23.81 13.36
C ALA C 172 -26.63 22.86 14.12
N VAL C 173 -27.49 22.16 13.38
CA VAL C 173 -28.42 21.18 13.95
C VAL C 173 -28.49 19.96 13.04
N ALA C 174 -28.41 18.76 13.62
CA ALA C 174 -28.35 17.52 12.84
C ALA C 174 -29.29 16.48 13.44
N PRO C 175 -30.57 16.48 13.05
CA PRO C 175 -31.49 15.42 13.46
C PRO C 175 -31.21 14.13 12.69
N LEU C 176 -31.02 13.03 13.42
CA LEU C 176 -30.85 11.71 12.84
C LEU C 176 -32.09 10.88 13.09
N SER C 177 -32.65 10.30 12.02
CA SER C 177 -33.84 9.45 12.08
C SER C 177 -34.91 10.04 12.99
N ALA C 178 -35.15 11.34 12.85
CA ALA C 178 -35.90 12.09 13.86
C ALA C 178 -37.39 11.77 13.84
N VAL C 179 -37.99 11.68 15.04
CA VAL C 179 -39.43 11.64 15.15
C VAL C 179 -40.00 13.01 14.79
N GLY C 180 -41.28 13.00 14.41
CA GLY C 180 -41.99 14.22 14.11
C GLY C 180 -42.56 14.88 15.35
N GLY C 181 -43.13 16.07 15.16
CA GLY C 181 -43.72 16.77 16.28
C GLY C 181 -44.95 16.06 16.83
N ALA C 182 -45.74 15.44 15.95
CA ALA C 182 -46.94 14.75 16.41
C ALA C 182 -46.60 13.60 17.35
N TRP C 183 -45.57 12.83 17.01
CA TRP C 183 -45.10 11.76 17.90
C TRP C 183 -44.67 12.32 19.25
N THR C 184 -43.91 13.42 19.22
CA THR C 184 -43.39 14.02 20.44
C THR C 184 -44.51 14.59 21.31
N PHE C 185 -45.46 15.29 20.70
CA PHE C 185 -46.57 15.85 21.44
C PHE C 185 -47.43 14.76 22.08
N ASP C 186 -47.64 13.66 21.36
CA ASP C 186 -48.41 12.56 21.91
C ASP C 186 -47.74 11.98 23.15
N GLN C 187 -46.42 11.85 23.11
CA GLN C 187 -45.63 11.35 24.23
C GLN C 187 -45.64 12.33 25.42
N MET C 188 -45.66 13.64 25.16
CA MET C 188 -45.77 14.60 26.26
C MET C 188 -47.07 14.44 27.02
N LYS C 189 -48.17 14.12 26.32
CA LYS C 189 -49.44 13.98 27.01
C LYS C 189 -49.47 12.74 27.88
N ASN C 190 -48.97 11.61 27.38
CA ASN C 190 -49.04 10.39 28.16
C ASN C 190 -48.30 10.51 29.48
N GLN C 191 -47.23 11.31 29.52
CA GLN C 191 -46.45 11.46 30.74
C GLN C 191 -46.99 12.52 31.69
N SER C 192 -47.98 13.30 31.25
CA SER C 192 -48.51 14.38 32.06
C SER C 192 -49.73 13.86 32.79
N ASP C 193 -50.06 14.53 33.87
CA ASP C 193 -51.35 14.35 34.52
C ASP C 193 -52.32 15.26 33.78
N LEU C 194 -53.12 14.69 32.87
CA LEU C 194 -53.97 15.48 32.00
C LEU C 194 -55.22 16.01 32.70
N SER C 195 -55.43 15.64 33.97
CA SER C 195 -56.50 16.23 34.77
C SER C 195 -56.20 17.69 35.09
N LYS C 196 -54.91 18.04 35.20
CA LYS C 196 -54.48 19.40 35.51
C LYS C 196 -54.30 20.24 34.24
N VAL C 197 -54.61 19.68 33.08
CA VAL C 197 -54.37 20.32 31.79
C VAL C 197 -55.70 20.74 31.17
N SER C 198 -55.83 22.02 30.83
CA SER C 198 -56.96 22.55 30.09
C SER C 198 -56.80 22.31 28.59
N GLU C 199 -57.93 22.30 27.88
CA GLU C 199 -57.87 22.11 26.42
C GLU C 199 -57.20 23.31 25.76
N GLU C 200 -57.32 24.49 26.37
CA GLU C 200 -56.67 25.68 25.83
C GLU C 200 -55.16 25.53 25.82
N LYS C 201 -54.59 24.95 26.89
CA LYS C 201 -53.15 24.73 26.91
C LYS C 201 -52.75 23.62 25.96
N LYS C 202 -53.59 22.57 25.85
CA LYS C 202 -53.32 21.48 24.91
C LYS C 202 -53.21 21.99 23.47
N ALA C 203 -54.13 22.88 23.05
CA ALA C 203 -54.09 23.41 21.68
C ALA C 203 -52.88 24.32 21.46
N GLU C 204 -52.48 25.08 22.49
CA GLU C 204 -51.31 25.94 22.37
C GLU C 204 -50.02 25.14 22.23
N VAL C 205 -49.83 24.14 23.09
CA VAL C 205 -48.62 23.34 23.05
C VAL C 205 -48.56 22.51 21.77
N LEU C 206 -49.71 22.00 21.30
CA LEU C 206 -49.74 21.26 20.05
C LEU C 206 -49.18 22.10 18.91
N GLY C 207 -49.51 23.39 18.90
CA GLY C 207 -49.01 24.29 17.88
C GLY C 207 -47.53 24.60 18.00
N GLN C 208 -47.00 24.58 19.21
CA GLN C 208 -45.57 24.79 19.41
C GLN C 208 -44.73 23.55 19.07
N MET C 209 -45.36 22.39 18.88
CA MET C 209 -44.67 21.16 18.50
C MET C 209 -45.04 20.73 17.10
N ASP C 210 -45.37 21.70 16.24
CA ASP C 210 -45.72 21.44 14.86
C ASP C 210 -44.85 22.33 13.98
N ILE C 211 -44.09 21.72 13.06
CA ILE C 211 -43.12 22.48 12.28
C ILE C 211 -43.82 23.40 11.28
N GLN C 212 -44.93 22.97 10.70
CA GLN C 212 -45.68 23.83 9.79
C GLN C 212 -46.11 25.12 10.48
N THR C 213 -46.65 25.00 11.70
CA THR C 213 -47.16 26.18 12.41
C THR C 213 -46.03 27.14 12.77
N ILE C 214 -44.92 26.60 13.28
CA ILE C 214 -43.80 27.44 13.71
C ILE C 214 -43.24 28.26 12.55
N LEU C 215 -43.10 27.65 11.38
CA LEU C 215 -42.53 28.38 10.26
C LEU C 215 -43.50 29.42 9.73
N GLU C 216 -44.80 29.13 9.76
CA GLU C 216 -45.82 30.09 9.30
C GLU C 216 -46.03 31.22 10.29
N LYS C 217 -45.95 30.93 11.59
CA LYS C 217 -46.32 31.90 12.62
C LYS C 217 -45.11 32.60 13.26
N SER C 218 -43.89 32.35 12.78
CA SER C 218 -42.68 32.97 13.29
C SER C 218 -42.55 34.41 12.76
N PRO C 219 -42.18 35.36 13.62
CA PRO C 219 -41.82 36.69 13.12
C PRO C 219 -40.61 36.61 12.21
N LYS C 220 -40.34 37.70 11.50
CA LYS C 220 -39.28 37.64 10.49
C LYS C 220 -37.92 37.40 11.15
N GLU C 221 -37.72 38.00 12.33
CA GLU C 221 -36.42 37.88 13.05
C GLU C 221 -36.13 36.41 13.38
N LYS C 222 -37.15 35.67 13.82
CA LYS C 222 -36.96 34.26 14.18
C LYS C 222 -36.79 33.40 12.92
N LEU C 223 -37.64 33.61 11.93
CA LEU C 223 -37.55 32.80 10.71
C LEU C 223 -36.20 32.99 10.03
N ASP C 224 -35.65 34.22 10.07
CA ASP C 224 -34.37 34.45 9.44
C ASP C 224 -33.24 33.71 10.16
N ARG C 225 -33.29 33.69 11.50
CA ARG C 225 -32.29 32.94 12.25
C ARG C 225 -32.42 31.45 11.97
N ILE C 226 -33.63 30.97 11.72
CA ILE C 226 -33.82 29.57 11.38
C ILE C 226 -33.12 29.27 10.06
N LYS C 227 -33.19 30.20 9.10
CA LYS C 227 -32.54 29.98 7.81
C LYS C 227 -31.02 30.07 7.91
N TRP C 228 -30.49 30.85 8.87
CA TRP C 228 -29.04 31.01 9.03
C TRP C 228 -28.40 29.75 9.63
N ILE C 229 -29.15 29.03 10.47
CA ILE C 229 -28.69 27.73 10.95
C ILE C 229 -28.39 26.76 9.81
N ARG C 230 -27.29 26.03 9.93
CA ARG C 230 -26.91 25.01 8.97
C ARG C 230 -27.49 23.68 9.47
N TRP C 231 -28.43 23.12 8.69
CA TRP C 231 -29.16 21.91 9.03
C TRP C 231 -28.62 20.71 8.25
N TYR C 232 -28.53 19.58 8.93
CA TYR C 232 -28.11 18.33 8.32
C TYR C 232 -29.10 17.27 8.80
N ILE C 233 -29.97 16.81 7.89
CA ILE C 233 -31.04 15.87 8.24
C ILE C 233 -30.81 14.57 7.50
N SER C 234 -30.71 13.48 8.25
CA SER C 234 -30.40 12.18 7.70
C SER C 234 -31.33 11.14 8.30
N CYS C 235 -31.75 10.19 7.47
CA CYS C 235 -32.59 9.08 7.90
C CYS C 235 -32.42 7.94 6.89
N GLY C 236 -32.46 6.70 7.39
CA GLY C 236 -32.37 5.53 6.50
C GLY C 236 -33.67 5.23 5.78
N ASP C 237 -33.58 4.60 4.61
CA ASP C 237 -34.79 4.40 3.80
C ASP C 237 -35.68 3.26 4.27
N ASP C 238 -35.13 2.27 4.97
CA ASP C 238 -35.88 1.18 5.57
C ASP C 238 -36.30 1.50 7.00
N ASP C 239 -36.33 2.78 7.35
CA ASP C 239 -36.76 3.28 8.64
C ASP C 239 -38.26 3.60 8.57
N PHE C 240 -39.02 3.25 9.64
CA PHE C 240 -40.44 3.59 9.65
C PHE C 240 -40.67 5.10 9.70
N LEU C 241 -39.65 5.87 10.10
CA LEU C 241 -39.70 7.32 10.13
C LEU C 241 -39.27 7.95 8.80
N SER C 242 -38.98 7.15 7.76
CA SER C 242 -38.53 7.72 6.49
C SER C 242 -39.60 8.62 5.88
N VAL C 243 -40.88 8.28 6.06
CA VAL C 243 -41.93 9.14 5.51
C VAL C 243 -41.97 10.46 6.27
N THR C 244 -41.87 10.40 7.60
CA THR C 244 -41.79 11.61 8.42
C THR C 244 -40.66 12.54 7.95
N ASN C 245 -39.50 11.99 7.65
CA ASN C 245 -38.37 12.85 7.28
C ASN C 245 -38.43 13.33 5.82
N CYS C 246 -39.10 12.58 4.94
CA CYS C 246 -39.35 13.11 3.60
C CYS C 246 -40.34 14.26 3.64
N LEU C 247 -41.39 14.15 4.46
CA LEU C 247 -42.31 15.27 4.63
C LEU C 247 -41.59 16.48 5.24
N LEU C 248 -40.62 16.23 6.12
CA LEU C 248 -39.84 17.31 6.71
C LEU C 248 -39.03 18.06 5.65
N HIS C 249 -38.35 17.32 4.76
CA HIS C 249 -37.61 17.91 3.65
C HIS C 249 -38.52 18.78 2.78
N ASN C 250 -39.73 18.31 2.49
CA ASN C 250 -40.62 19.13 1.67
C ASN C 250 -41.06 20.39 2.40
N THR C 251 -41.35 20.30 3.69
CA THR C 251 -41.79 21.48 4.44
C THR C 251 -40.72 22.57 4.46
N LEU C 252 -39.48 22.19 4.77
CA LEU C 252 -38.40 23.15 4.84
C LEU C 252 -38.18 23.81 3.49
N LEU C 253 -38.23 23.03 2.39
CA LEU C 253 -38.08 23.65 1.08
C LEU C 253 -39.22 24.61 0.80
N GLN C 254 -40.43 24.24 1.23
CA GLN C 254 -41.63 25.04 0.98
C GLN C 254 -41.56 26.38 1.72
N HIS C 255 -40.80 26.46 2.81
CA HIS C 255 -40.53 27.70 3.52
C HIS C 255 -39.13 28.27 3.27
N GLN C 256 -38.45 27.78 2.25
CA GLN C 256 -37.14 28.31 1.85
C GLN C 256 -36.08 28.18 2.95
N VAL C 257 -36.09 27.07 3.67
CA VAL C 257 -35.07 26.75 4.65
C VAL C 257 -34.08 25.76 4.03
N GLY C 258 -32.96 26.27 3.55
CA GLY C 258 -31.95 25.39 2.99
C GLY C 258 -31.39 24.45 4.04
N HIS C 259 -31.06 23.25 3.60
CA HIS C 259 -30.55 22.20 4.48
C HIS C 259 -29.90 21.14 3.63
N GLU C 260 -29.10 20.31 4.28
CA GLU C 260 -28.58 19.10 3.68
C GLU C 260 -29.50 17.98 4.17
N PHE C 261 -29.91 17.12 3.24
CA PHE C 261 -30.84 16.02 3.50
C PHE C 261 -30.22 14.76 2.93
N ARG C 262 -30.17 13.69 3.73
CA ARG C 262 -29.62 12.43 3.24
C ARG C 262 -30.58 11.31 3.59
N MET C 263 -30.93 10.51 2.59
CA MET C 263 -31.66 9.29 2.83
C MET C 263 -30.74 8.19 2.31
N LYS C 264 -30.08 7.51 3.23
CA LYS C 264 -29.07 6.52 2.88
C LYS C 264 -29.62 5.11 3.06
N ASP C 265 -28.89 4.14 2.53
CA ASP C 265 -29.24 2.76 2.83
C ASP C 265 -29.02 2.52 4.31
N GLY C 266 -30.07 2.07 4.98
CA GLY C 266 -30.00 1.85 6.41
C GLY C 266 -31.37 1.74 7.00
N SER C 267 -31.38 1.34 8.26
CA SER C 267 -32.61 1.12 9.00
C SER C 267 -32.59 1.90 10.32
N HIS C 268 -33.54 1.60 11.20
CA HIS C 268 -33.64 2.23 12.52
C HIS C 268 -32.75 1.44 13.48
N SER C 269 -31.44 1.73 13.44
CA SER C 269 -30.49 0.91 14.19
C SER C 269 -29.26 1.70 14.58
N TRP C 270 -28.53 1.16 15.57
CA TRP C 270 -27.28 1.78 15.99
C TRP C 270 -26.16 1.60 14.96
N THR C 271 -26.31 0.66 14.03
CA THR C 271 -25.42 0.66 12.87
C THR C 271 -25.58 1.95 12.07
N TYR C 272 -26.81 2.39 11.87
CA TYR C 272 -27.02 3.64 11.15
C TYR C 272 -26.40 4.81 11.90
N TRP C 273 -26.67 4.91 13.20
CA TRP C 273 -26.29 6.09 13.97
C TRP C 273 -24.80 6.15 14.29
N ARG C 274 -24.13 5.01 14.45
CA ARG C 274 -22.68 5.04 14.58
C ARG C 274 -22.01 5.41 13.26
N MET C 275 -22.65 5.10 12.13
CA MET C 275 -22.12 5.56 10.86
C MET C 275 -22.24 7.07 10.72
N GLU C 276 -23.35 7.64 11.19
CA GLU C 276 -23.67 9.05 11.00
C GLU C 276 -22.92 9.97 11.96
N LEU C 277 -22.49 9.47 13.11
CA LEU C 277 -21.78 10.33 14.04
C LEU C 277 -20.53 10.97 13.45
N PRO C 278 -19.63 10.26 12.74
CA PRO C 278 -18.49 10.99 12.13
C PRO C 278 -18.91 11.93 11.02
N GLU C 279 -19.99 11.64 10.31
CA GLU C 279 -20.45 12.61 9.33
C GLU C 279 -20.98 13.85 10.03
N VAL C 280 -21.71 13.66 11.13
CA VAL C 280 -22.17 14.78 11.94
C VAL C 280 -21.00 15.57 12.51
N MET C 281 -19.98 14.88 13.03
CA MET C 281 -18.82 15.59 13.54
C MET C 281 -18.10 16.36 12.44
N ARG C 282 -17.94 15.78 11.25
CA ARG C 282 -17.33 16.56 10.18
C ARG C 282 -18.23 17.75 9.80
N PHE C 283 -19.54 17.55 9.83
CA PHE C 283 -20.45 18.62 9.45
C PHE C 283 -20.33 19.82 10.39
N VAL C 284 -20.46 19.60 11.70
CA VAL C 284 -20.43 20.75 12.61
C VAL C 284 -19.01 21.29 12.73
N SER C 285 -18.01 20.42 12.63
CA SER C 285 -16.63 20.87 12.78
C SER C 285 -16.27 21.90 11.71
N ARG C 286 -16.64 21.63 10.47
CA ARG C 286 -16.35 22.54 9.38
C ARG C 286 -17.02 23.91 9.60
N ILE C 287 -18.19 23.94 10.25
CA ILE C 287 -18.87 25.19 10.58
C ILE C 287 -18.20 25.92 11.74
N PHE C 288 -17.73 25.19 12.74
CA PHE C 288 -16.98 25.80 13.83
C PHE C 288 -15.71 26.48 13.32
N THR C 289 -15.01 25.87 12.37
CA THR C 289 -13.73 26.39 11.91
C THR C 289 -13.84 27.30 10.70
N GLN C 290 -15.02 27.37 10.07
CA GLN C 290 -15.29 28.11 8.83
C GLN C 290 -14.60 27.44 7.63
N TYR C 291 -14.98 27.81 6.39
CA TYR C 291 -14.32 27.21 5.21
C TYR C 291 -14.36 27.96 3.86
N GLN D 24 5.49 0.20 21.41
CA GLN D 24 5.68 -0.37 22.74
C GLN D 24 7.09 -0.99 22.88
N GLN D 25 7.90 -0.44 23.80
CA GLN D 25 9.30 -0.80 23.96
C GLN D 25 9.55 -1.48 25.31
N GLY D 26 10.28 -2.58 25.30
CA GLY D 26 10.76 -3.20 26.52
C GLY D 26 12.03 -2.53 27.00
N LYS D 27 12.74 -3.20 27.89
CA LYS D 27 13.94 -2.60 28.45
C LYS D 27 14.96 -3.68 28.76
N VAL D 28 16.22 -3.26 28.90
CA VAL D 28 17.35 -4.14 29.18
C VAL D 28 18.10 -3.62 30.39
N TYR D 29 18.46 -4.53 31.31
CA TYR D 29 19.39 -4.23 32.40
C TYR D 29 20.66 -5.05 32.18
N GLU D 30 21.81 -4.37 32.20
CA GLU D 30 23.11 -5.01 32.00
C GLU D 30 23.95 -5.16 33.25
N THR D 31 23.75 -4.32 34.25
CA THR D 31 24.75 -4.16 35.28
C THR D 31 24.45 -4.94 36.55
N ARG D 32 23.39 -5.73 36.54
CA ARG D 32 23.01 -6.47 37.73
C ARG D 32 23.81 -7.77 37.82
N THR D 33 23.91 -8.29 39.03
CA THR D 33 24.72 -9.48 39.29
C THR D 33 23.93 -10.45 40.16
N VAL D 34 24.38 -11.70 40.18
CA VAL D 34 23.94 -12.69 41.14
C VAL D 34 25.13 -13.08 42.01
N LYS D 35 24.91 -13.09 43.34
CA LYS D 35 25.98 -13.41 44.26
C LYS D 35 26.13 -14.93 44.25
N SER D 36 27.26 -15.41 43.75
CA SER D 36 27.47 -16.83 43.51
C SER D 36 28.44 -17.41 44.54
N LYS D 37 27.98 -18.41 45.30
CA LYS D 37 28.83 -19.17 46.21
C LYS D 37 29.71 -20.20 45.47
N ILE D 38 29.23 -20.76 44.36
CA ILE D 38 29.97 -21.78 43.63
C ILE D 38 31.19 -21.16 42.93
N LEU D 39 31.05 -19.96 42.40
CA LEU D 39 32.16 -19.29 41.74
C LEU D 39 32.89 -18.29 42.63
N GLY D 40 32.38 -18.04 43.83
CA GLY D 40 33.03 -17.13 44.77
C GLY D 40 33.07 -15.68 44.32
N MET D 41 31.99 -15.19 43.71
CA MET D 41 32.02 -13.86 43.13
C MET D 41 30.60 -13.47 42.76
N GLU D 42 30.45 -12.19 42.43
CA GLU D 42 29.24 -11.70 41.77
C GLU D 42 29.34 -11.98 40.28
N ARG D 43 28.31 -12.61 39.71
CA ARG D 43 28.30 -12.94 38.29
C ARG D 43 27.35 -12.00 37.56
N SER D 44 27.82 -11.42 36.46
CA SER D 44 27.03 -10.49 35.67
C SER D 44 26.01 -11.25 34.82
N TYR D 45 24.90 -10.56 34.49
CA TYR D 45 24.01 -11.00 33.43
C TYR D 45 23.31 -9.80 32.85
N SER D 46 22.78 -9.97 31.64
CA SER D 46 21.86 -9.04 31.04
C SER D 46 20.48 -9.70 30.98
N ILE D 47 19.44 -8.88 31.07
CA ILE D 47 18.07 -9.38 31.04
C ILE D 47 17.20 -8.43 30.22
N TYR D 48 16.41 -8.99 29.32
CA TYR D 48 15.42 -8.24 28.56
C TYR D 48 14.05 -8.52 29.14
N LEU D 49 13.37 -7.47 29.63
CA LEU D 49 11.99 -7.54 30.10
C LEU D 49 11.08 -6.89 29.06
N PRO D 50 9.99 -7.57 28.68
CA PRO D 50 9.14 -7.08 27.59
C PRO D 50 8.29 -5.88 27.98
N ALA D 51 7.74 -5.24 26.94
CA ALA D 51 6.83 -4.12 27.15
C ALA D 51 5.66 -4.54 28.03
N GLY D 52 5.28 -3.63 28.93
CA GLY D 52 4.21 -3.91 29.86
C GLY D 52 4.61 -4.77 31.05
N TYR D 53 5.91 -5.13 31.18
CA TYR D 53 6.34 -5.87 32.37
C TYR D 53 6.00 -5.10 33.64
N ASP D 54 5.98 -3.77 33.58
CA ASP D 54 5.72 -2.97 34.78
C ASP D 54 4.25 -2.63 34.98
N GLU D 55 3.34 -3.14 34.15
CA GLU D 55 1.90 -3.08 34.41
C GLU D 55 1.35 -4.49 34.54
N GLY D 56 0.29 -4.63 35.35
CA GLY D 56 -0.25 -5.94 35.69
C GLY D 56 0.73 -6.79 36.49
N ASP D 57 0.30 -7.98 36.91
CA ASP D 57 1.09 -8.79 37.84
C ASP D 57 1.45 -10.16 37.27
N GLY D 58 1.27 -10.38 35.97
CA GLY D 58 1.46 -11.69 35.40
C GLY D 58 2.92 -12.11 35.29
N SER D 59 3.10 -13.38 34.90
CA SER D 59 4.42 -13.96 34.73
C SER D 59 4.67 -14.30 33.27
N TYR D 60 5.93 -14.54 32.96
CA TYR D 60 6.43 -14.72 31.61
C TYR D 60 7.31 -15.96 31.52
N PRO D 61 7.37 -16.59 30.35
CA PRO D 61 8.41 -17.61 30.11
C PRO D 61 9.76 -16.94 29.89
N VAL D 62 10.80 -17.76 29.93
CA VAL D 62 12.18 -17.29 29.86
C VAL D 62 12.94 -18.03 28.76
N LEU D 63 13.69 -17.27 27.95
CA LEU D 63 14.64 -17.79 27.00
C LEU D 63 16.04 -17.46 27.52
N TYR D 64 16.86 -18.48 27.75
CA TYR D 64 18.26 -18.26 28.06
C TYR D 64 19.02 -18.21 26.74
N LEU D 65 19.82 -17.16 26.59
CA LEU D 65 20.43 -16.81 25.32
C LEU D 65 21.93 -16.67 25.57
N LEU D 66 22.73 -17.59 25.02
CA LEU D 66 24.15 -17.71 25.36
C LEU D 66 25.04 -17.14 24.27
N HIS D 67 26.05 -16.34 24.66
CA HIS D 67 26.95 -15.65 23.74
C HIS D 67 28.06 -16.58 23.27
N GLY D 68 28.86 -16.09 22.33
CA GLY D 68 29.97 -16.83 21.78
C GLY D 68 31.30 -16.47 22.43
N LEU D 69 32.36 -17.13 21.94
CA LEU D 69 33.71 -16.93 22.47
C LEU D 69 34.21 -15.51 22.21
N GLY D 70 34.76 -14.89 23.25
CA GLY D 70 35.25 -13.54 23.16
C GLY D 70 34.25 -12.52 23.66
N ASP D 71 32.97 -12.83 23.60
CA ASP D 71 31.98 -11.87 24.05
C ASP D 71 31.61 -12.14 25.50
N ASN D 72 30.85 -11.22 26.09
CA ASN D 72 30.30 -11.42 27.43
C ASN D 72 28.80 -11.17 27.40
N HIS D 73 28.24 -10.76 28.54
CA HIS D 73 26.79 -10.59 28.68
C HIS D 73 26.24 -9.40 27.91
N THR D 74 27.10 -8.54 27.36
CA THR D 74 26.67 -7.45 26.49
C THR D 74 26.62 -7.84 25.02
N GLY D 75 27.03 -9.05 24.65
CA GLY D 75 27.14 -9.40 23.24
C GLY D 75 25.81 -9.39 22.50
N TRP D 76 24.82 -10.12 23.02
CA TRP D 76 23.50 -10.11 22.42
C TRP D 76 22.83 -8.75 22.53
N VAL D 77 23.32 -7.88 23.42
CA VAL D 77 22.72 -6.56 23.58
C VAL D 77 23.27 -5.60 22.53
N GLN D 78 24.59 -5.46 22.47
CA GLN D 78 25.22 -4.53 21.55
C GLN D 78 25.31 -5.08 20.12
N PHE D 79 25.75 -6.33 19.95
CA PHE D 79 25.86 -6.88 18.61
C PHE D 79 24.55 -7.52 18.16
N GLY D 80 23.96 -8.34 19.02
CA GLY D 80 22.72 -9.02 18.68
C GLY D 80 21.52 -8.12 18.58
N GLN D 81 21.58 -6.91 19.17
CA GLN D 81 20.49 -5.94 19.14
C GLN D 81 19.17 -6.54 19.62
N VAL D 82 19.25 -7.28 20.72
CA VAL D 82 18.10 -8.00 21.26
C VAL D 82 16.95 -7.05 21.62
N GLN D 83 17.24 -5.84 22.08
CA GLN D 83 16.12 -4.98 22.46
C GLN D 83 15.27 -4.64 21.25
N TYR D 84 15.89 -4.18 20.14
CA TYR D 84 15.14 -3.83 18.95
C TYR D 84 14.45 -5.05 18.33
N ILE D 85 15.16 -6.17 18.25
CA ILE D 85 14.60 -7.35 17.59
C ILE D 85 13.47 -7.94 18.44
N ALA D 86 13.63 -8.00 19.76
CA ALA D 86 12.56 -8.54 20.61
C ALA D 86 11.37 -7.59 20.72
N ASP D 87 11.60 -6.28 20.84
CA ASP D 87 10.49 -5.33 20.82
C ASP D 87 9.67 -5.47 19.53
N LYS D 88 10.37 -5.65 18.40
CA LYS D 88 9.73 -5.70 17.09
C LYS D 88 8.96 -7.00 16.93
N ALA D 89 9.58 -8.14 17.27
CA ALA D 89 8.92 -9.43 17.13
C ALA D 89 7.69 -9.56 18.03
N ILE D 90 7.77 -9.01 19.25
CA ILE D 90 6.67 -9.14 20.20
C ILE D 90 5.50 -8.26 19.79
N ALA D 91 5.78 -7.03 19.33
CA ALA D 91 4.72 -6.10 18.95
C ALA D 91 3.99 -6.55 17.69
N GLU D 92 4.71 -7.15 16.74
CA GLU D 92 4.07 -7.69 15.54
C GLU D 92 3.28 -8.97 15.79
N GLY D 93 3.38 -9.57 16.97
CA GLY D 93 2.71 -10.83 17.19
C GLY D 93 3.43 -12.04 16.63
N LYS D 94 4.58 -11.85 15.98
CA LYS D 94 5.40 -12.96 15.55
C LYS D 94 5.88 -13.80 16.74
N SER D 95 5.97 -13.19 17.92
CA SER D 95 6.34 -13.90 19.14
C SER D 95 5.47 -13.40 20.30
N ALA D 96 5.20 -14.28 21.25
CA ALA D 96 4.53 -13.87 22.47
C ALA D 96 5.53 -13.16 23.40
N PRO D 97 5.04 -12.38 24.37
CA PRO D 97 5.97 -11.74 25.30
C PRO D 97 6.77 -12.77 26.09
N MET D 98 8.08 -12.56 26.19
CA MET D 98 8.94 -13.43 27.00
C MET D 98 10.08 -12.63 27.62
N ILE D 99 10.70 -13.22 28.62
CA ILE D 99 11.92 -12.68 29.23
C ILE D 99 13.12 -13.35 28.59
N ILE D 100 14.16 -12.57 28.32
CA ILE D 100 15.39 -13.09 27.71
C ILE D 100 16.54 -12.81 28.68
N VAL D 101 17.24 -13.86 29.08
CA VAL D 101 18.31 -13.79 30.05
C VAL D 101 19.61 -14.15 29.36
N MET D 102 20.64 -13.29 29.52
CA MET D 102 21.92 -13.45 28.84
C MET D 102 23.06 -13.53 29.84
N PRO D 103 23.52 -14.74 30.18
CA PRO D 103 24.58 -14.87 31.19
C PRO D 103 25.96 -14.53 30.62
N ASP D 104 26.81 -14.09 31.55
CA ASP D 104 28.22 -13.81 31.30
C ASP D 104 29.03 -15.08 31.53
N ALA D 105 29.64 -15.60 30.46
CA ALA D 105 30.52 -16.75 30.54
C ALA D 105 31.90 -16.41 29.98
N ASP D 106 32.39 -15.23 30.29
CA ASP D 106 33.67 -14.72 29.81
C ASP D 106 34.61 -14.33 30.93
N THR D 107 34.09 -13.75 32.01
CA THR D 107 34.90 -13.29 33.10
C THR D 107 35.51 -14.47 33.84
N VAL D 108 36.77 -14.31 34.27
CA VAL D 108 37.57 -15.33 34.95
C VAL D 108 38.02 -16.44 34.00
N HIS D 109 37.08 -17.16 33.42
CA HIS D 109 37.33 -18.21 32.43
C HIS D 109 36.26 -18.15 31.35
N LYS D 110 36.64 -18.53 30.14
CA LYS D 110 35.67 -18.57 29.04
C LYS D 110 35.09 -19.96 28.91
N GLY D 111 33.77 -20.05 28.85
CA GLY D 111 33.16 -21.34 28.64
C GLY D 111 31.98 -21.60 29.53
N TYR D 112 31.21 -22.65 29.21
CA TYR D 112 29.94 -22.93 29.88
C TYR D 112 29.97 -24.15 30.80
N PHE D 113 31.11 -24.83 30.95
CA PHE D 113 31.12 -26.10 31.65
C PHE D 113 32.10 -26.10 32.82
N ASN D 114 31.94 -27.08 33.70
CA ASN D 114 32.81 -27.19 34.85
C ASN D 114 34.21 -27.53 34.37
N LEU D 115 35.20 -26.73 34.78
CA LEU D 115 36.57 -27.07 34.44
C LEU D 115 36.97 -28.34 35.17
N LEU D 116 37.90 -29.07 34.57
CA LEU D 116 38.28 -30.39 35.08
C LEU D 116 39.04 -30.35 36.40
N ASP D 117 39.57 -29.19 36.80
CA ASP D 117 40.33 -29.11 38.04
C ASP D 117 39.47 -28.84 39.27
N GLY D 118 38.15 -28.73 39.10
CA GLY D 118 37.22 -28.60 40.21
C GLY D 118 37.10 -27.22 40.83
N THR D 119 37.81 -26.23 40.29
CA THR D 119 37.89 -24.88 40.82
C THR D 119 36.89 -23.91 40.20
N TYR D 120 36.12 -24.34 39.21
CA TYR D 120 35.27 -23.39 38.51
C TYR D 120 34.12 -24.12 37.83
N ASN D 121 33.06 -24.36 38.59
CA ASN D 121 31.96 -25.21 38.13
C ASN D 121 30.87 -24.35 37.56
N TYR D 122 31.11 -23.84 36.35
CA TYR D 122 30.18 -22.91 35.73
C TYR D 122 28.83 -23.59 35.42
N GLU D 123 28.84 -24.87 35.05
CA GLU D 123 27.58 -25.56 34.80
C GLU D 123 26.76 -25.68 36.08
N ASP D 124 27.41 -25.98 37.20
CA ASP D 124 26.72 -25.97 38.48
C ASP D 124 26.14 -24.61 38.81
N PHE D 125 26.91 -23.54 38.59
CA PHE D 125 26.44 -22.17 38.84
C PHE D 125 25.16 -21.88 38.05
N PHE D 126 25.14 -22.20 36.76
CA PHE D 126 23.99 -21.94 35.91
C PHE D 126 22.70 -22.60 36.44
N PHE D 127 22.76 -23.88 36.78
CA PHE D 127 21.53 -24.58 37.13
C PHE D 127 21.15 -24.43 38.59
N GLN D 128 22.12 -24.24 39.48
CA GLN D 128 21.84 -24.14 40.90
C GLN D 128 21.80 -22.70 41.43
N GLU D 129 22.33 -21.73 40.69
CA GLU D 129 22.35 -20.37 41.23
C GLU D 129 21.73 -19.36 40.27
N LEU D 130 22.10 -19.39 38.98
CA LEU D 130 21.56 -18.40 38.05
C LEU D 130 20.07 -18.61 37.79
N ILE D 131 19.66 -19.83 37.38
CA ILE D 131 18.25 -20.08 37.11
C ILE D 131 17.38 -19.84 38.33
N PRO D 132 17.69 -20.35 39.53
CA PRO D 132 16.88 -20.00 40.70
C PRO D 132 16.86 -18.51 41.04
N HIS D 133 17.97 -17.79 40.79
CA HIS D 133 18.00 -16.35 41.05
C HIS D 133 17.09 -15.57 40.11
N ILE D 134 17.09 -15.91 38.82
CA ILE D 134 16.16 -15.27 37.89
C ILE D 134 14.73 -15.49 38.33
N GLU D 135 14.42 -16.73 38.77
CA GLU D 135 13.05 -17.08 39.15
C GLU D 135 12.62 -16.43 40.45
N LYS D 136 13.56 -16.09 41.31
CA LYS D 136 13.27 -15.40 42.56
C LYS D 136 13.12 -13.89 42.35
N THR D 137 13.82 -13.33 41.37
CA THR D 137 13.92 -11.88 41.21
C THR D 137 12.93 -11.29 40.22
N TYR D 138 12.52 -12.04 39.20
CA TYR D 138 11.62 -11.55 38.17
C TYR D 138 10.38 -12.43 38.10
N ARG D 139 9.31 -11.92 37.50
CA ARG D 139 8.03 -12.63 37.46
C ARG D 139 8.07 -13.66 36.33
N VAL D 140 8.48 -14.87 36.70
CA VAL D 140 8.81 -15.95 35.78
C VAL D 140 7.87 -17.12 36.01
N ARG D 141 7.38 -17.72 34.92
CA ARG D 141 6.73 -19.03 35.02
C ARG D 141 7.83 -20.08 35.21
N ALA D 142 7.93 -20.63 36.42
CA ALA D 142 9.11 -21.41 36.80
C ALA D 142 8.88 -22.90 36.58
N GLU D 143 8.77 -23.28 35.31
CA GLU D 143 8.58 -24.67 34.95
C GLU D 143 9.33 -24.99 33.67
N SER D 144 9.66 -26.28 33.50
CA SER D 144 10.38 -26.65 32.30
C SER D 144 9.60 -26.31 31.04
N ARG D 145 8.26 -26.45 31.08
CA ARG D 145 7.45 -26.18 29.89
C ARG D 145 7.50 -24.74 29.46
N TYR D 146 8.07 -23.85 30.28
CA TYR D 146 8.20 -22.43 29.99
C TYR D 146 9.65 -21.97 29.90
N ARG D 147 10.59 -22.87 29.62
CA ARG D 147 12.02 -22.59 29.68
C ARG D 147 12.72 -23.12 28.42
N ALA D 148 13.42 -22.24 27.72
CA ALA D 148 14.13 -22.60 26.52
C ALA D 148 15.55 -22.05 26.59
N ILE D 149 16.43 -22.58 25.74
CA ILE D 149 17.83 -22.18 25.74
C ILE D 149 18.36 -22.14 24.31
N SER D 150 19.19 -21.15 24.03
CA SER D 150 19.75 -20.95 22.69
C SER D 150 21.07 -20.21 22.82
N GLY D 151 21.87 -20.29 21.76
CA GLY D 151 23.17 -19.64 21.75
C GLY D 151 23.86 -19.86 20.43
N LEU D 152 24.95 -19.13 20.24
CA LEU D 152 25.69 -19.14 18.99
C LEU D 152 27.13 -19.59 19.25
N ALA D 153 27.67 -20.40 18.33
CA ALA D 153 29.06 -20.86 18.37
C ALA D 153 29.35 -21.56 19.68
N MET D 154 30.19 -20.93 20.52
CA MET D 154 30.47 -21.49 21.84
C MET D 154 29.19 -21.67 22.64
N GLY D 155 28.28 -20.69 22.55
CA GLY D 155 26.99 -20.76 23.24
C GLY D 155 26.01 -21.70 22.58
N GLY D 156 26.18 -21.97 21.27
CA GLY D 156 25.42 -23.03 20.65
C GLY D 156 25.80 -24.40 21.20
N GLY D 157 27.10 -24.66 21.32
CA GLY D 157 27.54 -25.88 21.98
C GLY D 157 27.11 -25.93 23.43
N GLY D 158 27.12 -24.77 24.10
CA GLY D 158 26.62 -24.71 25.47
C GLY D 158 25.16 -25.13 25.59
N ALA D 159 24.28 -24.57 24.76
CA ALA D 159 22.86 -24.92 24.81
C ALA D 159 22.65 -26.39 24.53
N LEU D 160 23.29 -26.92 23.50
CA LEU D 160 23.14 -28.33 23.15
C LEU D 160 23.57 -29.25 24.31
N PHE D 161 24.74 -28.99 24.91
CA PHE D 161 25.17 -29.93 25.92
C PHE D 161 24.52 -29.66 27.28
N TYR D 162 24.07 -28.44 27.56
CA TYR D 162 23.22 -28.24 28.72
C TYR D 162 21.97 -29.11 28.62
N ALA D 163 21.36 -29.16 27.44
CA ALA D 163 20.11 -29.91 27.31
C ALA D 163 20.35 -31.41 27.31
N LEU D 164 21.46 -31.89 26.77
CA LEU D 164 21.73 -33.32 26.86
C LEU D 164 22.13 -33.75 28.26
N HIS D 165 22.66 -32.83 29.08
CA HIS D 165 23.01 -33.19 30.45
C HIS D 165 21.80 -33.13 31.36
N TYR D 166 20.97 -32.11 31.19
CA TYR D 166 19.79 -31.88 32.02
C TYR D 166 18.57 -31.78 31.11
N PRO D 167 18.19 -32.88 30.45
CA PRO D 167 17.05 -32.80 29.51
C PRO D 167 15.72 -32.46 30.15
N GLU D 168 15.56 -32.70 31.46
CA GLU D 168 14.32 -32.37 32.17
C GLU D 168 14.13 -30.87 32.40
N MET D 169 15.10 -30.04 32.06
CA MET D 169 15.03 -28.61 32.36
C MET D 169 14.48 -27.77 31.23
N PHE D 170 14.40 -28.27 30.00
CA PHE D 170 14.04 -27.45 28.86
C PHE D 170 12.94 -28.09 28.01
N VAL D 171 12.17 -27.25 27.34
CA VAL D 171 11.12 -27.71 26.42
C VAL D 171 11.58 -27.52 24.97
N ALA D 172 12.49 -26.57 24.76
CA ALA D 172 12.96 -26.23 23.43
C ALA D 172 14.42 -25.79 23.51
N VAL D 173 15.19 -26.20 22.50
CA VAL D 173 16.63 -25.94 22.44
C VAL D 173 16.99 -25.54 21.03
N ALA D 174 17.78 -24.47 20.89
CA ALA D 174 18.08 -23.91 19.58
C ALA D 174 19.56 -23.54 19.45
N PRO D 175 20.41 -24.52 19.12
CA PRO D 175 21.81 -24.21 18.83
C PRO D 175 21.96 -23.57 17.45
N LEU D 176 22.61 -22.41 17.44
CA LEU D 176 22.96 -21.68 16.23
C LEU D 176 24.45 -21.81 15.99
N SER D 177 24.82 -22.18 14.77
CA SER D 177 26.24 -22.26 14.38
C SER D 177 27.08 -22.91 15.47
N ALA D 178 26.57 -24.02 16.02
CA ALA D 178 27.12 -24.59 17.23
C ALA D 178 28.46 -25.28 16.99
N VAL D 179 29.39 -25.09 17.92
CA VAL D 179 30.61 -25.90 17.94
C VAL D 179 30.29 -27.32 18.39
N GLY D 180 31.20 -28.24 18.08
CA GLY D 180 31.02 -29.63 18.47
C GLY D 180 31.49 -29.92 19.89
N GLY D 181 31.29 -31.18 20.28
CA GLY D 181 31.70 -31.60 21.61
C GLY D 181 33.20 -31.61 21.83
N ALA D 182 33.97 -31.98 20.80
CA ALA D 182 35.43 -32.04 20.94
C ALA D 182 36.04 -30.65 21.17
N TRP D 183 35.62 -29.64 20.40
CA TRP D 183 36.11 -28.27 20.62
C TRP D 183 35.80 -27.80 22.04
N THR D 184 34.57 -28.06 22.52
CA THR D 184 34.20 -27.62 23.85
C THR D 184 35.01 -28.33 24.92
N PHE D 185 35.19 -29.64 24.79
CA PHE D 185 36.03 -30.38 25.75
C PHE D 185 37.46 -29.89 25.73
N ASP D 186 38.00 -29.61 24.55
CA ASP D 186 39.37 -29.15 24.49
C ASP D 186 39.54 -27.82 25.23
N GLN D 187 38.55 -26.94 25.15
CA GLN D 187 38.62 -25.68 25.88
C GLN D 187 38.60 -25.92 27.39
N MET D 188 37.83 -26.92 27.84
CA MET D 188 37.80 -27.24 29.27
C MET D 188 39.17 -27.68 29.76
N LYS D 189 39.94 -28.42 28.93
CA LYS D 189 41.26 -28.87 29.37
C LYS D 189 42.25 -27.71 29.44
N ASN D 190 42.34 -26.95 28.36
CA ASN D 190 43.37 -25.91 28.27
C ASN D 190 43.19 -24.84 29.35
N GLN D 191 41.98 -24.65 29.86
CA GLN D 191 41.76 -23.68 30.92
C GLN D 191 42.03 -24.25 32.30
N SER D 192 42.31 -25.55 32.42
CA SER D 192 42.47 -26.21 33.70
C SER D 192 43.93 -26.36 34.12
N ASP D 193 44.10 -26.43 35.43
CA ASP D 193 45.34 -26.82 36.11
C ASP D 193 45.40 -28.34 36.14
N LEU D 194 46.29 -28.91 35.33
CA LEU D 194 46.31 -30.37 35.19
C LEU D 194 46.95 -31.07 36.39
N SER D 195 47.55 -30.31 37.31
CA SER D 195 48.06 -30.90 38.54
C SER D 195 46.93 -31.43 39.39
N LYS D 196 45.77 -30.79 39.33
CA LYS D 196 44.59 -31.15 40.09
C LYS D 196 43.59 -32.06 39.35
N VAL D 197 43.91 -32.58 38.17
CA VAL D 197 42.95 -33.35 37.38
C VAL D 197 43.26 -34.83 37.48
N SER D 198 42.27 -35.63 37.90
CA SER D 198 42.47 -37.07 37.85
C SER D 198 42.15 -37.58 36.44
N GLU D 199 42.93 -38.55 35.98
CA GLU D 199 42.73 -39.04 34.65
C GLU D 199 41.45 -39.88 34.52
N GLU D 200 41.06 -40.60 35.58
CA GLU D 200 39.85 -41.42 35.48
C GLU D 200 38.61 -40.54 35.25
N LYS D 201 38.52 -39.39 35.94
CA LYS D 201 37.42 -38.46 35.72
C LYS D 201 37.54 -37.75 34.36
N LYS D 202 38.77 -37.43 33.93
CA LYS D 202 38.95 -36.82 32.62
C LYS D 202 38.38 -37.71 31.50
N ALA D 203 38.63 -39.01 31.56
CA ALA D 203 38.14 -39.90 30.50
C ALA D 203 36.61 -40.01 30.50
N GLU D 204 35.98 -39.93 31.68
CA GLU D 204 34.53 -39.96 31.77
C GLU D 204 33.92 -38.72 31.15
N VAL D 205 34.47 -37.55 31.46
CA VAL D 205 33.93 -36.30 30.96
C VAL D 205 34.07 -36.18 29.46
N LEU D 206 35.15 -36.72 28.88
CA LEU D 206 35.26 -36.76 27.42
C LEU D 206 34.04 -37.44 26.81
N GLY D 207 33.58 -38.54 27.43
CA GLY D 207 32.39 -39.25 26.95
C GLY D 207 31.09 -38.50 27.18
N GLN D 208 31.00 -37.70 28.24
CA GLN D 208 29.84 -36.85 28.47
C GLN D 208 29.82 -35.62 27.58
N MET D 209 30.91 -35.36 26.85
CA MET D 209 30.97 -34.25 25.91
C MET D 209 31.02 -34.73 24.48
N ASP D 210 30.52 -35.93 24.21
CA ASP D 210 30.45 -36.48 22.86
C ASP D 210 29.01 -36.92 22.62
N ILE D 211 28.38 -36.38 21.58
CA ILE D 211 26.94 -36.59 21.37
C ILE D 211 26.62 -38.04 21.05
N GLN D 212 27.47 -38.70 20.25
CA GLN D 212 27.27 -40.10 19.97
C GLN D 212 27.24 -40.90 21.26
N THR D 213 28.21 -40.66 22.14
CA THR D 213 28.33 -41.41 23.40
C THR D 213 27.15 -41.15 24.33
N ILE D 214 26.73 -39.88 24.46
CA ILE D 214 25.62 -39.55 25.37
C ILE D 214 24.35 -40.29 24.96
N LEU D 215 24.06 -40.32 23.66
CA LEU D 215 22.84 -40.98 23.19
C LEU D 215 22.94 -42.50 23.32
N GLU D 216 24.13 -43.06 23.13
CA GLU D 216 24.28 -44.50 23.23
C GLU D 216 24.10 -44.96 24.67
N LYS D 217 24.53 -44.13 25.63
CA LYS D 217 24.55 -44.49 27.04
C LYS D 217 23.33 -44.01 27.80
N SER D 218 22.39 -43.30 27.13
CA SER D 218 21.23 -42.79 27.87
C SER D 218 20.25 -43.91 28.16
N PRO D 219 19.80 -44.06 29.41
CA PRO D 219 18.70 -44.96 29.71
C PRO D 219 17.43 -44.48 29.02
N LYS D 220 16.39 -45.34 29.02
CA LYS D 220 15.24 -45.05 28.17
C LYS D 220 14.54 -43.77 28.61
N GLU D 221 14.51 -43.52 29.94
CA GLU D 221 13.85 -42.32 30.50
C GLU D 221 14.56 -41.05 30.00
N LYS D 222 15.89 -41.03 30.03
CA LYS D 222 16.66 -39.91 29.49
C LYS D 222 16.48 -39.78 27.98
N LEU D 223 16.62 -40.89 27.25
CA LEU D 223 16.51 -40.83 25.79
C LEU D 223 15.14 -40.35 25.34
N ASP D 224 14.09 -40.78 26.04
CA ASP D 224 12.74 -40.33 25.69
C ASP D 224 12.55 -38.84 25.99
N ARG D 225 13.09 -38.36 27.10
CA ARG D 225 13.00 -36.92 27.39
C ARG D 225 13.72 -36.09 26.35
N ILE D 226 14.84 -36.60 25.83
CA ILE D 226 15.56 -35.89 24.77
C ILE D 226 14.74 -35.81 23.49
N LYS D 227 14.01 -36.87 23.18
CA LYS D 227 13.16 -36.83 21.99
C LYS D 227 11.96 -35.90 22.20
N TRP D 228 11.54 -35.67 23.45
CA TRP D 228 10.41 -34.80 23.73
C TRP D 228 10.77 -33.33 23.58
N ILE D 229 12.02 -32.95 23.90
CA ILE D 229 12.49 -31.59 23.65
C ILE D 229 12.31 -31.27 22.17
N ARG D 230 11.94 -30.01 21.88
CA ARG D 230 11.87 -29.53 20.51
C ARG D 230 13.19 -28.87 20.13
N TRP D 231 13.89 -29.42 19.13
CA TRP D 231 15.20 -28.94 18.70
C TRP D 231 15.08 -28.12 17.42
N TYR D 232 15.82 -27.01 17.37
CA TYR D 232 15.95 -26.16 16.17
C TYR D 232 17.42 -25.85 15.99
N ILE D 233 18.04 -26.44 14.95
CA ILE D 233 19.47 -26.36 14.69
C ILE D 233 19.70 -25.64 13.38
N SER D 234 20.42 -24.52 13.43
CA SER D 234 20.65 -23.65 12.28
C SER D 234 22.12 -23.31 12.17
N CYS D 235 22.62 -23.29 10.93
CA CYS D 235 24.01 -22.93 10.67
C CYS D 235 24.14 -22.48 9.21
N GLY D 236 24.98 -21.46 8.95
CA GLY D 236 25.18 -20.98 7.59
C GLY D 236 26.08 -21.90 6.78
N ASP D 237 25.84 -21.94 5.46
CA ASP D 237 26.55 -22.92 4.63
C ASP D 237 27.98 -22.50 4.32
N ASP D 238 28.29 -21.21 4.37
CA ASP D 238 29.62 -20.67 4.18
C ASP D 238 30.38 -20.55 5.51
N ASP D 239 29.91 -21.24 6.56
CA ASP D 239 30.53 -21.35 7.89
C ASP D 239 31.48 -22.55 7.91
N PHE D 240 32.64 -22.40 8.59
CA PHE D 240 33.55 -23.53 8.77
C PHE D 240 32.94 -24.63 9.63
N LEU D 241 31.91 -24.32 10.40
CA LEU D 241 31.21 -25.27 11.25
C LEU D 241 30.03 -25.95 10.56
N SER D 242 29.81 -25.71 9.26
CA SER D 242 28.68 -26.35 8.59
C SER D 242 28.83 -27.85 8.60
N VAL D 243 30.06 -28.36 8.54
CA VAL D 243 30.29 -29.81 8.51
C VAL D 243 29.95 -30.42 9.86
N THR D 244 30.43 -29.81 10.96
CA THR D 244 30.06 -30.28 12.29
C THR D 244 28.55 -30.36 12.46
N ASN D 245 27.82 -29.36 11.97
CA ASN D 245 26.38 -29.36 12.18
C ASN D 245 25.65 -30.29 11.23
N CYS D 246 26.19 -30.56 10.04
CA CYS D 246 25.61 -31.59 9.19
C CYS D 246 25.80 -32.97 9.80
N LEU D 247 26.98 -33.23 10.37
CA LEU D 247 27.18 -34.49 11.10
C LEU D 247 26.26 -34.59 12.30
N LEU D 248 25.99 -33.45 12.95
CA LEU D 248 25.04 -33.42 14.06
C LEU D 248 23.67 -33.87 13.59
N HIS D 249 23.21 -33.31 12.46
CA HIS D 249 21.94 -33.71 11.86
C HIS D 249 21.91 -35.21 11.58
N ASN D 250 23.00 -35.75 11.02
CA ASN D 250 23.07 -37.18 10.69
C ASN D 250 23.01 -38.04 11.96
N THR D 251 23.72 -37.64 13.02
CA THR D 251 23.72 -38.41 14.26
C THR D 251 22.32 -38.46 14.88
N LEU D 252 21.63 -37.32 14.94
CA LEU D 252 20.31 -37.27 15.57
C LEU D 252 19.31 -38.15 14.85
N LEU D 253 19.29 -38.12 13.51
CA LEU D 253 18.40 -39.00 12.77
C LEU D 253 18.77 -40.47 13.00
N GLN D 254 20.07 -40.75 13.14
CA GLN D 254 20.50 -42.12 13.37
C GLN D 254 19.95 -42.65 14.69
N HIS D 255 19.68 -41.75 15.63
CA HIS D 255 19.11 -42.10 16.91
C HIS D 255 17.64 -41.74 17.05
N GLN D 256 16.97 -41.39 15.95
CA GLN D 256 15.53 -41.15 15.94
C GLN D 256 15.13 -39.98 16.84
N VAL D 257 15.97 -38.94 16.89
CA VAL D 257 15.66 -37.69 17.57
C VAL D 257 15.18 -36.73 16.48
N GLY D 258 13.86 -36.62 16.33
CA GLY D 258 13.32 -35.68 15.37
C GLY D 258 13.67 -34.26 15.75
N HIS D 259 13.92 -33.44 14.75
CA HIS D 259 14.33 -32.07 14.99
C HIS D 259 14.16 -31.29 13.69
N GLU D 260 14.16 -29.96 13.83
CA GLU D 260 14.10 -29.02 12.68
C GLU D 260 15.54 -28.58 12.40
N PHE D 261 16.01 -28.76 11.17
CA PHE D 261 17.38 -28.46 10.80
C PHE D 261 17.36 -27.44 9.66
N ARG D 262 18.15 -26.39 9.79
CA ARG D 262 18.24 -25.35 8.77
C ARG D 262 19.69 -25.10 8.44
N MET D 263 20.01 -25.12 7.17
CA MET D 263 21.27 -24.61 6.65
C MET D 263 20.90 -23.54 5.63
N LYS D 264 21.12 -22.28 5.99
CA LYS D 264 20.77 -21.15 5.16
C LYS D 264 22.05 -20.51 4.61
N ASP D 265 21.91 -19.62 3.62
CA ASP D 265 23.06 -18.86 3.15
C ASP D 265 23.52 -17.92 4.26
N GLY D 266 24.80 -17.93 4.58
CA GLY D 266 25.32 -17.08 5.63
C GLY D 266 26.66 -17.58 6.11
N SER D 267 27.31 -16.74 6.92
CA SER D 267 28.63 -17.09 7.41
C SER D 267 28.61 -17.05 8.93
N HIS D 268 29.81 -17.10 9.52
CA HIS D 268 30.00 -17.05 10.97
C HIS D 268 30.01 -15.57 11.38
N SER D 269 28.81 -14.97 11.43
CA SER D 269 28.75 -13.52 11.57
C SER D 269 27.48 -13.09 12.26
N TRP D 270 27.49 -11.84 12.73
CA TRP D 270 26.32 -11.29 13.37
C TRP D 270 25.20 -10.94 12.37
N THR D 271 25.51 -10.88 11.08
CA THR D 271 24.42 -10.86 10.12
C THR D 271 23.61 -12.14 10.21
N TYR D 272 24.29 -13.29 10.30
CA TYR D 272 23.58 -14.56 10.42
C TYR D 272 22.76 -14.63 11.72
N TRP D 273 23.37 -14.25 12.84
CA TRP D 273 22.71 -14.47 14.12
C TRP D 273 21.59 -13.48 14.38
N ARG D 274 21.70 -12.25 13.87
CA ARG D 274 20.57 -11.32 14.03
C ARG D 274 19.36 -11.74 13.20
N MET D 275 19.58 -12.42 12.07
CA MET D 275 18.47 -12.94 11.27
C MET D 275 17.76 -14.09 11.97
N GLU D 276 18.52 -14.99 12.64
CA GLU D 276 17.92 -16.16 13.27
C GLU D 276 17.25 -15.84 14.60
N LEU D 277 17.62 -14.75 15.25
CA LEU D 277 17.04 -14.47 16.56
C LEU D 277 15.52 -14.35 16.53
N PRO D 278 14.87 -13.62 15.61
CA PRO D 278 13.40 -13.64 15.59
C PRO D 278 12.85 -15.00 15.21
N GLU D 279 13.59 -15.77 14.40
CA GLU D 279 13.18 -17.14 14.09
C GLU D 279 13.22 -18.00 15.32
N VAL D 280 14.27 -17.86 16.13
CA VAL D 280 14.34 -18.58 17.39
C VAL D 280 13.20 -18.19 18.31
N MET D 281 12.93 -16.89 18.43
CA MET D 281 11.86 -16.43 19.30
C MET D 281 10.50 -16.98 18.84
N ARG D 282 10.24 -16.98 17.52
CA ARG D 282 8.97 -17.52 17.05
C ARG D 282 8.89 -19.02 17.32
N PHE D 283 10.02 -19.71 17.18
CA PHE D 283 10.06 -21.15 17.43
C PHE D 283 9.66 -21.47 18.86
N VAL D 284 10.31 -20.81 19.84
CA VAL D 284 10.03 -21.14 21.23
C VAL D 284 8.71 -20.56 21.68
N SER D 285 8.32 -19.41 21.12
CA SER D 285 7.07 -18.77 21.53
C SER D 285 5.89 -19.69 21.28
N ARG D 286 5.82 -20.29 20.09
CA ARG D 286 4.72 -21.20 19.78
C ARG D 286 4.70 -22.41 20.70
N ILE D 287 5.87 -22.86 21.16
CA ILE D 287 5.89 -23.94 22.14
C ILE D 287 5.42 -23.46 23.51
N PHE D 288 5.81 -22.26 23.91
CA PHE D 288 5.33 -21.70 25.17
C PHE D 288 3.80 -21.57 25.17
N THR D 289 3.21 -21.10 24.05
CA THR D 289 1.80 -20.81 23.99
C THR D 289 0.98 -22.00 23.49
N GLN D 290 1.65 -23.01 22.94
CA GLN D 290 1.06 -24.16 22.26
C GLN D 290 0.42 -23.78 20.93
N TYR D 291 0.09 -24.78 20.11
CA TYR D 291 -0.56 -24.53 18.83
C TYR D 291 -1.32 -25.74 18.27
N GLN E 24 -9.33 -5.50 -21.44
CA GLN E 24 -10.33 -5.21 -20.42
C GLN E 24 -11.33 -4.17 -20.90
N GLN E 25 -11.28 -3.84 -22.19
CA GLN E 25 -12.05 -2.73 -22.74
C GLN E 25 -13.17 -3.29 -23.63
N GLY E 26 -14.40 -2.84 -23.39
CA GLY E 26 -15.50 -3.09 -24.28
C GLY E 26 -15.54 -2.02 -25.35
N LYS E 27 -16.65 -1.98 -26.08
CA LYS E 27 -16.73 -1.08 -27.21
C LYS E 27 -18.16 -0.57 -27.36
N VAL E 28 -18.28 0.55 -28.05
CA VAL E 28 -19.55 1.23 -28.24
C VAL E 28 -19.79 1.45 -29.71
N TYR E 29 -21.01 1.14 -30.16
CA TYR E 29 -21.47 1.49 -31.50
C TYR E 29 -22.55 2.56 -31.37
N GLU E 30 -22.36 3.68 -32.06
CA GLU E 30 -23.27 4.83 -32.03
C GLU E 30 -24.11 5.03 -33.27
N THR E 31 -23.68 4.49 -34.42
CA THR E 31 -24.25 4.87 -35.70
C THR E 31 -25.20 3.82 -36.26
N ARG E 32 -25.54 2.79 -35.48
CA ARG E 32 -26.48 1.80 -35.97
C ARG E 32 -27.92 2.28 -35.76
N THR E 33 -28.82 1.72 -36.56
CA THR E 33 -30.22 2.13 -36.56
C THR E 33 -31.12 0.91 -36.61
N VAL E 34 -32.38 1.12 -36.26
CA VAL E 34 -33.45 0.12 -36.40
C VAL E 34 -34.50 0.68 -37.33
N LYS E 35 -34.91 -0.11 -38.32
CA LYS E 35 -35.91 0.33 -39.30
C LYS E 35 -37.30 0.18 -38.68
N SER E 36 -37.99 1.30 -38.47
CA SER E 36 -39.25 1.34 -37.73
C SER E 36 -40.44 1.48 -38.68
N LYS E 37 -41.37 0.52 -38.63
CA LYS E 37 -42.63 0.63 -39.36
C LYS E 37 -43.57 1.59 -38.66
N ILE E 38 -43.49 1.64 -37.32
CA ILE E 38 -44.39 2.45 -36.50
C ILE E 38 -44.07 3.94 -36.64
N LEU E 39 -42.78 4.30 -36.66
CA LEU E 39 -42.35 5.68 -36.77
C LEU E 39 -41.94 6.06 -38.19
N GLY E 40 -41.91 5.10 -39.10
CA GLY E 40 -41.62 5.38 -40.51
C GLY E 40 -40.25 5.92 -40.81
N MET E 41 -39.22 5.39 -40.16
CA MET E 41 -37.88 5.93 -40.36
C MET E 41 -36.86 4.97 -39.75
N GLU E 42 -35.59 5.21 -40.08
CA GLU E 42 -34.48 4.56 -39.39
C GLU E 42 -34.24 5.29 -38.08
N ARG E 43 -34.28 4.57 -36.97
CA ARG E 43 -34.15 5.17 -35.65
C ARG E 43 -32.80 4.82 -35.04
N SER E 44 -32.09 5.84 -34.56
CA SER E 44 -30.77 5.66 -33.97
C SER E 44 -30.83 5.05 -32.57
N TYR E 45 -29.78 4.30 -32.23
CA TYR E 45 -29.50 3.92 -30.85
C TYR E 45 -28.00 3.75 -30.72
N SER E 46 -27.51 3.81 -29.49
CA SER E 46 -26.14 3.42 -29.14
C SER E 46 -26.19 2.13 -28.34
N ILE E 47 -25.12 1.34 -28.45
CA ILE E 47 -25.02 0.07 -27.72
C ILE E 47 -23.60 -0.11 -27.22
N TYR E 48 -23.49 -0.53 -25.95
CA TYR E 48 -22.24 -0.88 -25.30
C TYR E 48 -22.10 -2.39 -25.27
N LEU E 49 -21.02 -2.93 -25.86
CA LEU E 49 -20.79 -4.37 -25.74
C LEU E 49 -19.65 -4.64 -24.78
N PRO E 50 -19.81 -5.56 -23.84
CA PRO E 50 -18.79 -5.77 -22.80
C PRO E 50 -17.55 -6.43 -23.38
N ALA E 51 -16.47 -6.35 -22.60
CA ALA E 51 -15.24 -7.01 -22.97
C ALA E 51 -15.48 -8.50 -23.14
N GLY E 52 -14.83 -9.09 -24.15
CA GLY E 52 -15.03 -10.49 -24.39
C GLY E 52 -16.31 -10.84 -25.12
N TYR E 53 -17.08 -9.83 -25.55
CA TYR E 53 -18.29 -10.08 -26.33
C TYR E 53 -18.00 -10.89 -27.58
N ASP E 54 -16.80 -10.77 -28.16
CA ASP E 54 -16.51 -11.44 -29.42
C ASP E 54 -15.97 -12.84 -29.23
N GLU E 55 -15.53 -13.18 -28.04
CA GLU E 55 -14.98 -14.49 -27.77
C GLU E 55 -15.99 -15.36 -27.03
N GLY E 56 -16.06 -16.63 -27.39
CA GLY E 56 -17.14 -17.46 -26.92
C GLY E 56 -18.45 -17.12 -27.61
N ASP E 57 -19.49 -17.87 -27.22
CA ASP E 57 -20.80 -17.80 -27.86
C ASP E 57 -21.94 -17.47 -26.90
N GLY E 58 -21.64 -17.08 -25.67
CA GLY E 58 -22.66 -16.89 -24.69
C GLY E 58 -23.54 -15.67 -24.93
N SER E 59 -24.57 -15.57 -24.12
CA SER E 59 -25.53 -14.48 -24.15
C SER E 59 -25.40 -13.65 -22.88
N TYR E 60 -25.97 -12.46 -22.90
CA TYR E 60 -25.85 -11.45 -21.86
C TYR E 60 -27.20 -10.85 -21.49
N PRO E 61 -27.35 -10.36 -20.27
CA PRO E 61 -28.52 -9.53 -19.95
C PRO E 61 -28.36 -8.12 -20.51
N VAL E 62 -29.47 -7.37 -20.53
CA VAL E 62 -29.50 -6.04 -21.16
C VAL E 62 -30.09 -5.02 -20.21
N LEU E 63 -29.42 -3.86 -20.11
CA LEU E 63 -29.92 -2.69 -19.41
C LEU E 63 -30.26 -1.61 -20.43
N TYR E 64 -31.51 -1.14 -20.44
CA TYR E 64 -31.90 -0.01 -21.27
C TYR E 64 -31.71 1.28 -20.47
N LEU E 65 -31.01 2.23 -21.06
CA LEU E 65 -30.51 3.41 -20.37
C LEU E 65 -30.90 4.63 -21.19
N LEU E 66 -31.80 5.45 -20.64
CA LEU E 66 -32.47 6.51 -21.37
C LEU E 66 -31.91 7.89 -20.99
N HIS E 67 -31.70 8.75 -22.01
CA HIS E 67 -31.17 10.10 -21.84
C HIS E 67 -32.24 11.09 -21.41
N GLY E 68 -31.80 12.30 -21.05
CA GLY E 68 -32.71 13.34 -20.63
C GLY E 68 -33.09 14.30 -21.77
N LEU E 69 -33.88 15.30 -21.42
CA LEU E 69 -34.34 16.26 -22.42
C LEU E 69 -33.14 17.03 -22.98
N GLY E 70 -33.06 17.14 -24.31
CA GLY E 70 -31.98 17.85 -24.96
C GLY E 70 -30.86 16.97 -25.50
N ASP E 71 -30.63 15.80 -24.91
CA ASP E 71 -29.61 14.90 -25.37
C ASP E 71 -30.23 13.87 -26.31
N ASN E 72 -29.37 13.06 -26.93
CA ASN E 72 -29.89 11.97 -27.77
C ASN E 72 -29.14 10.69 -27.43
N HIS E 73 -28.99 9.80 -28.42
CA HIS E 73 -28.35 8.51 -28.20
C HIS E 73 -26.85 8.65 -27.94
N THR E 74 -26.25 9.82 -28.17
CA THR E 74 -24.86 10.03 -27.79
C THR E 74 -24.68 10.56 -26.36
N GLY E 75 -25.77 10.86 -25.65
CA GLY E 75 -25.66 11.49 -24.34
C GLY E 75 -24.97 10.64 -23.28
N TRP E 76 -25.46 9.41 -23.08
CA TRP E 76 -24.80 8.53 -22.10
C TRP E 76 -23.42 8.09 -22.53
N VAL E 77 -23.09 8.24 -23.82
CA VAL E 77 -21.75 7.89 -24.29
C VAL E 77 -20.77 9.01 -23.98
N GLN E 78 -21.08 10.22 -24.45
CA GLN E 78 -20.19 11.37 -24.33
C GLN E 78 -20.25 12.00 -22.94
N PHE E 79 -21.46 12.23 -22.39
CA PHE E 79 -21.60 12.81 -21.06
C PHE E 79 -21.56 11.76 -19.96
N GLY E 80 -22.32 10.68 -20.13
CA GLY E 80 -22.32 9.62 -19.13
C GLY E 80 -21.03 8.82 -19.07
N GLN E 81 -20.20 8.88 -20.12
CA GLN E 81 -18.94 8.16 -20.19
C GLN E 81 -19.16 6.69 -19.87
N VAL E 82 -20.21 6.13 -20.48
CA VAL E 82 -20.62 4.76 -20.18
C VAL E 82 -19.49 3.79 -20.46
N GLN E 83 -18.67 4.03 -21.48
CA GLN E 83 -17.67 3.03 -21.84
C GLN E 83 -16.63 2.88 -20.74
N TYR E 84 -16.05 4.00 -20.27
CA TYR E 84 -15.07 3.94 -19.19
C TYR E 84 -15.71 3.42 -17.90
N ILE E 85 -16.89 3.91 -17.56
CA ILE E 85 -17.48 3.55 -16.27
C ILE E 85 -17.90 2.07 -16.26
N ALA E 86 -18.51 1.59 -17.35
CA ALA E 86 -18.91 0.19 -17.42
C ALA E 86 -17.70 -0.74 -17.58
N ASP E 87 -16.68 -0.33 -18.34
CA ASP E 87 -15.44 -1.10 -18.41
C ASP E 87 -14.85 -1.29 -17.02
N LYS E 88 -14.89 -0.22 -16.20
CA LYS E 88 -14.30 -0.27 -14.87
C LYS E 88 -15.13 -1.14 -13.93
N ALA E 89 -16.46 -0.95 -13.91
CA ALA E 89 -17.26 -1.74 -12.97
C ALA E 89 -17.20 -3.22 -13.31
N ILE E 90 -17.15 -3.58 -14.59
CA ILE E 90 -17.10 -4.98 -14.95
C ILE E 90 -15.73 -5.58 -14.64
N ALA E 91 -14.65 -4.82 -14.90
CA ALA E 91 -13.32 -5.40 -14.66
C ALA E 91 -13.06 -5.61 -13.17
N GLU E 92 -13.51 -4.71 -12.31
CA GLU E 92 -13.39 -4.86 -10.86
C GLU E 92 -14.37 -5.86 -10.27
N GLY E 93 -15.31 -6.39 -11.06
CA GLY E 93 -16.29 -7.30 -10.52
C GLY E 93 -17.43 -6.66 -9.80
N LYS E 94 -17.46 -5.33 -9.70
CA LYS E 94 -18.60 -4.64 -9.11
C LYS E 94 -19.90 -4.93 -9.88
N SER E 95 -19.78 -5.27 -11.15
CA SER E 95 -20.91 -5.65 -11.98
C SER E 95 -20.54 -6.87 -12.82
N ALA E 96 -21.54 -7.69 -13.10
CA ALA E 96 -21.37 -8.76 -14.06
C ALA E 96 -21.45 -8.18 -15.46
N PRO E 97 -20.87 -8.86 -16.45
CA PRO E 97 -20.95 -8.34 -17.82
C PRO E 97 -22.39 -8.22 -18.27
N MET E 98 -22.71 -7.09 -18.88
CA MET E 98 -24.04 -6.89 -19.44
C MET E 98 -23.91 -6.04 -20.70
N ILE E 99 -24.97 -6.05 -21.51
CA ILE E 99 -25.12 -5.17 -22.67
C ILE E 99 -25.94 -3.95 -22.24
N ILE E 100 -25.55 -2.77 -22.72
CA ILE E 100 -26.27 -1.53 -22.42
C ILE E 100 -26.72 -0.91 -23.73
N VAL E 101 -28.03 -0.66 -23.85
CA VAL E 101 -28.66 -0.10 -25.04
C VAL E 101 -29.20 1.28 -24.71
N MET E 102 -28.88 2.26 -25.53
CA MET E 102 -29.23 3.66 -25.29
C MET E 102 -30.08 4.22 -26.43
N PRO E 103 -31.41 4.28 -26.28
CA PRO E 103 -32.27 4.73 -27.39
C PRO E 103 -32.21 6.24 -27.61
N ASP E 104 -32.50 6.64 -28.85
CA ASP E 104 -32.63 8.04 -29.23
C ASP E 104 -34.11 8.46 -29.10
N ALA E 105 -34.40 9.37 -28.18
CA ALA E 105 -35.74 9.92 -27.97
C ALA E 105 -35.76 11.44 -28.15
N ASP E 106 -35.00 11.94 -29.12
CA ASP E 106 -34.89 13.37 -29.39
C ASP E 106 -35.28 13.76 -30.80
N THR E 107 -34.91 12.94 -31.80
CA THR E 107 -35.20 13.25 -33.20
C THR E 107 -36.70 13.19 -33.48
N VAL E 108 -37.17 14.15 -34.30
CA VAL E 108 -38.57 14.33 -34.70
C VAL E 108 -39.37 14.91 -33.52
N HIS E 109 -39.44 14.16 -32.40
CA HIS E 109 -40.09 14.63 -31.18
C HIS E 109 -39.27 14.17 -29.97
N LYS E 110 -39.25 14.99 -28.93
CA LYS E 110 -38.56 14.68 -27.68
C LYS E 110 -39.55 14.02 -26.73
N GLY E 111 -39.17 12.88 -26.18
CA GLY E 111 -40.02 12.20 -25.22
C GLY E 111 -40.14 10.72 -25.52
N TYR E 112 -40.71 10.01 -24.55
CA TYR E 112 -40.74 8.57 -24.56
C TYR E 112 -42.13 7.97 -24.80
N PHE E 113 -43.17 8.79 -24.94
CA PHE E 113 -44.53 8.24 -24.95
C PHE E 113 -45.26 8.56 -26.25
N ASN E 114 -46.36 7.83 -26.47
CA ASN E 114 -47.18 8.05 -27.64
C ASN E 114 -47.84 9.43 -27.54
N LEU E 115 -47.67 10.24 -28.58
CA LEU E 115 -48.31 11.55 -28.59
C LEU E 115 -49.82 11.38 -28.70
N LEU E 116 -50.54 12.37 -28.18
CA LEU E 116 -52.00 12.29 -28.06
C LEU E 116 -52.72 12.34 -29.40
N ASP E 117 -52.09 12.83 -30.47
CA ASP E 117 -52.69 12.98 -31.78
C ASP E 117 -52.51 11.78 -32.71
N GLY E 118 -51.84 10.72 -32.27
CA GLY E 118 -51.71 9.49 -33.02
C GLY E 118 -50.64 9.44 -34.10
N THR E 119 -49.81 10.49 -34.27
CA THR E 119 -48.83 10.53 -35.35
C THR E 119 -47.44 10.04 -34.95
N TYR E 120 -47.21 9.73 -33.67
CA TYR E 120 -45.84 9.44 -33.20
C TYR E 120 -45.90 8.59 -31.93
N ASN E 121 -46.00 7.28 -32.11
CA ASN E 121 -46.17 6.34 -31.00
C ASN E 121 -44.83 5.78 -30.54
N TYR E 122 -44.05 6.60 -29.85
CA TYR E 122 -42.70 6.19 -29.48
C TYR E 122 -42.71 5.00 -28.54
N GLU E 123 -43.68 4.93 -27.63
CA GLU E 123 -43.73 3.82 -26.67
C GLU E 123 -43.97 2.48 -27.36
N ASP E 124 -44.88 2.44 -28.35
CA ASP E 124 -45.04 1.21 -29.13
C ASP E 124 -43.75 0.88 -29.88
N PHE E 125 -43.08 1.90 -30.41
CA PHE E 125 -41.81 1.67 -31.09
C PHE E 125 -40.82 0.96 -30.17
N PHE E 126 -40.69 1.47 -28.95
CA PHE E 126 -39.76 0.89 -27.99
C PHE E 126 -40.06 -0.57 -27.71
N PHE E 127 -41.32 -0.90 -27.44
CA PHE E 127 -41.60 -2.26 -27.04
C PHE E 127 -41.80 -3.22 -28.19
N GLN E 128 -42.35 -2.78 -29.32
CA GLN E 128 -42.64 -3.72 -30.40
C GLN E 128 -41.55 -3.77 -31.46
N GLU E 129 -40.62 -2.81 -31.46
CA GLU E 129 -39.61 -2.79 -32.51
C GLU E 129 -38.19 -2.76 -31.94
N LEU E 130 -37.91 -1.88 -30.99
CA LEU E 130 -36.53 -1.75 -30.52
C LEU E 130 -36.08 -2.99 -29.72
N ILE E 131 -36.87 -3.39 -28.72
CA ILE E 131 -36.52 -4.59 -27.94
C ILE E 131 -36.41 -5.84 -28.81
N PRO E 132 -37.37 -6.16 -29.67
CA PRO E 132 -37.15 -7.31 -30.58
C PRO E 132 -35.93 -7.14 -31.48
N HIS E 133 -35.62 -5.93 -31.89
CA HIS E 133 -34.48 -5.77 -32.78
C HIS E 133 -33.17 -6.10 -32.07
N ILE E 134 -33.01 -5.60 -30.84
CA ILE E 134 -31.81 -5.88 -30.06
C ILE E 134 -31.65 -7.39 -29.85
N GLU E 135 -32.76 -8.07 -29.49
CA GLU E 135 -32.70 -9.50 -29.21
C GLU E 135 -32.44 -10.32 -30.47
N LYS E 136 -32.77 -9.77 -31.63
CA LYS E 136 -32.51 -10.43 -32.90
C LYS E 136 -31.07 -10.20 -33.35
N THR E 137 -30.51 -9.03 -33.07
CA THR E 137 -29.23 -8.64 -33.64
C THR E 137 -28.05 -8.96 -32.74
N TYR E 138 -28.26 -9.03 -31.43
CA TYR E 138 -27.18 -9.28 -30.49
C TYR E 138 -27.49 -10.50 -29.63
N ARG E 139 -26.45 -11.04 -28.98
CA ARG E 139 -26.56 -12.24 -28.16
C ARG E 139 -27.07 -11.83 -26.78
N VAL E 140 -28.39 -11.84 -26.66
CA VAL E 140 -29.13 -11.32 -25.51
C VAL E 140 -29.87 -12.48 -24.86
N ARG E 141 -29.84 -12.54 -23.54
CA ARG E 141 -30.77 -13.42 -22.82
C ARG E 141 -32.11 -12.71 -22.81
N ALA E 142 -33.06 -13.19 -23.61
CA ALA E 142 -34.28 -12.42 -23.90
C ALA E 142 -35.44 -12.90 -23.02
N GLU E 143 -35.36 -12.57 -21.73
CA GLU E 143 -36.41 -12.90 -20.78
C GLU E 143 -36.55 -11.74 -19.81
N SER E 144 -37.71 -11.67 -19.13
CA SER E 144 -37.95 -10.58 -18.19
C SER E 144 -36.84 -10.50 -17.15
N ARG E 145 -36.41 -11.66 -16.64
CA ARG E 145 -35.45 -11.70 -15.54
C ARG E 145 -34.08 -11.17 -15.95
N TYR E 146 -33.85 -10.94 -17.25
CA TYR E 146 -32.56 -10.45 -17.76
C TYR E 146 -32.66 -9.09 -18.45
N ARG E 147 -33.67 -8.30 -18.08
CA ARG E 147 -33.92 -7.04 -18.74
C ARG E 147 -34.23 -6.01 -17.68
N ALA E 148 -33.46 -4.91 -17.65
CA ALA E 148 -33.70 -3.82 -16.72
C ALA E 148 -33.66 -2.49 -17.48
N ILE E 149 -34.18 -1.44 -16.84
CA ILE E 149 -34.24 -0.13 -17.48
C ILE E 149 -33.94 1.00 -16.49
N SER E 150 -33.22 2.00 -16.96
CA SER E 150 -32.85 3.14 -16.13
C SER E 150 -32.70 4.35 -17.03
N GLY E 151 -32.71 5.51 -16.41
CA GLY E 151 -32.60 6.76 -17.16
C GLY E 151 -32.58 7.91 -16.18
N LEU E 152 -32.28 9.10 -16.71
CA LEU E 152 -32.13 10.30 -15.90
C LEU E 152 -33.11 11.37 -16.34
N ALA E 153 -33.67 12.09 -15.36
CA ALA E 153 -34.58 13.23 -15.55
C ALA E 153 -35.76 12.81 -16.42
N MET E 154 -35.85 13.31 -17.66
CA MET E 154 -36.90 12.85 -18.56
C MET E 154 -36.88 11.34 -18.71
N GLY E 155 -35.70 10.76 -18.87
CA GLY E 155 -35.59 9.32 -19.01
C GLY E 155 -35.83 8.57 -17.72
N GLY E 156 -35.67 9.24 -16.57
CA GLY E 156 -36.08 8.64 -15.31
C GLY E 156 -37.57 8.44 -15.23
N GLY E 157 -38.33 9.46 -15.63
CA GLY E 157 -39.77 9.29 -15.74
C GLY E 157 -40.13 8.29 -16.81
N GLY E 158 -39.35 8.27 -17.90
CA GLY E 158 -39.56 7.28 -18.93
C GLY E 158 -39.40 5.87 -18.42
N ALA E 159 -38.30 5.61 -17.71
CA ALA E 159 -38.10 4.28 -17.15
C ALA E 159 -39.22 3.95 -16.16
N LEU E 160 -39.60 4.92 -15.34
CA LEU E 160 -40.62 4.70 -14.31
C LEU E 160 -41.95 4.26 -14.92
N PHE E 161 -42.43 5.00 -15.91
CA PHE E 161 -43.75 4.74 -16.46
C PHE E 161 -43.78 3.67 -17.53
N TYR E 162 -42.65 3.41 -18.20
CA TYR E 162 -42.58 2.22 -19.03
C TYR E 162 -42.82 0.98 -18.17
N ALA E 163 -42.23 0.95 -17.00
CA ALA E 163 -42.37 -0.21 -16.15
C ALA E 163 -43.74 -0.25 -15.48
N LEU E 164 -44.36 0.90 -15.23
CA LEU E 164 -45.72 0.86 -14.69
C LEU E 164 -46.74 0.46 -15.76
N HIS E 165 -46.43 0.68 -17.04
CA HIS E 165 -47.31 0.28 -18.12
C HIS E 165 -47.12 -1.19 -18.49
N TYR E 166 -45.87 -1.64 -18.58
CA TYR E 166 -45.54 -3.01 -18.97
C TYR E 166 -44.66 -3.66 -17.90
N PRO E 167 -45.19 -3.84 -16.68
CA PRO E 167 -44.34 -4.39 -15.60
C PRO E 167 -43.85 -5.80 -15.88
N GLU E 168 -44.55 -6.55 -16.75
CA GLU E 168 -44.12 -7.90 -17.05
C GLU E 168 -42.85 -7.94 -17.90
N MET E 169 -42.34 -6.78 -18.34
CA MET E 169 -41.18 -6.76 -19.21
C MET E 169 -39.85 -6.59 -18.47
N PHE E 170 -39.87 -6.19 -17.19
CA PHE E 170 -38.64 -5.82 -16.50
C PHE E 170 -38.53 -6.51 -15.16
N VAL E 171 -37.29 -6.72 -14.74
CA VAL E 171 -36.97 -7.27 -13.43
C VAL E 171 -36.42 -6.20 -12.48
N ALA E 172 -35.89 -5.11 -13.02
CA ALA E 172 -35.36 -4.04 -12.19
C ALA E 172 -35.51 -2.73 -12.96
N VAL E 173 -35.76 -1.66 -12.21
CA VAL E 173 -35.99 -0.31 -12.74
C VAL E 173 -35.26 0.70 -11.85
N ALA E 174 -34.54 1.64 -12.46
CA ALA E 174 -33.71 2.58 -11.72
C ALA E 174 -33.89 4.00 -12.24
N PRO E 175 -34.94 4.69 -11.81
CA PRO E 175 -35.06 6.12 -12.18
C PRO E 175 -34.10 6.99 -11.38
N LEU E 176 -33.33 7.80 -12.09
CA LEU E 176 -32.37 8.76 -11.50
C LEU E 176 -32.85 10.18 -11.70
N SER E 177 -32.90 10.97 -10.63
CA SER E 177 -33.33 12.36 -10.70
C SER E 177 -34.60 12.49 -11.54
N ALA E 178 -35.55 11.59 -11.28
CA ALA E 178 -36.65 11.40 -12.22
C ALA E 178 -37.62 12.57 -12.21
N VAL E 179 -38.07 12.92 -13.41
CA VAL E 179 -39.17 13.84 -13.57
C VAL E 179 -40.50 13.16 -13.19
N GLY E 180 -41.51 13.97 -12.86
CA GLY E 180 -42.79 13.46 -12.42
C GLY E 180 -43.76 13.10 -13.53
N GLY E 181 -44.92 12.56 -13.13
CA GLY E 181 -45.94 12.22 -14.12
C GLY E 181 -46.56 13.43 -14.78
N ALA E 182 -46.79 14.51 -14.00
CA ALA E 182 -47.38 15.72 -14.56
C ALA E 182 -46.45 16.39 -15.57
N TRP E 183 -45.16 16.45 -15.27
CA TRP E 183 -44.18 16.99 -16.21
C TRP E 183 -44.23 16.21 -17.53
N THR E 184 -44.32 14.89 -17.45
CA THR E 184 -44.32 14.04 -18.63
C THR E 184 -45.58 14.25 -19.47
N PHE E 185 -46.74 14.30 -18.82
CA PHE E 185 -48.00 14.56 -19.54
C PHE E 185 -47.99 15.95 -20.16
N ASP E 186 -47.40 16.93 -19.48
CA ASP E 186 -47.25 18.25 -20.06
C ASP E 186 -46.41 18.22 -21.33
N GLN E 187 -45.36 17.38 -21.35
CA GLN E 187 -44.54 17.27 -22.55
C GLN E 187 -45.32 16.68 -23.71
N MET E 188 -46.11 15.64 -23.46
CA MET E 188 -46.90 14.99 -24.51
C MET E 188 -47.90 15.96 -25.13
N LYS E 189 -48.45 16.88 -24.34
CA LYS E 189 -49.39 17.87 -24.87
C LYS E 189 -48.68 18.92 -25.70
N ASN E 190 -47.60 19.49 -25.19
CA ASN E 190 -46.91 20.53 -25.93
C ASN E 190 -46.42 20.00 -27.28
N GLN E 191 -46.11 18.71 -27.33
CA GLN E 191 -45.59 17.98 -28.49
C GLN E 191 -46.70 17.48 -29.41
N SER E 192 -47.97 17.57 -29.01
CA SER E 192 -49.12 17.11 -29.80
C SER E 192 -49.77 18.29 -30.52
N ASP E 193 -50.48 17.98 -31.61
CA ASP E 193 -51.43 18.94 -32.21
C ASP E 193 -52.79 18.69 -31.58
N LEU E 194 -53.19 19.59 -30.67
CA LEU E 194 -54.39 19.36 -29.85
C LEU E 194 -55.70 19.68 -30.54
N SER E 195 -55.70 20.23 -31.76
CA SER E 195 -56.97 20.48 -32.42
C SER E 195 -57.68 19.17 -32.76
N LYS E 196 -56.92 18.11 -33.04
CA LYS E 196 -57.50 16.83 -33.40
C LYS E 196 -57.69 15.89 -32.19
N VAL E 197 -57.47 16.37 -30.96
CA VAL E 197 -57.50 15.52 -29.77
C VAL E 197 -58.79 15.75 -29.01
N SER E 198 -59.55 14.67 -28.75
CA SER E 198 -60.78 14.77 -28.01
C SER E 198 -60.51 14.89 -26.51
N GLU E 199 -61.50 15.43 -25.81
CA GLU E 199 -61.36 15.63 -24.36
C GLU E 199 -61.39 14.32 -23.60
N GLU E 200 -62.11 13.31 -24.11
CA GLU E 200 -62.14 12.02 -23.44
C GLU E 200 -60.76 11.38 -23.42
N LYS E 201 -60.00 11.52 -24.51
CA LYS E 201 -58.67 10.93 -24.54
C LYS E 201 -57.72 11.66 -23.62
N LYS E 202 -57.83 12.98 -23.51
CA LYS E 202 -56.89 13.73 -22.66
C LYS E 202 -57.02 13.27 -21.22
N ALA E 203 -58.23 13.07 -20.73
CA ALA E 203 -58.43 12.59 -19.37
C ALA E 203 -57.97 11.15 -19.23
N GLU E 204 -58.10 10.35 -20.29
CA GLU E 204 -57.64 8.97 -20.22
C GLU E 204 -56.12 8.91 -20.06
N VAL E 205 -55.38 9.65 -20.90
CA VAL E 205 -53.93 9.63 -20.80
C VAL E 205 -53.44 10.36 -19.55
N LEU E 206 -54.17 11.40 -19.12
CA LEU E 206 -53.80 12.05 -17.87
C LEU E 206 -53.72 11.05 -16.75
N GLY E 207 -54.71 10.15 -16.67
CA GLY E 207 -54.74 9.14 -15.62
C GLY E 207 -53.69 8.06 -15.76
N GLN E 208 -53.32 7.71 -16.99
CA GLN E 208 -52.30 6.70 -17.24
C GLN E 208 -50.90 7.23 -17.01
N MET E 209 -50.74 8.54 -16.82
CA MET E 209 -49.45 9.14 -16.54
C MET E 209 -49.41 9.67 -15.12
N ASP E 210 -50.22 9.07 -14.24
CA ASP E 210 -50.28 9.41 -12.83
C ASP E 210 -50.08 8.17 -11.99
N ILE E 211 -49.07 8.19 -11.11
CA ILE E 211 -48.73 6.97 -10.37
C ILE E 211 -49.84 6.57 -9.40
N GLN E 212 -50.43 7.55 -8.71
CA GLN E 212 -51.54 7.26 -7.80
C GLN E 212 -52.68 6.56 -8.55
N THR E 213 -53.04 7.07 -9.74
CA THR E 213 -54.13 6.48 -10.51
C THR E 213 -53.80 5.06 -10.93
N ILE E 214 -52.57 4.84 -11.42
CA ILE E 214 -52.17 3.52 -11.89
C ILE E 214 -52.23 2.49 -10.76
N LEU E 215 -51.69 2.82 -9.59
CA LEU E 215 -51.64 1.85 -8.50
C LEU E 215 -53.02 1.55 -7.93
N GLU E 216 -53.93 2.53 -7.90
CA GLU E 216 -55.28 2.26 -7.41
C GLU E 216 -56.11 1.45 -8.41
N LYS E 217 -55.93 1.71 -9.70
CA LYS E 217 -56.80 1.13 -10.71
C LYS E 217 -56.20 -0.10 -11.40
N SER E 218 -55.01 -0.50 -11.05
CA SER E 218 -54.44 -1.68 -11.68
C SER E 218 -55.10 -2.92 -11.10
N PRO E 219 -55.52 -3.88 -11.93
CA PRO E 219 -56.02 -5.15 -11.39
C PRO E 219 -54.94 -5.87 -10.60
N LYS E 220 -55.36 -6.89 -9.85
CA LYS E 220 -54.46 -7.49 -8.87
C LYS E 220 -53.23 -8.11 -9.53
N GLU E 221 -53.36 -8.65 -10.74
CA GLU E 221 -52.22 -9.32 -11.38
C GLU E 221 -51.15 -8.31 -11.78
N LYS E 222 -51.56 -7.15 -12.31
CA LYS E 222 -50.60 -6.09 -12.61
C LYS E 222 -49.94 -5.56 -11.34
N LEU E 223 -50.76 -5.28 -10.31
CA LEU E 223 -50.24 -4.70 -9.07
C LEU E 223 -49.22 -5.62 -8.41
N ASP E 224 -49.43 -6.94 -8.50
CA ASP E 224 -48.46 -7.85 -7.94
C ASP E 224 -47.16 -7.82 -8.72
N ARG E 225 -47.25 -7.70 -10.04
CA ARG E 225 -46.04 -7.63 -10.84
C ARG E 225 -45.25 -6.36 -10.58
N ILE E 226 -45.95 -5.26 -10.28
CA ILE E 226 -45.25 -4.01 -9.92
C ILE E 226 -44.45 -4.20 -8.63
N LYS E 227 -45.03 -4.93 -7.67
CA LYS E 227 -44.34 -5.21 -6.41
C LYS E 227 -43.19 -6.21 -6.58
N TRP E 228 -43.24 -7.07 -7.59
CA TRP E 228 -42.18 -8.06 -7.82
C TRP E 228 -40.92 -7.41 -8.38
N ILE E 229 -41.08 -6.36 -9.19
CA ILE E 229 -39.96 -5.58 -9.71
C ILE E 229 -39.12 -5.02 -8.56
N ARG E 230 -37.79 -4.97 -8.78
CA ARG E 230 -36.87 -4.35 -7.83
C ARG E 230 -36.68 -2.89 -8.24
N TRP E 231 -37.04 -1.96 -7.35
CA TRP E 231 -36.96 -0.53 -7.65
C TRP E 231 -35.78 0.14 -6.96
N TYR E 232 -35.08 1.02 -7.70
CA TYR E 232 -33.98 1.81 -7.17
C TYR E 232 -34.19 3.25 -7.61
N ILE E 233 -34.53 4.12 -6.68
CA ILE E 233 -34.90 5.50 -6.97
C ILE E 233 -33.90 6.41 -6.27
N SER E 234 -33.21 7.24 -7.03
CA SER E 234 -32.17 8.09 -6.51
C SER E 234 -32.31 9.50 -7.05
N CYS E 235 -32.08 10.48 -6.18
CA CYS E 235 -32.16 11.87 -6.58
C CYS E 235 -31.33 12.72 -5.62
N GLY E 236 -30.72 13.78 -6.14
CA GLY E 236 -29.93 14.67 -5.29
C GLY E 236 -30.79 15.61 -4.44
N ASP E 237 -30.26 15.95 -3.26
CA ASP E 237 -31.02 16.80 -2.33
C ASP E 237 -31.05 18.28 -2.77
N ASP E 238 -30.07 18.71 -3.57
CA ASP E 238 -30.03 20.06 -4.12
C ASP E 238 -30.65 20.13 -5.55
N ASP E 239 -31.41 19.11 -5.95
CA ASP E 239 -32.15 19.09 -7.21
C ASP E 239 -33.56 19.67 -7.00
N PHE E 240 -34.06 20.44 -7.98
CA PHE E 240 -35.42 20.96 -7.88
C PHE E 240 -36.46 19.84 -7.86
N LEU E 241 -36.10 18.65 -8.35
CA LEU E 241 -36.98 17.48 -8.39
C LEU E 241 -36.94 16.64 -7.12
N SER E 242 -36.18 17.06 -6.10
CA SER E 242 -36.10 16.31 -4.87
C SER E 242 -37.46 16.19 -4.21
N VAL E 243 -38.34 17.17 -4.40
CA VAL E 243 -39.66 17.11 -3.80
C VAL E 243 -40.50 16.04 -4.47
N THR E 244 -40.53 16.05 -5.81
CA THR E 244 -41.24 15.02 -6.59
C THR E 244 -40.83 13.61 -6.20
N ASN E 245 -39.52 13.36 -6.04
CA ASN E 245 -39.07 12.02 -5.73
C ASN E 245 -39.25 11.66 -4.27
N CYS E 246 -39.28 12.65 -3.36
CA CYS E 246 -39.72 12.35 -1.99
C CYS E 246 -41.20 12.02 -1.93
N LEU E 247 -42.04 12.73 -2.71
CA LEU E 247 -43.45 12.35 -2.78
C LEU E 247 -43.61 10.96 -3.39
N LEU E 248 -42.75 10.63 -4.36
CA LEU E 248 -42.76 9.30 -4.96
C LEU E 248 -42.48 8.24 -3.89
N HIS E 249 -41.45 8.47 -3.07
CA HIS E 249 -41.12 7.56 -1.97
C HIS E 249 -42.31 7.33 -1.07
N ASN E 250 -43.05 8.39 -0.74
CA ASN E 250 -44.20 8.26 0.14
C ASN E 250 -45.33 7.51 -0.53
N THR E 251 -45.60 7.81 -1.80
CA THR E 251 -46.65 7.13 -2.53
C THR E 251 -46.41 5.63 -2.62
N LEU E 252 -45.18 5.23 -2.93
CA LEU E 252 -44.88 3.80 -3.05
C LEU E 252 -45.06 3.08 -1.72
N LEU E 253 -44.56 3.64 -0.62
CA LEU E 253 -44.76 2.98 0.66
C LEU E 253 -46.25 2.92 1.01
N GLN E 254 -47.03 3.92 0.61
CA GLN E 254 -48.45 3.92 0.93
C GLN E 254 -49.16 2.76 0.26
N HIS E 255 -48.68 2.31 -0.91
CA HIS E 255 -49.24 1.17 -1.63
C HIS E 255 -48.42 -0.10 -1.43
N GLN E 256 -47.49 -0.11 -0.48
CA GLN E 256 -46.75 -1.29 -0.06
C GLN E 256 -45.91 -1.91 -1.19
N VAL E 257 -45.35 -1.06 -2.04
CA VAL E 257 -44.39 -1.49 -3.07
C VAL E 257 -43.01 -1.15 -2.52
N GLY E 258 -42.33 -2.18 -2.02
CA GLY E 258 -41.00 -1.99 -1.48
C GLY E 258 -40.02 -1.55 -2.54
N HIS E 259 -39.03 -0.76 -2.11
CA HIS E 259 -38.06 -0.19 -3.03
C HIS E 259 -36.89 0.32 -2.22
N GLU E 260 -35.76 0.48 -2.91
CA GLU E 260 -34.60 1.16 -2.37
C GLU E 260 -34.67 2.60 -2.88
N PHE E 261 -34.48 3.56 -1.98
CA PHE E 261 -34.59 5.00 -2.23
C PHE E 261 -33.33 5.68 -1.72
N ARG E 262 -32.75 6.55 -2.53
CA ARG E 262 -31.56 7.30 -2.13
C ARG E 262 -31.73 8.77 -2.39
N MET E 263 -31.40 9.58 -1.40
CA MET E 263 -31.22 11.01 -1.62
C MET E 263 -29.81 11.35 -1.15
N LYS E 264 -28.91 11.56 -2.08
CA LYS E 264 -27.51 11.83 -1.81
C LYS E 264 -27.18 13.30 -2.08
N ASP E 265 -25.99 13.69 -1.64
CA ASP E 265 -25.50 15.02 -1.94
C ASP E 265 -25.29 15.14 -3.44
N GLY E 266 -25.91 16.14 -4.04
CA GLY E 266 -25.77 16.31 -5.48
C GLY E 266 -26.87 17.15 -6.05
N SER E 267 -26.68 17.51 -7.31
CA SER E 267 -27.61 18.38 -7.98
C SER E 267 -28.10 17.75 -9.28
N HIS E 268 -28.79 18.54 -10.10
CA HIS E 268 -29.27 18.08 -11.40
C HIS E 268 -28.12 18.23 -12.38
N SER E 269 -27.20 17.25 -12.34
CA SER E 269 -25.95 17.37 -13.08
C SER E 269 -25.42 16.01 -13.48
N TRP E 270 -24.51 16.03 -14.46
CA TRP E 270 -23.81 14.83 -14.90
C TRP E 270 -22.78 14.35 -13.89
N THR E 271 -22.38 15.18 -12.93
CA THR E 271 -21.66 14.64 -11.79
C THR E 271 -22.54 13.66 -11.03
N TYR E 272 -23.81 14.02 -10.76
CA TYR E 272 -24.70 13.10 -10.06
C TYR E 272 -24.88 11.81 -10.85
N TRP E 273 -25.14 11.93 -12.16
CA TRP E 273 -25.49 10.75 -12.93
C TRP E 273 -24.29 9.86 -13.24
N ARG E 274 -23.09 10.43 -13.38
CA ARG E 274 -21.93 9.57 -13.54
C ARG E 274 -21.62 8.82 -12.27
N MET E 275 -21.94 9.41 -11.11
CA MET E 275 -21.73 8.70 -9.86
C MET E 275 -22.72 7.55 -9.71
N GLU E 276 -23.97 7.76 -10.15
CA GLU E 276 -24.98 6.73 -9.92
C GLU E 276 -24.90 5.58 -10.92
N LEU E 277 -24.31 5.81 -12.09
CA LEU E 277 -24.29 4.78 -13.10
C LEU E 277 -23.68 3.47 -12.60
N PRO E 278 -22.51 3.44 -11.95
CA PRO E 278 -22.02 2.15 -11.43
C PRO E 278 -22.86 1.59 -10.28
N GLU E 279 -23.54 2.44 -9.49
CA GLU E 279 -24.49 1.92 -8.50
C GLU E 279 -25.70 1.26 -9.16
N VAL E 280 -26.20 1.85 -10.24
CA VAL E 280 -27.28 1.20 -10.99
C VAL E 280 -26.80 -0.14 -11.55
N MET E 281 -25.59 -0.17 -12.12
CA MET E 281 -25.07 -1.41 -12.68
C MET E 281 -24.91 -2.50 -11.61
N ARG E 282 -24.37 -2.15 -10.44
CA ARG E 282 -24.29 -3.15 -9.38
C ARG E 282 -25.68 -3.60 -8.94
N PHE E 283 -26.63 -2.67 -8.88
CA PHE E 283 -27.97 -3.03 -8.47
C PHE E 283 -28.57 -4.05 -9.42
N VAL E 284 -28.57 -3.75 -10.73
CA VAL E 284 -29.22 -4.67 -11.65
C VAL E 284 -28.40 -5.95 -11.80
N SER E 285 -27.07 -5.84 -11.77
CA SER E 285 -26.21 -7.02 -11.95
C SER E 285 -26.51 -8.06 -10.87
N ARG E 286 -26.62 -7.64 -9.61
CA ARG E 286 -26.96 -8.59 -8.54
C ARG E 286 -28.32 -9.25 -8.78
N ILE E 287 -29.26 -8.55 -9.42
CA ILE E 287 -30.54 -9.16 -9.76
C ILE E 287 -30.37 -10.15 -10.91
N PHE E 288 -29.57 -9.80 -11.92
CA PHE E 288 -29.30 -10.71 -13.03
C PHE E 288 -28.63 -11.99 -12.55
N THR E 289 -27.66 -11.90 -11.63
CA THR E 289 -26.89 -13.05 -11.18
C THR E 289 -27.53 -13.76 -9.98
N GLN E 290 -28.52 -13.13 -9.34
CA GLN E 290 -29.11 -13.60 -8.08
C GLN E 290 -28.12 -13.42 -6.93
N TYR E 291 -28.58 -13.57 -5.67
CA TYR E 291 -27.68 -13.45 -4.52
C TYR E 291 -28.16 -14.09 -3.21
N GLN F 24 3.20 -3.22 -23.53
CA GLN F 24 4.26 -2.57 -22.76
C GLN F 24 5.68 -3.07 -23.09
N GLN F 25 5.84 -3.94 -24.10
CA GLN F 25 7.12 -4.58 -24.43
C GLN F 25 7.64 -4.14 -25.81
N GLY F 26 8.91 -3.71 -25.86
CA GLY F 26 9.61 -3.51 -27.11
C GLY F 26 10.27 -4.78 -27.59
N LYS F 27 11.18 -4.63 -28.55
CA LYS F 27 11.80 -5.79 -29.15
C LYS F 27 13.24 -5.47 -29.54
N VAL F 28 14.03 -6.53 -29.70
CA VAL F 28 15.46 -6.42 -29.99
C VAL F 28 15.77 -7.30 -31.19
N TYR F 29 16.54 -6.76 -32.14
CA TYR F 29 17.08 -7.55 -33.25
C TYR F 29 18.60 -7.62 -33.07
N GLU F 30 19.14 -8.85 -33.13
CA GLU F 30 20.57 -9.11 -33.00
C GLU F 30 21.27 -9.50 -34.30
N THR F 31 20.55 -10.00 -35.29
CA THR F 31 21.15 -10.65 -36.44
C THR F 31 21.24 -9.75 -37.67
N ARG F 32 20.91 -8.48 -37.56
CA ARG F 32 21.02 -7.62 -38.73
C ARG F 32 22.44 -7.11 -38.88
N THR F 33 22.74 -6.65 -40.09
CA THR F 33 24.08 -6.23 -40.49
C THR F 33 23.97 -4.99 -41.36
N VAL F 34 25.05 -4.21 -41.41
CA VAL F 34 25.23 -3.14 -42.39
C VAL F 34 26.45 -3.46 -43.26
N LYS F 35 26.29 -3.34 -44.59
CA LYS F 35 27.37 -3.69 -45.51
C LYS F 35 28.35 -2.52 -45.58
N SER F 36 29.58 -2.74 -45.12
CA SER F 36 30.55 -1.69 -44.94
C SER F 36 31.54 -1.70 -46.11
N LYS F 37 31.59 -0.59 -46.84
CA LYS F 37 32.61 -0.45 -47.86
C LYS F 37 33.97 -0.15 -47.24
N ILE F 38 33.97 0.57 -46.11
CA ILE F 38 35.21 0.98 -45.46
C ILE F 38 35.91 -0.22 -44.82
N LEU F 39 35.17 -1.13 -44.19
CA LEU F 39 35.76 -2.31 -43.58
C LEU F 39 35.70 -3.56 -44.46
N GLY F 40 35.03 -3.50 -45.62
CA GLY F 40 34.97 -4.60 -46.56
C GLY F 40 34.26 -5.86 -46.09
N MET F 41 33.14 -5.72 -45.38
CA MET F 41 32.46 -6.87 -44.79
C MET F 41 31.09 -6.42 -44.29
N GLU F 42 30.28 -7.41 -43.92
CA GLU F 42 29.04 -7.16 -43.20
C GLU F 42 29.33 -6.98 -41.70
N ARG F 43 28.86 -5.89 -41.11
CA ARG F 43 29.08 -5.62 -39.69
C ARG F 43 27.79 -5.84 -38.91
N SER F 44 27.89 -6.59 -37.82
CA SER F 44 26.75 -6.86 -36.96
C SER F 44 26.45 -5.64 -36.08
N TYR F 45 25.17 -5.50 -35.68
CA TYR F 45 24.75 -4.63 -34.60
C TYR F 45 23.46 -5.20 -33.99
N SER F 46 23.17 -4.81 -32.75
CA SER F 46 21.90 -5.07 -32.10
C SER F 46 21.13 -3.77 -31.96
N ILE F 47 19.80 -3.86 -31.98
CA ILE F 47 18.98 -2.66 -31.89
C ILE F 47 17.74 -2.96 -31.06
N TYR F 48 17.41 -2.03 -30.17
CA TYR F 48 16.20 -2.05 -29.38
C TYR F 48 15.18 -1.05 -29.95
N LEU F 49 14.02 -1.51 -30.27
CA LEU F 49 12.95 -0.63 -30.66
C LEU F 49 11.93 -0.51 -29.53
N PRO F 50 11.50 0.70 -29.19
CA PRO F 50 10.60 0.84 -28.05
C PRO F 50 9.21 0.29 -28.35
N ALA F 51 8.45 0.12 -27.28
CA ALA F 51 7.07 -0.34 -27.44
C ALA F 51 6.29 0.63 -28.31
N GLY F 52 5.44 0.08 -29.17
CA GLY F 52 4.65 0.93 -30.04
C GLY F 52 5.37 1.45 -31.25
N TYR F 53 6.60 0.98 -31.50
CA TYR F 53 7.32 1.35 -32.71
C TYR F 53 6.53 1.01 -33.97
N ASP F 54 5.75 -0.07 -33.95
CA ASP F 54 5.06 -0.49 -35.17
C ASP F 54 3.69 0.14 -35.34
N GLU F 55 3.18 0.83 -34.32
CA GLU F 55 2.01 1.71 -34.45
C GLU F 55 2.45 3.13 -34.74
N GLY F 56 1.60 3.88 -35.45
CA GLY F 56 1.91 5.27 -35.78
C GLY F 56 3.14 5.44 -36.65
N ASP F 57 3.47 6.68 -37.01
CA ASP F 57 4.54 6.95 -37.98
C ASP F 57 5.62 7.86 -37.41
N GLY F 58 5.65 8.05 -36.10
CA GLY F 58 6.59 8.98 -35.49
C GLY F 58 8.01 8.47 -35.52
N SER F 59 8.92 9.37 -35.15
CA SER F 59 10.35 9.09 -35.09
C SER F 59 10.87 9.21 -33.66
N TYR F 60 12.06 8.68 -33.43
CA TYR F 60 12.61 8.58 -32.10
C TYR F 60 14.05 9.07 -32.05
N PRO F 61 14.51 9.55 -30.90
CA PRO F 61 15.94 9.78 -30.70
C PRO F 61 16.67 8.46 -30.50
N VAL F 62 18.00 8.52 -30.62
CA VAL F 62 18.82 7.31 -30.60
C VAL F 62 19.91 7.48 -29.57
N LEU F 63 20.12 6.42 -28.77
CA LEU F 63 21.26 6.25 -27.88
C LEU F 63 22.15 5.14 -28.45
N TYR F 64 23.40 5.46 -28.74
CA TYR F 64 24.40 4.45 -29.11
C TYR F 64 25.04 3.94 -27.83
N LEU F 65 25.11 2.62 -27.68
CA LEU F 65 25.48 1.97 -26.41
C LEU F 65 26.60 0.97 -26.69
N LEU F 66 27.82 1.24 -26.21
CA LEU F 66 29.03 0.50 -26.61
C LEU F 66 29.48 -0.48 -25.53
N HIS F 67 29.86 -1.69 -25.95
CA HIS F 67 30.28 -2.77 -25.06
C HIS F 67 31.77 -2.69 -24.67
N GLY F 68 32.18 -3.58 -23.77
CA GLY F 68 33.56 -3.64 -23.30
C GLY F 68 34.38 -4.74 -23.97
N LEU F 69 35.65 -4.80 -23.59
CA LEU F 69 36.57 -5.76 -24.20
C LEU F 69 36.14 -7.20 -23.90
N GLY F 70 36.04 -8.02 -24.94
CA GLY F 70 35.59 -9.39 -24.79
C GLY F 70 34.15 -9.67 -25.19
N ASP F 71 33.26 -8.70 -25.12
CA ASP F 71 31.89 -8.92 -25.54
C ASP F 71 31.69 -8.38 -26.95
N ASN F 72 30.54 -8.67 -27.54
CA ASN F 72 30.19 -8.07 -28.83
C ASN F 72 28.80 -7.47 -28.78
N HIS F 73 28.08 -7.42 -29.90
CA HIS F 73 26.79 -6.72 -29.91
C HIS F 73 25.70 -7.43 -29.10
N THR F 74 25.92 -8.67 -28.67
CA THR F 74 24.96 -9.28 -27.79
C THR F 74 25.21 -8.97 -26.31
N GLY F 75 26.32 -8.27 -26.01
CA GLY F 75 26.73 -8.05 -24.63
C GLY F 75 25.73 -7.25 -23.82
N TRP F 76 25.33 -6.07 -24.34
CA TRP F 76 24.27 -5.31 -23.69
C TRP F 76 22.90 -6.00 -23.75
N VAL F 77 22.70 -6.99 -24.62
CA VAL F 77 21.43 -7.71 -24.65
C VAL F 77 21.39 -8.80 -23.58
N GLN F 78 22.37 -9.70 -23.61
CA GLN F 78 22.35 -10.82 -22.69
C GLN F 78 22.81 -10.40 -21.29
N PHE F 79 23.89 -9.64 -21.21
CA PHE F 79 24.35 -9.22 -19.88
C PHE F 79 23.66 -7.94 -19.44
N GLY F 80 23.59 -6.94 -20.34
CA GLY F 80 22.98 -5.69 -19.97
C GLY F 80 21.49 -5.77 -19.75
N GLN F 81 20.85 -6.83 -20.27
CA GLN F 81 19.40 -7.00 -20.13
C GLN F 81 18.67 -5.74 -20.55
N VAL F 82 19.12 -5.16 -21.67
CA VAL F 82 18.60 -3.88 -22.14
C VAL F 82 17.09 -3.95 -22.40
N GLN F 83 16.59 -5.10 -22.87
CA GLN F 83 15.18 -5.14 -23.26
C GLN F 83 14.29 -4.94 -22.04
N TYR F 84 14.54 -5.68 -20.96
CA TYR F 84 13.77 -5.52 -19.73
C TYR F 84 14.00 -4.14 -19.10
N ILE F 85 15.26 -3.69 -19.02
CA ILE F 85 15.56 -2.44 -18.33
C ILE F 85 14.96 -1.26 -19.07
N ALA F 86 15.11 -1.23 -20.41
CA ALA F 86 14.52 -0.13 -21.17
C ALA F 86 12.99 -0.20 -21.21
N ASP F 87 12.42 -1.41 -21.37
CA ASP F 87 10.96 -1.53 -21.31
C ASP F 87 10.41 -0.98 -20.00
N LYS F 88 11.10 -1.28 -18.89
CA LYS F 88 10.64 -0.86 -17.57
C LYS F 88 10.76 0.64 -17.40
N ALA F 89 11.91 1.21 -17.80
CA ALA F 89 12.10 2.65 -17.64
C ALA F 89 11.13 3.45 -18.49
N ILE F 90 10.82 2.95 -19.69
CA ILE F 90 9.96 3.72 -20.59
C ILE F 90 8.50 3.62 -20.15
N ALA F 91 8.07 2.44 -19.70
CA ALA F 91 6.68 2.27 -19.27
C ALA F 91 6.42 3.01 -17.96
N GLU F 92 7.42 3.05 -17.06
CA GLU F 92 7.30 3.83 -15.83
C GLU F 92 7.42 5.34 -16.05
N GLY F 93 7.73 5.79 -17.26
CA GLY F 93 7.91 7.20 -17.50
C GLY F 93 9.24 7.77 -17.04
N LYS F 94 10.08 6.98 -16.38
CA LYS F 94 11.39 7.46 -15.97
C LYS F 94 12.22 7.87 -17.16
N SER F 95 11.90 7.34 -18.34
CA SER F 95 12.55 7.72 -19.59
C SER F 95 11.50 7.83 -20.70
N ALA F 96 11.74 8.71 -21.65
CA ALA F 96 10.92 8.77 -22.85
C ALA F 96 11.33 7.67 -23.84
N PRO F 97 10.42 7.29 -24.76
CA PRO F 97 10.76 6.26 -25.74
C PRO F 97 11.95 6.68 -26.57
N MET F 98 12.89 5.75 -26.76
CA MET F 98 14.06 5.98 -27.60
C MET F 98 14.50 4.65 -28.22
N ILE F 99 15.32 4.76 -29.27
CA ILE F 99 15.97 3.62 -29.91
C ILE F 99 17.36 3.48 -29.32
N ILE F 100 17.79 2.26 -29.09
CA ILE F 100 19.12 1.97 -28.55
C ILE F 100 19.82 1.08 -29.57
N VAL F 101 20.99 1.50 -30.04
CA VAL F 101 21.77 0.78 -31.05
C VAL F 101 23.09 0.32 -30.43
N MET F 102 23.40 -0.96 -30.61
CA MET F 102 24.57 -1.59 -29.99
C MET F 102 25.51 -2.14 -31.05
N PRO F 103 26.55 -1.40 -31.42
CA PRO F 103 27.46 -1.88 -32.47
C PRO F 103 28.38 -2.99 -31.99
N ASP F 104 28.79 -3.83 -32.94
CA ASP F 104 29.77 -4.89 -32.71
C ASP F 104 31.17 -4.33 -32.96
N ALA F 105 31.98 -4.23 -31.92
CA ALA F 105 33.38 -3.82 -32.05
C ALA F 105 34.31 -4.92 -31.53
N ASP F 106 33.97 -6.17 -31.86
CA ASP F 106 34.72 -7.35 -31.46
C ASP F 106 35.21 -8.21 -32.63
N THR F 107 34.39 -8.39 -33.67
CA THR F 107 34.80 -9.23 -34.79
C THR F 107 35.95 -8.59 -35.57
N VAL F 108 36.90 -9.42 -36.00
CA VAL F 108 38.11 -9.05 -36.74
C VAL F 108 39.11 -8.34 -35.84
N HIS F 109 38.76 -7.18 -35.30
CA HIS F 109 39.63 -6.48 -34.37
C HIS F 109 38.80 -5.92 -33.22
N LYS F 110 39.37 -5.92 -32.03
CA LYS F 110 38.67 -5.39 -30.87
C LYS F 110 39.04 -3.93 -30.72
N GLY F 111 38.03 -3.07 -30.61
CA GLY F 111 38.24 -1.66 -30.35
C GLY F 111 37.48 -0.78 -31.32
N TYR F 112 37.42 0.51 -30.98
CA TYR F 112 36.55 1.46 -31.64
C TYR F 112 37.25 2.44 -32.58
N PHE F 113 38.57 2.39 -32.73
CA PHE F 113 39.24 3.49 -33.43
C PHE F 113 39.98 3.00 -34.66
N ASN F 114 40.39 3.95 -35.49
CA ASN F 114 41.16 3.61 -36.67
C ASN F 114 42.52 3.09 -36.25
N LEU F 115 42.88 1.91 -36.75
CA LEU F 115 44.19 1.34 -36.48
C LEU F 115 45.29 2.12 -37.21
N LEU F 116 46.49 2.08 -36.65
CA LEU F 116 47.61 2.86 -37.17
C LEU F 116 48.10 2.35 -38.52
N ASP F 117 47.83 1.09 -38.86
CA ASP F 117 48.33 0.51 -40.10
C ASP F 117 47.44 0.83 -41.30
N GLY F 118 46.33 1.55 -41.10
CA GLY F 118 45.49 1.95 -42.21
C GLY F 118 44.56 0.89 -42.74
N THR F 119 44.52 -0.30 -42.12
CA THR F 119 43.74 -1.43 -42.61
C THR F 119 42.36 -1.57 -41.97
N TYR F 120 42.01 -0.76 -40.97
CA TYR F 120 40.77 -1.05 -40.26
C TYR F 120 40.26 0.21 -39.58
N ASN F 121 39.56 1.05 -40.35
CA ASN F 121 39.18 2.37 -39.89
C ASN F 121 37.80 2.29 -39.25
N TYR F 122 37.80 1.74 -38.03
CA TYR F 122 36.53 1.47 -37.36
C TYR F 122 35.79 2.77 -37.07
N GLU F 123 36.52 3.81 -36.65
CA GLU F 123 35.89 5.09 -36.35
C GLU F 123 35.29 5.72 -37.60
N ASP F 124 35.99 5.65 -38.74
CA ASP F 124 35.39 6.09 -40.00
C ASP F 124 34.11 5.31 -40.30
N PHE F 125 34.11 3.99 -40.06
CA PHE F 125 32.92 3.17 -40.25
C PHE F 125 31.74 3.64 -39.39
N PHE F 126 32.01 3.91 -38.12
CA PHE F 126 30.95 4.31 -37.20
C PHE F 126 30.21 5.54 -37.71
N PHE F 127 30.93 6.58 -38.11
CA PHE F 127 30.31 7.86 -38.42
C PHE F 127 29.82 7.97 -39.86
N GLN F 128 30.48 7.30 -40.78
CA GLN F 128 30.15 7.46 -42.19
C GLN F 128 29.25 6.36 -42.74
N GLU F 129 29.13 5.22 -42.05
CA GLU F 129 28.30 4.14 -42.58
C GLU F 129 27.26 3.67 -41.56
N LEU F 130 27.63 3.47 -40.29
CA LEU F 130 26.68 2.94 -39.30
C LEU F 130 25.60 3.94 -38.93
N ILE F 131 25.99 5.15 -38.52
CA ILE F 131 24.99 6.16 -38.17
C ILE F 131 24.10 6.48 -39.36
N PRO F 132 24.61 6.71 -40.57
CA PRO F 132 23.70 6.89 -41.72
C PRO F 132 22.85 5.68 -42.02
N HIS F 133 23.34 4.46 -41.79
CA HIS F 133 22.52 3.28 -42.04
C HIS F 133 21.34 3.23 -41.08
N ILE F 134 21.60 3.49 -39.78
CA ILE F 134 20.53 3.48 -38.78
C ILE F 134 19.48 4.51 -39.14
N GLU F 135 19.91 5.68 -39.59
CA GLU F 135 18.99 6.76 -39.89
C GLU F 135 18.18 6.47 -41.16
N LYS F 136 18.69 5.64 -42.06
CA LYS F 136 17.95 5.29 -43.27
C LYS F 136 16.94 4.17 -43.04
N THR F 137 17.24 3.23 -42.13
CA THR F 137 16.52 1.96 -41.95
C THR F 137 15.43 2.04 -40.89
N TYR F 138 15.60 2.90 -39.90
CA TYR F 138 14.68 3.03 -38.78
C TYR F 138 14.18 4.47 -38.70
N ARG F 139 13.08 4.65 -37.99
CA ARG F 139 12.47 5.99 -37.89
C ARG F 139 13.18 6.79 -36.82
N VAL F 140 14.21 7.51 -37.24
CA VAL F 140 15.14 8.18 -36.34
C VAL F 140 15.05 9.68 -36.62
N ARG F 141 14.97 10.48 -35.56
CA ARG F 141 15.18 11.91 -35.69
C ARG F 141 16.68 12.13 -35.89
N ALA F 142 17.08 12.49 -37.10
CA ALA F 142 18.48 12.49 -37.50
C ALA F 142 19.11 13.87 -37.31
N GLU F 143 19.29 14.22 -36.04
CA GLU F 143 19.97 15.46 -35.67
C GLU F 143 20.79 15.24 -34.40
N SER F 144 21.80 16.08 -34.21
CA SER F 144 22.67 15.95 -33.05
C SER F 144 21.91 16.12 -31.73
N ARG F 145 20.93 17.03 -31.69
CA ARG F 145 20.18 17.25 -30.45
C ARG F 145 19.41 16.02 -30.02
N TYR F 146 19.32 15.00 -30.88
CA TYR F 146 18.62 13.75 -30.65
C TYR F 146 19.57 12.57 -30.74
N ARG F 147 20.86 12.78 -30.50
CA ARG F 147 21.81 11.68 -30.65
C ARG F 147 22.71 11.68 -29.41
N ALA F 148 22.79 10.54 -28.73
CA ALA F 148 23.63 10.42 -27.54
C ALA F 148 24.44 9.14 -27.61
N ILE F 149 25.50 9.09 -26.81
CA ILE F 149 26.39 7.92 -26.82
C ILE F 149 26.84 7.59 -25.40
N SER F 150 26.92 6.29 -25.12
CA SER F 150 27.27 5.78 -23.80
C SER F 150 27.96 4.43 -23.97
N GLY F 151 28.62 3.98 -22.92
CA GLY F 151 29.29 2.69 -22.96
C GLY F 151 30.02 2.42 -21.66
N LEU F 152 30.51 1.18 -21.55
CA LEU F 152 31.20 0.73 -20.37
C LEU F 152 32.63 0.32 -20.70
N ALA F 153 33.56 0.62 -19.79
CA ALA F 153 34.95 0.17 -19.85
C ALA F 153 35.61 0.57 -21.17
N MET F 154 35.95 -0.42 -22.00
CA MET F 154 36.46 -0.11 -23.32
C MET F 154 35.50 0.82 -24.06
N GLY F 155 34.19 0.58 -23.93
CA GLY F 155 33.18 1.39 -24.57
C GLY F 155 32.96 2.74 -23.94
N GLY F 156 33.34 2.90 -22.67
CA GLY F 156 33.33 4.23 -22.07
C GLY F 156 34.37 5.16 -22.66
N GLY F 157 35.59 4.66 -22.85
CA GLY F 157 36.60 5.41 -23.58
C GLY F 157 36.22 5.62 -25.04
N GLY F 158 35.54 4.63 -25.64
CA GLY F 158 35.03 4.83 -26.98
C GLY F 158 34.06 6.00 -27.05
N ALA F 159 33.08 6.02 -26.16
CA ALA F 159 32.11 7.11 -26.13
C ALA F 159 32.78 8.46 -25.84
N LEU F 160 33.70 8.48 -24.86
CA LEU F 160 34.39 9.72 -24.48
C LEU F 160 35.17 10.31 -25.67
N PHE F 161 35.95 9.48 -26.36
CA PHE F 161 36.80 10.01 -27.43
C PHE F 161 36.09 10.14 -28.78
N TYR F 162 35.04 9.36 -29.01
CA TYR F 162 34.18 9.65 -30.15
C TYR F 162 33.64 11.07 -30.06
N ALA F 163 33.24 11.50 -28.85
CA ALA F 163 32.66 12.82 -28.68
C ALA F 163 33.70 13.93 -28.66
N LEU F 164 34.91 13.66 -28.16
CA LEU F 164 35.93 14.69 -28.21
C LEU F 164 36.46 14.87 -29.63
N HIS F 165 36.39 13.84 -30.47
CA HIS F 165 36.83 14.00 -31.86
C HIS F 165 35.75 14.66 -32.71
N TYR F 166 34.49 14.27 -32.50
CA TYR F 166 33.35 14.78 -33.26
C TYR F 166 32.28 15.32 -32.32
N PRO F 167 32.59 16.38 -31.55
CA PRO F 167 31.62 16.90 -30.58
C PRO F 167 30.33 17.43 -31.19
N GLU F 168 30.34 17.80 -32.47
CA GLU F 168 29.14 18.26 -33.15
C GLU F 168 28.13 17.15 -33.45
N MET F 169 28.47 15.87 -33.22
CA MET F 169 27.58 14.76 -33.54
C MET F 169 26.69 14.34 -32.39
N PHE F 170 26.96 14.80 -31.17
CA PHE F 170 26.26 14.29 -29.99
C PHE F 170 25.79 15.46 -29.13
N VAL F 171 24.70 15.22 -28.40
CA VAL F 171 24.21 16.19 -27.44
C VAL F 171 24.44 15.76 -26.00
N ALA F 172 24.61 14.46 -25.74
CA ALA F 172 24.85 13.95 -24.39
C ALA F 172 25.77 12.73 -24.48
N VAL F 173 26.68 12.59 -23.50
CA VAL F 173 27.66 11.52 -23.51
C VAL F 173 27.80 10.98 -22.09
N ALA F 174 27.77 9.65 -21.93
CA ALA F 174 27.78 9.04 -20.60
C ALA F 174 28.75 7.87 -20.54
N PRO F 175 30.03 8.13 -20.30
CA PRO F 175 31.00 7.02 -20.16
C PRO F 175 30.82 6.33 -18.82
N LEU F 176 30.64 5.00 -18.84
CA LEU F 176 30.51 4.22 -17.61
C LEU F 176 31.79 3.44 -17.34
N SER F 177 32.35 3.61 -16.15
CA SER F 177 33.60 2.94 -15.74
C SER F 177 34.65 3.05 -16.83
N ALA F 178 34.81 4.26 -17.37
CA ALA F 178 35.52 4.39 -18.65
C ALA F 178 37.01 4.14 -18.48
N VAL F 179 37.55 3.45 -19.46
CA VAL F 179 38.98 3.32 -19.61
C VAL F 179 39.57 4.63 -20.12
N GLY F 180 40.87 4.83 -19.88
CA GLY F 180 41.54 6.06 -20.25
C GLY F 180 42.07 6.10 -21.69
N GLY F 181 42.63 7.26 -22.05
CA GLY F 181 43.24 7.40 -23.36
C GLY F 181 44.50 6.58 -23.54
N ALA F 182 45.33 6.45 -22.50
CA ALA F 182 46.54 5.64 -22.60
C ALA F 182 46.20 4.16 -22.79
N TRP F 183 45.18 3.66 -22.09
CA TRP F 183 44.73 2.28 -22.28
C TRP F 183 44.32 2.05 -23.73
N THR F 184 43.54 2.98 -24.28
CA THR F 184 42.99 2.83 -25.63
C THR F 184 44.09 2.88 -26.68
N PHE F 185 45.04 3.81 -26.55
CA PHE F 185 46.13 3.87 -27.51
C PHE F 185 46.95 2.58 -27.49
N ASP F 186 47.12 1.99 -26.31
CA ASP F 186 47.81 0.70 -26.21
C ASP F 186 47.07 -0.39 -27.00
N GLN F 187 45.74 -0.37 -26.97
CA GLN F 187 44.97 -1.35 -27.75
C GLN F 187 45.14 -1.12 -29.26
N MET F 188 45.09 0.15 -29.68
CA MET F 188 45.26 0.44 -31.10
C MET F 188 46.63 -0.03 -31.60
N LYS F 189 47.65 0.07 -30.76
CA LYS F 189 48.97 -0.40 -31.16
C LYS F 189 49.00 -1.92 -31.25
N ASN F 190 48.48 -2.59 -30.21
CA ASN F 190 48.52 -4.04 -30.17
C ASN F 190 47.63 -4.66 -31.25
N GLN F 191 46.58 -3.96 -31.67
CA GLN F 191 45.74 -4.52 -32.73
C GLN F 191 46.32 -4.28 -34.11
N SER F 192 47.33 -3.42 -34.23
CA SER F 192 47.85 -3.03 -35.52
C SER F 192 49.11 -3.82 -35.84
N ASP F 193 49.41 -3.92 -37.14
CA ASP F 193 50.74 -4.30 -37.64
C ASP F 193 51.54 -3.02 -37.76
N LEU F 194 52.43 -2.79 -36.79
CA LEU F 194 53.21 -1.56 -36.70
C LEU F 194 54.45 -1.56 -37.60
N SER F 195 54.64 -2.58 -38.45
CA SER F 195 55.92 -2.72 -39.15
C SER F 195 56.22 -1.55 -40.09
N LYS F 196 55.21 -1.03 -40.80
CA LYS F 196 55.36 0.08 -41.73
C LYS F 196 54.90 1.42 -41.16
N VAL F 197 54.73 1.52 -39.84
CA VAL F 197 54.20 2.73 -39.21
C VAL F 197 55.37 3.55 -38.68
N SER F 198 55.42 4.82 -39.08
CA SER F 198 56.48 5.74 -38.71
C SER F 198 56.31 6.23 -37.28
N GLU F 199 57.42 6.72 -36.72
CA GLU F 199 57.38 7.26 -35.37
C GLU F 199 56.60 8.57 -35.35
N GLU F 200 56.60 9.31 -36.46
CA GLU F 200 55.81 10.53 -36.54
C GLU F 200 54.30 10.21 -36.48
N LYS F 201 53.88 9.13 -37.17
CA LYS F 201 52.46 8.76 -37.14
C LYS F 201 52.03 8.27 -35.77
N LYS F 202 52.90 7.51 -35.08
CA LYS F 202 52.58 7.09 -33.72
C LYS F 202 52.41 8.28 -32.79
N ALA F 203 53.30 9.28 -32.89
CA ALA F 203 53.24 10.43 -32.00
C ALA F 203 51.99 11.26 -32.24
N GLU F 204 51.55 11.35 -33.49
CA GLU F 204 50.36 12.12 -33.83
C GLU F 204 49.13 11.50 -33.18
N VAL F 205 48.97 10.19 -33.31
CA VAL F 205 47.82 9.51 -32.77
C VAL F 205 47.87 9.45 -31.24
N LEU F 206 49.06 9.34 -30.66
CA LEU F 206 49.15 9.40 -29.20
C LEU F 206 48.51 10.68 -28.65
N GLY F 207 48.78 11.83 -29.28
CA GLY F 207 48.20 13.09 -28.81
C GLY F 207 46.71 13.22 -29.07
N GLN F 208 46.21 12.64 -30.16
CA GLN F 208 44.78 12.69 -30.42
C GLN F 208 44.00 11.74 -29.54
N MET F 209 44.68 10.89 -28.77
CA MET F 209 44.06 10.01 -27.78
C MET F 209 44.45 10.41 -26.36
N ASP F 210 44.74 11.69 -26.15
CA ASP F 210 45.05 12.21 -24.83
C ASP F 210 44.09 13.36 -24.54
N ILE F 211 43.36 13.27 -23.43
CA ILE F 211 42.32 14.25 -23.16
C ILE F 211 42.93 15.63 -22.86
N GLN F 212 44.05 15.66 -22.14
CA GLN F 212 44.75 16.91 -21.88
C GLN F 212 45.12 17.60 -23.20
N THR F 213 45.65 16.83 -24.15
CA THR F 213 46.08 17.39 -25.43
C THR F 213 44.89 17.91 -26.25
N ILE F 214 43.80 17.15 -26.32
CA ILE F 214 42.67 17.57 -27.15
C ILE F 214 42.13 18.92 -26.67
N LEU F 215 42.03 19.10 -25.35
CA LEU F 215 41.45 20.34 -24.82
C LEU F 215 42.36 21.55 -24.99
N GLU F 216 43.69 21.38 -24.85
CA GLU F 216 44.58 22.54 -25.03
C GLU F 216 44.73 22.92 -26.50
N LYS F 217 44.71 21.95 -27.41
CA LYS F 217 44.99 22.25 -28.80
C LYS F 217 43.71 22.50 -29.59
N SER F 218 42.58 22.50 -28.92
CA SER F 218 41.29 22.69 -29.59
C SER F 218 41.05 24.17 -29.90
N PRO F 219 40.61 24.51 -31.11
CA PRO F 219 40.13 25.86 -31.38
C PRO F 219 38.90 26.20 -30.54
N LYS F 220 38.52 27.48 -30.56
CA LYS F 220 37.46 27.95 -29.68
C LYS F 220 36.11 27.30 -29.98
N GLU F 221 35.79 27.16 -31.27
CA GLU F 221 34.47 26.61 -31.71
C GLU F 221 34.29 25.17 -31.23
N LYS F 222 35.31 24.32 -31.40
CA LYS F 222 35.28 22.96 -30.89
C LYS F 222 35.16 22.95 -29.36
N LEU F 223 35.99 23.75 -28.68
CA LEU F 223 35.95 23.78 -27.21
C LEU F 223 34.58 24.21 -26.70
N ASP F 224 33.91 25.11 -27.43
CA ASP F 224 32.58 25.54 -27.01
C ASP F 224 31.55 24.43 -27.18
N ARG F 225 31.64 23.66 -28.27
CA ARG F 225 30.73 22.53 -28.45
C ARG F 225 30.95 21.45 -27.39
N ILE F 226 32.21 21.27 -26.97
CA ILE F 226 32.51 20.31 -25.91
C ILE F 226 31.89 20.75 -24.59
N LYS F 227 31.90 22.06 -24.30
CA LYS F 227 31.26 22.56 -23.09
C LYS F 227 29.75 22.50 -23.20
N TRP F 228 29.21 22.56 -24.42
CA TRP F 228 27.77 22.51 -24.66
C TRP F 228 27.19 21.12 -24.46
N ILE F 229 27.94 20.08 -24.81
CA ILE F 229 27.52 18.71 -24.54
C ILE F 229 27.26 18.49 -23.06
N ARG F 230 26.23 17.71 -22.76
CA ARG F 230 25.95 17.32 -21.39
C ARG F 230 26.65 15.99 -21.11
N TRP F 231 27.57 15.99 -20.15
CA TRP F 231 28.37 14.85 -19.78
C TRP F 231 27.88 14.21 -18.48
N TYR F 232 27.90 12.89 -18.44
CA TYR F 232 27.57 12.13 -17.23
C TYR F 232 28.62 11.03 -17.07
N ILE F 233 29.48 11.15 -16.08
CA ILE F 233 30.60 10.23 -15.89
C ILE F 233 30.43 9.49 -14.57
N SER F 234 30.36 8.17 -14.63
CA SER F 234 30.09 7.35 -13.45
C SER F 234 31.04 6.16 -13.40
N CYS F 235 31.50 5.84 -12.20
CA CYS F 235 32.43 4.73 -11.99
C CYS F 235 32.33 4.25 -10.53
N GLY F 236 32.47 2.93 -10.31
CA GLY F 236 32.41 2.40 -8.95
C GLY F 236 33.67 2.65 -8.14
N ASP F 237 33.51 2.77 -6.82
CA ASP F 237 34.64 3.12 -5.96
C ASP F 237 35.61 1.95 -5.71
N ASP F 238 35.13 0.70 -5.81
CA ASP F 238 35.98 -0.48 -5.70
C ASP F 238 36.47 -0.97 -7.06
N ASP F 239 36.44 -0.12 -8.08
CA ASP F 239 36.98 -0.38 -9.41
C ASP F 239 38.43 0.09 -9.51
N PHE F 240 39.27 -0.69 -10.21
CA PHE F 240 40.65 -0.26 -10.51
C PHE F 240 40.71 0.97 -11.42
N LEU F 241 39.65 1.25 -12.16
CA LEU F 241 39.61 2.43 -13.01
C LEU F 241 39.12 3.67 -12.27
N SER F 242 38.84 3.55 -10.96
CA SER F 242 38.32 4.70 -10.23
C SER F 242 39.31 5.85 -10.24
N VAL F 243 40.62 5.56 -10.23
CA VAL F 243 41.64 6.60 -10.26
C VAL F 243 41.65 7.31 -11.61
N THR F 244 41.62 6.53 -12.71
CA THR F 244 41.50 7.14 -14.03
C THR F 244 40.34 8.11 -14.12
N ASN F 245 39.18 7.71 -13.58
CA ASN F 245 37.99 8.54 -13.68
C ASN F 245 37.94 9.68 -12.67
N CYS F 246 38.62 9.55 -11.52
CA CYS F 246 38.81 10.72 -10.65
C CYS F 246 39.76 11.72 -11.29
N LEU F 247 40.84 11.26 -11.94
CA LEU F 247 41.71 12.16 -12.67
C LEU F 247 40.96 12.84 -13.82
N LEU F 248 40.05 12.11 -14.47
CA LEU F 248 39.25 12.70 -15.54
C LEU F 248 38.41 13.86 -15.00
N HIS F 249 37.74 13.64 -13.86
CA HIS F 249 36.94 14.70 -13.24
C HIS F 249 37.78 15.94 -12.99
N ASN F 250 38.99 15.77 -12.43
CA ASN F 250 39.85 16.92 -12.15
C ASN F 250 40.26 17.62 -13.43
N THR F 251 40.58 16.86 -14.49
CA THR F 251 40.98 17.47 -15.76
C THR F 251 39.86 18.31 -16.35
N LEU F 252 38.64 17.77 -16.40
CA LEU F 252 37.51 18.49 -16.96
C LEU F 252 37.22 19.79 -16.21
N LEU F 253 37.28 19.76 -14.88
CA LEU F 253 37.09 20.98 -14.11
C LEU F 253 38.20 21.98 -14.40
N GLN F 254 39.43 21.50 -14.57
CA GLN F 254 40.55 22.41 -14.78
C GLN F 254 40.41 23.17 -16.09
N HIS F 255 39.68 22.60 -17.06
CA HIS F 255 39.37 23.23 -18.33
C HIS F 255 37.93 23.74 -18.39
N GLN F 256 37.24 23.78 -17.25
CA GLN F 256 35.91 24.40 -17.16
C GLN F 256 34.89 23.71 -18.06
N VAL F 257 34.95 22.38 -18.13
CA VAL F 257 33.97 21.57 -18.84
C VAL F 257 32.97 21.08 -17.80
N GLY F 258 31.84 21.77 -17.70
CA GLY F 258 30.83 21.34 -16.75
C GLY F 258 30.28 19.96 -17.12
N HIS F 259 30.03 19.15 -16.09
CA HIS F 259 29.61 17.77 -16.26
C HIS F 259 29.07 17.28 -14.93
N GLU F 260 28.30 16.20 -14.99
CA GLU F 260 27.87 15.47 -13.80
C GLU F 260 28.80 14.29 -13.59
N PHE F 261 29.19 14.05 -12.33
CA PHE F 261 30.15 13.02 -11.98
C PHE F 261 29.58 12.16 -10.85
N ARG F 262 29.64 10.84 -10.99
CA ARG F 262 29.19 9.96 -9.91
C ARG F 262 30.25 8.91 -9.60
N MET F 263 30.56 8.75 -8.33
CA MET F 263 31.34 7.60 -7.87
C MET F 263 30.47 6.92 -6.82
N LYS F 264 29.85 5.82 -7.20
CA LYS F 264 28.91 5.11 -6.35
C LYS F 264 29.56 3.84 -5.85
N ASP F 265 28.94 3.20 -4.86
CA ASP F 265 29.42 1.90 -4.42
C ASP F 265 29.27 0.88 -5.54
N GLY F 266 30.37 0.24 -5.89
CA GLY F 266 30.30 -0.71 -6.97
C GLY F 266 31.67 -1.04 -7.49
N SER F 267 31.69 -2.05 -8.33
CA SER F 267 32.94 -2.56 -8.86
C SER F 267 32.84 -2.65 -10.38
N HIS F 268 33.79 -3.37 -10.99
CA HIS F 268 33.83 -3.56 -12.44
C HIS F 268 32.96 -4.76 -12.79
N SER F 269 31.65 -4.54 -12.80
CA SER F 269 30.74 -5.67 -12.93
C SER F 269 29.44 -5.25 -13.59
N TRP F 270 28.71 -6.26 -14.05
CA TRP F 270 27.40 -6.02 -14.65
C TRP F 270 26.34 -5.67 -13.61
N THR F 271 26.58 -5.93 -12.32
CA THR F 271 25.74 -5.31 -11.31
C THR F 271 25.83 -3.79 -11.38
N TYR F 272 27.04 -3.25 -11.53
CA TYR F 272 27.18 -1.81 -11.70
C TYR F 272 26.51 -1.33 -12.99
N TRP F 273 26.76 -1.99 -14.13
CA TRP F 273 26.29 -1.41 -15.38
C TRP F 273 24.79 -1.59 -15.57
N ARG F 274 24.21 -2.67 -15.04
CA ARG F 274 22.75 -2.79 -15.05
C ARG F 274 22.11 -1.78 -14.09
N MET F 275 22.81 -1.34 -13.04
CA MET F 275 22.26 -0.28 -12.20
C MET F 275 22.29 1.08 -12.91
N GLU F 276 23.37 1.37 -13.64
CA GLU F 276 23.54 2.68 -14.26
C GLU F 276 22.74 2.84 -15.53
N LEU F 277 22.37 1.76 -16.21
CA LEU F 277 21.69 1.93 -17.49
C LEU F 277 20.40 2.74 -17.38
N PRO F 278 19.48 2.49 -16.43
CA PRO F 278 18.31 3.36 -16.34
C PRO F 278 18.65 4.79 -15.94
N GLU F 279 19.74 4.99 -15.20
CA GLU F 279 20.19 6.35 -14.91
C GLU F 279 20.67 7.05 -16.18
N VAL F 280 21.37 6.33 -17.05
CA VAL F 280 21.78 6.91 -18.32
C VAL F 280 20.55 7.25 -19.17
N MET F 281 19.58 6.34 -19.23
CA MET F 281 18.39 6.59 -20.04
C MET F 281 17.64 7.82 -19.55
N ARG F 282 17.51 8.00 -18.22
CA ARG F 282 16.84 9.19 -17.71
C ARG F 282 17.63 10.44 -18.05
N PHE F 283 18.96 10.35 -17.96
CA PHE F 283 19.81 11.49 -18.25
C PHE F 283 19.66 11.97 -19.69
N VAL F 284 19.79 11.04 -20.65
CA VAL F 284 19.68 11.44 -22.05
C VAL F 284 18.22 11.72 -22.42
N SER F 285 17.27 10.99 -21.84
CA SER F 285 15.87 11.27 -22.15
C SER F 285 15.51 12.70 -21.77
N ARG F 286 15.93 13.12 -20.58
CA ARG F 286 15.64 14.45 -20.12
C ARG F 286 16.22 15.51 -21.05
N ILE F 287 17.38 15.25 -21.63
CA ILE F 287 17.97 16.19 -22.60
C ILE F 287 17.27 16.15 -23.96
N PHE F 288 16.86 14.97 -24.44
CA PHE F 288 16.13 14.87 -25.72
C PHE F 288 14.83 15.67 -25.68
N THR F 289 14.12 15.65 -24.54
CA THR F 289 12.81 16.29 -24.44
C THR F 289 12.88 17.70 -23.89
N GLN F 290 14.04 18.14 -23.40
CA GLN F 290 14.19 19.42 -22.73
C GLN F 290 13.51 19.39 -21.36
N TYR F 291 13.78 20.37 -20.51
CA TYR F 291 13.14 20.41 -19.19
C TYR F 291 13.18 21.80 -18.59
N GLN G 24 2.38 -11.01 -19.21
CA GLN G 24 3.23 -11.41 -20.34
C GLN G 24 3.46 -12.92 -20.27
N GLN G 25 2.83 -13.68 -21.16
CA GLN G 25 2.78 -15.14 -21.02
C GLN G 25 3.65 -15.82 -22.07
N GLY G 26 4.47 -16.76 -21.63
CA GLY G 26 5.15 -17.68 -22.51
C GLY G 26 4.27 -18.88 -22.82
N LYS G 27 4.88 -19.92 -23.38
CA LYS G 27 4.08 -21.05 -23.81
C LYS G 27 4.86 -22.34 -23.62
N VAL G 28 4.12 -23.44 -23.60
CA VAL G 28 4.67 -24.77 -23.34
C VAL G 28 4.26 -25.69 -24.48
N TYR G 29 5.21 -26.48 -24.99
CA TYR G 29 4.89 -27.55 -25.94
C TYR G 29 5.23 -28.90 -25.31
N GLU G 30 4.24 -29.81 -25.31
CA GLU G 30 4.38 -31.14 -24.71
C GLU G 30 4.51 -32.30 -25.70
N THR G 31 4.07 -32.13 -26.93
CA THR G 31 3.86 -33.26 -27.83
C THR G 31 4.93 -33.41 -28.90
N ARG G 32 5.97 -32.58 -28.87
CA ARG G 32 7.04 -32.65 -29.85
C ARG G 32 8.08 -33.68 -29.45
N THR G 33 8.71 -34.29 -30.43
CA THR G 33 9.63 -35.39 -30.18
C THR G 33 10.96 -35.10 -30.84
N VAL G 34 11.93 -35.96 -30.59
CA VAL G 34 13.23 -35.96 -31.26
C VAL G 34 13.57 -37.37 -31.73
N LYS G 35 14.02 -37.49 -32.97
CA LYS G 35 14.34 -38.78 -33.56
C LYS G 35 15.71 -39.25 -33.10
N SER G 36 15.75 -40.35 -32.37
CA SER G 36 16.97 -40.86 -31.76
C SER G 36 17.45 -42.07 -32.55
N LYS G 37 18.64 -41.97 -33.10
CA LYS G 37 19.23 -43.16 -33.70
C LYS G 37 19.77 -44.07 -32.62
N ILE G 38 20.22 -43.47 -31.50
CA ILE G 38 20.82 -44.23 -30.39
C ILE G 38 19.77 -45.07 -29.66
N LEU G 39 18.59 -44.51 -29.43
CA LEU G 39 17.52 -45.24 -28.76
C LEU G 39 16.51 -45.87 -29.72
N GLY G 40 16.62 -45.62 -31.02
CA GLY G 40 15.76 -46.27 -32.01
C GLY G 40 14.28 -45.97 -31.92
N MET G 41 13.91 -44.73 -31.67
CA MET G 41 12.53 -44.34 -31.44
C MET G 41 12.45 -42.82 -31.44
N GLU G 42 11.21 -42.31 -31.50
CA GLU G 42 10.97 -40.89 -31.25
C GLU G 42 10.90 -40.68 -29.75
N ARG G 43 11.68 -39.73 -29.24
CA ARG G 43 11.74 -39.47 -27.81
C ARG G 43 11.01 -38.17 -27.50
N SER G 44 10.15 -38.21 -26.47
CA SER G 44 9.38 -37.04 -26.04
C SER G 44 10.22 -36.06 -25.22
N TYR G 45 9.87 -34.77 -25.32
CA TYR G 45 10.33 -33.75 -24.39
C TYR G 45 9.26 -32.66 -24.33
N SER G 46 9.30 -31.87 -23.26
CA SER G 46 8.54 -30.62 -23.16
C SER G 46 9.50 -29.45 -23.22
N ILE G 47 9.01 -28.32 -23.71
CA ILE G 47 9.84 -27.12 -23.81
C ILE G 47 9.02 -25.88 -23.41
N TYR G 48 9.64 -25.01 -22.60
CA TYR G 48 9.06 -23.72 -22.22
C TYR G 48 9.72 -22.61 -23.03
N LEU G 49 8.93 -21.86 -23.78
CA LEU G 49 9.45 -20.69 -24.47
C LEU G 49 8.96 -19.42 -23.76
N PRO G 50 9.85 -18.47 -23.48
CA PRO G 50 9.46 -17.29 -22.73
C PRO G 50 8.60 -16.34 -23.56
N ALA G 51 7.92 -15.44 -22.86
CA ALA G 51 7.12 -14.42 -23.52
C ALA G 51 7.97 -13.58 -24.46
N GLY G 52 7.42 -13.25 -25.61
CA GLY G 52 8.19 -12.49 -26.57
C GLY G 52 9.16 -13.30 -27.41
N TYR G 53 9.17 -14.64 -27.26
CA TYR G 53 10.00 -15.48 -28.11
C TYR G 53 9.65 -15.28 -29.58
N ASP G 54 8.41 -14.89 -29.88
CA ASP G 54 7.92 -14.72 -31.24
C ASP G 54 8.10 -13.30 -31.77
N GLU G 55 8.52 -12.40 -30.92
CA GLU G 55 8.90 -11.05 -31.38
C GLU G 55 10.43 -11.03 -31.45
N GLY G 56 11.01 -10.27 -32.35
CA GLY G 56 12.46 -10.24 -32.46
C GLY G 56 13.18 -11.53 -32.86
N ASP G 57 14.51 -11.46 -32.98
CA ASP G 57 15.32 -12.56 -33.49
C ASP G 57 16.39 -13.03 -32.51
N GLY G 58 16.31 -12.61 -31.25
CA GLY G 58 17.35 -12.95 -30.30
C GLY G 58 17.35 -14.42 -29.91
N SER G 59 18.42 -14.79 -29.20
CA SER G 59 18.62 -16.15 -28.75
C SER G 59 18.60 -16.21 -27.23
N TYR G 60 18.48 -17.43 -26.71
CA TYR G 60 18.25 -17.63 -25.30
C TYR G 60 19.18 -18.67 -24.69
N PRO G 61 19.47 -18.53 -23.40
CA PRO G 61 20.09 -19.63 -22.66
C PRO G 61 19.06 -20.70 -22.33
N VAL G 62 19.55 -21.87 -21.95
CA VAL G 62 18.69 -23.03 -21.76
C VAL G 62 18.93 -23.62 -20.38
N LEU G 63 17.85 -23.91 -19.66
CA LEU G 63 17.89 -24.70 -18.44
C LEU G 63 17.26 -26.07 -18.76
N TYR G 64 18.03 -27.14 -18.58
CA TYR G 64 17.50 -28.49 -18.70
C TYR G 64 17.02 -28.93 -17.32
N LEU G 65 15.76 -29.40 -17.26
CA LEU G 65 15.02 -29.59 -16.02
C LEU G 65 14.52 -31.03 -16.00
N LEU G 66 15.04 -31.83 -15.07
CA LEU G 66 14.81 -33.28 -15.10
C LEU G 66 13.79 -33.70 -14.05
N HIS G 67 12.86 -34.57 -14.46
CA HIS G 67 11.83 -35.01 -13.54
C HIS G 67 12.33 -36.14 -12.66
N GLY G 68 11.49 -36.54 -11.71
CA GLY G 68 11.80 -37.61 -10.81
C GLY G 68 11.16 -38.91 -11.25
N LEU G 69 11.41 -39.94 -10.45
CA LEU G 69 10.92 -41.28 -10.74
C LEU G 69 9.40 -41.36 -10.75
N GLY G 70 8.85 -41.99 -11.79
CA GLY G 70 7.43 -42.18 -11.94
C GLY G 70 6.74 -41.19 -12.85
N ASP G 71 7.27 -39.98 -12.96
CA ASP G 71 6.71 -38.96 -13.82
C ASP G 71 7.42 -38.98 -15.15
N ASN G 72 6.91 -38.19 -16.10
CA ASN G 72 7.64 -38.07 -17.35
C ASN G 72 7.81 -36.60 -17.71
N HIS G 73 7.87 -36.30 -19.00
CA HIS G 73 8.14 -34.95 -19.46
C HIS G 73 6.98 -33.98 -19.20
N THR G 74 5.80 -34.47 -18.80
CA THR G 74 4.74 -33.55 -18.39
C THR G 74 4.80 -33.21 -16.90
N GLY G 75 5.67 -33.87 -16.12
CA GLY G 75 5.67 -33.69 -14.67
C GLY G 75 5.99 -32.27 -14.21
N TRP G 76 7.09 -31.72 -14.70
CA TRP G 76 7.37 -30.33 -14.39
C TRP G 76 6.33 -29.38 -15.00
N VAL G 77 5.55 -29.83 -15.97
CA VAL G 77 4.53 -28.97 -16.54
C VAL G 77 3.29 -28.98 -15.67
N GLN G 78 2.73 -30.16 -15.41
CA GLN G 78 1.50 -30.25 -14.64
C GLN G 78 1.76 -30.05 -13.15
N PHE G 79 2.74 -30.74 -12.58
CA PHE G 79 3.01 -30.63 -11.14
C PHE G 79 3.93 -29.46 -10.81
N GLY G 80 5.02 -29.31 -11.56
CA GLY G 80 5.94 -28.22 -11.30
C GLY G 80 5.39 -26.86 -11.66
N GLN G 81 4.32 -26.83 -12.47
CA GLN G 81 3.67 -25.59 -12.92
C GLN G 81 4.70 -24.64 -13.51
N VAL G 82 5.62 -25.18 -14.31
CA VAL G 82 6.72 -24.38 -14.83
C VAL G 82 6.19 -23.18 -15.61
N GLN G 83 5.03 -23.31 -16.26
CA GLN G 83 4.57 -22.18 -17.05
C GLN G 83 4.24 -20.97 -16.18
N TYR G 84 3.46 -21.18 -15.11
CA TYR G 84 3.11 -20.07 -14.22
C TYR G 84 4.34 -19.52 -13.49
N ILE G 85 5.18 -20.41 -12.96
CA ILE G 85 6.30 -19.98 -12.12
C ILE G 85 7.38 -19.28 -12.94
N ALA G 86 7.71 -19.81 -14.13
CA ALA G 86 8.68 -19.14 -14.97
C ALA G 86 8.13 -17.84 -15.56
N ASP G 87 6.85 -17.83 -15.96
CA ASP G 87 6.23 -16.58 -16.42
C ASP G 87 6.33 -15.50 -15.35
N LYS G 88 6.09 -15.86 -14.11
CA LYS G 88 6.09 -14.90 -13.02
C LYS G 88 7.51 -14.42 -12.70
N ALA G 89 8.48 -15.33 -12.64
CA ALA G 89 9.83 -14.94 -12.28
C ALA G 89 10.44 -14.00 -13.31
N ILE G 90 10.15 -14.22 -14.59
CA ILE G 90 10.71 -13.40 -15.66
C ILE G 90 10.04 -12.03 -15.71
N ALA G 91 8.72 -11.99 -15.50
CA ALA G 91 8.01 -10.71 -15.57
C ALA G 91 8.40 -9.79 -14.42
N GLU G 92 8.60 -10.35 -13.22
CA GLU G 92 9.05 -9.56 -12.08
C GLU G 92 10.53 -9.21 -12.13
N GLY G 93 11.30 -9.78 -13.04
CA GLY G 93 12.72 -9.56 -13.04
C GLY G 93 13.52 -10.41 -12.07
N LYS G 94 12.87 -11.29 -11.30
CA LYS G 94 13.65 -12.25 -10.51
C LYS G 94 14.51 -13.13 -11.40
N SER G 95 14.10 -13.34 -12.66
CA SER G 95 14.90 -14.13 -13.59
C SER G 95 14.90 -13.48 -14.96
N ALA G 96 16.01 -13.63 -15.69
CA ALA G 96 16.05 -13.20 -17.09
C ALA G 96 15.34 -14.23 -17.95
N PRO G 97 14.90 -13.84 -19.14
CA PRO G 97 14.20 -14.81 -20.00
C PRO G 97 15.14 -15.94 -20.39
N MET G 98 14.65 -17.17 -20.26
CA MET G 98 15.43 -18.35 -20.63
C MET G 98 14.48 -19.38 -21.21
N ILE G 99 15.03 -20.38 -21.90
CA ILE G 99 14.30 -21.54 -22.40
C ILE G 99 14.46 -22.69 -21.40
N ILE G 100 13.39 -23.43 -21.16
CA ILE G 100 13.44 -24.57 -20.25
C ILE G 100 13.04 -25.80 -21.04
N VAL G 101 13.91 -26.81 -21.02
CA VAL G 101 13.69 -28.05 -21.75
C VAL G 101 13.57 -29.17 -20.73
N MET G 102 12.50 -29.96 -20.85
CA MET G 102 12.17 -31.00 -19.88
C MET G 102 12.09 -32.36 -20.58
N PRO G 103 13.15 -33.16 -20.53
CA PRO G 103 13.16 -34.44 -21.27
C PRO G 103 12.36 -35.54 -20.59
N ASP G 104 11.91 -36.51 -21.40
CA ASP G 104 11.22 -37.71 -20.91
C ASP G 104 12.24 -38.84 -20.71
N ALA G 105 12.43 -39.24 -19.45
CA ALA G 105 13.28 -40.35 -19.06
C ALA G 105 12.48 -41.42 -18.33
N ASP G 106 11.28 -41.68 -18.83
CA ASP G 106 10.33 -42.63 -18.23
C ASP G 106 9.94 -43.75 -19.18
N THR G 107 9.76 -43.45 -20.46
CA THR G 107 9.29 -44.45 -21.42
C THR G 107 10.38 -45.49 -21.67
N VAL G 108 9.96 -46.76 -21.83
CA VAL G 108 10.82 -47.93 -22.03
C VAL G 108 11.58 -48.31 -20.77
N HIS G 109 12.44 -47.41 -20.29
CA HIS G 109 13.18 -47.60 -19.05
C HIS G 109 13.20 -46.28 -18.31
N LYS G 110 13.16 -46.39 -16.98
CA LYS G 110 13.18 -45.21 -16.12
C LYS G 110 14.63 -44.92 -15.71
N GLY G 111 15.07 -43.68 -15.93
CA GLY G 111 16.42 -43.33 -15.55
C GLY G 111 17.19 -42.54 -16.59
N TYR G 112 18.35 -42.00 -16.22
CA TYR G 112 19.10 -41.08 -17.05
C TYR G 112 20.42 -41.63 -17.60
N PHE G 113 20.80 -42.87 -17.29
CA PHE G 113 22.15 -43.29 -17.62
C PHE G 113 22.14 -44.50 -18.54
N ASN G 114 23.30 -44.76 -19.15
CA ASN G 114 23.41 -45.90 -20.04
C ASN G 114 23.28 -47.19 -19.26
N LEU G 115 22.38 -48.06 -19.72
CA LEU G 115 22.23 -49.34 -19.08
C LEU G 115 23.46 -50.23 -19.33
N LEU G 116 23.71 -51.14 -18.39
CA LEU G 116 24.90 -51.99 -18.44
C LEU G 116 24.84 -53.07 -19.53
N ASP G 117 23.66 -53.42 -20.05
CA ASP G 117 23.61 -54.45 -21.08
C ASP G 117 23.79 -53.87 -22.49
N GLY G 118 23.96 -52.55 -22.64
CA GLY G 118 24.21 -51.92 -23.92
C GLY G 118 23.01 -51.65 -24.80
N THR G 119 21.79 -51.90 -24.31
CA THR G 119 20.57 -51.78 -25.11
C THR G 119 19.86 -50.44 -25.01
N TYR G 120 20.33 -49.52 -24.14
CA TYR G 120 19.59 -48.26 -23.91
C TYR G 120 20.57 -47.24 -23.32
N ASN G 121 21.28 -46.54 -24.20
CA ASN G 121 22.29 -45.60 -23.76
C ASN G 121 21.70 -44.18 -23.69
N TYR G 122 20.91 -43.96 -22.64
CA TYR G 122 20.17 -42.72 -22.51
C TYR G 122 21.11 -41.53 -22.33
N GLU G 123 22.23 -41.71 -21.62
CA GLU G 123 23.16 -40.60 -21.41
C GLU G 123 23.76 -40.13 -22.73
N ASP G 124 24.15 -41.07 -23.60
CA ASP G 124 24.60 -40.71 -24.94
C ASP G 124 23.49 -39.99 -25.72
N PHE G 125 22.25 -40.46 -25.61
CA PHE G 125 21.15 -39.79 -26.28
C PHE G 125 21.04 -38.33 -25.85
N PHE G 126 21.08 -38.08 -24.54
CA PHE G 126 20.94 -36.73 -24.01
C PHE G 126 21.99 -35.78 -24.60
N PHE G 127 23.25 -36.18 -24.60
CA PHE G 127 24.31 -35.28 -25.02
C PHE G 127 24.52 -35.24 -26.53
N GLN G 128 24.31 -36.36 -27.23
CA GLN G 128 24.61 -36.38 -28.66
C GLN G 128 23.39 -36.17 -29.54
N GLU G 129 22.18 -36.27 -29.00
CA GLU G 129 20.99 -36.16 -29.84
C GLU G 129 20.02 -35.09 -29.35
N LEU G 130 19.71 -35.09 -28.04
CA LEU G 130 18.75 -34.13 -27.51
C LEU G 130 19.31 -32.70 -27.46
N ILE G 131 20.50 -32.50 -26.87
CA ILE G 131 21.07 -31.14 -26.83
C ILE G 131 21.32 -30.58 -28.23
N PRO G 132 21.92 -31.31 -29.17
CA PRO G 132 22.04 -30.77 -30.53
C PRO G 132 20.69 -30.48 -31.19
N HIS G 133 19.66 -31.26 -30.87
CA HIS G 133 18.36 -31.01 -31.48
C HIS G 133 17.72 -29.73 -30.98
N ILE G 134 17.80 -29.47 -29.67
CA ILE G 134 17.28 -28.22 -29.13
C ILE G 134 17.96 -27.03 -29.78
N GLU G 135 19.28 -27.11 -29.95
CA GLU G 135 20.04 -26.00 -30.52
C GLU G 135 19.79 -25.81 -32.00
N LYS G 136 19.39 -26.87 -32.71
CA LYS G 136 19.07 -26.76 -34.13
C LYS G 136 17.66 -26.21 -34.37
N THR G 137 16.72 -26.51 -33.47
CA THR G 137 15.30 -26.29 -33.63
C THR G 137 14.81 -24.97 -33.03
N TYR G 138 15.41 -24.51 -31.95
CA TYR G 138 14.99 -23.31 -31.25
C TYR G 138 16.16 -22.32 -31.21
N ARG G 139 15.86 -21.06 -30.93
CA ARG G 139 16.86 -20.00 -30.98
C ARG G 139 17.63 -20.00 -29.66
N VAL G 140 18.70 -20.78 -29.62
CA VAL G 140 19.44 -21.09 -28.41
C VAL G 140 20.85 -20.53 -28.56
N ARG G 141 21.39 -19.92 -27.50
CA ARG G 141 22.82 -19.63 -27.42
C ARG G 141 23.56 -20.93 -27.11
N ALA G 142 24.27 -21.48 -28.10
CA ALA G 142 24.78 -22.85 -27.99
C ALA G 142 26.22 -22.85 -27.46
N GLU G 143 26.36 -22.46 -26.19
CA GLU G 143 27.66 -22.47 -25.54
C GLU G 143 27.46 -22.88 -24.09
N SER G 144 28.54 -23.40 -23.48
CA SER G 144 28.43 -23.87 -22.10
C SER G 144 28.05 -22.76 -21.15
N ARG G 145 28.52 -21.55 -21.40
CA ARG G 145 28.20 -20.45 -20.51
C ARG G 145 26.71 -20.11 -20.52
N TYR G 146 25.94 -20.68 -21.45
CA TYR G 146 24.50 -20.42 -21.52
C TYR G 146 23.68 -21.69 -21.31
N ARG G 147 24.24 -22.69 -20.65
CA ARG G 147 23.61 -23.99 -20.48
C ARG G 147 23.71 -24.43 -19.03
N ALA G 148 22.58 -24.72 -18.40
CA ALA G 148 22.53 -25.17 -17.02
C ALA G 148 21.58 -26.36 -16.91
N ILE G 149 21.72 -27.12 -15.82
CA ILE G 149 20.95 -28.35 -15.62
C ILE G 149 20.50 -28.44 -14.16
N SER G 150 19.27 -28.94 -13.96
CA SER G 150 18.66 -29.07 -12.65
C SER G 150 17.63 -30.18 -12.67
N GLY G 151 17.26 -30.65 -11.48
CA GLY G 151 16.26 -31.70 -11.40
C GLY G 151 15.96 -32.05 -9.95
N LEU G 152 14.94 -32.91 -9.77
CA LEU G 152 14.50 -33.36 -8.46
C LEU G 152 14.60 -34.89 -8.35
N ALA G 153 15.00 -35.37 -7.16
CA ALA G 153 15.04 -36.79 -6.76
C ALA G 153 15.90 -37.56 -7.76
N MET G 154 15.32 -38.50 -8.53
CA MET G 154 16.08 -39.19 -9.57
C MET G 154 16.75 -38.20 -10.51
N GLY G 155 16.05 -37.11 -10.85
CA GLY G 155 16.61 -36.10 -11.73
C GLY G 155 17.65 -35.21 -11.10
N GLY G 156 17.63 -35.08 -9.77
CA GLY G 156 18.74 -34.43 -9.10
C GLY G 156 20.03 -35.24 -9.25
N GLY G 157 19.94 -36.55 -9.09
CA GLY G 157 21.08 -37.40 -9.35
C GLY G 157 21.48 -37.36 -10.81
N GLY G 158 20.50 -37.26 -11.70
CA GLY G 158 20.82 -37.13 -13.10
C GLY G 158 21.64 -35.87 -13.36
N ALA G 159 21.16 -34.72 -12.87
CA ALA G 159 21.89 -33.48 -13.07
C ALA G 159 23.28 -33.54 -12.42
N LEU G 160 23.36 -34.06 -11.19
CA LEU G 160 24.66 -34.14 -10.51
C LEU G 160 25.66 -34.98 -11.30
N PHE G 161 25.27 -36.19 -11.71
CA PHE G 161 26.24 -37.05 -12.38
C PHE G 161 26.38 -36.73 -13.86
N TYR G 162 25.36 -36.16 -14.49
CA TYR G 162 25.58 -35.59 -15.82
C TYR G 162 26.66 -34.52 -15.77
N ALA G 163 26.67 -33.70 -14.71
CA ALA G 163 27.67 -32.65 -14.65
C ALA G 163 29.05 -33.20 -14.26
N LEU G 164 29.11 -34.23 -13.43
CA LEU G 164 30.40 -34.81 -13.12
C LEU G 164 31.01 -35.57 -14.28
N HIS G 165 30.21 -36.04 -15.24
CA HIS G 165 30.75 -36.76 -16.40
C HIS G 165 31.20 -35.83 -17.52
N TYR G 166 30.41 -34.80 -17.81
CA TYR G 166 30.72 -33.85 -18.88
C TYR G 166 30.65 -32.45 -18.30
N PRO G 167 31.55 -32.11 -17.35
CA PRO G 167 31.48 -30.79 -16.70
C PRO G 167 31.69 -29.63 -17.65
N GLU G 168 32.37 -29.85 -18.78
CA GLU G 168 32.57 -28.83 -19.79
C GLU G 168 31.29 -28.47 -20.53
N MET G 169 30.16 -29.15 -20.25
CA MET G 169 28.91 -28.87 -20.93
C MET G 169 28.00 -27.87 -20.19
N PHE G 170 28.25 -27.61 -18.91
CA PHE G 170 27.34 -26.81 -18.11
C PHE G 170 28.11 -25.72 -17.36
N VAL G 171 27.43 -24.61 -17.09
CA VAL G 171 28.00 -23.54 -16.27
C VAL G 171 27.39 -23.53 -14.87
N ALA G 172 26.20 -24.09 -14.70
CA ALA G 172 25.51 -24.09 -13.41
C ALA G 172 24.73 -25.39 -13.33
N VAL G 173 24.68 -25.95 -12.13
CA VAL G 173 24.01 -27.23 -11.87
C VAL G 173 23.27 -27.09 -10.55
N ALA G 174 22.02 -27.57 -10.50
CA ALA G 174 21.19 -27.41 -9.31
C ALA G 174 20.44 -28.69 -8.96
N PRO G 175 21.08 -29.61 -8.23
CA PRO G 175 20.36 -30.80 -7.72
C PRO G 175 19.43 -30.48 -6.56
N LEU G 176 18.15 -30.82 -6.72
CA LEU G 176 17.14 -30.64 -5.69
C LEU G 176 16.78 -32.00 -5.12
N SER G 177 16.86 -32.13 -3.79
CA SER G 177 16.49 -33.37 -3.12
C SER G 177 17.08 -34.59 -3.84
N ALA G 178 18.36 -34.51 -4.18
CA ALA G 178 18.96 -35.50 -5.08
C ALA G 178 19.16 -36.87 -4.43
N VAL G 179 18.89 -37.92 -5.21
CA VAL G 179 19.32 -39.26 -4.82
C VAL G 179 20.84 -39.35 -4.93
N GLY G 180 21.41 -40.33 -4.26
CA GLY G 180 22.84 -40.53 -4.34
C GLY G 180 23.21 -41.40 -5.54
N GLY G 181 24.52 -41.54 -5.75
CA GLY G 181 25.00 -42.37 -6.85
C GLY G 181 24.70 -43.85 -6.65
N ALA G 182 24.78 -44.32 -5.40
CA ALA G 182 24.46 -45.71 -5.13
C ALA G 182 23.00 -46.01 -5.47
N TRP G 183 22.10 -45.09 -5.15
CA TRP G 183 20.70 -45.24 -5.54
C TRP G 183 20.57 -45.40 -7.05
N THR G 184 21.29 -44.55 -7.80
CA THR G 184 21.25 -44.57 -9.27
C THR G 184 21.88 -45.84 -9.82
N PHE G 185 23.02 -46.26 -9.26
CA PHE G 185 23.63 -47.51 -9.72
C PHE G 185 22.69 -48.69 -9.48
N ASP G 186 21.96 -48.69 -8.36
CA ASP G 186 20.99 -49.74 -8.11
C ASP G 186 19.91 -49.74 -9.20
N GLN G 187 19.50 -48.56 -9.64
CA GLN G 187 18.50 -48.47 -10.68
C GLN G 187 19.04 -48.99 -12.01
N MET G 188 20.31 -48.72 -12.32
CA MET G 188 20.89 -49.24 -13.56
C MET G 188 20.94 -50.78 -13.54
N LYS G 189 21.18 -51.38 -12.37
CA LYS G 189 21.21 -52.84 -12.30
C LYS G 189 19.81 -53.43 -12.40
N ASN G 190 18.86 -52.91 -11.62
CA ASN G 190 17.50 -53.44 -11.66
C ASN G 190 16.87 -53.28 -13.04
N GLN G 191 17.27 -52.26 -13.77
CA GLN G 191 16.68 -52.01 -15.08
C GLN G 191 17.35 -52.80 -16.19
N SER G 192 18.49 -53.45 -15.93
CA SER G 192 19.26 -54.16 -16.94
C SER G 192 19.05 -55.67 -16.88
N ASP G 193 19.36 -56.33 -18.01
CA ASP G 193 19.50 -57.79 -18.08
C ASP G 193 20.95 -58.15 -17.73
N LEU G 194 21.17 -58.58 -16.49
CA LEU G 194 22.50 -58.79 -15.94
C LEU G 194 23.17 -60.11 -16.35
N SER G 195 22.49 -60.99 -17.10
CA SER G 195 23.13 -62.23 -17.52
C SER G 195 24.26 -61.98 -18.51
N LYS G 196 24.16 -60.94 -19.32
CA LYS G 196 25.14 -60.63 -20.35
C LYS G 196 26.23 -59.65 -19.90
N VAL G 197 26.26 -59.28 -18.63
CA VAL G 197 27.18 -58.27 -18.11
C VAL G 197 28.28 -58.96 -17.31
N SER G 198 29.53 -58.67 -17.65
CA SER G 198 30.67 -59.20 -16.93
C SER G 198 30.90 -58.44 -15.62
N GLU G 199 31.59 -59.10 -14.69
CA GLU G 199 31.88 -58.49 -13.39
C GLU G 199 32.82 -57.30 -13.53
N GLU G 200 33.70 -57.31 -14.54
CA GLU G 200 34.62 -56.20 -14.75
C GLU G 200 33.85 -54.92 -15.07
N LYS G 201 32.79 -55.02 -15.87
CA LYS G 201 32.00 -53.84 -16.22
C LYS G 201 31.21 -53.33 -15.02
N LYS G 202 30.68 -54.23 -14.19
CA LYS G 202 29.95 -53.80 -12.99
C LYS G 202 30.84 -52.96 -12.09
N ALA G 203 32.11 -53.34 -11.94
CA ALA G 203 33.05 -52.55 -11.13
C ALA G 203 33.41 -51.23 -11.81
N GLU G 204 33.45 -51.21 -13.14
CA GLU G 204 33.83 -50.00 -13.85
C GLU G 204 32.79 -48.88 -13.69
N VAL G 205 31.51 -49.19 -13.92
CA VAL G 205 30.47 -48.17 -13.81
C VAL G 205 30.19 -47.80 -12.35
N LEU G 206 30.35 -48.74 -11.42
CA LEU G 206 30.21 -48.42 -10.00
C LEU G 206 31.12 -47.26 -9.63
N GLY G 207 32.37 -47.29 -10.11
CA GLY G 207 33.30 -46.21 -9.84
C GLY G 207 32.94 -44.93 -10.54
N GLN G 208 32.29 -45.02 -11.70
CA GLN G 208 31.80 -43.86 -12.42
C GLN G 208 30.50 -43.31 -11.84
N MET G 209 29.88 -44.00 -10.89
CA MET G 209 28.67 -43.50 -10.23
C MET G 209 28.87 -43.24 -8.75
N ASP G 210 30.10 -42.94 -8.32
CA ASP G 210 30.39 -42.60 -6.92
C ASP G 210 31.14 -41.27 -6.87
N ILE G 211 30.59 -40.31 -6.12
CA ILE G 211 31.13 -38.94 -6.15
C ILE G 211 32.52 -38.89 -5.56
N GLN G 212 32.75 -39.67 -4.50
CA GLN G 212 34.09 -39.72 -3.94
C GLN G 212 35.09 -40.21 -4.99
N THR G 213 34.77 -41.30 -5.70
CA THR G 213 35.69 -41.86 -6.70
C THR G 213 35.92 -40.92 -7.88
N ILE G 214 34.86 -40.27 -8.38
CA ILE G 214 35.04 -39.36 -9.51
C ILE G 214 36.00 -38.23 -9.15
N LEU G 215 35.85 -37.66 -7.96
CA LEU G 215 36.71 -36.55 -7.59
C LEU G 215 38.15 -36.99 -7.35
N GLU G 216 38.34 -38.23 -6.86
CA GLU G 216 39.68 -38.73 -6.55
C GLU G 216 40.49 -38.97 -7.81
N LYS G 217 39.87 -39.50 -8.86
CA LYS G 217 40.55 -39.95 -10.06
C LYS G 217 40.52 -38.94 -11.19
N SER G 218 39.95 -37.78 -10.98
CA SER G 218 39.83 -36.81 -12.07
C SER G 218 41.18 -36.16 -12.34
N PRO G 219 41.60 -36.06 -13.60
CA PRO G 219 42.79 -35.26 -13.91
C PRO G 219 42.57 -33.82 -13.52
N LYS G 220 43.66 -33.04 -13.46
CA LYS G 220 43.56 -31.69 -12.90
C LYS G 220 42.65 -30.80 -13.73
N GLU G 221 42.60 -31.05 -15.05
CA GLU G 221 41.75 -30.28 -16.00
C GLU G 221 40.26 -30.49 -15.70
N LYS G 222 39.84 -31.74 -15.50
CA LYS G 222 38.46 -32.09 -15.14
C LYS G 222 38.11 -31.54 -13.76
N LEU G 223 39.01 -31.71 -12.79
CA LEU G 223 38.75 -31.22 -11.44
C LEU G 223 38.59 -29.70 -11.45
N ASP G 224 39.38 -28.99 -12.26
CA ASP G 224 39.28 -27.54 -12.31
C ASP G 224 37.96 -27.07 -12.91
N ARG G 225 37.49 -27.75 -13.95
CA ARG G 225 36.20 -27.38 -14.52
C ARG G 225 35.05 -27.68 -13.54
N ILE G 226 35.16 -28.76 -12.75
CA ILE G 226 34.14 -29.04 -11.75
C ILE G 226 34.07 -27.93 -10.72
N LYS G 227 35.24 -27.40 -10.31
CA LYS G 227 35.25 -26.27 -9.38
C LYS G 227 34.79 -24.98 -10.03
N TRP G 228 34.92 -24.84 -11.36
CA TRP G 228 34.46 -23.64 -12.05
C TRP G 228 32.94 -23.60 -12.16
N ILE G 229 32.30 -24.77 -12.30
CA ILE G 229 30.85 -24.88 -12.25
C ILE G 229 30.31 -24.28 -10.96
N ARG G 230 29.19 -23.57 -11.06
CA ARG G 230 28.48 -23.04 -9.90
C ARG G 230 27.39 -24.02 -9.48
N TRP G 231 27.51 -24.58 -8.28
CA TRP G 231 26.61 -25.62 -7.80
C TRP G 231 25.61 -25.05 -6.81
N TYR G 232 24.35 -25.49 -6.91
CA TYR G 232 23.30 -25.10 -5.98
C TYR G 232 22.57 -26.37 -5.55
N ILE G 233 22.77 -26.78 -4.30
CA ILE G 233 22.27 -28.05 -3.80
C ILE G 233 21.28 -27.77 -2.67
N SER G 234 20.04 -28.21 -2.83
CA SER G 234 18.98 -27.90 -1.88
C SER G 234 18.17 -29.14 -1.53
N CYS G 235 17.81 -29.28 -0.26
CA CYS G 235 17.04 -30.44 0.16
C CYS G 235 16.25 -30.08 1.42
N GLY G 236 15.03 -30.63 1.53
CA GLY G 236 14.21 -30.40 2.71
C GLY G 236 14.68 -31.24 3.90
N ASP G 237 14.48 -30.71 5.11
CA ASP G 237 15.01 -31.39 6.30
C ASP G 237 14.15 -32.57 6.76
N ASP G 238 12.86 -32.59 6.42
CA ASP G 238 11.99 -33.71 6.75
C ASP G 238 11.93 -34.75 5.63
N ASP G 239 12.86 -34.65 4.66
CA ASP G 239 13.04 -35.60 3.57
C ASP G 239 13.98 -36.73 4.00
N PHE G 240 13.64 -37.97 3.62
CA PHE G 240 14.51 -39.12 3.90
C PHE G 240 15.85 -39.04 3.18
N LEU G 241 15.96 -38.22 2.14
CA LEU G 241 17.23 -38.05 1.44
C LEU G 241 18.09 -36.94 2.03
N SER G 242 17.68 -36.33 3.15
CA SER G 242 18.47 -35.25 3.75
C SER G 242 19.85 -35.75 4.19
N VAL G 243 19.96 -37.02 4.59
CA VAL G 243 21.25 -37.54 5.03
C VAL G 243 22.20 -37.66 3.85
N THR G 244 21.70 -38.18 2.72
CA THR G 244 22.48 -38.24 1.48
C THR G 244 23.08 -36.89 1.12
N ASN G 245 22.28 -35.83 1.21
CA ASN G 245 22.74 -34.50 0.78
C ASN G 245 23.60 -33.81 1.83
N CYS G 246 23.45 -34.14 3.11
CA CYS G 246 24.43 -33.65 4.09
C CYS G 246 25.78 -34.32 3.87
N LEU G 247 25.78 -35.62 3.56
CA LEU G 247 27.04 -36.27 3.21
C LEU G 247 27.63 -35.69 1.92
N LEU G 248 26.77 -35.34 0.95
CA LEU G 248 27.25 -34.70 -0.28
C LEU G 248 27.91 -33.36 0.02
N HIS G 249 27.28 -32.53 0.86
CA HIS G 249 27.88 -31.27 1.28
C HIS G 249 29.26 -31.49 1.90
N ASN G 250 29.40 -32.51 2.75
CA ASN G 250 30.68 -32.79 3.37
C ASN G 250 31.70 -33.26 2.35
N THR G 251 31.28 -34.09 1.39
CA THR G 251 32.19 -34.60 0.37
C THR G 251 32.76 -33.47 -0.48
N LEU G 252 31.89 -32.55 -0.92
CA LEU G 252 32.36 -31.43 -1.74
C LEU G 252 33.35 -30.54 -1.00
N LEU G 253 33.07 -30.25 0.29
CA LEU G 253 34.00 -29.42 1.06
C LEU G 253 35.36 -30.10 1.23
N GLN G 254 35.37 -31.43 1.41
CA GLN G 254 36.62 -32.17 1.57
C GLN G 254 37.50 -32.09 0.33
N HIS G 255 36.89 -31.96 -0.86
CA HIS G 255 37.61 -31.81 -2.11
C HIS G 255 37.66 -30.36 -2.58
N GLN G 256 37.26 -29.41 -1.75
CA GLN G 256 37.37 -27.98 -2.05
C GLN G 256 36.57 -27.60 -3.31
N VAL G 257 35.38 -28.19 -3.45
CA VAL G 257 34.42 -27.82 -4.49
C VAL G 257 33.44 -26.85 -3.86
N GLY G 258 33.66 -25.56 -4.08
CA GLY G 258 32.77 -24.56 -3.53
C GLY G 258 31.37 -24.68 -4.11
N HIS G 259 30.37 -24.43 -3.27
CA HIS G 259 28.99 -24.59 -3.69
C HIS G 259 28.06 -23.88 -2.71
N GLU G 260 26.84 -23.63 -3.17
CA GLU G 260 25.77 -23.15 -2.32
C GLU G 260 24.96 -24.36 -1.83
N PHE G 261 24.69 -24.39 -0.53
CA PHE G 261 23.97 -25.53 0.05
C PHE G 261 22.82 -24.97 0.87
N ARG G 262 21.63 -25.53 0.69
CA ARG G 262 20.47 -25.09 1.46
C ARG G 262 19.77 -26.31 2.05
N MET G 263 19.48 -26.25 3.32
CA MET G 263 18.56 -27.21 3.92
C MET G 263 17.40 -26.42 4.53
N LYS G 264 16.24 -26.50 3.89
CA LYS G 264 15.06 -25.74 4.31
C LYS G 264 14.00 -26.64 4.93
N ASP G 265 13.01 -26.01 5.54
CA ASP G 265 11.83 -26.74 6.00
C ASP G 265 11.06 -27.25 4.80
N GLY G 266 10.81 -28.55 4.78
CA GLY G 266 10.12 -29.15 3.65
C GLY G 266 10.32 -30.64 3.63
N SER G 267 9.59 -31.27 2.71
CA SER G 267 9.65 -32.72 2.59
C SER G 267 9.92 -33.08 1.15
N HIS G 268 9.77 -34.37 0.81
CA HIS G 268 9.91 -34.88 -0.56
C HIS G 268 8.56 -34.70 -1.26
N SER G 269 8.30 -33.47 -1.68
CA SER G 269 6.96 -33.08 -2.14
C SER G 269 7.05 -31.97 -3.16
N TRP G 270 5.97 -31.79 -3.93
CA TRP G 270 5.95 -30.73 -4.93
C TRP G 270 5.80 -29.35 -4.33
N THR G 271 5.39 -29.24 -3.06
CA THR G 271 5.50 -27.95 -2.41
C THR G 271 6.96 -27.51 -2.33
N TYR G 272 7.85 -28.44 -1.96
CA TYR G 272 9.28 -28.10 -1.91
C TYR G 272 9.80 -27.71 -3.28
N TRP G 273 9.47 -28.51 -4.31
CA TRP G 273 10.09 -28.29 -5.61
C TRP G 273 9.49 -27.10 -6.35
N ARG G 274 8.20 -26.81 -6.17
CA ARG G 274 7.68 -25.57 -6.75
C ARG G 274 8.25 -24.35 -6.04
N MET G 275 8.55 -24.48 -4.75
CA MET G 275 9.17 -23.35 -4.07
C MET G 275 10.58 -23.09 -4.58
N GLU G 276 11.35 -24.15 -4.87
CA GLU G 276 12.75 -23.96 -5.27
C GLU G 276 12.93 -23.57 -6.73
N LEU G 277 11.97 -23.87 -7.60
CA LEU G 277 12.16 -23.58 -9.02
C LEU G 277 12.48 -22.13 -9.28
N PRO G 278 11.78 -21.13 -8.70
CA PRO G 278 12.21 -19.75 -8.94
C PRO G 278 13.56 -19.42 -8.30
N GLU G 279 13.91 -20.10 -7.20
CA GLU G 279 15.26 -19.92 -6.66
C GLU G 279 16.31 -20.49 -7.60
N VAL G 280 16.02 -21.63 -8.22
CA VAL G 280 16.94 -22.18 -9.23
C VAL G 280 17.04 -21.24 -10.41
N MET G 281 15.90 -20.71 -10.90
CA MET G 281 15.92 -19.83 -12.06
C MET G 281 16.69 -18.56 -11.77
N ARG G 282 16.51 -17.99 -10.58
CA ARG G 282 17.28 -16.81 -10.23
C ARG G 282 18.77 -17.13 -10.15
N PHE G 283 19.10 -18.29 -9.61
CA PHE G 283 20.50 -18.68 -9.51
C PHE G 283 21.14 -18.79 -10.89
N VAL G 284 20.52 -19.55 -11.81
CA VAL G 284 21.15 -19.77 -13.12
C VAL G 284 21.07 -18.50 -13.98
N SER G 285 20.00 -17.73 -13.84
CA SER G 285 19.87 -16.50 -14.61
C SER G 285 21.00 -15.54 -14.28
N ARG G 286 21.29 -15.36 -13.00
CA ARG G 286 22.35 -14.47 -12.58
C ARG G 286 23.71 -14.92 -13.15
N ILE G 287 23.92 -16.24 -13.34
CA ILE G 287 25.15 -16.72 -13.99
C ILE G 287 25.12 -16.43 -15.50
N PHE G 288 23.98 -16.64 -16.14
CA PHE G 288 23.85 -16.34 -17.57
C PHE G 288 24.16 -14.87 -17.89
N THR G 289 23.68 -13.95 -17.04
CA THR G 289 23.83 -12.52 -17.29
C THR G 289 25.04 -11.90 -16.59
N GLN G 290 25.67 -12.60 -15.65
CA GLN G 290 26.77 -12.10 -14.82
C GLN G 290 26.33 -11.06 -13.80
N TYR G 291 27.20 -10.78 -12.83
CA TYR G 291 26.93 -9.78 -11.79
C TYR G 291 28.21 -9.25 -11.15
N GLN H 24 9.36 7.14 21.27
CA GLN H 24 9.74 7.43 19.89
C GLN H 24 10.90 8.41 19.79
N GLN H 25 10.96 9.41 20.67
CA GLN H 25 11.84 10.56 20.52
C GLN H 25 12.97 10.57 21.56
N GLY H 26 14.19 10.80 21.09
CA GLY H 26 15.30 11.16 21.95
C GLY H 26 15.31 12.66 22.22
N LYS H 27 16.42 13.14 22.77
CA LYS H 27 16.50 14.53 23.19
C LYS H 27 17.90 15.06 23.00
N VAL H 28 17.99 16.40 23.02
CA VAL H 28 19.21 17.15 22.79
C VAL H 28 19.43 18.09 23.95
N TYR H 29 20.67 18.17 24.45
CA TYR H 29 21.08 19.23 25.37
C TYR H 29 22.11 20.12 24.67
N GLU H 30 21.85 21.43 24.67
CA GLU H 30 22.69 22.45 24.04
C GLU H 30 23.49 23.29 25.02
N THR H 31 23.08 23.35 26.30
CA THR H 31 23.62 24.36 27.23
C THR H 31 24.61 23.79 28.23
N ARG H 32 25.00 22.53 28.12
CA ARG H 32 25.98 22.01 29.05
C ARG H 32 27.39 22.34 28.58
N THR H 33 28.31 22.38 29.54
CA THR H 33 29.70 22.70 29.27
C THR H 33 30.60 21.68 29.96
N VAL H 34 31.83 21.63 29.48
CA VAL H 34 32.93 20.92 30.13
C VAL H 34 33.93 21.94 30.66
N LYS H 35 34.37 21.76 31.90
CA LYS H 35 35.34 22.67 32.49
C LYS H 35 36.72 22.26 31.99
N SER H 36 37.35 23.10 31.17
CA SER H 36 38.60 22.74 30.49
C SER H 36 39.77 23.44 31.18
N LYS H 37 40.72 22.66 31.70
CA LYS H 37 41.93 23.28 32.23
C LYS H 37 42.88 23.68 31.11
N ILE H 38 42.86 22.93 30.01
CA ILE H 38 43.78 23.18 28.90
C ILE H 38 43.44 24.50 28.22
N LEU H 39 42.15 24.79 28.04
CA LEU H 39 41.70 26.04 27.43
C LEU H 39 41.27 27.09 28.46
N GLY H 40 41.26 26.75 29.74
CA GLY H 40 40.98 27.71 30.81
C GLY H 40 39.60 28.34 30.80
N MET H 41 38.57 27.55 30.52
CA MET H 41 37.22 28.07 30.35
C MET H 41 36.25 26.90 30.34
N GLU H 42 34.97 27.23 30.43
CA GLU H 42 33.90 26.27 30.17
C GLU H 42 33.66 26.19 28.67
N ARG H 43 33.76 24.99 28.09
CA ARG H 43 33.55 24.80 26.65
C ARG H 43 32.21 24.15 26.41
N SER H 44 31.44 24.68 25.47
CA SER H 44 30.13 24.16 25.15
C SER H 44 30.20 22.89 24.30
N TYR H 45 29.20 22.02 24.46
CA TYR H 45 28.96 20.93 23.52
C TYR H 45 27.46 20.67 23.50
N SER H 46 27.01 20.03 22.43
CA SER H 46 25.66 19.48 22.33
C SER H 46 25.75 17.97 22.33
N ILE H 47 24.70 17.34 22.87
CA ILE H 47 24.65 15.88 22.93
C ILE H 47 23.23 15.42 22.62
N TYR H 48 23.16 14.38 21.79
CA TYR H 48 21.92 13.70 21.49
C TYR H 48 21.89 12.40 22.27
N LEU H 49 20.84 12.19 23.08
CA LEU H 49 20.65 10.92 23.76
C LEU H 49 19.53 10.15 23.09
N PRO H 50 19.71 8.88 22.75
CA PRO H 50 18.68 8.16 21.97
C PRO H 50 17.42 7.89 22.79
N ALA H 51 16.35 7.57 22.06
CA ALA H 51 15.10 7.24 22.72
C ALA H 51 15.32 6.05 23.63
N GLY H 52 14.72 6.11 24.83
CA GLY H 52 14.91 5.04 25.80
C GLY H 52 16.18 5.10 26.59
N TYR H 53 16.98 6.18 26.46
CA TYR H 53 18.18 6.37 27.28
C TYR H 53 17.84 6.35 28.77
N ASP H 54 16.63 6.73 29.15
CA ASP H 54 16.30 6.78 30.57
C ASP H 54 15.73 5.48 31.12
N GLU H 55 15.20 4.59 30.29
CA GLU H 55 14.87 3.25 30.74
C GLU H 55 16.09 2.35 30.70
N GLY H 56 16.14 1.40 31.64
CA GLY H 56 17.25 0.47 31.73
C GLY H 56 18.57 1.14 32.04
N ASP H 57 19.64 0.36 32.15
CA ASP H 57 20.93 0.88 32.60
C ASP H 57 22.08 0.66 31.62
N GLY H 58 21.79 0.24 30.38
CA GLY H 58 22.84 -0.09 29.44
C GLY H 58 23.62 1.11 28.90
N SER H 59 24.70 0.81 28.21
CA SER H 59 25.56 1.83 27.66
C SER H 59 25.47 1.83 26.15
N TYR H 60 25.95 2.92 25.57
CA TYR H 60 25.81 3.18 24.15
C TYR H 60 27.16 3.56 23.57
N PRO H 61 27.38 3.29 22.29
CA PRO H 61 28.53 3.86 21.58
C PRO H 61 28.31 5.33 21.24
N VAL H 62 29.39 6.00 20.86
CA VAL H 62 29.36 7.44 20.64
C VAL H 62 29.86 7.76 19.24
N LEU H 63 29.13 8.63 18.57
CA LEU H 63 29.58 9.26 17.33
C LEU H 63 29.86 10.73 17.62
N TYR H 64 31.10 11.15 17.43
CA TYR H 64 31.44 12.57 17.54
C TYR H 64 31.21 13.23 16.18
N LEU H 65 30.49 14.35 16.17
CA LEU H 65 29.98 14.95 14.94
C LEU H 65 30.34 16.44 14.93
N LEU H 66 31.25 16.82 14.03
CA LEU H 66 31.93 18.12 14.05
C LEU H 66 31.35 19.07 13.02
N HIS H 67 31.17 20.32 13.43
CA HIS H 67 30.58 21.35 12.58
C HIS H 67 31.62 22.01 11.67
N GLY H 68 31.11 22.82 10.75
CA GLY H 68 31.95 23.55 9.83
C GLY H 68 32.25 24.98 10.27
N LEU H 69 33.00 25.66 9.41
CA LEU H 69 33.44 27.02 9.68
C LEU H 69 32.26 27.97 9.75
N GLY H 70 32.21 28.80 10.80
CA GLY H 70 31.15 29.75 11.01
C GLY H 70 30.04 29.28 11.96
N ASP H 71 29.83 27.99 12.10
CA ASP H 71 28.83 27.45 12.99
C ASP H 71 29.47 27.05 14.31
N ASN H 72 28.64 26.68 15.29
CA ASN H 72 29.16 26.16 16.55
C ASN H 72 28.44 24.88 16.97
N HIS H 73 28.31 24.65 18.28
CA HIS H 73 27.73 23.40 18.74
C HIS H 73 26.22 23.31 18.47
N THR H 74 25.55 24.38 18.08
CA THR H 74 24.14 24.30 17.69
C THR H 74 23.96 24.00 16.20
N GLY H 75 25.04 23.96 15.42
CA GLY H 75 24.91 23.81 13.97
C GLY H 75 24.25 22.52 13.55
N TRP H 76 24.78 21.40 14.02
CA TRP H 76 24.14 20.12 13.71
C TRP H 76 22.77 19.98 14.37
N VAL H 77 22.45 20.81 15.38
CA VAL H 77 21.12 20.73 15.98
C VAL H 77 20.11 21.50 15.14
N GLN H 78 20.38 22.78 14.92
CA GLN H 78 19.42 23.61 14.20
C GLN H 78 19.45 23.37 12.68
N PHE H 79 20.64 23.33 12.07
CA PHE H 79 20.75 23.12 10.63
C PHE H 79 20.79 21.63 10.28
N GLY H 80 21.59 20.86 11.02
CA GLY H 80 21.70 19.44 10.76
C GLY H 80 20.45 18.64 11.11
N GLN H 81 19.55 19.22 11.92
CA GLN H 81 18.32 18.56 12.34
C GLN H 81 18.60 17.17 12.90
N VAL H 82 19.66 17.08 13.71
CA VAL H 82 20.13 15.79 14.19
C VAL H 82 19.04 15.05 14.96
N GLN H 83 18.20 15.77 15.70
CA GLN H 83 17.25 15.06 16.55
C GLN H 83 16.26 14.28 15.71
N TYR H 84 15.63 14.94 14.72
CA TYR H 84 14.68 14.28 13.85
C TYR H 84 15.34 13.18 13.02
N ILE H 85 16.53 13.45 12.48
CA ILE H 85 17.18 12.48 11.59
C ILE H 85 17.66 11.26 12.37
N ALA H 86 18.21 11.46 13.57
CA ALA H 86 18.66 10.34 14.40
C ALA H 86 17.48 9.57 14.99
N ASP H 87 16.43 10.27 15.43
CA ASP H 87 15.23 9.57 15.88
C ASP H 87 14.69 8.67 14.78
N LYS H 88 14.62 9.19 13.56
CA LYS H 88 14.03 8.46 12.43
C LYS H 88 14.88 7.27 12.04
N ALA H 89 16.19 7.47 11.87
CA ALA H 89 17.05 6.36 11.49
C ALA H 89 17.08 5.28 12.57
N ILE H 90 16.99 5.67 13.85
CA ILE H 90 17.01 4.68 14.91
C ILE H 90 15.66 3.97 15.03
N ALA H 91 14.56 4.70 14.85
CA ALA H 91 13.26 4.08 14.97
C ALA H 91 12.98 3.12 13.82
N GLU H 92 13.43 3.46 12.60
CA GLU H 92 13.30 2.57 11.44
C GLU H 92 14.28 1.40 11.47
N GLY H 93 15.23 1.40 12.40
CA GLY H 93 16.21 0.34 12.39
C GLY H 93 17.30 0.49 11.38
N LYS H 94 17.31 1.56 10.58
CA LYS H 94 18.43 1.83 9.69
C LYS H 94 19.72 2.05 10.48
N SER H 95 19.61 2.42 11.76
CA SER H 95 20.75 2.57 12.66
C SER H 95 20.40 2.02 14.03
N ALA H 96 21.41 1.48 14.73
CA ALA H 96 21.20 1.11 16.13
C ALA H 96 21.33 2.35 17.03
N PRO H 97 20.79 2.30 18.25
CA PRO H 97 20.89 3.47 19.13
C PRO H 97 22.33 3.88 19.41
N MET H 98 22.59 5.18 19.33
CA MET H 98 23.91 5.70 19.65
C MET H 98 23.79 7.08 20.29
N ILE H 99 24.85 7.49 20.94
CA ILE H 99 24.95 8.84 21.46
C ILE H 99 25.72 9.68 20.46
N ILE H 100 25.27 10.91 20.22
CA ILE H 100 25.94 11.81 19.29
C ILE H 100 26.38 13.04 20.03
N VAL H 101 27.68 13.34 19.97
CA VAL H 101 28.29 14.46 20.68
C VAL H 101 28.80 15.48 19.68
N MET H 102 28.41 16.74 19.87
CA MET H 102 28.71 17.83 18.94
C MET H 102 29.48 18.95 19.63
N PRO H 103 30.81 18.98 19.51
CA PRO H 103 31.60 19.96 20.24
C PRO H 103 31.57 21.32 19.58
N ASP H 104 31.77 22.36 20.41
CA ASP H 104 31.92 23.73 19.94
C ASP H 104 33.41 23.98 19.66
N ALA H 105 33.73 24.22 18.38
CA ALA H 105 35.06 24.59 17.92
C ALA H 105 35.03 25.95 17.23
N ASP H 106 34.27 26.89 17.80
CA ASP H 106 34.13 28.22 17.22
C ASP H 106 34.51 29.32 18.19
N THR H 107 34.19 29.18 19.48
CA THR H 107 34.43 30.25 20.45
C THR H 107 35.93 30.42 20.72
N VAL H 108 36.35 31.68 20.86
CA VAL H 108 37.74 32.09 21.09
C VAL H 108 38.57 31.95 19.82
N HIS H 109 38.66 30.73 19.28
CA HIS H 109 39.32 30.49 18.00
C HIS H 109 38.55 29.44 17.20
N LYS H 110 38.52 29.60 15.88
CA LYS H 110 37.84 28.65 15.01
C LYS H 110 38.83 27.61 14.52
N GLY H 111 38.49 26.33 14.69
CA GLY H 111 39.31 25.24 14.20
C GLY H 111 39.50 24.17 15.24
N TYR H 112 39.99 23.04 14.77
CA TYR H 112 40.03 21.85 15.60
C TYR H 112 41.42 21.49 16.09
N PHE H 113 42.45 22.25 15.76
CA PHE H 113 43.81 21.82 16.04
C PHE H 113 44.54 22.82 16.95
N ASN H 114 45.68 22.38 17.48
CA ASN H 114 46.51 23.20 18.36
C ASN H 114 47.16 24.35 17.57
N LEU H 115 47.04 25.56 18.09
CA LEU H 115 47.69 26.71 17.48
C LEU H 115 49.22 26.66 17.63
N LEU H 116 49.90 27.28 16.66
CA LEU H 116 51.36 27.23 16.56
C LEU H 116 52.05 28.04 17.66
N ASP H 117 51.37 29.00 18.29
CA ASP H 117 51.97 29.81 19.34
C ASP H 117 51.81 29.23 20.74
N GLY H 118 51.17 28.05 20.88
CA GLY H 118 51.05 27.35 22.14
C GLY H 118 49.98 27.83 23.09
N THR H 119 49.15 28.79 22.69
CA THR H 119 48.16 29.45 23.55
C THR H 119 46.77 28.82 23.50
N TYR H 120 46.52 27.83 22.64
CA TYR H 120 45.17 27.29 22.48
C TYR H 120 45.23 25.89 21.89
N ASN H 121 45.45 24.88 22.74
CA ASN H 121 45.65 23.51 22.28
C ASN H 121 44.33 22.75 22.27
N TYR H 122 43.51 23.06 21.26
CA TYR H 122 42.16 22.49 21.20
C TYR H 122 42.19 20.98 20.99
N GLU H 123 43.14 20.49 20.18
CA GLU H 123 43.21 19.06 19.94
C GLU H 123 43.51 18.30 21.24
N ASP H 124 44.42 18.85 22.06
CA ASP H 124 44.66 18.29 23.39
C ASP H 124 43.39 18.33 24.23
N PHE H 125 42.64 19.43 24.15
CA PHE H 125 41.39 19.52 24.88
C PHE H 125 40.43 18.40 24.49
N PHE H 126 40.24 18.18 23.18
CA PHE H 126 39.29 17.19 22.68
C PHE H 126 39.59 15.79 23.22
N PHE H 127 40.86 15.35 23.16
CA PHE H 127 41.22 14.00 23.55
C PHE H 127 41.48 13.85 25.04
N GLN H 128 41.99 14.88 25.71
CA GLN H 128 42.32 14.72 27.12
C GLN H 128 41.23 15.22 28.04
N GLU H 129 40.26 15.97 27.54
CA GLU H 129 39.22 16.51 28.42
C GLU H 129 37.80 16.20 27.94
N LEU H 130 37.50 16.45 26.66
CA LEU H 130 36.13 16.26 26.19
C LEU H 130 35.75 14.79 26.18
N ILE H 131 36.57 13.93 25.54
CA ILE H 131 36.27 12.49 25.54
C ILE H 131 36.19 11.90 26.94
N PRO H 132 37.13 12.16 27.85
CA PRO H 132 36.94 11.66 29.23
C PRO H 132 35.71 12.23 29.93
N HIS H 133 35.32 13.48 29.66
CA HIS H 133 34.14 14.03 30.32
C HIS H 133 32.86 13.34 29.85
N ILE H 134 32.74 13.09 28.54
CA ILE H 134 31.58 12.38 28.01
C ILE H 134 31.45 11.01 28.65
N GLU H 135 32.58 10.31 28.82
CA GLU H 135 32.55 8.95 29.34
C GLU H 135 32.23 8.91 30.83
N LYS H 136 32.53 10.00 31.55
CA LYS H 136 32.26 10.11 32.98
C LYS H 136 30.82 10.52 33.27
N THR H 137 30.21 11.30 32.37
CA THR H 137 28.91 11.90 32.61
C THR H 137 27.74 11.11 32.02
N TYR H 138 27.96 10.36 30.95
CA TYR H 138 26.90 9.66 30.27
C TYR H 138 27.25 8.18 30.18
N ARG H 139 26.24 7.35 29.93
CA ARG H 139 26.42 5.89 29.93
C ARG H 139 26.99 5.47 28.57
N VAL H 140 28.33 5.46 28.50
CA VAL H 140 29.06 5.27 27.25
C VAL H 140 29.91 4.01 27.37
N ARG H 141 29.90 3.19 26.31
CA ARG H 141 30.89 2.11 26.18
C ARG H 141 32.20 2.75 25.78
N ALA H 142 33.16 2.83 26.71
CA ALA H 142 34.34 3.66 26.53
C ALA H 142 35.51 2.84 25.99
N GLU H 143 35.37 2.42 24.73
CA GLU H 143 36.42 1.68 24.03
C GLU H 143 36.48 2.15 22.58
N SER H 144 37.63 1.94 21.96
CA SER H 144 37.83 2.40 20.59
C SER H 144 36.79 1.80 19.64
N ARG H 145 36.42 0.54 19.86
CA ARG H 145 35.49 -0.15 18.97
C ARG H 145 34.09 0.43 19.02
N TYR H 146 33.81 1.31 19.98
CA TYR H 146 32.50 1.92 20.11
C TYR H 146 32.58 3.43 19.94
N ARG H 147 33.59 3.92 19.22
CA ARG H 147 33.82 5.35 19.06
C ARG H 147 34.10 5.68 17.59
N ALA H 148 33.32 6.60 17.02
CA ALA H 148 33.50 7.04 15.64
C ALA H 148 33.47 8.57 15.58
N ILE H 149 33.97 9.12 14.48
CA ILE H 149 34.03 10.56 14.30
C ILE H 149 33.70 10.91 12.85
N SER H 150 32.99 12.03 12.68
CA SER H 150 32.50 12.52 11.40
C SER H 150 32.40 14.04 11.50
N GLY H 151 32.29 14.68 10.35
CA GLY H 151 32.15 16.13 10.32
C GLY H 151 32.06 16.58 8.88
N LEU H 152 31.76 17.86 8.71
CA LEU H 152 31.61 18.45 7.39
C LEU H 152 32.59 19.61 7.22
N ALA H 153 33.15 19.74 6.01
CA ALA H 153 34.01 20.86 5.62
C ALA H 153 35.22 20.99 6.56
N MET H 154 35.28 22.10 7.30
CA MET H 154 36.31 22.27 8.33
C MET H 154 36.31 21.08 9.28
N GLY H 155 35.13 20.63 9.69
CA GLY H 155 35.02 19.47 10.56
C GLY H 155 35.26 18.15 9.85
N GLY H 156 35.11 18.12 8.53
CA GLY H 156 35.53 16.94 7.79
C GLY H 156 37.02 16.73 7.84
N GLY H 157 37.81 17.82 7.64
CA GLY H 157 39.24 17.75 7.79
C GLY H 157 39.68 17.45 9.20
N GLY H 158 38.93 17.97 10.20
CA GLY H 158 39.22 17.63 11.58
C GLY H 158 39.11 16.14 11.85
N ALA H 159 37.97 15.55 11.49
CA ALA H 159 37.75 14.13 11.71
C ALA H 159 38.82 13.31 10.98
N LEU H 160 39.15 13.72 9.76
CA LEU H 160 40.18 13.03 9.01
C LEU H 160 41.52 13.04 9.77
N PHE H 161 41.98 14.22 10.19
CA PHE H 161 43.30 14.30 10.80
C PHE H 161 43.30 13.93 12.27
N TYR H 162 42.17 14.08 12.97
CA TYR H 162 42.09 13.50 14.30
C TYR H 162 42.34 12.00 14.23
N ALA H 163 41.81 11.36 13.20
CA ALA H 163 41.98 9.92 13.08
C ALA H 163 43.39 9.57 12.62
N LEU H 164 44.00 10.41 11.79
CA LEU H 164 45.37 10.13 11.40
C LEU H 164 46.35 10.44 12.52
N HIS H 165 46.00 11.33 13.46
CA HIS H 165 46.91 11.60 14.57
C HIS H 165 46.75 10.55 15.66
N TYR H 166 45.52 10.18 15.96
CA TYR H 166 45.25 9.22 17.04
C TYR H 166 44.41 8.08 16.48
N PRO H 167 44.96 7.26 15.57
CA PRO H 167 44.14 6.20 14.95
C PRO H 167 43.66 5.15 15.96
N GLU H 168 44.36 4.97 17.08
CA GLU H 168 43.97 4.02 18.11
C GLU H 168 42.69 4.44 18.86
N MET H 169 42.14 5.63 18.61
CA MET H 169 40.98 6.13 19.33
C MET H 169 39.65 5.84 18.65
N PHE H 170 39.63 5.48 17.36
CA PHE H 170 38.39 5.39 16.60
C PHE H 170 38.34 4.09 15.83
N VAL H 171 37.11 3.64 15.58
CA VAL H 171 36.89 2.47 14.77
C VAL H 171 36.36 2.84 13.38
N ALA H 172 35.73 4.01 13.23
CA ALA H 172 35.17 4.44 11.96
C ALA H 172 35.30 5.93 11.89
N VAL H 173 35.54 6.43 10.69
CA VAL H 173 35.75 7.86 10.43
C VAL H 173 35.00 8.19 9.15
N ALA H 174 34.25 9.28 9.16
CA ALA H 174 33.43 9.64 8.00
C ALA H 174 33.53 11.13 7.70
N PRO H 175 34.57 11.55 6.98
CA PRO H 175 34.66 12.96 6.53
C PRO H 175 33.70 13.25 5.39
N LEU H 176 32.84 14.26 5.59
CA LEU H 176 31.86 14.72 4.59
C LEU H 176 32.30 16.05 4.00
N SER H 177 32.31 16.13 2.67
CA SER H 177 32.74 17.35 1.96
C SER H 177 33.98 17.96 2.63
N ALA H 178 34.92 17.09 2.94
CA ALA H 178 36.01 17.43 3.82
C ALA H 178 36.96 18.42 3.17
N VAL H 179 37.42 19.36 3.96
CA VAL H 179 38.47 20.27 3.58
C VAL H 179 39.83 19.57 3.60
N GLY H 180 40.81 20.14 2.89
CA GLY H 180 42.13 19.54 2.83
C GLY H 180 43.07 19.92 3.98
N GLY H 181 44.23 19.25 4.03
CA GLY H 181 45.22 19.52 5.06
C GLY H 181 45.91 20.88 4.91
N ALA H 182 46.17 21.29 3.68
CA ALA H 182 46.78 22.61 3.47
C ALA H 182 45.82 23.71 3.89
N TRP H 183 44.52 23.55 3.62
CA TRP H 183 43.51 24.52 4.07
C TRP H 183 43.51 24.64 5.59
N THR H 184 43.58 23.51 6.30
CA THR H 184 43.56 23.58 7.76
C THR H 184 44.83 24.20 8.31
N PHE H 185 45.99 23.81 7.78
CA PHE H 185 47.24 24.41 8.26
C PHE H 185 47.26 25.91 8.02
N ASP H 186 46.71 26.35 6.90
CA ASP H 186 46.61 27.78 6.64
C ASP H 186 45.75 28.45 7.70
N GLN H 187 44.70 27.76 8.14
CA GLN H 187 43.85 28.30 9.20
C GLN H 187 44.60 28.39 10.52
N MET H 188 45.40 27.35 10.85
CA MET H 188 46.16 27.33 12.09
C MET H 188 47.16 28.47 12.15
N LYS H 189 47.76 28.87 11.01
CA LYS H 189 48.69 29.99 11.03
C LYS H 189 47.96 31.31 11.24
N ASN H 190 46.86 31.53 10.53
CA ASN H 190 46.15 32.81 10.64
C ASN H 190 45.65 33.07 12.06
N GLN H 191 45.36 32.02 12.81
CA GLN H 191 44.88 32.14 14.18
C GLN H 191 46.01 32.35 15.18
N SER H 192 47.27 32.16 14.77
CA SER H 192 48.43 32.19 15.64
C SER H 192 49.19 33.51 15.57
N ASP H 193 49.91 33.79 16.65
CA ASP H 193 50.94 34.84 16.69
C ASP H 193 52.24 34.23 16.18
N LEU H 194 52.61 34.55 14.93
CA LEU H 194 53.72 33.90 14.24
C LEU H 194 55.10 34.46 14.62
N SER H 195 55.15 35.51 15.45
CA SER H 195 56.44 36.00 15.95
C SER H 195 57.08 35.00 16.92
N LYS H 196 56.26 34.22 17.63
CA LYS H 196 56.71 33.23 18.59
C LYS H 196 56.90 31.84 17.99
N VAL H 197 56.77 31.68 16.68
CA VAL H 197 56.85 30.36 16.06
C VAL H 197 58.17 30.25 15.31
N SER H 198 58.95 29.24 15.65
CA SER H 198 60.19 28.99 14.95
C SER H 198 59.90 28.34 13.59
N GLU H 199 60.86 28.47 12.68
CA GLU H 199 60.68 27.92 11.36
C GLU H 199 60.69 26.39 11.39
N GLU H 200 61.44 25.80 12.33
CA GLU H 200 61.44 24.35 12.48
C GLU H 200 60.06 23.85 12.94
N LYS H 201 59.39 24.59 13.83
CA LYS H 201 58.07 24.19 14.28
C LYS H 201 57.03 24.29 13.18
N LYS H 202 57.08 25.34 12.35
CA LYS H 202 56.13 25.41 11.24
C LYS H 202 56.27 24.19 10.33
N ALA H 203 57.52 23.80 10.02
CA ALA H 203 57.76 22.66 9.14
C ALA H 203 57.32 21.36 9.78
N GLU H 204 57.43 21.24 11.10
CA GLU H 204 57.00 20.02 11.78
C GLU H 204 55.49 19.88 11.72
N VAL H 205 54.75 20.97 11.98
CA VAL H 205 53.29 20.90 11.93
C VAL H 205 52.78 20.77 10.49
N LEU H 206 53.43 21.43 9.52
CA LEU H 206 53.02 21.24 8.13
C LEU H 206 53.06 19.77 7.76
N GLY H 207 54.09 19.05 8.23
CA GLY H 207 54.19 17.61 7.97
C GLY H 207 53.13 16.77 8.68
N GLN H 208 52.67 17.22 9.85
CA GLN H 208 51.60 16.53 10.55
C GLN H 208 50.21 16.82 10.00
N MET H 209 50.05 17.80 9.11
CA MET H 209 48.77 18.10 8.48
C MET H 209 48.81 17.81 6.98
N ASP H 210 49.68 16.91 6.54
CA ASP H 210 49.76 16.53 5.12
C ASP H 210 49.59 15.03 5.02
N ILE H 211 48.55 14.59 4.29
CA ILE H 211 48.18 13.19 4.34
C ILE H 211 49.24 12.31 3.67
N GLN H 212 49.82 12.79 2.58
CA GLN H 212 50.91 12.07 1.93
C GLN H 212 52.04 11.81 2.92
N THR H 213 52.43 12.86 3.66
CA THR H 213 53.54 12.77 4.62
C THR H 213 53.22 11.85 5.78
N ILE H 214 52.01 11.95 6.33
CA ILE H 214 51.65 11.11 7.47
C ILE H 214 51.72 9.64 7.08
N LEU H 215 51.18 9.29 5.91
CA LEU H 215 51.16 7.89 5.51
C LEU H 215 52.55 7.36 5.11
N GLU H 216 53.43 8.20 4.54
CA GLU H 216 54.75 7.70 4.13
C GLU H 216 55.68 7.48 5.31
N LYS H 217 55.60 8.36 6.32
CA LYS H 217 56.56 8.34 7.42
C LYS H 217 56.03 7.64 8.66
N SER H 218 54.82 7.07 8.59
CA SER H 218 54.20 6.40 9.73
C SER H 218 54.85 5.04 9.96
N PRO H 219 55.22 4.70 11.20
CA PRO H 219 55.68 3.35 11.50
C PRO H 219 54.59 2.31 11.24
N LYS H 220 55.00 1.05 11.26
CA LYS H 220 54.10 0.00 10.79
C LYS H 220 52.86 -0.12 11.65
N GLU H 221 53.01 0.06 12.97
CA GLU H 221 51.87 -0.11 13.86
C GLU H 221 50.81 0.95 13.60
N LYS H 222 51.23 2.19 13.34
CA LYS H 222 50.28 3.26 13.03
C LYS H 222 49.59 2.99 11.69
N LEU H 223 50.40 2.69 10.66
CA LEU H 223 49.86 2.44 9.32
C LEU H 223 48.88 1.26 9.32
N ASP H 224 49.16 0.24 10.13
CA ASP H 224 48.26 -0.91 10.22
C ASP H 224 46.94 -0.55 10.90
N ARG H 225 46.99 0.25 11.97
CA ARG H 225 45.74 0.70 12.60
C ARG H 225 44.95 1.61 11.66
N ILE H 226 45.65 2.41 10.84
CA ILE H 226 44.95 3.26 9.88
C ILE H 226 44.20 2.39 8.86
N LYS H 227 44.82 1.29 8.44
CA LYS H 227 44.16 0.40 7.49
C LYS H 227 43.00 -0.33 8.15
N TRP H 228 43.04 -0.51 9.46
CA TRP H 228 41.97 -1.19 10.19
C TRP H 228 40.74 -0.30 10.36
N ILE H 229 40.93 1.01 10.51
CA ILE H 229 39.80 1.94 10.59
C ILE H 229 38.92 1.82 9.34
N ARG H 230 37.60 1.97 9.55
CA ARG H 230 36.66 1.99 8.44
C ARG H 230 36.42 3.45 8.04
N TRP H 231 36.81 3.79 6.82
CA TRP H 231 36.71 5.15 6.31
C TRP H 231 35.51 5.27 5.38
N TYR H 232 34.78 6.38 5.50
CA TYR H 232 33.67 6.68 4.62
C TYR H 232 33.81 8.15 4.22
N ILE H 233 34.11 8.39 2.94
CA ILE H 233 34.42 9.72 2.43
C ILE H 233 33.41 10.07 1.35
N SER H 234 32.66 11.16 1.56
CA SER H 234 31.61 11.59 0.64
C SER H 234 31.73 13.08 0.37
N CYS H 235 31.50 13.46 -0.88
CA CYS H 235 31.53 14.86 -1.29
C CYS H 235 30.67 15.03 -2.53
N GLY H 236 29.97 16.16 -2.63
CA GLY H 236 29.17 16.42 -3.80
C GLY H 236 30.00 16.81 -5.01
N ASP H 237 29.51 16.47 -6.20
CA ASP H 237 30.29 16.72 -7.41
C ASP H 237 30.27 18.19 -7.82
N ASP H 238 29.24 18.95 -7.46
CA ASP H 238 29.21 20.37 -7.77
C ASP H 238 29.79 21.23 -6.62
N ASP H 239 30.54 20.61 -5.70
CA ASP H 239 31.29 21.28 -4.64
C ASP H 239 32.68 21.65 -5.14
N PHE H 240 33.15 22.85 -4.78
CA PHE H 240 34.52 23.28 -5.13
C PHE H 240 35.60 22.40 -4.51
N LEU H 241 35.26 21.66 -3.45
CA LEU H 241 36.16 20.72 -2.79
C LEU H 241 36.11 19.34 -3.42
N SER H 242 35.36 19.14 -4.50
CA SER H 242 35.30 17.82 -5.10
C SER H 242 36.68 17.35 -5.53
N VAL H 243 37.55 18.29 -5.95
CA VAL H 243 38.88 17.94 -6.44
C VAL H 243 39.79 17.48 -5.29
N THR H 244 39.80 18.25 -4.20
CA THR H 244 40.53 17.86 -2.99
C THR H 244 40.17 16.44 -2.54
N ASN H 245 38.89 16.08 -2.59
CA ASN H 245 38.46 14.76 -2.17
C ASN H 245 38.71 13.70 -3.23
N CYS H 246 38.79 14.07 -4.51
CA CYS H 246 39.24 13.13 -5.54
C CYS H 246 40.73 12.84 -5.42
N LEU H 247 41.54 13.87 -5.14
CA LEU H 247 42.95 13.63 -4.84
C LEU H 247 43.10 12.79 -3.58
N LEU H 248 42.23 13.01 -2.58
CA LEU H 248 42.28 12.19 -1.38
C LEU H 248 42.04 10.73 -1.70
N HIS H 249 41.01 10.45 -2.50
CA HIS H 249 40.71 9.08 -2.90
C HIS H 249 41.90 8.41 -3.57
N ASN H 250 42.60 9.13 -4.46
CA ASN H 250 43.75 8.57 -5.17
C ASN H 250 44.90 8.28 -4.23
N THR H 251 45.15 9.19 -3.28
CA THR H 251 46.24 9.03 -2.31
C THR H 251 46.03 7.80 -1.44
N LEU H 252 44.79 7.59 -0.97
CA LEU H 252 44.50 6.44 -0.12
C LEU H 252 44.72 5.12 -0.86
N LEU H 253 44.25 5.03 -2.12
CA LEU H 253 44.51 3.81 -2.88
C LEU H 253 46.01 3.62 -3.12
N GLN H 254 46.74 4.71 -3.36
CA GLN H 254 48.19 4.65 -3.60
C GLN H 254 48.94 4.07 -2.39
N HIS H 255 48.42 4.27 -1.18
CA HIS H 255 48.98 3.72 0.05
C HIS H 255 48.17 2.52 0.57
N GLN H 256 47.25 2.01 -0.23
CA GLN H 256 46.53 0.78 0.06
C GLN H 256 45.66 0.88 1.33
N VAL H 257 45.06 2.03 1.53
CA VAL H 257 44.11 2.25 2.63
C VAL H 257 42.72 2.05 2.04
N GLY H 258 42.16 0.86 2.24
CA GLY H 258 40.81 0.62 1.76
C GLY H 258 39.81 1.52 2.45
N HIS H 259 38.82 1.98 1.67
CA HIS H 259 37.83 2.93 2.15
C HIS H 259 36.64 2.93 1.20
N GLU H 260 35.51 3.43 1.70
CA GLU H 260 34.37 3.68 0.82
C GLU H 260 34.42 5.15 0.44
N PHE H 261 34.21 5.41 -0.84
CA PHE H 261 34.27 6.76 -1.38
C PHE H 261 33.00 7.01 -2.18
N ARG H 262 32.36 8.13 -1.93
CA ARG H 262 31.14 8.50 -2.62
C ARG H 262 31.28 9.90 -3.14
N MET H 263 30.98 10.09 -4.41
CA MET H 263 30.81 11.40 -5.00
C MET H 263 29.40 11.40 -5.57
N LYS H 264 28.48 12.04 -4.86
CA LYS H 264 27.07 12.05 -5.19
C LYS H 264 26.68 13.42 -5.75
N ASP H 265 25.47 13.50 -6.33
CA ASP H 265 25.00 14.80 -6.80
C ASP H 265 24.72 15.70 -5.61
N GLY H 266 25.32 16.88 -5.62
CA GLY H 266 25.15 17.77 -4.50
C GLY H 266 26.21 18.83 -4.48
N SER H 267 25.99 19.78 -3.57
CA SER H 267 26.87 20.93 -3.46
C SER H 267 27.37 21.12 -2.03
N HIS H 268 27.99 22.26 -1.76
CA HIS H 268 28.45 22.59 -0.42
C HIS H 268 27.28 23.20 0.36
N SER H 269 26.36 22.34 0.79
CA SER H 269 25.12 22.84 1.37
C SER H 269 24.60 21.83 2.37
N TRP H 270 23.69 22.31 3.22
CA TRP H 270 23.01 21.50 4.23
C TRP H 270 22.01 20.55 3.61
N THR H 271 21.62 20.76 2.34
CA THR H 271 20.90 19.71 1.63
C THR H 271 21.77 18.45 1.55
N TYR H 272 23.03 18.60 1.15
CA TYR H 272 23.92 17.45 1.07
C TYR H 272 24.13 16.78 2.43
N TRP H 273 24.42 17.58 3.47
CA TRP H 273 24.83 16.97 4.73
C TRP H 273 23.66 16.36 5.49
N ARG H 274 22.46 16.93 5.36
CA ARG H 274 21.32 16.23 5.95
C ARG H 274 21.04 14.91 5.23
N MET H 275 21.32 14.85 3.92
CA MET H 275 21.16 13.58 3.20
C MET H 275 22.22 12.55 3.63
N GLU H 276 23.46 13.00 3.90
CA GLU H 276 24.50 12.05 4.27
C GLU H 276 24.45 11.64 5.73
N LEU H 277 23.84 12.45 6.61
CA LEU H 277 23.85 12.11 8.04
C LEU H 277 23.24 10.73 8.34
N PRO H 278 22.08 10.34 7.79
CA PRO H 278 21.62 8.98 8.07
C PRO H 278 22.49 7.90 7.42
N GLU H 279 23.17 8.22 6.31
CA GLU H 279 24.11 7.24 5.75
C GLU H 279 25.31 7.03 6.68
N VAL H 280 25.85 8.10 7.28
CA VAL H 280 26.91 7.92 8.26
C VAL H 280 26.44 7.09 9.45
N MET H 281 25.21 7.34 9.93
CA MET H 281 24.70 6.54 11.03
C MET H 281 24.58 5.07 10.63
N ARG H 282 24.11 4.79 9.43
CA ARG H 282 24.05 3.38 9.04
C ARG H 282 25.45 2.77 8.97
N PHE H 283 26.42 3.53 8.45
CA PHE H 283 27.79 3.05 8.31
C PHE H 283 28.43 2.73 9.66
N VAL H 284 28.41 3.68 10.59
CA VAL H 284 29.13 3.43 11.84
C VAL H 284 28.34 2.44 12.72
N SER H 285 27.00 2.45 12.63
CA SER H 285 26.20 1.54 13.42
C SER H 285 26.55 0.09 13.08
N ARG H 286 26.69 -0.21 11.79
CA ARG H 286 27.07 -1.54 11.35
C ARG H 286 28.43 -1.95 11.89
N ILE H 287 29.33 -0.98 12.04
CA ILE H 287 30.63 -1.26 12.62
C ILE H 287 30.49 -1.50 14.13
N PHE H 288 29.66 -0.70 14.81
CA PHE H 288 29.42 -0.88 16.24
C PHE H 288 28.83 -2.25 16.55
N THR H 289 27.90 -2.72 15.73
CA THR H 289 27.21 -3.97 16.02
C THR H 289 27.86 -5.17 15.36
N GLN H 290 28.83 -4.97 14.47
CA GLN H 290 29.42 -6.02 13.65
C GLN H 290 28.40 -6.52 12.63
N TYR H 291 28.82 -7.31 11.66
CA TYR H 291 27.86 -7.85 10.68
C TYR H 291 28.36 -9.10 9.97
N GLN I 24 -4.75 0.41 -23.48
CA GLN I 24 -4.04 1.43 -22.72
C GLN I 24 -3.39 2.51 -23.61
N GLN I 25 -2.84 2.14 -24.76
CA GLN I 25 -1.98 3.04 -25.54
C GLN I 25 -2.67 3.51 -26.81
N GLY I 26 -2.69 4.84 -27.02
CA GLY I 26 -3.05 5.44 -28.29
C GLY I 26 -1.86 5.56 -29.19
N LYS I 27 -1.99 6.36 -30.25
CA LYS I 27 -0.94 6.48 -31.25
C LYS I 27 -0.88 7.90 -31.81
N VAL I 28 0.26 8.22 -32.44
CA VAL I 28 0.54 9.55 -32.97
C VAL I 28 0.93 9.45 -34.44
N TYR I 29 0.31 10.29 -35.28
CA TYR I 29 0.78 10.45 -36.65
C TYR I 29 1.36 11.86 -36.80
N GLU I 30 2.62 11.93 -37.24
CA GLU I 30 3.36 13.17 -37.46
C GLU I 30 3.52 13.54 -38.94
N THR I 31 3.41 12.58 -39.85
CA THR I 31 3.86 12.81 -41.22
C THR I 31 2.73 13.10 -42.18
N ARG I 32 1.49 13.21 -41.68
CA ARG I 32 0.38 13.50 -42.58
C ARG I 32 0.29 15.02 -42.79
N THR I 33 -0.35 15.40 -43.90
CA THR I 33 -0.41 16.79 -44.32
C THR I 33 -1.80 17.17 -44.80
N VAL I 34 -2.14 18.46 -44.69
CA VAL I 34 -3.37 19.02 -45.23
C VAL I 34 -3.04 19.75 -46.52
N LYS I 35 -3.77 19.43 -47.59
CA LYS I 35 -3.57 20.14 -48.85
C LYS I 35 -4.29 21.48 -48.74
N SER I 36 -3.50 22.56 -48.75
CA SER I 36 -3.97 23.91 -48.48
C SER I 36 -3.98 24.76 -49.75
N LYS I 37 -5.18 25.25 -50.12
CA LYS I 37 -5.28 26.23 -51.19
C LYS I 37 -4.82 27.62 -50.73
N ILE I 38 -5.03 27.95 -49.46
CA ILE I 38 -4.70 29.28 -48.96
C ILE I 38 -3.19 29.49 -48.91
N LEU I 39 -2.45 28.48 -48.46
CA LEU I 39 -1.00 28.56 -48.35
C LEU I 39 -0.28 27.91 -49.51
N GLY I 40 -1.01 27.31 -50.45
CA GLY I 40 -0.39 26.78 -51.66
C GLY I 40 0.62 25.69 -51.44
N MET I 41 0.35 24.76 -50.55
CA MET I 41 1.32 23.73 -50.20
C MET I 41 0.62 22.66 -49.35
N GLU I 42 1.30 21.53 -49.15
CA GLU I 42 0.86 20.60 -48.12
C GLU I 42 1.37 21.07 -46.77
N ARG I 43 0.48 21.22 -45.79
CA ARG I 43 0.87 21.67 -44.45
C ARG I 43 0.89 20.48 -43.50
N SER I 44 1.97 20.35 -42.72
CA SER I 44 2.07 19.28 -41.74
C SER I 44 1.23 19.59 -40.51
N TYR I 45 0.79 18.52 -39.85
CA TYR I 45 0.22 18.52 -38.51
C TYR I 45 0.52 17.17 -37.86
N SER I 46 0.45 17.13 -36.54
CA SER I 46 0.49 15.87 -35.79
C SER I 46 -0.85 15.62 -35.13
N ILE I 47 -1.19 14.35 -34.94
CA ILE I 47 -2.48 14.02 -34.34
C ILE I 47 -2.32 12.85 -33.36
N TYR I 48 -2.93 13.01 -32.20
CA TYR I 48 -3.00 11.98 -31.19
C TYR I 48 -4.38 11.36 -31.25
N LEU I 49 -4.43 10.06 -31.50
CA LEU I 49 -5.70 9.36 -31.43
C LEU I 49 -5.73 8.53 -30.16
N PRO I 50 -6.81 8.60 -29.39
CA PRO I 50 -6.85 7.88 -28.12
C PRO I 50 -6.95 6.37 -28.32
N ALA I 51 -6.64 5.64 -27.26
CA ALA I 51 -6.80 4.18 -27.28
C ALA I 51 -8.27 3.81 -27.53
N GLY I 52 -8.47 2.78 -28.33
CA GLY I 52 -9.81 2.38 -28.71
C GLY I 52 -10.40 3.18 -29.86
N TYR I 53 -9.61 4.07 -30.47
CA TYR I 53 -10.07 4.77 -31.66
C TYR I 53 -10.44 3.81 -32.78
N ASP I 54 -9.77 2.67 -32.87
CA ASP I 54 -10.01 1.74 -33.97
C ASP I 54 -11.10 0.71 -33.65
N GLU I 55 -11.69 0.76 -32.46
CA GLU I 55 -12.82 -0.07 -32.11
C GLU I 55 -14.06 0.79 -31.96
N GLY I 56 -15.22 0.21 -32.28
CA GLY I 56 -16.46 0.96 -32.31
C GLY I 56 -16.46 2.03 -33.40
N ASP I 57 -17.55 2.78 -33.47
CA ASP I 57 -17.77 3.77 -34.52
C ASP I 57 -18.01 5.18 -33.98
N GLY I 58 -17.78 5.39 -32.69
CA GLY I 58 -18.09 6.66 -32.09
C GLY I 58 -17.15 7.78 -32.49
N SER I 59 -17.51 8.99 -32.08
CA SER I 59 -16.75 10.19 -32.40
C SER I 59 -16.22 10.82 -31.11
N TYR I 60 -15.28 11.75 -31.30
CA TYR I 60 -14.53 12.32 -30.19
C TYR I 60 -14.47 13.84 -30.28
N PRO I 61 -14.34 14.51 -29.13
CA PRO I 61 -14.04 15.94 -29.13
C PRO I 61 -12.58 16.18 -29.46
N VAL I 62 -12.25 17.43 -29.76
CA VAL I 62 -10.92 17.79 -30.25
C VAL I 62 -10.32 18.91 -29.43
N LEU I 63 -9.07 18.73 -29.01
CA LEU I 63 -8.24 19.78 -28.44
C LEU I 63 -7.15 20.13 -29.46
N TYR I 64 -7.15 21.38 -29.92
CA TYR I 64 -6.09 21.91 -30.77
C TYR I 64 -5.00 22.46 -29.86
N LEU I 65 -3.75 22.05 -30.10
CA LEU I 65 -2.66 22.27 -29.16
C LEU I 65 -1.48 22.90 -29.90
N LEU I 66 -1.20 24.16 -29.60
CA LEU I 66 -0.30 24.97 -30.41
C LEU I 66 1.08 25.12 -29.78
N HIS I 67 2.12 24.97 -30.62
CA HIS I 67 3.51 24.99 -30.19
C HIS I 67 4.02 26.41 -30.04
N GLY I 68 5.23 26.54 -29.49
CA GLY I 68 5.88 27.81 -29.30
C GLY I 68 6.87 28.17 -30.41
N LEU I 69 7.47 29.34 -30.26
CA LEU I 69 8.42 29.83 -31.25
C LEU I 69 9.65 28.91 -31.29
N GLY I 70 10.00 28.48 -32.51
CA GLY I 70 11.10 27.59 -32.75
C GLY I 70 10.71 26.12 -32.93
N ASP I 71 9.58 25.70 -32.35
CA ASP I 71 9.15 24.32 -32.48
C ASP I 71 8.21 24.21 -33.67
N ASN I 72 7.89 22.97 -34.06
CA ASN I 72 6.88 22.78 -35.07
C ASN I 72 5.90 21.68 -34.63
N HIS I 73 5.30 20.96 -35.58
CA HIS I 73 4.28 19.97 -35.24
C HIS I 73 4.85 18.77 -34.49
N THR I 74 6.18 18.61 -34.41
CA THR I 74 6.76 17.58 -33.56
C THR I 74 7.00 18.06 -32.13
N GLY I 75 6.78 19.35 -31.85
CA GLY I 75 7.18 19.92 -30.57
C GLY I 75 6.46 19.32 -29.38
N TRP I 76 5.12 19.35 -29.41
CA TRP I 76 4.35 18.74 -28.34
C TRP I 76 4.49 17.22 -28.32
N VAL I 77 5.00 16.62 -29.40
CA VAL I 77 5.19 15.18 -29.45
C VAL I 77 6.48 14.78 -28.74
N GLN I 78 7.61 15.36 -29.19
CA GLN I 78 8.93 15.01 -28.65
C GLN I 78 9.21 15.69 -27.31
N PHE I 79 8.93 17.00 -27.20
CA PHE I 79 9.20 17.72 -25.96
C PHE I 79 8.03 17.61 -24.98
N GLY I 80 6.81 17.83 -25.46
CA GLY I 80 5.63 17.72 -24.62
C GLY I 80 5.26 16.29 -24.24
N GLN I 81 5.82 15.31 -24.93
CA GLN I 81 5.52 13.90 -24.66
C GLN I 81 4.01 13.63 -24.56
N VAL I 82 3.25 14.24 -25.48
CA VAL I 82 1.80 14.15 -25.41
C VAL I 82 1.32 12.72 -25.41
N GLN I 83 2.02 11.82 -26.11
CA GLN I 83 1.49 10.47 -26.21
C GLN I 83 1.43 9.79 -24.83
N TYR I 84 2.53 9.84 -24.08
CA TYR I 84 2.53 9.26 -22.74
C TYR I 84 1.58 9.99 -21.81
N ILE I 85 1.60 11.32 -21.83
CA ILE I 85 0.81 12.09 -20.87
C ILE I 85 -0.68 11.94 -21.15
N ALA I 86 -1.08 11.95 -22.42
CA ALA I 86 -2.49 11.74 -22.74
C ALA I 86 -2.93 10.29 -22.49
N ASP I 87 -2.09 9.32 -22.83
CA ASP I 87 -2.39 7.93 -22.50
C ASP I 87 -2.62 7.77 -21.00
N LYS I 88 -1.80 8.44 -20.18
CA LYS I 88 -1.89 8.32 -18.73
C LYS I 88 -3.12 9.03 -18.17
N ALA I 89 -3.35 10.27 -18.61
CA ALA I 89 -4.47 11.01 -18.07
C ALA I 89 -5.78 10.33 -18.43
N ILE I 90 -5.87 9.77 -19.63
CA ILE I 90 -7.08 9.10 -20.08
C ILE I 90 -7.24 7.75 -19.40
N ALA I 91 -6.15 7.01 -19.21
CA ALA I 91 -6.27 5.69 -18.61
C ALA I 91 -6.68 5.78 -17.15
N GLU I 92 -6.17 6.78 -16.43
CA GLU I 92 -6.54 7.01 -15.04
C GLU I 92 -7.95 7.60 -14.92
N GLY I 93 -8.56 8.01 -16.02
CA GLY I 93 -9.84 8.66 -15.95
C GLY I 93 -9.77 10.12 -15.56
N LYS I 94 -8.57 10.64 -15.31
CA LYS I 94 -8.42 12.08 -15.07
C LYS I 94 -8.90 12.90 -16.27
N SER I 95 -8.92 12.32 -17.46
CA SER I 95 -9.49 12.96 -18.64
C SER I 95 -10.27 11.95 -19.46
N ALA I 96 -11.35 12.40 -20.08
CA ALA I 96 -12.05 11.54 -21.00
C ALA I 96 -11.27 11.48 -22.30
N PRO I 97 -11.48 10.43 -23.09
CA PRO I 97 -10.75 10.30 -24.36
C PRO I 97 -11.04 11.47 -25.30
N MET I 98 -9.98 11.97 -25.94
CA MET I 98 -10.12 13.05 -26.88
C MET I 98 -9.10 12.89 -27.99
N ILE I 99 -9.33 13.61 -29.11
CA ILE I 99 -8.36 13.77 -30.20
C ILE I 99 -7.60 15.06 -29.99
N ILE I 100 -6.28 15.02 -30.20
CA ILE I 100 -5.41 16.17 -30.04
C ILE I 100 -4.71 16.45 -31.35
N VAL I 101 -4.91 17.64 -31.89
CA VAL I 101 -4.35 18.05 -33.18
C VAL I 101 -3.31 19.12 -32.91
N MET I 102 -2.12 18.96 -33.49
CA MET I 102 -0.98 19.85 -33.26
C MET I 102 -0.50 20.39 -34.59
N PRO I 103 -0.94 21.59 -34.99
CA PRO I 103 -0.54 22.12 -36.30
C PRO I 103 0.88 22.64 -36.30
N ASP I 104 1.43 22.68 -37.52
CA ASP I 104 2.73 23.27 -37.81
C ASP I 104 2.53 24.73 -38.17
N ALA I 105 3.08 25.62 -37.34
CA ALA I 105 3.10 27.05 -37.60
C ALA I 105 4.53 27.58 -37.63
N ASP I 106 5.44 26.82 -38.20
CA ASP I 106 6.87 27.15 -38.25
C ASP I 106 7.42 27.20 -39.67
N THR I 107 6.99 26.28 -40.54
CA THR I 107 7.50 26.22 -41.89
C THR I 107 7.06 27.45 -42.68
N VAL I 108 7.98 27.95 -43.53
CA VAL I 108 7.80 29.14 -44.37
C VAL I 108 7.82 30.44 -43.55
N HIS I 109 6.87 30.60 -42.63
CA HIS I 109 6.83 31.75 -41.73
C HIS I 109 6.42 31.26 -40.35
N LYS I 110 6.99 31.88 -39.33
CA LYS I 110 6.66 31.50 -37.96
C LYS I 110 5.52 32.36 -37.43
N GLY I 111 4.47 31.72 -36.94
CA GLY I 111 3.37 32.43 -36.33
C GLY I 111 2.00 31.92 -36.71
N TYR I 112 0.97 32.35 -35.99
CA TYR I 112 -0.36 31.80 -36.16
C TYR I 112 -1.33 32.73 -36.89
N PHE I 113 -0.91 33.91 -37.31
CA PHE I 113 -1.82 34.93 -37.82
C PHE I 113 -1.47 35.33 -39.24
N ASN I 114 -2.41 36.02 -39.89
CA ASN I 114 -2.24 36.49 -41.27
C ASN I 114 -1.17 37.59 -41.35
N LEU I 115 -0.24 37.43 -42.28
CA LEU I 115 0.73 38.49 -42.48
C LEU I 115 0.05 39.72 -43.08
N LEU I 116 0.61 40.90 -42.78
CA LEU I 116 -0.02 42.16 -43.16
C LEU I 116 0.04 42.43 -44.65
N ASP I 117 0.95 41.79 -45.38
CA ASP I 117 1.09 42.01 -46.83
C ASP I 117 0.17 41.12 -47.65
N GLY I 118 -0.64 40.28 -47.00
CA GLY I 118 -1.62 39.44 -47.65
C GLY I 118 -1.10 38.16 -48.27
N THR I 119 0.19 37.83 -48.10
CA THR I 119 0.80 36.71 -48.80
C THR I 119 0.75 35.41 -48.02
N TYR I 120 0.26 35.42 -46.80
CA TYR I 120 0.33 34.20 -45.99
C TYR I 120 -0.74 34.22 -44.90
N ASN I 121 -1.95 33.81 -45.25
CA ASN I 121 -3.08 33.98 -44.34
C ASN I 121 -3.21 32.74 -43.46
N TYR I 122 -2.27 32.63 -42.51
CA TYR I 122 -2.21 31.42 -41.71
C TYR I 122 -3.48 31.24 -40.88
N GLU I 123 -4.03 32.31 -40.35
CA GLU I 123 -5.25 32.19 -39.55
C GLU I 123 -6.41 31.68 -40.40
N ASP I 124 -6.54 32.20 -41.62
CA ASP I 124 -7.57 31.71 -42.52
C ASP I 124 -7.37 30.24 -42.87
N PHE I 125 -6.13 29.82 -43.08
CA PHE I 125 -5.84 28.40 -43.30
C PHE I 125 -6.36 27.57 -42.14
N PHE I 126 -6.06 28.01 -40.92
CA PHE I 126 -6.48 27.29 -39.72
C PHE I 126 -8.00 27.09 -39.70
N PHE I 127 -8.76 28.15 -39.95
CA PHE I 127 -10.20 28.02 -39.74
C PHE I 127 -10.93 27.44 -40.93
N GLN I 128 -10.47 27.67 -42.15
CA GLN I 128 -11.20 27.22 -43.33
C GLN I 128 -10.66 25.94 -43.93
N GLU I 129 -9.46 25.49 -43.53
CA GLU I 129 -8.88 24.31 -44.16
C GLU I 129 -8.47 23.27 -43.13
N LEU I 130 -7.79 23.68 -42.05
CA LEU I 130 -7.30 22.69 -41.09
C LEU I 130 -8.46 22.07 -40.31
N ILE I 131 -9.31 22.91 -39.70
CA ILE I 131 -10.44 22.42 -38.91
C ILE I 131 -11.41 21.58 -39.73
N PRO I 132 -11.87 22.01 -40.91
CA PRO I 132 -12.74 21.12 -41.71
C PRO I 132 -12.07 19.84 -42.16
N HIS I 133 -10.77 19.87 -42.44
CA HIS I 133 -10.09 18.66 -42.88
C HIS I 133 -10.06 17.62 -41.77
N ILE I 134 -9.78 18.04 -40.53
CA ILE I 134 -9.81 17.13 -39.38
C ILE I 134 -11.20 16.50 -39.21
N GLU I 135 -12.26 17.29 -39.36
CA GLU I 135 -13.60 16.77 -39.18
C GLU I 135 -14.04 15.83 -40.30
N LYS I 136 -13.45 15.96 -41.49
CA LYS I 136 -13.76 15.08 -42.60
C LYS I 136 -12.95 13.79 -42.52
N THR I 137 -11.76 13.85 -41.95
CA THR I 137 -10.80 12.76 -41.99
C THR I 137 -10.85 11.83 -40.79
N TYR I 138 -11.19 12.36 -39.62
CA TYR I 138 -11.23 11.58 -38.39
C TYR I 138 -12.63 11.66 -37.79
N ARG I 139 -12.97 10.71 -36.93
CA ARG I 139 -14.33 10.63 -36.39
C ARG I 139 -14.46 11.64 -35.25
N VAL I 140 -14.82 12.87 -35.63
CA VAL I 140 -14.76 14.01 -34.74
C VAL I 140 -16.18 14.53 -34.53
N ARG I 141 -16.51 14.85 -33.27
CA ARG I 141 -17.75 15.58 -32.97
C ARG I 141 -17.59 17.04 -33.36
N ALA I 142 -18.23 17.44 -34.45
CA ALA I 142 -17.96 18.69 -35.13
C ALA I 142 -18.91 19.79 -34.67
N GLU I 143 -18.72 20.24 -33.42
CA GLU I 143 -19.48 21.36 -32.90
C GLU I 143 -18.57 22.15 -31.97
N SER I 144 -18.94 23.41 -31.72
CA SER I 144 -18.14 24.23 -30.81
C SER I 144 -18.06 23.60 -29.41
N ARG I 145 -19.15 22.98 -28.96
CA ARG I 145 -19.15 22.42 -27.61
C ARG I 145 -18.17 21.26 -27.44
N TYR I 146 -17.59 20.76 -28.54
CA TYR I 146 -16.62 19.67 -28.49
C TYR I 146 -15.27 20.10 -29.04
N ARG I 147 -14.98 21.40 -29.01
CA ARG I 147 -13.77 21.94 -29.63
C ARG I 147 -13.12 22.92 -28.64
N ALA I 148 -11.86 22.69 -28.32
CA ALA I 148 -11.09 23.53 -27.41
C ALA I 148 -9.73 23.81 -28.04
N ILE I 149 -9.05 24.83 -27.50
CA ILE I 149 -7.73 25.23 -28.00
C ILE I 149 -6.84 25.63 -26.84
N SER I 150 -5.56 25.26 -26.94
CA SER I 150 -4.55 25.55 -25.94
C SER I 150 -3.21 25.67 -26.63
N GLY I 151 -2.25 26.27 -25.93
CA GLY I 151 -0.92 26.42 -26.49
C GLY I 151 0.01 27.05 -25.49
N LEU I 152 1.30 27.07 -25.85
CA LEU I 152 2.33 27.61 -24.97
C LEU I 152 3.07 28.75 -25.67
N ALA I 153 3.42 29.78 -24.90
CA ALA I 153 4.27 30.87 -25.38
C ALA I 153 3.65 31.54 -26.62
N MET I 154 4.30 31.43 -27.78
CA MET I 154 3.72 31.95 -29.01
C MET I 154 2.33 31.36 -29.24
N GLY I 155 2.16 30.06 -28.95
CA GLY I 155 0.88 29.39 -29.10
C GLY I 155 -0.14 29.74 -28.02
N GLY I 156 0.33 30.24 -26.88
CA GLY I 156 -0.59 30.82 -25.92
C GLY I 156 -1.23 32.08 -26.46
N GLY I 157 -0.45 32.96 -27.09
CA GLY I 157 -1.03 34.12 -27.73
C GLY I 157 -1.91 33.75 -28.91
N GLY I 158 -1.51 32.73 -29.65
CA GLY I 158 -2.35 32.24 -30.74
C GLY I 158 -3.69 31.72 -30.24
N ALA I 159 -3.65 30.82 -29.25
CA ALA I 159 -4.90 30.29 -28.71
C ALA I 159 -5.76 31.41 -28.13
N LEU I 160 -5.13 32.33 -27.41
CA LEU I 160 -5.83 33.46 -26.80
C LEU I 160 -6.53 34.32 -27.84
N PHE I 161 -5.82 34.70 -28.91
CA PHE I 161 -6.40 35.61 -29.90
C PHE I 161 -7.24 34.92 -30.97
N TYR I 162 -7.02 33.63 -31.21
CA TYR I 162 -7.96 32.88 -32.04
C TYR I 162 -9.35 32.91 -31.42
N ALA I 163 -9.41 32.71 -30.10
CA ALA I 163 -10.70 32.62 -29.42
C ALA I 163 -11.37 33.97 -29.31
N LEU I 164 -10.58 35.06 -29.21
CA LEU I 164 -11.14 36.41 -29.20
C LEU I 164 -11.63 36.84 -30.59
N HIS I 165 -11.07 36.26 -31.65
CA HIS I 165 -11.53 36.57 -32.99
C HIS I 165 -12.73 35.71 -33.43
N TYR I 166 -12.70 34.42 -33.13
CA TYR I 166 -13.76 33.50 -33.52
C TYR I 166 -14.29 32.80 -32.27
N PRO I 167 -14.91 33.55 -31.35
CA PRO I 167 -15.36 32.94 -30.10
C PRO I 167 -16.42 31.88 -30.30
N GLU I 168 -17.14 31.93 -31.42
CA GLU I 168 -18.16 30.94 -31.74
C GLU I 168 -17.57 29.57 -32.07
N MET I 169 -16.25 29.44 -32.18
CA MET I 169 -15.64 28.18 -32.58
C MET I 169 -15.19 27.30 -31.42
N PHE I 170 -15.07 27.84 -30.20
CA PHE I 170 -14.48 27.09 -29.09
C PHE I 170 -15.37 27.17 -27.86
N VAL I 171 -15.30 26.12 -27.04
CA VAL I 171 -15.97 26.13 -25.75
C VAL I 171 -15.01 26.39 -24.58
N ALA I 172 -13.71 26.12 -24.76
CA ALA I 172 -12.73 26.31 -23.71
C ALA I 172 -11.40 26.71 -24.36
N VAL I 173 -10.65 27.54 -23.65
CA VAL I 173 -9.39 28.09 -24.12
C VAL I 173 -8.39 28.04 -22.96
N ALA I 174 -7.16 27.60 -23.25
CA ALA I 174 -6.16 27.40 -22.21
C ALA I 174 -4.79 27.89 -22.67
N PRO I 175 -4.54 29.20 -22.59
CA PRO I 175 -3.19 29.75 -22.88
C PRO I 175 -2.21 29.49 -21.74
N LEU I 176 -1.08 28.86 -22.06
CA LEU I 176 -0.01 28.59 -21.11
C LEU I 176 1.18 29.51 -21.40
N SER I 177 1.65 30.20 -20.35
CA SER I 177 2.80 31.11 -20.45
C SER I 177 2.70 31.98 -21.69
N ALA I 178 1.52 32.57 -21.89
CA ALA I 178 1.18 33.18 -23.16
C ALA I 178 1.94 34.48 -23.37
N VAL I 179 2.36 34.68 -24.63
CA VAL I 179 2.87 35.98 -25.06
C VAL I 179 1.70 36.96 -25.18
N GLY I 180 2.03 38.24 -25.20
CA GLY I 180 1.04 39.29 -25.33
C GLY I 180 0.71 39.61 -26.77
N GLY I 181 -0.27 40.49 -26.92
CA GLY I 181 -0.64 40.94 -28.26
C GLY I 181 0.44 41.79 -28.90
N ALA I 182 1.13 42.62 -28.11
CA ALA I 182 2.18 43.47 -28.64
C ALA I 182 3.32 42.65 -29.21
N TRP I 183 3.70 41.58 -28.51
CA TRP I 183 4.72 40.65 -29.02
C TRP I 183 4.27 40.01 -30.34
N THR I 184 3.02 39.54 -30.39
CA THR I 184 2.54 38.88 -31.60
C THR I 184 2.48 39.87 -32.76
N PHE I 185 1.97 41.08 -32.52
CA PHE I 185 1.94 42.08 -33.58
C PHE I 185 3.35 42.43 -34.03
N ASP I 186 4.30 42.49 -33.09
CA ASP I 186 5.69 42.67 -33.48
C ASP I 186 6.15 41.53 -34.38
N GLN I 187 5.72 40.31 -34.07
CA GLN I 187 6.09 39.18 -34.91
C GLN I 187 5.48 39.30 -36.29
N MET I 188 4.21 39.72 -36.38
CA MET I 188 3.54 39.83 -37.67
C MET I 188 4.21 40.86 -38.58
N LYS I 189 4.71 41.98 -38.01
CA LYS I 189 5.40 42.96 -38.85
C LYS I 189 6.77 42.46 -39.31
N ASN I 190 7.58 41.94 -38.38
CA ASN I 190 8.94 41.54 -38.76
C ASN I 190 8.92 40.45 -39.81
N GLN I 191 7.87 39.64 -39.83
CA GLN I 191 7.71 38.54 -40.78
C GLN I 191 7.18 39.00 -42.13
N SER I 192 6.70 40.24 -42.22
CA SER I 192 6.08 40.81 -43.41
C SER I 192 7.02 41.71 -44.21
N ASP I 193 6.67 41.87 -45.50
CA ASP I 193 7.22 42.88 -46.38
C ASP I 193 6.38 44.15 -46.17
N LEU I 194 6.88 45.09 -45.37
CA LEU I 194 6.05 46.21 -44.95
C LEU I 194 5.95 47.33 -45.99
N SER I 195 6.69 47.25 -47.10
CA SER I 195 6.62 48.32 -48.10
C SER I 195 5.25 48.37 -48.78
N LYS I 196 4.57 47.24 -48.93
CA LYS I 196 3.27 47.18 -49.58
C LYS I 196 2.12 47.32 -48.59
N VAL I 197 2.39 47.58 -47.31
CA VAL I 197 1.36 47.68 -46.27
C VAL I 197 1.19 49.15 -45.92
N SER I 198 -0.04 49.64 -46.05
CA SER I 198 -0.39 51.02 -45.76
C SER I 198 -0.51 51.23 -44.26
N GLU I 199 -0.44 52.50 -43.85
CA GLU I 199 -0.54 52.82 -42.43
C GLU I 199 -1.93 52.54 -41.89
N GLU I 200 -2.96 52.66 -42.74
CA GLU I 200 -4.31 52.33 -42.30
C GLU I 200 -4.44 50.85 -41.91
N LYS I 201 -3.82 49.95 -42.69
CA LYS I 201 -3.86 48.55 -42.32
C LYS I 201 -3.03 48.28 -41.07
N LYS I 202 -1.90 48.97 -40.92
CA LYS I 202 -1.06 48.80 -39.73
C LYS I 202 -1.84 49.14 -38.46
N ALA I 203 -2.62 50.24 -38.48
CA ALA I 203 -3.37 50.64 -37.30
C ALA I 203 -4.53 49.69 -37.01
N GLU I 204 -5.19 49.19 -38.06
CA GLU I 204 -6.33 48.29 -37.87
C GLU I 204 -5.90 46.99 -37.23
N VAL I 205 -4.81 46.40 -37.73
CA VAL I 205 -4.32 45.13 -37.19
C VAL I 205 -3.78 45.31 -35.77
N LEU I 206 -3.14 46.45 -35.48
CA LEU I 206 -2.70 46.70 -34.10
C LEU I 206 -3.87 46.64 -33.14
N GLY I 207 -5.01 47.24 -33.51
CA GLY I 207 -6.19 47.19 -32.68
C GLY I 207 -6.84 45.82 -32.59
N GLN I 208 -6.75 45.04 -33.66
CA GLN I 208 -7.26 43.67 -33.66
C GLN I 208 -6.34 42.69 -32.95
N MET I 209 -5.13 43.10 -32.55
CA MET I 209 -4.23 42.26 -31.77
C MET I 209 -3.99 42.82 -30.37
N ASP I 210 -4.93 43.63 -29.87
CA ASP I 210 -4.88 44.19 -28.53
C ASP I 210 -6.12 43.74 -27.76
N ILE I 211 -5.90 43.12 -26.61
CA ILE I 211 -7.00 42.53 -25.86
C ILE I 211 -7.93 43.60 -25.30
N GLN I 212 -7.39 44.71 -24.83
CA GLN I 212 -8.27 45.76 -24.35
C GLN I 212 -9.19 46.25 -25.47
N THR I 213 -8.63 46.50 -26.66
CA THR I 213 -9.41 47.03 -27.77
C THR I 213 -10.49 46.07 -28.23
N ILE I 214 -10.16 44.78 -28.34
CA ILE I 214 -11.12 43.78 -28.81
C ILE I 214 -12.33 43.75 -27.89
N LEU I 215 -12.10 43.77 -26.58
CA LEU I 215 -13.21 43.69 -25.62
C LEU I 215 -14.03 44.99 -25.61
N GLU I 216 -13.38 46.15 -25.82
CA GLU I 216 -14.09 47.43 -25.80
C GLU I 216 -14.99 47.62 -27.02
N LYS I 217 -14.58 47.11 -28.17
CA LYS I 217 -15.29 47.33 -29.41
C LYS I 217 -16.17 46.16 -29.82
N SER I 218 -16.22 45.09 -29.01
CA SER I 218 -17.02 43.91 -29.38
C SER I 218 -18.50 44.17 -29.13
N PRO I 219 -19.38 43.85 -30.09
CA PRO I 219 -20.83 43.94 -29.83
C PRO I 219 -21.26 42.98 -28.73
N LYS I 220 -22.52 43.17 -28.30
CA LYS I 220 -23.04 42.41 -27.17
C LYS I 220 -23.07 40.91 -27.46
N GLU I 221 -23.32 40.56 -28.72
CA GLU I 221 -23.36 39.14 -29.16
C GLU I 221 -21.98 38.47 -29.00
N LYS I 222 -20.90 39.19 -29.37
CA LYS I 222 -19.55 38.66 -29.28
C LYS I 222 -19.08 38.59 -27.83
N LEU I 223 -19.26 39.68 -27.09
CA LEU I 223 -18.83 39.74 -25.70
C LEU I 223 -19.51 38.67 -24.84
N ASP I 224 -20.78 38.37 -25.12
CA ASP I 224 -21.46 37.33 -24.34
C ASP I 224 -20.88 35.95 -24.64
N ARG I 225 -20.56 35.66 -25.91
CA ARG I 225 -19.89 34.40 -26.22
C ARG I 225 -18.48 34.35 -25.63
N ILE I 226 -17.80 35.48 -25.57
CA ILE I 226 -16.50 35.52 -24.92
C ILE I 226 -16.66 35.19 -23.44
N LYS I 227 -17.70 35.72 -22.81
CA LYS I 227 -17.95 35.39 -21.42
C LYS I 227 -18.42 33.95 -21.24
N TRP I 228 -19.02 33.35 -22.26
CA TRP I 228 -19.48 31.95 -22.18
C TRP I 228 -18.32 30.95 -22.28
N ILE I 229 -17.29 31.26 -23.07
CA ILE I 229 -16.08 30.43 -23.11
C ILE I 229 -15.48 30.29 -21.71
N ARG I 230 -15.00 29.09 -21.41
CA ARG I 230 -14.29 28.80 -20.17
C ARG I 230 -12.80 28.97 -20.41
N TRP I 231 -12.16 29.89 -19.68
CA TRP I 231 -10.74 30.20 -19.84
C TRP I 231 -9.91 29.60 -18.71
N TYR I 232 -8.73 29.08 -19.06
CA TYR I 232 -7.77 28.59 -18.07
C TYR I 232 -6.41 29.17 -18.47
N ILE I 233 -5.94 30.14 -17.71
CA ILE I 233 -4.73 30.90 -18.03
C ILE I 233 -3.69 30.62 -16.94
N SER I 234 -2.55 30.02 -17.32
CA SER I 234 -1.53 29.57 -16.39
C SER I 234 -0.14 30.00 -16.84
N CYS I 235 0.68 30.47 -15.89
CA CYS I 235 2.03 30.93 -16.18
C CYS I 235 2.86 30.81 -14.91
N GLY I 236 4.12 30.40 -15.08
CA GLY I 236 5.00 30.25 -13.93
C GLY I 236 5.46 31.58 -13.39
N ASP I 237 5.80 31.60 -12.10
CA ASP I 237 6.16 32.85 -11.45
C ASP I 237 7.57 33.32 -11.78
N ASP I 238 8.49 32.41 -12.10
CA ASP I 238 9.84 32.79 -12.47
C ASP I 238 9.99 32.98 -13.99
N ASP I 239 8.88 33.13 -14.71
CA ASP I 239 8.82 33.38 -16.16
C ASP I 239 8.84 34.89 -16.48
N PHE I 240 9.59 35.26 -17.54
CA PHE I 240 9.59 36.66 -17.96
C PHE I 240 8.21 37.12 -18.44
N LEU I 241 7.34 36.20 -18.79
CA LEU I 241 5.98 36.55 -19.18
C LEU I 241 5.01 36.60 -18.00
N SER I 242 5.48 36.39 -16.76
CA SER I 242 4.55 36.42 -15.63
C SER I 242 3.88 37.79 -15.51
N VAL I 243 4.56 38.86 -15.91
CA VAL I 243 3.97 40.18 -15.82
C VAL I 243 2.89 40.39 -16.88
N THR I 244 3.16 39.98 -18.12
CA THR I 244 2.14 40.04 -19.17
C THR I 244 0.86 39.30 -18.77
N ASN I 245 1.00 38.13 -18.16
CA ASN I 245 -0.15 37.35 -17.77
C ASN I 245 -0.80 37.85 -16.48
N CYS I 246 -0.07 38.56 -15.62
CA CYS I 246 -0.75 39.24 -14.52
C CYS I 246 -1.60 40.39 -15.02
N LEU I 247 -1.08 41.16 -15.99
CA LEU I 247 -1.90 42.18 -16.63
C LEU I 247 -3.10 41.57 -17.35
N LEU I 248 -2.93 40.38 -17.93
CA LEU I 248 -4.04 39.72 -18.60
C LEU I 248 -5.15 39.42 -17.60
N HIS I 249 -4.78 38.87 -16.44
CA HIS I 249 -5.73 38.64 -15.37
C HIS I 249 -6.44 39.93 -14.98
N ASN I 250 -5.71 41.05 -14.93
CA ASN I 250 -6.33 42.32 -14.57
C ASN I 250 -7.35 42.75 -15.62
N THR I 251 -6.99 42.63 -16.90
CA THR I 251 -7.86 43.07 -17.99
C THR I 251 -9.16 42.30 -18.01
N LEU I 252 -9.08 40.97 -17.87
CA LEU I 252 -10.28 40.17 -17.94
C LEU I 252 -11.25 40.51 -16.82
N LEU I 253 -10.73 40.69 -15.59
CA LEU I 253 -11.61 41.04 -14.47
C LEU I 253 -12.32 42.36 -14.68
N GLN I 254 -11.63 43.37 -15.26
CA GLN I 254 -12.23 44.70 -15.48
C GLN I 254 -13.38 44.65 -16.47
N HIS I 255 -13.39 43.67 -17.37
CA HIS I 255 -14.46 43.44 -18.34
C HIS I 255 -15.36 42.28 -17.96
N GLN I 256 -15.21 41.74 -16.75
CA GLN I 256 -16.10 40.70 -16.25
C GLN I 256 -16.07 39.44 -17.12
N VAL I 257 -14.87 39.08 -17.58
CA VAL I 257 -14.61 37.82 -18.27
C VAL I 257 -14.12 36.82 -17.23
N GLY I 258 -15.03 35.96 -16.77
CA GLY I 258 -14.65 34.94 -15.79
C GLY I 258 -13.68 33.92 -16.36
N HIS I 259 -12.72 33.53 -15.52
CA HIS I 259 -11.67 32.64 -15.95
C HIS I 259 -10.99 32.07 -14.71
N GLU I 260 -10.28 30.97 -14.91
CA GLU I 260 -9.39 30.48 -13.87
C GLU I 260 -7.97 30.92 -14.21
N PHE I 261 -7.24 31.40 -13.19
CA PHE I 261 -5.89 31.92 -13.35
C PHE I 261 -4.98 31.22 -12.34
N ARG I 262 -3.84 30.72 -12.81
CA ARG I 262 -2.87 30.04 -11.96
C ARG I 262 -1.50 30.62 -12.20
N MET I 263 -0.81 30.98 -11.11
CA MET I 263 0.62 31.32 -11.18
C MET I 263 1.32 30.35 -10.24
N LYS I 264 1.96 29.33 -10.80
CA LYS I 264 2.58 28.24 -10.06
C LYS I 264 4.09 28.40 -10.08
N ASP I 265 4.76 27.64 -9.21
CA ASP I 265 6.22 27.65 -9.26
C ASP I 265 6.68 27.04 -10.57
N GLY I 266 7.53 27.75 -11.29
CA GLY I 266 7.99 27.26 -12.58
C GLY I 266 8.58 28.37 -13.39
N SER I 267 9.16 27.97 -14.52
CA SER I 267 9.82 28.90 -15.42
C SER I 267 9.34 28.69 -16.86
N HIS I 268 10.05 29.31 -17.80
CA HIS I 268 9.76 29.17 -19.23
C HIS I 268 10.45 27.90 -19.72
N SER I 269 9.79 26.76 -19.48
CA SER I 269 10.45 25.47 -19.71
C SER I 269 9.43 24.39 -19.98
N TRP I 270 9.90 23.28 -20.52
CA TRP I 270 9.06 22.12 -20.77
C TRP I 270 8.73 21.31 -19.51
N THR I 271 9.47 21.50 -18.41
CA THR I 271 8.99 20.98 -17.12
C THR I 271 7.66 21.61 -16.76
N TYR I 272 7.52 22.93 -16.98
CA TYR I 272 6.25 23.59 -16.72
C TYR I 272 5.16 23.07 -17.65
N TRP I 273 5.44 23.00 -18.95
CA TRP I 273 4.32 22.71 -19.86
C TRP I 273 3.94 21.23 -19.82
N ARG I 274 4.87 20.33 -19.52
CA ARG I 274 4.46 18.94 -19.29
C ARG I 274 3.63 18.81 -18.01
N MET I 275 3.86 19.68 -17.03
CA MET I 275 3.02 19.65 -15.83
C MET I 275 1.60 20.16 -16.12
N GLU I 276 1.47 21.16 -16.98
CA GLU I 276 0.17 21.73 -17.23
C GLU I 276 -0.68 20.91 -18.21
N LEU I 277 -0.07 20.10 -19.07
CA LEU I 277 -0.85 19.39 -20.08
C LEU I 277 -1.94 18.49 -19.47
N PRO I 278 -1.67 17.64 -18.47
CA PRO I 278 -2.78 16.90 -17.86
C PRO I 278 -3.78 17.78 -17.11
N GLU I 279 -3.37 18.94 -16.59
CA GLU I 279 -4.35 19.87 -16.01
C GLU I 279 -5.27 20.45 -17.10
N VAL I 280 -4.68 20.83 -18.26
CA VAL I 280 -5.45 21.35 -19.38
C VAL I 280 -6.40 20.30 -19.93
N MET I 281 -5.94 19.04 -20.03
CA MET I 281 -6.81 17.96 -20.50
C MET I 281 -7.97 17.73 -19.53
N ARG I 282 -7.72 17.75 -18.23
CA ARG I 282 -8.82 17.62 -17.29
C ARG I 282 -9.77 18.82 -17.39
N PHE I 283 -9.23 20.02 -17.51
CA PHE I 283 -10.07 21.20 -17.61
C PHE I 283 -11.03 21.10 -18.80
N VAL I 284 -10.49 20.81 -20.00
CA VAL I 284 -11.35 20.79 -21.17
C VAL I 284 -12.25 19.55 -21.18
N SER I 285 -11.77 18.44 -20.63
CA SER I 285 -12.56 17.21 -20.62
C SER I 285 -13.87 17.40 -19.86
N ARG I 286 -13.79 17.98 -18.67
CA ARG I 286 -14.98 18.22 -17.85
C ARG I 286 -15.99 19.15 -18.56
N ILE I 287 -15.52 20.06 -19.42
CA ILE I 287 -16.44 20.87 -20.22
C ILE I 287 -17.09 20.00 -21.31
N PHE I 288 -16.30 19.13 -21.94
CA PHE I 288 -16.81 18.20 -22.95
C PHE I 288 -17.85 17.24 -22.37
N THR I 289 -17.63 16.76 -21.15
CA THR I 289 -18.52 15.76 -20.57
C THR I 289 -19.64 16.37 -19.76
N GLN I 290 -19.54 17.66 -19.44
CA GLN I 290 -20.42 18.35 -18.48
C GLN I 290 -20.14 17.86 -17.06
N TYR I 291 -20.65 18.56 -16.03
CA TYR I 291 -20.42 18.08 -14.66
C TYR I 291 -21.36 18.60 -13.56
N GLN J 24 3.78 13.16 19.77
CA GLN J 24 3.38 13.60 18.43
C GLN J 24 2.80 15.04 18.45
N GLN J 25 2.27 15.45 19.62
CA GLN J 25 1.47 16.66 19.77
C GLN J 25 2.17 17.73 20.59
N GLY J 26 2.16 18.96 20.07
CA GLY J 26 2.52 20.14 20.83
C GLY J 26 1.32 20.70 21.59
N LYS J 27 1.44 21.93 22.04
CA LYS J 27 0.36 22.49 22.83
C LYS J 27 0.22 23.99 22.54
N VAL J 28 -0.94 24.53 22.91
CA VAL J 28 -1.29 25.90 22.63
C VAL J 28 -1.72 26.57 23.93
N TYR J 29 -1.20 27.77 24.18
CA TYR J 29 -1.71 28.62 25.24
C TYR J 29 -2.43 29.82 24.62
N GLU J 30 -3.69 30.05 25.02
CA GLU J 30 -4.50 31.15 24.52
C GLU J 30 -4.65 32.30 25.50
N THR J 31 -4.46 32.06 26.80
CA THR J 31 -4.89 33.03 27.81
C THR J 31 -3.74 33.85 28.39
N ARG J 32 -2.53 33.72 27.86
CA ARG J 32 -1.44 34.50 28.43
C ARG J 32 -1.43 35.92 27.89
N THR J 33 -0.69 36.78 28.59
CA THR J 33 -0.62 38.20 28.29
C THR J 33 0.80 38.73 28.51
N VAL J 34 1.05 39.92 27.95
CA VAL J 34 2.26 40.69 28.22
C VAL J 34 1.83 42.05 28.74
N LYS J 35 2.44 42.49 29.84
CA LYS J 35 2.08 43.76 30.47
C LYS J 35 2.76 44.90 29.69
N SER J 36 1.95 45.71 29.02
CA SER J 36 2.42 46.70 28.05
C SER J 36 2.33 48.11 28.59
N LYS J 37 3.47 48.81 28.67
CA LYS J 37 3.47 50.23 29.00
C LYS J 37 3.03 51.10 27.83
N ILE J 38 3.30 50.66 26.60
CA ILE J 38 2.99 51.46 25.42
C ILE J 38 1.47 51.54 25.21
N LEU J 39 0.75 50.43 25.41
CA LEU J 39 -0.71 50.41 25.29
C LEU J 39 -1.43 50.52 26.63
N GLY J 40 -0.69 50.52 27.74
CA GLY J 40 -1.31 50.71 29.05
C GLY J 40 -2.27 49.63 29.45
N MET J 41 -1.94 48.37 29.17
CA MET J 41 -2.85 47.26 29.43
C MET J 41 -2.08 45.96 29.32
N GLU J 42 -2.72 44.88 29.75
CA GLU J 42 -2.26 43.54 29.46
C GLU J 42 -2.73 43.16 28.06
N ARG J 43 -1.82 42.71 27.18
CA ARG J 43 -2.18 42.33 25.82
C ARG J 43 -2.15 40.83 25.66
N SER J 44 -3.20 40.32 25.01
CA SER J 44 -3.35 38.89 24.77
C SER J 44 -2.46 38.41 23.62
N TYR J 45 -2.02 37.15 23.74
CA TYR J 45 -1.45 36.43 22.60
C TYR J 45 -1.72 34.94 22.78
N SER J 46 -1.62 34.22 21.68
CA SER J 46 -1.60 32.77 21.68
C SER J 46 -0.21 32.29 21.26
N ILE J 47 0.19 31.13 21.76
CA ILE J 47 1.49 30.59 21.40
C ILE J 47 1.35 29.07 21.18
N TYR J 48 1.98 28.59 20.11
CA TYR J 48 2.10 27.16 19.81
C TYR J 48 3.50 26.71 20.21
N LEU J 49 3.59 25.72 21.16
CA LEU J 49 4.88 25.10 21.49
C LEU J 49 4.95 23.73 20.87
N PRO J 50 6.06 23.40 20.20
CA PRO J 50 6.16 22.12 19.48
C PRO J 50 6.31 20.94 20.43
N ALA J 51 6.06 19.75 19.92
CA ALA J 51 6.26 18.53 20.71
C ALA J 51 7.72 18.43 21.16
N GLY J 52 7.92 17.97 22.37
CA GLY J 52 9.26 17.88 22.91
C GLY J 52 9.82 19.17 23.47
N TYR J 53 9.00 20.23 23.52
CA TYR J 53 9.45 21.50 24.09
C TYR J 53 9.89 21.35 25.53
N ASP J 54 9.26 20.43 26.26
CA ASP J 54 9.51 20.29 27.68
C ASP J 54 10.61 19.27 27.96
N GLU J 55 11.21 18.69 26.93
CA GLU J 55 12.36 17.81 27.08
C GLU J 55 13.59 18.49 26.46
N GLY J 56 14.74 18.23 27.05
CA GLY J 56 15.95 18.91 26.62
C GLY J 56 15.92 20.38 26.99
N ASP J 57 16.99 21.09 26.61
CA ASP J 57 17.15 22.48 26.99
C ASP J 57 17.32 23.39 25.79
N GLY J 58 17.11 22.88 24.57
CA GLY J 58 17.37 23.65 23.37
C GLY J 58 16.36 24.75 23.12
N SER J 59 16.69 25.60 22.16
CA SER J 59 15.85 26.72 21.77
C SER J 59 15.35 26.53 20.34
N TYR J 60 14.37 27.35 19.97
CA TYR J 60 13.63 27.22 18.72
C TYR J 60 13.55 28.56 17.99
N PRO J 61 13.41 28.53 16.66
CA PRO J 61 13.03 29.75 15.92
C PRO J 61 11.54 30.03 16.11
N VAL J 62 11.13 31.23 15.71
CA VAL J 62 9.77 31.70 15.93
C VAL J 62 9.15 32.20 14.63
N LEU J 63 7.90 31.84 14.39
CA LEU J 63 7.07 32.44 13.35
C LEU J 63 5.98 33.24 14.03
N TYR J 64 5.92 34.55 13.74
CA TYR J 64 4.80 35.38 14.17
C TYR J 64 3.71 35.33 13.11
N LEU J 65 2.47 35.03 13.54
CA LEU J 65 1.37 34.69 12.62
C LEU J 65 0.16 35.58 12.92
N LEU J 66 -0.18 36.47 11.99
CA LEU J 66 -1.14 37.55 12.25
C LEU J 66 -2.53 37.26 11.63
N HIS J 67 -3.57 37.52 12.43
CA HIS J 67 -4.97 37.31 12.05
C HIS J 67 -5.51 38.45 11.20
N GLY J 68 -6.73 38.25 10.69
CA GLY J 68 -7.39 39.23 9.85
C GLY J 68 -8.41 40.07 10.59
N LEU J 69 -9.04 40.99 9.86
CA LEU J 69 -9.98 41.91 10.48
C LEU J 69 -11.17 41.14 11.05
N GLY J 70 -11.53 41.47 12.31
CA GLY J 70 -12.65 40.84 13.00
C GLY J 70 -12.27 39.69 13.95
N ASP J 71 -11.20 38.97 13.67
CA ASP J 71 -10.74 37.88 14.53
C ASP J 71 -9.66 38.40 15.46
N ASN J 72 -9.25 37.55 16.40
CA ASN J 72 -8.15 37.92 17.28
C ASN J 72 -7.13 36.80 17.48
N HIS J 73 -6.50 36.78 18.66
CA HIS J 73 -5.42 35.83 18.91
C HIS J 73 -5.91 34.39 18.97
N THR J 74 -7.23 34.16 19.07
CA THR J 74 -7.77 32.81 18.97
C THR J 74 -8.11 32.39 17.54
N GLY J 75 -8.02 33.30 16.57
CA GLY J 75 -8.45 32.99 15.20
C GLY J 75 -7.63 31.91 14.52
N TRP J 76 -6.29 32.07 14.50
CA TRP J 76 -5.43 31.05 13.94
C TRP J 76 -5.46 29.76 14.75
N VAL J 77 -5.98 29.81 15.98
CA VAL J 77 -6.11 28.61 16.79
C VAL J 77 -7.34 27.82 16.40
N GLN J 78 -8.52 28.46 16.52
CA GLN J 78 -9.81 27.82 16.30
C GLN J 78 -10.12 27.66 14.79
N PHE J 79 -9.90 28.72 13.99
CA PHE J 79 -10.18 28.64 12.56
C PHE J 79 -9.00 28.11 11.77
N GLY J 80 -7.81 28.63 12.04
CA GLY J 80 -6.63 28.15 11.33
C GLY J 80 -6.22 26.75 11.72
N GLN J 81 -6.70 26.24 12.86
CA GLN J 81 -6.35 24.90 13.35
C GLN J 81 -4.83 24.71 13.39
N VAL J 82 -4.11 25.72 13.89
CA VAL J 82 -2.64 25.70 13.86
C VAL J 82 -2.09 24.50 14.62
N GLN J 83 -2.75 24.06 15.70
CA GLN J 83 -2.20 22.96 16.48
C GLN J 83 -2.18 21.66 15.68
N TYR J 84 -3.28 21.33 15.02
CA TYR J 84 -3.29 20.13 14.19
C TYR J 84 -2.32 20.27 13.04
N ILE J 85 -2.34 21.41 12.35
CA ILE J 85 -1.56 21.54 11.14
C ILE J 85 -0.06 21.54 11.44
N ALA J 86 0.37 22.28 12.47
CA ALA J 86 1.80 22.30 12.81
C ALA J 86 2.27 20.96 13.40
N ASP J 87 1.45 20.33 14.25
CA ASP J 87 1.82 19.01 14.76
C ASP J 87 2.09 18.05 13.61
N LYS J 88 1.21 18.09 12.61
CA LYS J 88 1.28 17.16 11.50
C LYS J 88 2.48 17.46 10.61
N ALA J 89 2.67 18.73 10.24
CA ALA J 89 3.79 19.08 9.37
C ALA J 89 5.13 18.83 10.05
N ILE J 90 5.23 19.06 11.36
CA ILE J 90 6.51 18.85 12.05
C ILE J 90 6.79 17.35 12.23
N ALA J 91 5.76 16.57 12.54
CA ALA J 91 5.99 15.14 12.70
C ALA J 91 6.31 14.46 11.37
N GLU J 92 5.72 14.92 10.27
CA GLU J 92 6.04 14.35 8.96
C GLU J 92 7.38 14.81 8.41
N GLY J 93 8.05 15.74 9.09
CA GLY J 93 9.28 16.29 8.57
C GLY J 93 9.11 17.34 7.50
N LYS J 94 7.87 17.68 7.10
CA LYS J 94 7.66 18.76 6.14
C LYS J 94 8.18 20.09 6.68
N SER J 95 8.23 20.25 8.00
CA SER J 95 8.78 21.42 8.64
C SER J 95 9.59 21.00 9.86
N ALA J 96 10.62 21.78 10.15
CA ALA J 96 11.38 21.61 11.37
C ALA J 96 10.60 22.16 12.56
N PRO J 97 10.95 21.76 13.78
CA PRO J 97 10.27 22.30 14.96
C PRO J 97 10.45 23.81 15.08
N MET J 98 9.35 24.51 15.35
CA MET J 98 9.38 25.95 15.57
C MET J 98 8.25 26.32 16.52
N ILE J 99 8.38 27.53 17.11
CA ILE J 99 7.35 28.18 17.93
C ILE J 99 6.53 29.12 17.07
N ILE J 100 5.23 29.17 17.31
CA ILE J 100 4.34 30.07 16.55
C ILE J 100 3.64 31.03 17.53
N VAL J 101 3.78 32.33 17.28
CA VAL J 101 3.20 33.36 18.16
C VAL J 101 2.13 34.11 17.39
N MET J 102 0.95 34.24 18.00
CA MET J 102 -0.23 34.85 17.38
C MET J 102 -0.73 36.03 18.19
N PRO J 103 -0.39 37.28 17.81
CA PRO J 103 -0.77 38.44 18.64
C PRO J 103 -2.22 38.84 18.46
N ASP J 104 -2.78 39.42 19.52
CA ASP J 104 -4.14 39.97 19.49
C ASP J 104 -4.08 41.43 19.01
N ALA J 105 -4.64 41.66 17.83
CA ALA J 105 -4.72 42.95 17.19
C ALA J 105 -6.18 43.34 16.97
N ASP J 106 -7.02 43.03 17.94
CA ASP J 106 -8.44 43.29 17.84
C ASP J 106 -9.00 44.13 18.98
N THR J 107 -8.55 43.88 20.21
CA THR J 107 -9.09 44.56 21.39
C THR J 107 -8.74 46.04 21.36
N VAL J 108 -9.69 46.87 21.81
CA VAL J 108 -9.55 48.32 21.87
C VAL J 108 -9.61 48.93 20.47
N HIS J 109 -8.63 48.59 19.63
CA HIS J 109 -8.60 48.99 18.22
C HIS J 109 -8.12 47.83 17.36
N LYS J 110 -8.67 47.75 16.17
CA LYS J 110 -8.30 46.72 15.22
C LYS J 110 -7.19 47.25 14.30
N GLY J 111 -6.11 46.49 14.18
CA GLY J 111 -5.05 46.87 13.25
C GLY J 111 -3.67 46.76 13.87
N TYR J 112 -2.68 46.83 12.99
CA TYR J 112 -1.29 46.55 13.33
C TYR J 112 -0.43 47.80 13.41
N PHE J 113 -0.96 48.99 13.15
CA PHE J 113 -0.04 50.09 13.07
C PHE J 113 -0.37 51.18 14.07
N ASN J 114 0.59 52.09 14.26
CA ASN J 114 0.38 53.19 15.19
C ASN J 114 -0.69 54.11 14.64
N LEU J 115 -1.71 54.40 15.45
CA LEU J 115 -2.70 55.34 15.00
C LEU J 115 -2.08 56.74 14.92
N LEU J 116 -2.66 57.55 14.03
CA LEU J 116 -2.11 58.85 13.70
C LEU J 116 -2.21 59.86 14.83
N ASP J 117 -3.09 59.66 15.81
CA ASP J 117 -3.21 60.68 16.86
C ASP J 117 -2.23 60.47 18.00
N GLY J 118 -1.39 59.44 17.95
CA GLY J 118 -0.41 59.20 18.99
C GLY J 118 -0.96 58.49 20.21
N THR J 119 -2.22 58.07 20.19
CA THR J 119 -2.89 57.49 21.35
C THR J 119 -2.86 55.97 21.40
N TYR J 120 -2.34 55.28 20.38
CA TYR J 120 -2.40 53.80 20.33
C TYR J 120 -1.32 53.34 19.35
N ASN J 121 -0.10 53.14 19.88
CA ASN J 121 1.07 52.81 19.07
C ASN J 121 1.28 51.29 19.03
N TYR J 122 0.44 50.61 18.25
CA TYR J 122 0.48 49.15 18.23
C TYR J 122 1.77 48.61 17.64
N GLU J 123 2.29 49.24 16.59
CA GLU J 123 3.53 48.76 15.99
C GLU J 123 4.71 48.89 16.95
N ASP J 124 4.78 50.02 17.69
CA ASP J 124 5.80 50.18 18.70
C ASP J 124 5.71 49.09 19.75
N PHE J 125 4.49 48.74 20.15
CA PHE J 125 4.28 47.67 21.12
C PHE J 125 4.84 46.36 20.61
N PHE J 126 4.53 45.99 19.36
CA PHE J 126 4.95 44.71 18.79
C PHE J 126 6.46 44.54 18.87
N PHE J 127 7.22 45.57 18.48
CA PHE J 127 8.66 45.41 18.39
C PHE J 127 9.40 45.67 19.68
N GLN J 128 8.88 46.56 20.54
CA GLN J 128 9.59 46.92 21.76
C GLN J 128 9.13 46.15 22.98
N GLU J 129 7.95 45.52 22.92
CA GLU J 129 7.40 44.84 24.09
C GLU J 129 7.04 43.39 23.79
N LEU J 130 6.36 43.12 22.67
CA LEU J 130 5.92 41.75 22.42
C LEU J 130 7.09 40.83 22.09
N ILE J 131 7.90 41.20 21.10
CA ILE J 131 9.04 40.35 20.72
C ILE J 131 10.01 40.11 21.87
N PRO J 132 10.48 41.14 22.61
CA PRO J 132 11.35 40.86 23.76
C PRO J 132 10.69 39.98 24.80
N HIS J 133 9.37 40.09 24.98
CA HIS J 133 8.67 39.28 25.97
C HIS J 133 8.68 37.79 25.60
N ILE J 134 8.43 37.48 24.33
CA ILE J 134 8.49 36.09 23.88
C ILE J 134 9.88 35.51 24.12
N GLU J 135 10.92 36.27 23.76
CA GLU J 135 12.30 35.79 23.88
C GLU J 135 12.77 35.67 25.32
N LYS J 136 12.16 36.43 26.22
CA LYS J 136 12.48 36.39 27.64
C LYS J 136 11.78 35.24 28.36
N THR J 137 10.62 34.82 27.88
CA THR J 137 9.77 33.84 28.55
C THR J 137 9.91 32.43 28.02
N TYR J 138 10.23 32.28 26.74
CA TYR J 138 10.29 31.00 26.08
C TYR J 138 11.68 30.81 25.46
N ARG J 139 12.02 29.56 25.22
CA ARG J 139 13.36 29.19 24.75
C ARG J 139 13.44 29.45 23.25
N VAL J 140 13.84 30.66 22.91
CA VAL J 140 13.83 31.18 21.55
C VAL J 140 15.24 31.55 21.14
N ARG J 141 15.62 31.20 19.91
CA ARG J 141 16.84 31.74 19.31
C ARG J 141 16.58 33.18 18.87
N ALA J 142 17.19 34.15 19.58
CA ALA J 142 16.82 35.58 19.47
C ALA J 142 17.72 36.31 18.47
N GLU J 143 17.53 35.98 17.20
CA GLU J 143 18.26 36.60 16.09
C GLU J 143 17.35 36.72 14.87
N SER J 144 17.70 37.64 13.97
CA SER J 144 16.89 37.84 12.78
C SER J 144 16.79 36.56 11.96
N ARG J 145 17.88 35.80 11.82
CA ARG J 145 17.89 34.61 10.95
C ARG J 145 16.94 33.51 11.43
N TYR J 146 16.40 33.62 12.66
CA TYR J 146 15.49 32.66 13.25
C TYR J 146 14.13 33.29 13.54
N ARG J 147 13.76 34.33 12.79
CA ARG J 147 12.52 35.06 13.01
C ARG J 147 11.81 35.30 11.67
N ALA J 148 10.54 34.88 11.59
CA ALA J 148 9.73 35.04 10.39
C ALA J 148 8.39 35.61 10.80
N ILE J 149 7.66 36.15 9.83
CA ILE J 149 6.35 36.72 10.10
C ILE J 149 5.43 36.40 8.93
N SER J 150 4.16 36.14 9.21
CA SER J 150 3.17 35.84 8.18
C SER J 150 1.77 36.20 8.67
N GLY J 151 0.85 36.29 7.73
CA GLY J 151 -0.51 36.63 8.11
C GLY J 151 -1.41 36.61 6.90
N LEU J 152 -2.71 36.74 7.18
CA LEU J 152 -3.74 36.72 6.15
C LEU J 152 -4.48 38.03 6.16
N ALA J 153 -4.79 38.53 4.95
CA ALA J 153 -5.64 39.70 4.74
C ALA J 153 -5.09 40.91 5.47
N MET J 154 -5.82 41.39 6.49
CA MET J 154 -5.32 42.52 7.26
C MET J 154 -3.92 42.25 7.79
N GLY J 155 -3.70 41.04 8.31
CA GLY J 155 -2.41 40.61 8.83
C GLY J 155 -1.38 40.25 7.79
N GLY J 156 -1.79 39.91 6.57
CA GLY J 156 -0.83 39.83 5.49
C GLY J 156 -0.28 41.22 5.17
N GLY J 157 -1.17 42.23 5.12
CA GLY J 157 -0.70 43.59 4.97
C GLY J 157 0.15 44.01 6.15
N GLY J 158 -0.17 43.50 7.35
CA GLY J 158 0.67 43.75 8.50
C GLY J 158 2.07 43.18 8.34
N ALA J 159 2.17 41.89 8.01
CA ALA J 159 3.48 41.26 7.87
C ALA J 159 4.31 41.96 6.81
N LEU J 160 3.67 42.31 5.68
CA LEU J 160 4.36 42.97 4.57
C LEU J 160 4.97 44.30 5.01
N PHE J 161 4.19 45.13 5.70
CA PHE J 161 4.69 46.45 6.08
C PHE J 161 5.49 46.41 7.38
N TYR J 162 5.24 45.43 8.25
CA TYR J 162 6.16 45.23 9.37
C TYR J 162 7.57 44.97 8.85
N ALA J 163 7.69 44.16 7.79
CA ALA J 163 9.00 43.84 7.26
C ALA J 163 9.59 44.98 6.45
N LEU J 164 8.77 45.77 5.78
CA LEU J 164 9.33 46.90 5.05
C LEU J 164 9.77 48.03 5.98
N HIS J 165 9.18 48.13 7.16
CA HIS J 165 9.59 49.14 8.13
C HIS J 165 10.82 48.70 8.92
N TYR J 166 10.89 47.42 9.32
CA TYR J 166 11.99 46.86 10.10
C TYR J 166 12.55 45.63 9.39
N PRO J 167 13.16 45.80 8.21
CA PRO J 167 13.66 44.61 7.48
C PRO J 167 14.80 43.88 8.19
N GLU J 168 15.52 44.55 9.08
CA GLU J 168 16.59 43.89 9.82
C GLU J 168 16.07 42.90 10.87
N MET J 169 14.76 42.84 11.10
CA MET J 169 14.20 41.99 12.13
C MET J 169 13.78 40.62 11.65
N PHE J 170 13.68 40.41 10.34
CA PHE J 170 13.11 39.17 9.82
C PHE J 170 14.01 38.58 8.75
N VAL J 171 13.94 37.26 8.62
CA VAL J 171 14.61 36.53 7.57
C VAL J 171 13.62 36.06 6.49
N ALA J 172 12.34 35.93 6.83
CA ALA J 172 11.34 35.46 5.88
C ALA J 172 10.00 36.12 6.16
N VAL J 173 9.26 36.41 5.08
CA VAL J 173 7.96 37.04 5.18
C VAL J 173 7.01 36.38 4.19
N ALA J 174 5.80 36.03 4.64
CA ALA J 174 4.85 35.30 3.81
C ALA J 174 3.47 35.91 3.95
N PRO J 175 3.18 36.98 3.21
CA PRO J 175 1.82 37.54 3.23
C PRO J 175 0.87 36.67 2.42
N LEU J 176 -0.23 36.24 3.06
CA LEU J 176 -1.26 35.45 2.40
C LEU J 176 -2.47 36.33 2.13
N SER J 177 -2.91 36.37 0.87
CA SER J 177 -4.08 37.17 0.48
C SER J 177 -4.03 38.58 1.08
N ALA J 178 -2.88 39.25 0.94
CA ALA J 178 -2.65 40.47 1.70
C ALA J 178 -3.46 41.64 1.16
N VAL J 179 -3.97 42.48 2.07
CA VAL J 179 -4.53 43.77 1.70
C VAL J 179 -3.41 44.72 1.31
N GLY J 180 -3.75 45.75 0.56
CA GLY J 180 -2.78 46.73 0.14
C GLY J 180 -2.54 47.80 1.18
N GLY J 181 -1.57 48.67 0.90
CA GLY J 181 -1.25 49.75 1.80
C GLY J 181 -2.32 50.82 1.91
N ALA J 182 -3.01 51.11 0.79
CA ALA J 182 -4.07 52.11 0.82
C ALA J 182 -5.23 51.67 1.73
N TRP J 183 -5.60 50.39 1.69
CA TRP J 183 -6.59 49.88 2.63
C TRP J 183 -6.13 50.04 4.07
N THR J 184 -4.88 49.67 4.35
CA THR J 184 -4.39 49.74 5.72
C THR J 184 -4.34 51.18 6.20
N PHE J 185 -3.87 52.08 5.34
CA PHE J 185 -3.85 53.50 5.70
C PHE J 185 -5.26 54.05 5.94
N ASP J 186 -6.22 53.63 5.12
CA ASP J 186 -7.59 54.07 5.31
C ASP J 186 -8.15 53.61 6.67
N GLN J 187 -7.79 52.40 7.08
CA GLN J 187 -8.23 51.92 8.39
C GLN J 187 -7.53 52.68 9.51
N MET J 188 -6.26 53.01 9.33
CA MET J 188 -5.54 53.77 10.34
C MET J 188 -6.17 55.14 10.56
N LYS J 189 -6.69 55.77 9.50
CA LYS J 189 -7.31 57.09 9.62
C LYS J 189 -8.64 56.99 10.34
N ASN J 190 -9.51 56.09 9.88
CA ASN J 190 -10.87 55.99 10.40
C ASN J 190 -10.91 55.66 11.89
N GLN J 191 -9.89 54.99 12.41
CA GLN J 191 -9.86 54.70 13.84
C GLN J 191 -9.25 55.81 14.69
N SER J 192 -8.71 56.86 14.06
CA SER J 192 -8.10 57.98 14.77
C SER J 192 -9.05 59.18 14.85
N ASP J 193 -8.86 60.02 15.87
CA ASP J 193 -9.47 61.34 15.93
C ASP J 193 -8.52 62.30 15.23
N LEU J 194 -8.89 62.67 14.00
CA LEU J 194 -8.07 63.42 13.07
C LEU J 194 -7.98 64.91 13.36
N SER J 195 -8.74 65.42 14.35
CA SER J 195 -8.61 66.83 14.71
C SER J 195 -7.24 67.11 15.32
N LYS J 196 -6.65 66.12 15.98
CA LYS J 196 -5.35 66.24 16.62
C LYS J 196 -4.20 65.91 15.68
N VAL J 197 -4.48 65.65 14.40
CA VAL J 197 -3.47 65.28 13.41
C VAL J 197 -3.25 66.43 12.44
N SER J 198 -1.99 66.80 12.26
CA SER J 198 -1.60 67.80 11.29
C SER J 198 -1.57 67.20 9.89
N GLU J 199 -1.70 68.08 8.88
CA GLU J 199 -1.64 67.61 7.50
C GLU J 199 -0.24 67.13 7.12
N GLU J 200 0.79 67.70 7.75
CA GLU J 200 2.16 67.25 7.48
C GLU J 200 2.37 65.79 7.90
N LYS J 201 1.81 65.40 9.03
CA LYS J 201 2.01 64.04 9.51
C LYS J 201 1.28 63.04 8.61
N LYS J 202 0.09 63.40 8.13
CA LYS J 202 -0.70 62.46 7.33
C LYS J 202 0.02 62.10 6.03
N ALA J 203 0.60 63.10 5.35
CA ALA J 203 1.30 62.81 4.10
C ALA J 203 2.53 61.95 4.35
N GLU J 204 3.17 62.13 5.51
CA GLU J 204 4.34 61.34 5.88
C GLU J 204 3.99 59.87 6.09
N VAL J 205 2.90 59.62 6.85
CA VAL J 205 2.46 58.24 7.07
C VAL J 205 1.91 57.62 5.78
N LEU J 206 1.26 58.41 4.92
CA LEU J 206 0.79 57.87 3.66
C LEU J 206 1.92 57.25 2.85
N GLY J 207 3.07 57.93 2.80
CA GLY J 207 4.21 57.38 2.08
C GLY J 207 4.82 56.19 2.79
N GLN J 208 4.78 56.17 4.12
CA GLN J 208 5.32 55.01 4.80
C GLN J 208 4.40 53.79 4.70
N MET J 209 3.19 53.94 4.18
CA MET J 209 2.28 52.81 3.97
C MET J 209 2.06 52.52 2.50
N ASP J 210 2.99 52.92 1.64
CA ASP J 210 2.89 52.66 0.22
C ASP J 210 4.16 51.93 -0.23
N ILE J 211 4.01 50.72 -0.74
CA ILE J 211 5.19 49.90 -1.02
C ILE J 211 6.03 50.52 -2.13
N GLN J 212 5.38 51.06 -3.16
CA GLN J 212 6.13 51.74 -4.20
C GLN J 212 7.02 52.82 -3.58
N THR J 213 6.45 53.65 -2.70
CA THR J 213 7.19 54.77 -2.10
C THR J 213 8.32 54.29 -1.21
N ILE J 214 8.10 53.25 -0.40
CA ILE J 214 9.15 52.76 0.49
C ILE J 214 10.37 52.34 -0.31
N LEU J 215 10.15 51.64 -1.43
CA LEU J 215 11.24 51.17 -2.28
C LEU J 215 11.93 52.34 -2.99
N GLU J 216 11.20 53.42 -3.27
CA GLU J 216 11.76 54.57 -3.97
C GLU J 216 12.78 55.30 -3.10
N LYS J 217 12.47 55.46 -1.81
CA LYS J 217 13.22 56.31 -0.90
C LYS J 217 14.18 55.54 -0.01
N SER J 218 14.31 54.24 -0.18
CA SER J 218 15.17 53.47 0.71
C SER J 218 16.64 53.69 0.39
N PRO J 219 17.48 53.96 1.38
CA PRO J 219 18.94 53.96 1.15
C PRO J 219 19.40 52.57 0.73
N LYS J 220 20.66 52.49 0.28
CA LYS J 220 21.13 51.24 -0.30
C LYS J 220 21.09 50.12 0.71
N GLU J 221 21.50 50.42 1.96
CA GLU J 221 21.59 49.38 3.03
C GLU J 221 20.22 48.74 3.28
N LYS J 222 19.17 49.55 3.33
CA LYS J 222 17.82 49.06 3.56
C LYS J 222 17.33 48.27 2.34
N LEU J 223 17.50 48.82 1.14
CA LEU J 223 17.06 48.10 -0.05
C LEU J 223 17.80 46.78 -0.18
N ASP J 224 19.09 46.75 0.20
CA ASP J 224 19.82 45.49 0.15
C ASP J 224 19.26 44.50 1.17
N ARG J 225 18.95 44.98 2.38
CA ARG J 225 18.35 44.08 3.36
C ARG J 225 16.96 43.58 2.92
N ILE J 226 16.19 44.43 2.22
CA ILE J 226 14.90 44.01 1.68
C ILE J 226 15.07 42.92 0.63
N LYS J 227 16.10 43.03 -0.20
CA LYS J 227 16.40 42.00 -1.19
C LYS J 227 16.94 40.73 -0.54
N TRP J 228 17.53 40.86 0.65
CA TRP J 228 18.08 39.72 1.37
C TRP J 228 17.00 38.88 2.01
N ILE J 229 15.92 39.50 2.48
CA ILE J 229 14.76 38.77 2.96
C ILE J 229 14.21 37.85 1.87
N ARG J 230 13.79 36.65 2.26
CA ARG J 230 13.11 35.71 1.36
C ARG J 230 11.59 35.93 1.48
N TRP J 231 10.96 36.29 0.37
CA TRP J 231 9.54 36.63 0.32
C TRP J 231 8.71 35.48 -0.26
N TYR J 232 7.54 35.22 0.32
CA TYR J 232 6.61 34.21 -0.18
C TYR J 232 5.23 34.84 -0.23
N ILE J 233 4.73 35.14 -1.43
CA ILE J 233 3.48 35.88 -1.59
C ILE J 233 2.46 35.01 -2.30
N SER J 234 1.33 34.75 -1.63
CA SER J 234 0.35 33.81 -2.13
C SER J 234 -1.06 34.38 -1.97
N CYS J 235 -1.88 34.19 -3.01
CA CYS J 235 -3.23 34.74 -3.03
C CYS J 235 -4.07 33.90 -3.97
N GLY J 236 -5.34 33.70 -3.62
CA GLY J 236 -6.22 32.94 -4.49
C GLY J 236 -6.74 33.74 -5.68
N ASP J 237 -7.05 33.04 -6.78
CA ASP J 237 -7.46 33.77 -7.98
C ASP J 237 -8.90 34.28 -7.91
N ASP J 238 -9.77 33.63 -7.13
CA ASP J 238 -11.14 34.08 -6.93
C ASP J 238 -11.29 34.98 -5.71
N ASP J 239 -10.18 35.56 -5.22
CA ASP J 239 -10.18 36.57 -4.16
C ASP J 239 -10.30 37.96 -4.76
N PHE J 240 -11.10 38.83 -4.12
CA PHE J 240 -11.16 40.21 -4.60
C PHE J 240 -9.81 40.93 -4.48
N LEU J 241 -8.89 40.40 -3.69
CA LEU J 241 -7.55 40.94 -3.55
C LEU J 241 -6.55 40.35 -4.55
N SER J 242 -6.99 39.51 -5.49
CA SER J 242 -6.01 38.92 -6.39
C SER J 242 -5.26 39.99 -7.21
N VAL J 243 -5.97 41.06 -7.61
CA VAL J 243 -5.32 42.10 -8.41
C VAL J 243 -4.30 42.88 -7.58
N THR J 244 -4.66 43.22 -6.34
CA THR J 244 -3.73 43.89 -5.42
C THR J 244 -2.42 43.12 -5.33
N ASN J 245 -2.49 41.79 -5.24
CA ASN J 245 -1.28 41.00 -5.12
C ASN J 245 -0.57 40.77 -6.45
N CYS J 246 -1.29 40.84 -7.58
CA CYS J 246 -0.61 40.80 -8.87
C CYS J 246 0.19 42.07 -9.10
N LEU J 247 -0.35 43.23 -8.72
CA LEU J 247 0.38 44.49 -8.79
C LEU J 247 1.58 44.48 -7.85
N LEU J 248 1.45 43.83 -6.70
CA LEU J 248 2.58 43.69 -5.77
C LEU J 248 3.73 42.91 -6.41
N HIS J 249 3.40 41.80 -7.09
CA HIS J 249 4.38 41.02 -7.84
C HIS J 249 5.09 41.87 -8.88
N ASN J 250 4.35 42.73 -9.59
CA ASN J 250 4.98 43.58 -10.60
C ASN J 250 5.88 44.62 -9.96
N THR J 251 5.46 45.17 -8.82
CA THR J 251 6.27 46.17 -8.13
C THR J 251 7.61 45.59 -7.72
N LEU J 252 7.58 44.39 -7.13
CA LEU J 252 8.81 43.77 -6.68
C LEU J 252 9.74 43.47 -7.85
N LEU J 253 9.20 42.98 -8.98
CA LEU J 253 10.08 42.72 -10.12
C LEU J 253 10.73 44.00 -10.63
N GLN J 254 9.99 45.11 -10.64
CA GLN J 254 10.55 46.36 -11.13
C GLN J 254 11.65 46.90 -10.24
N HIS J 255 11.63 46.56 -8.94
CA HIS J 255 12.69 46.93 -8.01
C HIS J 255 13.66 45.80 -7.75
N GLN J 256 13.57 44.71 -8.51
CA GLN J 256 14.56 43.64 -8.50
C GLN J 256 14.65 42.97 -7.12
N VAL J 257 13.49 42.84 -6.46
CA VAL J 257 13.35 42.16 -5.17
C VAL J 257 12.87 40.73 -5.44
N GLY J 258 13.77 39.76 -5.42
CA GLY J 258 13.38 38.38 -5.68
C GLY J 258 12.40 37.83 -4.65
N HIS J 259 11.47 37.01 -5.11
CA HIS J 259 10.40 36.50 -4.26
C HIS J 259 9.74 35.35 -4.98
N GLU J 260 9.04 34.54 -4.22
CA GLU J 260 8.16 33.54 -4.82
C GLU J 260 6.71 34.06 -4.79
N PHE J 261 6.00 33.86 -5.90
CA PHE J 261 4.63 34.32 -6.03
C PHE J 261 3.75 33.14 -6.43
N ARG J 262 2.63 32.95 -5.75
CA ARG J 262 1.69 31.87 -6.06
C ARG J 262 0.30 32.45 -6.17
N MET J 263 -0.40 32.15 -7.26
CA MET J 263 -1.83 32.43 -7.38
C MET J 263 -2.49 31.09 -7.64
N LYS J 264 -3.09 30.52 -6.60
CA LYS J 264 -3.67 29.19 -6.63
C LYS J 264 -5.17 29.29 -6.67
N ASP J 265 -5.82 28.15 -6.89
CA ASP J 265 -7.27 28.09 -6.85
C ASP J 265 -7.78 28.37 -5.44
N GLY J 266 -8.63 29.37 -5.30
CA GLY J 266 -9.13 29.67 -3.97
C GLY J 266 -9.66 31.07 -3.89
N SER J 267 -10.28 31.35 -2.74
CA SER J 267 -10.87 32.65 -2.46
C SER J 267 -10.45 33.19 -1.09
N HIS J 268 -11.16 34.20 -0.63
CA HIS J 268 -10.92 34.84 0.65
C HIS J 268 -11.63 33.99 1.70
N SER J 269 -10.99 32.89 2.10
CA SER J 269 -11.65 31.93 2.99
C SER J 269 -10.60 31.17 3.80
N TRP J 270 -11.08 30.52 4.87
CA TRP J 270 -10.19 29.70 5.68
C TRP J 270 -9.83 28.38 5.03
N THR J 271 -10.56 27.96 4.01
CA THR J 271 -10.06 26.85 3.22
C THR J 271 -8.73 27.21 2.59
N TYR J 272 -8.63 28.42 2.03
CA TYR J 272 -7.39 28.87 1.43
C TYR J 272 -6.27 28.96 2.47
N TRP J 273 -6.56 29.58 3.61
CA TRP J 273 -5.48 29.84 4.55
C TRP J 273 -5.06 28.59 5.31
N ARG J 274 -5.97 27.64 5.55
CA ARG J 274 -5.52 26.39 6.14
C ARG J 274 -4.66 25.59 5.16
N MET J 275 -4.91 25.71 3.86
CA MET J 275 -4.05 25.06 2.88
C MET J 275 -2.67 25.68 2.84
N GLU J 276 -2.57 27.01 2.96
CA GLU J 276 -1.29 27.70 2.83
C GLU J 276 -0.43 27.60 4.09
N LEU J 277 -1.03 27.38 5.27
CA LEU J 277 -0.23 27.36 6.48
C LEU J 277 0.90 26.32 6.44
N PRO J 278 0.68 25.06 6.04
CA PRO J 278 1.82 24.13 5.96
C PRO J 278 2.83 24.47 4.90
N GLU J 279 2.43 25.16 3.81
CA GLU J 279 3.41 25.63 2.83
C GLU J 279 4.28 26.75 3.41
N VAL J 280 3.66 27.70 4.14
CA VAL J 280 4.42 28.76 4.80
C VAL J 280 5.39 28.17 5.81
N MET J 281 4.94 27.17 6.59
CA MET J 281 5.86 26.53 7.54
C MET J 281 7.02 25.85 6.84
N ARG J 282 6.76 25.13 5.74
CA ARG J 282 7.86 24.50 5.02
C ARG J 282 8.80 25.56 4.45
N PHE J 283 8.24 26.67 3.96
CA PHE J 283 9.04 27.75 3.39
C PHE J 283 10.01 28.34 4.42
N VAL J 284 9.51 28.78 5.58
CA VAL J 284 10.40 29.40 6.56
C VAL J 284 11.25 28.35 7.27
N SER J 285 10.75 27.12 7.41
CA SER J 285 11.56 26.10 8.05
C SER J 285 12.86 25.87 7.28
N ARG J 286 12.78 25.78 5.95
CA ARG J 286 13.99 25.62 5.17
C ARG J 286 14.93 26.82 5.31
N ILE J 287 14.39 28.02 5.48
CA ILE J 287 15.27 29.17 5.71
C ILE J 287 15.86 29.12 7.10
N PHE J 288 15.08 28.65 8.09
CA PHE J 288 15.64 28.46 9.42
C PHE J 288 16.80 27.46 9.43
N THR J 289 16.66 26.36 8.71
CA THR J 289 17.67 25.31 8.74
C THR J 289 18.74 25.43 7.66
N GLN J 290 18.55 26.32 6.67
CA GLN J 290 19.41 26.45 5.49
C GLN J 290 19.19 25.26 4.55
N TYR J 291 19.71 25.32 3.33
CA TYR J 291 19.60 24.15 2.44
C TYR J 291 20.59 24.15 1.26
CA CA K . -26.20 -16.78 10.11
C01 SZQ L . -38.48 -32.60 -6.89
C02 SZQ L . -38.61 -33.89 -7.26
C03 SZQ L . -38.79 -34.21 -8.63
C04 SZQ L . -38.79 -33.18 -9.61
C05 SZQ L . -38.65 -31.93 -9.28
C06 SZQ L . -38.49 -31.60 -7.89
C07 SZQ L . -38.29 -32.23 -5.42
C08 SZQ L . -37.78 -33.46 -4.50
C10 SZQ L . -38.72 -33.68 -3.29
C14 SZQ L . -39.58 -29.89 -10.12
C15 SZQ L . -38.86 -33.68 -0.93
O09 SZQ L . -38.96 -33.47 -10.98
O11 SZQ L . -39.82 -33.41 -3.40
O12 SZQ L . -38.24 -34.20 -2.10
O13 SZQ L . -38.69 -30.97 -10.27
CA CA M . -9.66 -30.83 8.17
C01 SZQ N . -11.93 -36.91 33.21
C02 SZQ N . -12.97 -36.72 34.05
C03 SZQ N . -12.75 -36.08 35.29
C04 SZQ N . -11.46 -35.60 35.65
C05 SZQ N . -10.43 -35.76 34.84
C06 SZQ N . -10.63 -36.44 33.58
C07 SZQ N . -12.20 -37.63 31.88
C08 SZQ N . -13.68 -38.25 31.91
C10 SZQ N . -14.05 -38.89 30.53
C14 SZQ N . -8.08 -35.72 34.57
C15 SZQ N . -15.67 -39.83 29.09
O09 SZQ N . -11.26 -34.94 36.86
O11 SZQ N . -13.22 -39.34 29.90
O12 SZQ N . -15.35 -38.87 30.08
O13 SZQ N . -9.21 -35.28 35.27
CA CA O . -32.98 -2.68 2.45
CA CA P . 26.99 -19.65 0.26
CA CA Q . -27.27 20.09 -0.15
C01 SZQ R . -41.10 20.51 -22.11
C02 SZQ R . -42.05 19.70 -22.65
C03 SZQ R . -41.91 19.27 -24.00
C04 SZQ R . -40.78 19.64 -24.79
C05 SZQ R . -39.85 20.43 -24.28
C06 SZQ R . -39.97 20.88 -22.92
C07 SZQ R . -41.27 20.98 -20.65
C08 SZQ R . -42.69 20.59 -19.97
C10 SZQ R . -42.92 21.32 -18.61
C14 SZQ R . -37.84 21.68 -24.73
C15 SZQ R . -43.74 21.39 -16.34
O09 SZQ R . -40.65 19.20 -26.12
O11 SZQ R . -42.40 22.31 -18.42
O12 SZQ R . -43.74 20.77 -17.62
O13 SZQ R . -38.79 20.74 -25.14
CA CA S . 32.91 0.45 -2.36
C01 SZQ T . 44.61 -4.84 -24.42
C02 SZQ T . 45.01 -4.10 -25.48
C03 SZQ T . 44.62 -4.54 -26.76
C04 SZQ T . 43.81 -5.69 -26.93
C05 SZQ T . 43.41 -6.40 -25.92
C06 SZQ T . 43.81 -6.00 -24.60
C07 SZQ T . 45.04 -4.39 -23.03
C08 SZQ T . 45.30 -2.80 -23.02
C10 SZQ T . 46.48 -2.61 -22.04
C14 SZQ T . 42.98 -8.71 -25.65
C15 SZQ T . 47.82 -1.26 -20.59
O09 SZQ T . 43.38 -6.16 -28.15
O11 SZQ T . 47.24 -3.45 -22.01
O12 SZQ T . 46.59 -1.49 -21.22
O13 SZQ T . 42.64 -7.50 -26.27
CA CA U . 10.55 -29.80 9.28
C01 SZQ V . 14.09 -48.20 -8.15
C02 SZQ V . 15.12 -48.54 -8.95
C03 SZQ V . 14.86 -48.81 -10.32
C04 SZQ V . 13.55 -48.70 -10.85
C05 SZQ V . 12.52 -48.38 -10.11
C06 SZQ V . 12.78 -48.12 -8.70
C07 SZQ V . 14.37 -47.92 -6.66
C08 SZQ V . 15.95 -47.78 -6.33
C10 SZQ V . 16.36 -48.50 -5.01
C14 SZQ V . 10.10 -48.02 -10.07
C15 SZQ V . 18.12 -48.62 -3.30
O09 SZQ V . 13.28 -48.96 -12.21
O11 SZQ V . 15.97 -49.54 -4.83
O12 SZQ V . 17.18 -47.86 -4.06
O13 SZQ V . 11.29 -48.35 -10.76
CA CA W . 26.17 17.65 -10.25
C01 SZQ X . 39.69 31.17 7.52
C02 SZQ X . 40.65 30.84 8.43
C03 SZQ X . 40.43 31.13 9.79
C04 SZQ X . 39.21 31.75 10.20
C05 SZQ X . 38.27 32.09 9.31
C06 SZQ X . 38.49 31.80 7.94
C07 SZQ X . 39.88 30.88 6.02
C08 SZQ X . 40.71 29.53 5.83
C10 SZQ X . 41.80 29.70 4.75
C14 SZQ X . 36.06 32.83 8.85
C15 SZQ X . 42.63 28.96 2.68
O09 SZQ X . 38.98 32.05 11.56
O11 SZQ X . 42.25 30.73 4.59
O12 SZQ X . 42.22 28.62 3.99
O13 SZQ X . 37.11 32.70 9.77
CA CA Y . 10.25 29.94 -8.15
C01 SZQ Z . 9.77 37.45 -32.97
C02 SZQ Z . 9.16 38.12 -33.96
C03 SZQ Z . 9.25 37.62 -35.28
C04 SZQ Z . 9.96 36.41 -35.56
C05 SZQ Z . 10.57 35.75 -34.59
C06 SZQ Z . 10.49 36.27 -33.26
C07 SZQ Z . 9.68 37.97 -31.53
C08 SZQ Z . 9.31 39.53 -31.38
C10 SZQ Z . 10.54 40.15 -30.69
C14 SZQ Z . 12.48 34.41 -34.24
C15 SZQ Z . 11.23 40.90 -28.55
O09 SZQ Z . 10.05 35.91 -36.88
O11 SZQ Z . 11.56 39.77 -30.99
O12 SZQ Z . 10.42 41.11 -29.69
O13 SZQ Z . 11.26 34.60 -34.92
CA CA AA . -12.44 28.80 -9.13
#